data_3ZHV
#
_entry.id   3ZHV
#
_cell.length_a   80.464
_cell.length_b   83.702
_cell.length_c   160.333
_cell.angle_alpha   99.68
_cell.angle_beta   98.87
_cell.angle_gamma   100.63
#
_symmetry.space_group_name_H-M   'P 1'
#
loop_
_entity.id
_entity.type
_entity.pdbx_description
1 polymer 'MULTIFUNCTIONAL 2-OXOGLUTARATE METABOLISM ENZYME'
2 non-polymer '2-[3-[(4-azanyl-2-methyl-pyrimidin-5-yl)methyl]-4-methyl-2-[(1S)-1-oxidanylethyl]-1,3-thiazol-3-ium-5-yl]ethyl phosphono hydrogen phosphate'
3 non-polymer 'MAGNESIUM ION'
4 non-polymer 'CALCIUM ION'
5 water water
#
_entity_poly.entity_id   1
_entity_poly.type   'polypeptide(L)'
_entity_poly.pdbx_seq_one_letter_code
;GDSIEDKNARVIELIAAYRNRGHLMADIDPLRLDNTRFRSHPDLDVNSHGLTLWDLDREFKVDGFAGVQRKKLRDILSVL
RDAYCRHVGVEYTHILEPEQQRWIQERVETKHDKPTVAEQKYILSKLNAAEAFETFLQTKYVGQKRFSLEGAETVIPMMD
AVIDQCAEHGLDEVVIAMPHRGRLNVLANIVGKPYSQIFSEFEGNLNPSQAHGSGDVKYHLGATGTYIQMFGDNDIEVSL
TANPSHLEAVDPVLEGLVRAKQDLLDTGEEGSDNRFSVVPLMLHGDAAFAGQGVVAETLNLALLRGYRTGGTIHIVVNNQ
IGFTTAPTDSRSSEYCTDVAKMIGAPIFHVNGDDPEACAWVARLAVDFRQAFKKDVVIDMLCYRRRGHNEGDDPSMTQPY
MYDVIDTKRGSRKAYTEALIGRGDISMKEAEDALRDYQGQLERVFNEVRELEKHEIEPSESVEADQQIPSKLATAVDKAM
LQRIGDAHLALPEGFTVHPRVRPVLEKRREMAYEGRIDWAFAELLALGSLIAEGKLVRLSGQDTQRGTFTQRHAVIVDRK
TGEEFTPLQLLATNPDGTPTGGKFLVYNSALSEFAAVGFEYGYSVGNPDAMVLWEAQFGDFVNGAQSIIDEFISSGEAKW
GQLSDVVLLLPHGHEGQGPDHTSGRIERFLQLWAEGSMTIAMPSTPANYFHLLRRHGKDGIQRPLIVFTPKSMLRNKAAV
SDIRDFTESKFRSVLEEPMYTDGEGDRNKVTRLLLTSGKIYYELAARKAKENREDVAIVRIEQLAPLPRRRLAETLDRYP
NVKEKFWVQEEPANQGAWPSFGLTLPEILPDHFTGLKRISRRAMSAPSSGSSKVHAVEQQEILDTAFG
;
_entity_poly.pdbx_strand_id   A,B,C,D
#
loop_
_chem_comp.id
_chem_comp.type
_chem_comp.name
_chem_comp.formula
CA non-polymer 'CALCIUM ION' 'Ca 2'
MG non-polymer 'MAGNESIUM ION' 'Mg 2'
TDW non-polymer '2-[3-[(4-azanyl-2-methyl-pyrimidin-5-yl)methyl]-4-methyl-2-[(1S)-1-oxidanylethyl]-1,3-thiazol-3-ium-5-yl]ethyl phosphono hydrogen phosphate' 'C14 H23 N4 O8 P2 S 1'
#
# COMPACT_ATOMS: atom_id res chain seq x y z
N ASP A 6 5.91 -87.63 7.09
CA ASP A 6 5.59 -87.69 8.51
C ASP A 6 6.58 -86.85 9.33
N LYS A 7 7.87 -86.90 8.95
CA LYS A 7 8.95 -86.14 9.61
C LYS A 7 9.24 -84.85 8.83
N ASN A 8 9.27 -84.91 7.49
CA ASN A 8 9.56 -83.76 6.63
C ASN A 8 8.38 -82.78 6.63
N ALA A 9 7.15 -83.28 6.88
CA ALA A 9 5.94 -82.46 6.96
C ALA A 9 5.97 -81.58 8.21
N ARG A 10 6.50 -82.11 9.33
CA ARG A 10 6.64 -81.43 10.62
C ARG A 10 7.68 -80.30 10.54
N VAL A 11 8.71 -80.44 9.69
CA VAL A 11 9.76 -79.44 9.53
C VAL A 11 9.19 -78.21 8.78
N ILE A 12 8.46 -78.42 7.68
CA ILE A 12 7.83 -77.37 6.87
C ILE A 12 6.86 -76.53 7.74
N GLU A 13 6.17 -77.19 8.69
CA GLU A 13 5.26 -76.56 9.66
C GLU A 13 6.03 -75.78 10.73
N LEU A 14 7.25 -76.24 11.09
CA LEU A 14 8.12 -75.58 12.06
C LEU A 14 8.66 -74.29 11.44
N ILE A 15 9.12 -74.38 10.16
CA ILE A 15 9.62 -73.23 9.39
C ILE A 15 8.53 -72.13 9.35
N ALA A 16 7.27 -72.50 9.05
CA ALA A 16 6.14 -71.58 8.98
C ALA A 16 5.85 -71.01 10.36
N ALA A 17 5.90 -71.83 11.44
CA ALA A 17 5.65 -71.38 12.82
C ALA A 17 6.61 -70.27 13.23
N TYR A 18 7.93 -70.43 12.92
CA TYR A 18 8.93 -69.40 13.22
C TYR A 18 8.70 -68.15 12.37
N ARG A 19 8.43 -68.32 11.06
CA ARG A 19 8.16 -67.22 10.14
C ARG A 19 6.88 -66.44 10.51
N ASN A 20 5.78 -67.14 10.86
CA ASN A 20 4.49 -66.56 11.20
C ASN A 20 4.41 -65.96 12.61
N ARG A 21 4.87 -66.72 13.64
CA ARG A 21 4.72 -66.39 15.06
C ARG A 21 6.01 -66.27 15.87
N GLY A 22 7.16 -66.48 15.22
CA GLY A 22 8.47 -66.40 15.89
C GLY A 22 8.69 -65.10 16.64
N HIS A 23 8.12 -63.98 16.13
CA HIS A 23 8.19 -62.65 16.75
C HIS A 23 7.61 -62.60 18.20
N LEU A 24 6.67 -63.52 18.54
CA LEU A 24 6.06 -63.60 19.88
C LEU A 24 7.04 -64.12 20.95
N MET A 25 8.15 -64.76 20.52
CA MET A 25 9.18 -65.35 21.38
C MET A 25 10.49 -64.53 21.33
N ALA A 26 10.57 -63.56 20.43
CA ALA A 26 11.73 -62.68 20.27
C ALA A 26 12.02 -61.89 21.57
N ASP A 27 13.31 -61.68 21.92
CA ASP A 27 13.73 -60.91 23.10
C ASP A 27 13.86 -59.42 22.67
N ILE A 28 12.71 -58.77 22.58
CA ILE A 28 12.57 -57.39 22.11
C ILE A 28 12.46 -56.37 23.25
N ASP A 29 11.98 -56.77 24.45
CA ASP A 29 11.79 -55.82 25.56
C ASP A 29 13.05 -55.70 26.38
N PRO A 30 13.73 -54.51 26.38
CA PRO A 30 14.92 -54.34 27.22
C PRO A 30 14.65 -54.37 28.74
N LEU A 31 13.37 -54.27 29.16
CA LEU A 31 12.98 -54.32 30.58
C LEU A 31 12.61 -55.73 31.02
N ARG A 32 12.25 -56.64 30.07
CA ARG A 32 11.84 -58.03 30.32
C ARG A 32 10.74 -58.09 31.39
N LEU A 33 9.70 -57.22 31.24
CA LEU A 33 8.59 -57.13 32.19
C LEU A 33 7.72 -58.38 32.20
N ASP A 34 7.57 -59.06 31.05
CA ASP A 34 6.77 -60.26 30.95
C ASP A 34 7.65 -61.47 31.13
N ASN A 35 7.53 -62.13 32.29
CA ASN A 35 8.29 -63.33 32.61
C ASN A 35 7.81 -64.54 31.78
N THR A 36 6.48 -64.68 31.66
CA THR A 36 5.78 -65.78 30.96
C THR A 36 6.02 -65.80 29.43
N ARG A 37 6.59 -64.71 28.87
CA ARG A 37 6.86 -64.51 27.45
C ARG A 37 7.66 -65.66 26.79
N PHE A 38 8.74 -66.13 27.45
CA PHE A 38 9.59 -67.17 26.88
C PHE A 38 9.16 -68.60 27.28
N ARG A 39 8.24 -68.74 28.26
CA ARG A 39 7.73 -70.02 28.75
C ARG A 39 6.55 -70.59 27.92
N SER A 40 5.80 -69.71 27.22
CA SER A 40 4.58 -70.08 26.46
C SER A 40 4.78 -70.34 24.93
N HIS A 41 6.04 -70.35 24.42
CA HIS A 41 6.32 -70.56 22.99
C HIS A 41 6.18 -72.05 22.56
N PRO A 42 5.23 -72.38 21.64
CA PRO A 42 5.08 -73.79 21.21
C PRO A 42 5.82 -74.09 19.89
N ASP A 43 6.86 -73.28 19.59
CA ASP A 43 7.72 -73.38 18.40
C ASP A 43 8.69 -74.55 18.48
N LEU A 44 9.03 -75.03 19.71
CA LEU A 44 9.97 -76.11 19.98
C LEU A 44 9.54 -77.45 19.37
N THR A 52 11.81 -84.53 17.48
CA THR A 52 12.74 -85.37 18.23
C THR A 52 14.19 -84.89 18.08
N LEU A 53 15.00 -85.11 19.13
CA LEU A 53 16.41 -84.72 19.18
C LEU A 53 17.30 -85.56 18.26
N TRP A 54 16.76 -86.67 17.73
CA TRP A 54 17.46 -87.58 16.81
C TRP A 54 17.39 -87.07 15.38
N ASP A 55 16.36 -86.26 15.06
CA ASP A 55 16.12 -85.69 13.74
C ASP A 55 17.01 -84.49 13.44
N LEU A 56 17.58 -83.85 14.48
CA LEU A 56 18.42 -82.65 14.37
C LEU A 56 19.59 -82.78 13.38
N ASP A 57 20.16 -83.98 13.27
CA ASP A 57 21.31 -84.24 12.40
C ASP A 57 20.91 -84.84 11.04
N ARG A 58 19.60 -84.97 10.78
CA ARG A 58 19.06 -85.47 9.51
C ARG A 58 18.82 -84.29 8.57
N GLU A 59 19.30 -84.39 7.31
CA GLU A 59 19.16 -83.37 6.27
C GLU A 59 17.75 -83.41 5.66
N PHE A 60 17.14 -82.22 5.47
CA PHE A 60 15.78 -82.05 4.92
C PHE A 60 15.79 -81.16 3.68
N LYS A 61 14.86 -81.44 2.73
CA LYS A 61 14.71 -80.70 1.48
C LYS A 61 13.84 -79.47 1.69
N GLN A 69 17.31 -77.26 -1.99
CA GLN A 69 18.51 -77.35 -1.16
C GLN A 69 18.31 -78.28 0.04
N ARG A 70 19.36 -79.01 0.42
CA ARG A 70 19.38 -79.95 1.53
C ARG A 70 20.21 -79.38 2.70
N LYS A 71 19.53 -79.08 3.82
CA LYS A 71 20.14 -78.55 5.05
C LYS A 71 19.73 -79.40 6.27
N LYS A 72 20.62 -79.52 7.27
CA LYS A 72 20.34 -80.28 8.50
C LYS A 72 19.30 -79.52 9.34
N LEU A 73 18.40 -80.25 10.04
CA LEU A 73 17.37 -79.67 10.91
C LEU A 73 17.99 -78.70 11.93
N ARG A 74 19.16 -79.05 12.51
CA ARG A 74 19.89 -78.23 13.48
C ARG A 74 20.27 -76.89 12.86
N ASP A 75 20.65 -76.88 11.56
CA ASP A 75 21.01 -75.67 10.80
C ASP A 75 19.80 -74.85 10.47
N ILE A 76 18.68 -75.53 10.13
CA ILE A 76 17.40 -74.90 9.80
C ILE A 76 16.89 -74.16 11.05
N LEU A 77 16.91 -74.82 12.22
CA LEU A 77 16.44 -74.22 13.47
C LEU A 77 17.35 -73.10 13.98
N SER A 78 18.69 -73.19 13.75
CA SER A 78 19.65 -72.15 14.15
C SER A 78 19.39 -70.86 13.37
N VAL A 79 19.13 -70.98 12.04
CA VAL A 79 18.82 -69.87 11.13
C VAL A 79 17.49 -69.23 11.54
N LEU A 80 16.47 -70.04 11.90
CA LEU A 80 15.14 -69.53 12.30
C LEU A 80 15.21 -68.73 13.61
N ARG A 81 15.85 -69.30 14.68
CA ARG A 81 16.01 -68.65 15.99
C ARG A 81 16.77 -67.32 15.88
N ASP A 82 17.88 -67.30 15.12
CA ASP A 82 18.71 -66.10 14.92
C ASP A 82 17.93 -65.03 14.14
N ALA A 83 17.15 -65.44 13.13
CA ALA A 83 16.38 -64.51 12.31
C ALA A 83 15.12 -63.97 12.98
N TYR A 84 14.38 -64.84 13.71
CA TYR A 84 13.07 -64.50 14.26
C TYR A 84 12.97 -64.47 15.78
N CYS A 85 13.95 -65.02 16.51
CA CYS A 85 13.82 -65.09 17.98
C CYS A 85 14.99 -64.50 18.75
N ARG A 86 15.65 -63.46 18.22
CA ARG A 86 16.74 -62.80 18.93
C ARG A 86 16.26 -61.40 19.34
N HIS A 87 16.95 -60.33 18.94
CA HIS A 87 16.52 -58.99 19.32
C HIS A 87 15.57 -58.36 18.30
N VAL A 88 15.29 -59.05 17.17
CA VAL A 88 14.38 -58.55 16.13
C VAL A 88 13.18 -59.51 15.94
N GLY A 89 11.97 -59.00 16.18
CA GLY A 89 10.71 -59.69 15.95
C GLY A 89 10.18 -59.24 14.60
N VAL A 90 10.10 -60.16 13.63
CA VAL A 90 9.70 -59.84 12.26
C VAL A 90 8.26 -60.28 11.98
N GLU A 91 7.42 -59.34 11.51
CA GLU A 91 6.04 -59.58 11.11
C GLU A 91 5.91 -59.30 9.63
N TYR A 92 5.78 -60.35 8.81
CA TYR A 92 5.72 -60.16 7.36
C TYR A 92 4.84 -61.17 6.63
N THR A 93 4.43 -62.28 7.28
CA THR A 93 3.63 -63.31 6.57
C THR A 93 2.19 -62.84 6.31
N HIS A 94 1.79 -61.67 6.85
CA HIS A 94 0.48 -61.06 6.60
C HIS A 94 0.46 -60.38 5.22
N ILE A 95 1.65 -60.06 4.64
CA ILE A 95 1.81 -59.41 3.34
C ILE A 95 1.27 -60.33 2.22
N LEU A 96 0.33 -59.81 1.41
CA LEU A 96 -0.30 -60.59 0.33
C LEU A 96 0.62 -60.80 -0.89
N GLU A 97 1.57 -59.87 -1.16
CA GLU A 97 2.51 -59.98 -2.30
C GLU A 97 3.58 -61.03 -1.98
N PRO A 98 3.61 -62.19 -2.71
CA PRO A 98 4.61 -63.24 -2.39
C PRO A 98 6.05 -62.78 -2.59
N GLU A 99 6.30 -61.89 -3.58
CA GLU A 99 7.64 -61.36 -3.88
C GLU A 99 8.20 -60.53 -2.71
N GLN A 100 7.32 -59.82 -1.99
CA GLN A 100 7.70 -59.01 -0.82
C GLN A 100 8.06 -59.92 0.36
N GLN A 101 7.27 -61.00 0.59
CA GLN A 101 7.51 -62.00 1.62
C GLN A 101 8.86 -62.70 1.38
N ARG A 102 9.13 -63.10 0.11
CA ARG A 102 10.38 -63.75 -0.30
C ARG A 102 11.59 -62.82 -0.12
N TRP A 103 11.45 -61.53 -0.46
CA TRP A 103 12.50 -60.51 -0.32
C TRP A 103 12.99 -60.40 1.14
N ILE A 104 12.04 -60.27 2.10
CA ILE A 104 12.30 -60.17 3.54
C ILE A 104 12.97 -61.45 4.03
N GLN A 105 12.34 -62.60 3.73
CA GLN A 105 12.79 -63.96 4.04
C GLN A 105 14.26 -64.18 3.66
N GLU A 106 14.63 -63.88 2.41
CA GLU A 106 15.99 -64.02 1.87
C GLU A 106 17.01 -63.15 2.61
N ARG A 107 16.62 -61.94 3.04
CA ARG A 107 17.53 -61.01 3.71
C ARG A 107 17.66 -61.25 5.23
N VAL A 108 16.61 -61.82 5.84
CA VAL A 108 16.53 -62.09 7.28
C VAL A 108 17.06 -63.52 7.61
N GLU A 109 16.84 -64.51 6.72
CA GLU A 109 17.24 -65.90 6.95
C GLU A 109 18.64 -66.25 6.39
N THR A 110 19.58 -65.31 6.44
CA THR A 110 20.96 -65.57 6.01
C THR A 110 21.92 -65.25 7.13
N LYS A 111 23.10 -65.91 7.14
CA LYS A 111 24.13 -65.64 8.13
C LYS A 111 24.72 -64.26 7.80
N HIS A 112 24.27 -63.23 8.54
CA HIS A 112 24.66 -61.84 8.34
C HIS A 112 26.09 -61.59 8.75
N ASP A 113 26.78 -60.73 7.97
CA ASP A 113 28.14 -60.34 8.25
C ASP A 113 28.13 -59.42 9.47
N LYS A 114 28.85 -59.82 10.55
CA LYS A 114 28.96 -59.05 11.80
C LYS A 114 29.56 -57.67 11.49
N PRO A 115 29.11 -56.56 12.13
CA PRO A 115 29.66 -55.25 11.76
C PRO A 115 31.14 -55.12 12.08
N THR A 116 31.86 -54.29 11.31
CA THR A 116 33.28 -54.03 11.53
C THR A 116 33.41 -53.19 12.79
N VAL A 117 34.57 -53.26 13.47
CA VAL A 117 34.84 -52.50 14.69
C VAL A 117 34.62 -50.99 14.39
N ALA A 118 34.99 -50.53 13.18
CA ALA A 118 34.79 -49.15 12.73
C ALA A 118 33.28 -48.77 12.71
N GLU A 119 32.41 -49.71 12.27
CA GLU A 119 30.95 -49.51 12.21
C GLU A 119 30.37 -49.50 13.63
N GLN A 120 30.88 -50.40 14.50
CA GLN A 120 30.51 -50.51 15.91
C GLN A 120 30.90 -49.25 16.69
N LYS A 121 32.11 -48.72 16.42
CA LYS A 121 32.63 -47.51 17.04
C LYS A 121 31.83 -46.28 16.58
N TYR A 122 31.38 -46.28 15.31
CA TYR A 122 30.57 -45.20 14.77
C TYR A 122 29.19 -45.18 15.46
N ILE A 123 28.59 -46.37 15.67
CA ILE A 123 27.29 -46.52 16.34
C ILE A 123 27.45 -46.02 17.78
N LEU A 124 28.54 -46.43 18.46
CA LEU A 124 28.86 -46.01 19.83
C LEU A 124 29.00 -44.48 19.90
N SER A 125 29.71 -43.85 18.95
CA SER A 125 29.88 -42.38 18.88
C SER A 125 28.51 -41.65 18.74
N LYS A 126 27.55 -42.27 18.05
CA LYS A 126 26.21 -41.71 17.91
C LYS A 126 25.45 -41.78 19.26
N LEU A 127 25.59 -42.89 19.99
CA LEU A 127 25.01 -43.09 21.33
C LEU A 127 25.66 -42.13 22.34
N ASN A 128 26.98 -41.90 22.21
CA ASN A 128 27.78 -40.98 23.01
C ASN A 128 27.25 -39.55 22.89
N ALA A 129 27.00 -39.10 21.62
CA ALA A 129 26.50 -37.78 21.27
C ALA A 129 25.08 -37.58 21.77
N ALA A 130 24.24 -38.61 21.62
CA ALA A 130 22.84 -38.59 22.04
C ALA A 130 22.73 -38.48 23.57
N GLU A 131 23.55 -39.26 24.29
CA GLU A 131 23.54 -39.28 25.74
C GLU A 131 24.18 -38.04 26.32
N ALA A 132 25.18 -37.46 25.65
CA ALA A 132 25.80 -36.21 26.12
C ALA A 132 24.82 -35.03 25.97
N PHE A 133 23.99 -35.05 24.91
CA PHE A 133 22.97 -34.03 24.69
C PHE A 133 21.86 -34.08 25.78
N GLU A 134 21.34 -35.29 26.08
CA GLU A 134 20.36 -35.56 27.13
C GLU A 134 20.90 -35.15 28.52
N THR A 135 22.21 -35.37 28.81
CA THR A 135 22.85 -35.01 30.11
C THR A 135 22.86 -33.48 30.33
N PHE A 136 23.34 -32.71 29.33
CA PHE A 136 23.36 -31.25 29.31
C PHE A 136 21.94 -30.68 29.46
N LEU A 137 21.00 -31.09 28.60
CA LEU A 137 19.60 -30.65 28.66
C LEU A 137 19.00 -30.73 30.07
N GLN A 138 19.14 -31.88 30.74
CA GLN A 138 18.60 -32.12 32.07
C GLN A 138 19.32 -31.32 33.14
N THR A 139 20.64 -31.17 33.00
CA THR A 139 21.45 -30.46 33.99
C THR A 139 21.44 -28.93 33.77
N LYS A 140 21.55 -28.44 32.50
CA LYS A 140 21.63 -27.00 32.21
C LYS A 140 20.32 -26.26 32.44
N TYR A 141 19.18 -26.86 32.07
CA TYR A 141 17.88 -26.18 32.22
C TYR A 141 16.87 -26.94 33.11
N VAL A 142 15.89 -26.20 33.62
CA VAL A 142 14.74 -26.68 34.39
C VAL A 142 13.59 -26.91 33.39
N GLY A 143 12.66 -27.80 33.76
CA GLY A 143 11.49 -28.13 32.94
C GLY A 143 11.78 -28.80 31.61
N GLN A 144 12.84 -29.62 31.54
CA GLN A 144 13.23 -30.35 30.32
C GLN A 144 12.94 -31.86 30.44
N LYS A 145 12.51 -32.34 31.64
CA LYS A 145 12.24 -33.77 31.88
C LYS A 145 11.18 -34.33 30.92
N ARG A 146 10.16 -33.54 30.50
CA ARG A 146 9.13 -34.03 29.57
C ARG A 146 9.63 -34.21 28.11
N PHE A 147 10.83 -33.72 27.79
CA PHE A 147 11.37 -33.85 26.45
C PHE A 147 12.49 -34.89 26.40
N SER A 148 12.85 -35.48 27.58
CA SER A 148 13.93 -36.46 27.75
C SER A 148 13.79 -37.69 26.86
N LEU A 149 14.87 -38.02 26.14
CA LEU A 149 15.01 -39.19 25.27
C LEU A 149 15.76 -40.32 26.03
N GLU A 150 16.04 -40.10 27.32
CA GLU A 150 16.73 -41.06 28.21
C GLU A 150 15.93 -42.34 28.35
N GLY A 151 16.54 -43.44 27.93
CA GLY A 151 15.98 -44.77 27.86
C GLY A 151 15.67 -45.13 26.42
N ALA A 152 15.78 -44.15 25.47
CA ALA A 152 15.45 -44.30 24.06
C ALA A 152 16.49 -43.63 23.11
N GLU A 153 17.71 -43.42 23.59
CA GLU A 153 18.81 -42.79 22.81
C GLU A 153 19.24 -43.57 21.57
N THR A 154 18.89 -44.88 21.48
CA THR A 154 19.18 -45.74 20.34
C THR A 154 18.42 -45.26 19.09
N VAL A 155 17.38 -44.41 19.25
CA VAL A 155 16.66 -43.88 18.08
C VAL A 155 17.59 -42.96 17.22
N ILE A 156 18.63 -42.32 17.84
CA ILE A 156 19.58 -41.45 17.13
C ILE A 156 20.45 -42.33 16.17
N PRO A 157 21.20 -43.37 16.59
CA PRO A 157 21.94 -44.16 15.56
C PRO A 157 21.01 -44.85 14.57
N MET A 158 19.75 -45.16 14.99
CA MET A 158 18.72 -45.77 14.12
C MET A 158 18.31 -44.78 13.00
N MET A 159 18.00 -43.52 13.36
CA MET A 159 17.62 -42.47 12.39
C MET A 159 18.80 -42.14 11.49
N ASP A 160 20.03 -42.21 12.04
CA ASP A 160 21.28 -41.96 11.29
C ASP A 160 21.45 -43.01 10.21
N ALA A 161 21.09 -44.28 10.53
CA ALA A 161 21.20 -45.42 9.61
C ALA A 161 20.17 -45.30 8.48
N VAL A 162 18.98 -44.78 8.80
CA VAL A 162 17.92 -44.54 7.80
C VAL A 162 18.42 -43.55 6.75
N ILE A 163 18.88 -42.36 7.21
CA ILE A 163 19.33 -41.24 6.41
C ILE A 163 20.57 -41.61 5.60
N ASP A 164 21.53 -42.31 6.22
CA ASP A 164 22.74 -42.77 5.54
C ASP A 164 22.39 -43.78 4.45
N GLN A 165 21.40 -44.68 4.70
CA GLN A 165 20.96 -45.67 3.72
C GLN A 165 20.22 -45.00 2.58
N CYS A 166 19.48 -43.92 2.86
CA CYS A 166 18.80 -43.12 1.82
C CYS A 166 19.87 -42.41 0.94
N ALA A 167 20.97 -41.92 1.57
CA ALA A 167 22.09 -41.29 0.86
C ALA A 167 22.80 -42.30 -0.03
N GLU A 168 22.95 -43.56 0.45
CA GLU A 168 23.57 -44.68 -0.26
C GLU A 168 22.78 -45.01 -1.53
N HIS A 169 21.44 -44.83 -1.49
CA HIS A 169 20.53 -45.02 -2.62
C HIS A 169 20.54 -43.79 -3.56
N GLY A 170 21.31 -42.76 -3.20
CA GLY A 170 21.47 -41.53 -3.97
C GLY A 170 20.24 -40.65 -4.00
N LEU A 171 19.45 -40.69 -2.92
CA LEU A 171 18.20 -39.94 -2.81
C LEU A 171 18.47 -38.45 -2.50
N ASP A 172 17.47 -37.61 -2.71
CA ASP A 172 17.61 -36.16 -2.60
C ASP A 172 17.35 -35.60 -1.21
N GLU A 173 16.31 -36.08 -0.52
CA GLU A 173 15.96 -35.52 0.78
C GLU A 173 15.20 -36.51 1.66
N VAL A 174 15.38 -36.37 2.97
CA VAL A 174 14.64 -37.09 4.00
C VAL A 174 13.91 -36.01 4.79
N VAL A 175 12.60 -36.11 4.86
CA VAL A 175 11.80 -35.13 5.59
C VAL A 175 11.22 -35.83 6.79
N ILE A 176 11.49 -35.27 7.98
CA ILE A 176 11.06 -35.82 9.27
C ILE A 176 9.86 -35.07 9.87
N ALA A 177 8.95 -35.84 10.44
CA ALA A 177 7.84 -35.43 11.30
C ALA A 177 7.95 -36.22 12.58
N MET A 178 7.83 -35.55 13.72
CA MET A 178 7.97 -36.23 15.00
C MET A 178 7.24 -35.49 16.16
N PRO A 179 6.94 -36.18 17.28
CA PRO A 179 6.47 -35.44 18.47
C PRO A 179 7.67 -34.73 19.17
N HIS A 180 7.44 -34.11 20.33
CA HIS A 180 8.45 -33.31 21.04
C HIS A 180 9.63 -34.11 21.68
N ARG A 181 9.43 -35.37 22.14
CA ARG A 181 10.46 -36.19 22.82
C ARG A 181 11.74 -36.44 21.96
N GLY A 182 12.84 -35.84 22.40
CA GLY A 182 14.14 -35.95 21.78
C GLY A 182 14.34 -35.08 20.55
N ARG A 183 13.44 -34.11 20.29
CA ARG A 183 13.44 -33.26 19.11
C ARG A 183 14.71 -32.43 18.96
N LEU A 184 15.19 -31.80 20.07
CA LEU A 184 16.42 -30.99 20.01
C LEU A 184 17.66 -31.89 19.80
N ASN A 185 17.61 -33.16 20.27
CA ASN A 185 18.67 -34.15 20.09
C ASN A 185 18.73 -34.52 18.60
N VAL A 186 17.55 -34.62 17.95
CA VAL A 186 17.40 -34.90 16.53
C VAL A 186 17.94 -33.69 15.77
N LEU A 187 17.63 -32.47 16.24
CA LEU A 187 18.15 -31.27 15.59
C LEU A 187 19.68 -31.23 15.57
N ALA A 188 20.31 -31.58 16.71
CA ALA A 188 21.76 -31.56 16.84
C ALA A 188 22.44 -32.76 16.19
N ASN A 189 21.93 -33.98 16.39
CA ASN A 189 22.65 -35.18 15.96
C ASN A 189 22.15 -35.87 14.68
N ILE A 190 21.07 -35.35 14.05
CA ILE A 190 20.52 -35.92 12.82
C ILE A 190 20.48 -34.81 11.73
N VAL A 191 19.75 -33.72 12.03
CA VAL A 191 19.62 -32.56 11.13
C VAL A 191 20.98 -31.82 11.07
N GLY A 192 21.76 -31.93 12.14
CA GLY A 192 23.09 -31.33 12.22
C GLY A 192 23.09 -29.84 12.50
N LYS A 193 22.02 -29.32 13.16
CA LYS A 193 21.94 -27.90 13.51
C LYS A 193 22.97 -27.57 14.60
N PRO A 194 23.71 -26.44 14.49
CA PRO A 194 24.70 -26.12 15.55
C PRO A 194 23.99 -25.72 16.84
N TYR A 195 24.64 -25.98 17.99
CA TYR A 195 24.15 -25.69 19.34
C TYR A 195 23.77 -24.22 19.51
N SER A 196 24.54 -23.28 18.84
CA SER A 196 24.34 -21.82 18.85
C SER A 196 22.95 -21.45 18.32
N GLN A 197 22.49 -22.16 17.27
CA GLN A 197 21.19 -21.94 16.65
C GLN A 197 20.07 -22.57 17.49
N ILE A 198 20.26 -23.83 17.97
CA ILE A 198 19.29 -24.58 18.77
C ILE A 198 19.00 -23.87 20.11
N PHE A 199 20.08 -23.54 20.88
CA PHE A 199 19.87 -22.97 22.22
C PHE A 199 19.96 -21.44 22.27
N SER A 200 19.63 -20.77 21.14
CA SER A 200 19.60 -19.32 21.01
C SER A 200 18.31 -18.80 21.64
N GLU A 201 18.43 -17.81 22.57
CA GLU A 201 17.31 -17.16 23.28
C GLU A 201 16.32 -18.23 23.81
N PHE A 202 16.87 -19.19 24.59
CA PHE A 202 16.18 -20.35 25.16
C PHE A 202 15.36 -19.99 26.42
N GLY A 215 11.94 -20.56 23.17
CA GLY A 215 12.00 -21.54 24.26
C GLY A 215 11.31 -22.85 23.93
N ASP A 216 10.09 -23.05 24.46
CA ASP A 216 9.28 -24.25 24.22
C ASP A 216 8.74 -24.29 22.76
N VAL A 217 8.81 -23.15 22.04
CA VAL A 217 8.40 -23.02 20.64
C VAL A 217 9.40 -23.79 19.76
N LYS A 218 10.71 -23.84 20.18
CA LYS A 218 11.80 -24.55 19.47
C LYS A 218 11.46 -26.04 19.26
N TYR A 219 10.49 -26.55 20.06
CA TYR A 219 10.01 -27.92 20.03
C TYR A 219 8.84 -28.15 19.05
N HIS A 220 8.49 -27.11 18.28
CA HIS A 220 7.41 -27.14 17.32
C HIS A 220 7.81 -26.52 15.98
N LEU A 221 9.02 -25.93 15.85
CA LEU A 221 9.48 -25.27 14.61
C LEU A 221 10.12 -26.21 13.58
N GLY A 222 10.05 -25.81 12.31
CA GLY A 222 10.69 -26.55 11.23
C GLY A 222 12.19 -26.30 11.22
N ALA A 223 12.94 -27.07 10.37
CA ALA A 223 14.39 -26.92 10.23
C ALA A 223 14.89 -27.60 8.97
N THR A 224 16.05 -27.19 8.45
CA THR A 224 16.68 -27.79 7.25
C THR A 224 18.19 -27.90 7.47
N GLY A 225 18.75 -28.99 6.98
CA GLY A 225 20.18 -29.27 7.08
C GLY A 225 20.67 -30.22 6.01
N THR A 226 21.97 -30.53 6.06
CA THR A 226 22.60 -31.44 5.11
C THR A 226 23.29 -32.53 5.87
N TYR A 227 22.96 -33.79 5.53
CA TYR A 227 23.62 -34.94 6.11
C TYR A 227 24.76 -35.35 5.17
N ILE A 228 25.96 -35.50 5.72
CA ILE A 228 27.14 -35.91 4.94
C ILE A 228 27.54 -37.29 5.45
N GLN A 229 27.61 -38.26 4.53
CA GLN A 229 27.99 -39.63 4.88
C GLN A 229 29.38 -39.71 5.53
N MET A 230 29.50 -40.53 6.58
CA MET A 230 30.73 -40.79 7.33
C MET A 230 31.68 -41.67 6.48
N PHE A 231 31.17 -42.84 6.02
CA PHE A 231 31.93 -43.83 5.24
C PHE A 231 31.57 -43.85 3.74
N GLY A 232 30.66 -42.97 3.30
CA GLY A 232 30.26 -42.84 1.90
C GLY A 232 30.63 -41.48 1.34
N ASP A 233 30.47 -41.28 0.03
CA ASP A 233 30.81 -39.99 -0.60
C ASP A 233 29.55 -39.20 -0.99
N ASN A 234 28.38 -39.63 -0.46
CA ASN A 234 27.10 -38.97 -0.74
C ASN A 234 26.67 -38.02 0.37
N ASP A 235 25.81 -37.08 -0.01
CA ASP A 235 25.17 -36.16 0.91
C ASP A 235 23.69 -36.16 0.59
N ILE A 236 22.89 -35.77 1.57
CA ILE A 236 21.43 -35.73 1.41
C ILE A 236 20.87 -34.61 2.27
N GLU A 237 19.80 -33.95 1.78
CA GLU A 237 19.12 -32.92 2.55
C GLU A 237 18.28 -33.58 3.64
N VAL A 238 18.30 -33.01 4.84
CA VAL A 238 17.51 -33.49 5.98
C VAL A 238 16.70 -32.30 6.49
N SER A 239 15.38 -32.45 6.55
CA SER A 239 14.52 -31.39 7.07
C SER A 239 13.52 -31.94 8.09
N LEU A 240 13.06 -31.07 8.96
CA LEU A 240 12.13 -31.36 10.05
C LEU A 240 10.96 -30.42 9.92
N THR A 241 9.75 -30.96 9.85
CA THR A 241 8.59 -30.08 9.67
C THR A 241 8.04 -29.61 11.02
N ALA A 242 7.39 -28.43 11.03
CA ALA A 242 6.76 -27.85 12.21
C ALA A 242 5.53 -28.66 12.59
N ASN A 243 5.13 -28.65 13.88
CA ASN A 243 3.95 -29.41 14.31
C ASN A 243 3.35 -28.87 15.62
N PRO A 244 2.03 -29.09 15.88
CA PRO A 244 1.48 -28.67 17.18
C PRO A 244 1.76 -29.76 18.25
N SER A 245 1.20 -29.59 19.46
CA SER A 245 1.34 -30.61 20.51
C SER A 245 0.42 -31.79 20.24
N HIS A 246 -0.59 -31.63 19.37
CA HIS A 246 -1.57 -32.66 18.95
C HIS A 246 -0.83 -33.78 18.27
N LEU A 247 -0.61 -34.88 19.02
CA LEU A 247 0.15 -36.04 18.57
C LEU A 247 -0.50 -36.67 17.34
N GLU A 248 0.34 -36.99 16.35
CA GLU A 248 0.02 -37.64 15.08
C GLU A 248 -0.68 -36.72 14.07
N ALA A 249 -1.18 -35.53 14.48
CA ALA A 249 -1.86 -34.58 13.55
C ALA A 249 -1.01 -34.20 12.31
N VAL A 250 0.33 -34.17 12.46
CA VAL A 250 1.30 -33.80 11.42
C VAL A 250 1.53 -34.93 10.38
N ASP A 251 1.13 -36.14 10.72
CA ASP A 251 1.33 -37.32 9.86
C ASP A 251 0.87 -37.07 8.41
N PRO A 252 -0.36 -36.63 8.11
CA PRO A 252 -0.73 -36.40 6.71
C PRO A 252 -0.08 -35.15 6.11
N VAL A 253 0.26 -34.17 6.96
CA VAL A 253 0.93 -32.91 6.61
C VAL A 253 2.31 -33.27 5.99
N LEU A 254 3.07 -34.20 6.66
CA LEU A 254 4.36 -34.70 6.20
C LEU A 254 4.22 -35.32 4.82
N GLU A 255 3.22 -36.17 4.64
CA GLU A 255 2.95 -36.85 3.38
C GLU A 255 2.70 -35.85 2.23
N GLY A 256 1.83 -34.85 2.44
CA GLY A 256 1.57 -33.82 1.43
C GLY A 256 2.81 -33.02 1.07
N LEU A 257 3.59 -32.62 2.11
CA LEU A 257 4.81 -31.84 1.97
C LEU A 257 5.82 -32.61 1.12
N VAL A 258 6.03 -33.91 1.41
CA VAL A 258 6.94 -34.78 0.68
C VAL A 258 6.47 -34.94 -0.76
N ARG A 259 5.17 -35.17 -0.97
CA ARG A 259 4.57 -35.31 -2.29
C ARG A 259 4.78 -34.04 -3.12
N ALA A 260 4.62 -32.86 -2.51
CA ALA A 260 4.85 -31.58 -3.22
C ALA A 260 6.30 -31.47 -3.69
N LYS A 261 7.25 -31.90 -2.84
CA LYS A 261 8.69 -31.89 -3.11
C LYS A 261 9.03 -32.89 -4.23
N GLN A 262 8.43 -34.09 -4.18
CA GLN A 262 8.61 -35.14 -5.19
C GLN A 262 8.11 -34.66 -6.56
N ASP A 263 6.92 -34.00 -6.61
CA ASP A 263 6.36 -33.44 -7.84
C ASP A 263 7.30 -32.39 -8.43
N LEU A 264 7.87 -31.50 -7.59
CA LEU A 264 8.83 -30.47 -8.01
C LEU A 264 10.12 -31.09 -8.59
N LEU A 265 10.58 -32.22 -8.02
CA LEU A 265 11.79 -32.91 -8.45
C LEU A 265 11.55 -33.86 -9.61
N ASP A 266 10.29 -33.97 -10.06
CA ASP A 266 9.85 -34.85 -11.15
C ASP A 266 10.24 -36.32 -10.82
N THR A 267 9.98 -36.73 -9.56
CA THR A 267 10.28 -38.08 -9.07
C THR A 267 9.01 -38.72 -8.47
N GLY A 268 8.77 -39.97 -8.80
CA GLY A 268 7.60 -40.69 -8.33
C GLY A 268 6.40 -40.77 -9.24
N GLU A 269 5.18 -40.67 -8.64
CA GLU A 269 3.86 -40.81 -9.27
C GLU A 269 3.62 -39.78 -10.40
N GLU A 270 3.99 -38.52 -10.18
CA GLU A 270 3.83 -37.48 -11.20
C GLU A 270 5.19 -37.14 -11.88
N GLY A 271 6.16 -38.02 -11.68
CA GLY A 271 7.51 -37.86 -12.24
C GLY A 271 7.90 -38.82 -13.34
N SER A 272 8.99 -38.46 -14.06
CA SER A 272 9.57 -39.23 -15.16
C SER A 272 10.30 -40.48 -14.64
N ASP A 273 10.77 -40.43 -13.37
CA ASP A 273 11.45 -41.54 -12.71
C ASP A 273 10.59 -42.11 -11.58
N ASN A 274 10.84 -43.38 -11.22
CA ASN A 274 10.11 -44.07 -10.16
C ASN A 274 10.97 -44.14 -8.88
N ARG A 275 11.81 -43.13 -8.61
CA ARG A 275 12.70 -43.17 -7.45
C ARG A 275 12.03 -42.65 -6.15
N PHE A 276 11.04 -41.70 -6.23
CA PHE A 276 10.41 -41.11 -5.03
C PHE A 276 11.56 -40.64 -4.10
N SER A 277 12.50 -39.85 -4.68
CA SER A 277 13.77 -39.41 -4.11
C SER A 277 13.66 -38.53 -2.84
N VAL A 278 12.44 -38.27 -2.35
CA VAL A 278 12.17 -37.54 -1.10
C VAL A 278 11.50 -38.57 -0.17
N VAL A 279 12.15 -38.86 0.98
CA VAL A 279 11.67 -39.90 1.87
C VAL A 279 11.02 -39.32 3.12
N PRO A 280 9.75 -39.69 3.42
CA PRO A 280 9.16 -39.31 4.71
C PRO A 280 9.66 -40.26 5.81
N LEU A 281 10.21 -39.67 6.89
CA LEU A 281 10.64 -40.41 8.06
C LEU A 281 9.72 -39.91 9.18
N MET A 282 8.77 -40.75 9.60
CA MET A 282 7.75 -40.34 10.55
C MET A 282 7.97 -41.02 11.90
N LEU A 283 8.16 -40.21 12.96
CA LEU A 283 8.37 -40.74 14.31
C LEU A 283 7.09 -40.69 15.11
N HIS A 284 6.93 -41.65 16.01
CA HIS A 284 5.71 -41.76 16.80
C HIS A 284 5.99 -42.22 18.23
N GLY A 285 4.97 -42.07 19.07
CA GLY A 285 4.91 -42.62 20.42
C GLY A 285 3.99 -43.82 20.36
N ASP A 286 4.18 -44.80 21.24
CA ASP A 286 3.40 -46.02 21.23
C ASP A 286 1.91 -45.81 21.57
N ALA A 287 1.58 -44.92 22.53
CA ALA A 287 0.15 -44.76 22.87
C ALA A 287 -0.59 -44.01 21.76
N ALA A 288 0.06 -42.98 21.18
CA ALA A 288 -0.52 -42.14 20.12
C ALA A 288 -0.69 -42.92 18.80
N PHE A 289 0.30 -43.76 18.45
CA PHE A 289 0.26 -44.54 17.22
C PHE A 289 -0.94 -45.50 17.19
N ALA A 290 -1.29 -46.08 18.34
CA ALA A 290 -2.40 -47.03 18.42
C ALA A 290 -3.79 -46.36 18.64
N GLY A 291 -3.83 -45.17 19.22
CA GLY A 291 -5.10 -44.52 19.54
C GLY A 291 -5.60 -43.44 18.61
N GLN A 292 -4.71 -42.79 17.84
CA GLN A 292 -5.11 -41.67 16.99
C GLN A 292 -5.58 -42.18 15.63
N GLY A 293 -6.81 -41.82 15.25
CA GLY A 293 -7.44 -42.21 13.99
C GLY A 293 -6.73 -41.76 12.73
N VAL A 294 -6.05 -40.61 12.82
CA VAL A 294 -5.32 -40.01 11.69
C VAL A 294 -4.17 -40.93 11.20
N VAL A 295 -3.68 -41.82 12.06
CA VAL A 295 -2.64 -42.80 11.74
C VAL A 295 -3.20 -43.71 10.64
N ALA A 296 -4.40 -44.35 10.88
CA ALA A 296 -5.06 -45.22 9.91
C ALA A 296 -5.40 -44.46 8.60
N GLU A 297 -5.90 -43.23 8.71
CA GLU A 297 -6.24 -42.36 7.59
C GLU A 297 -5.03 -42.06 6.73
N THR A 298 -3.85 -41.86 7.35
CA THR A 298 -2.61 -41.52 6.63
C THR A 298 -1.98 -42.77 5.98
N LEU A 299 -2.04 -43.91 6.66
CA LEU A 299 -1.64 -45.22 6.13
C LEU A 299 -2.48 -45.57 4.89
N ASN A 300 -3.77 -45.23 4.93
CA ASN A 300 -4.70 -45.49 3.83
C ASN A 300 -4.33 -44.74 2.54
N LEU A 301 -3.51 -43.66 2.65
CA LEU A 301 -3.07 -42.84 1.52
C LEU A 301 -1.83 -43.38 0.83
N ALA A 302 -1.11 -44.32 1.48
CA ALA A 302 0.22 -44.81 1.08
C ALA A 302 0.36 -45.28 -0.36
N LEU A 303 -0.68 -45.84 -0.97
CA LEU A 303 -0.56 -46.39 -2.32
C LEU A 303 -1.50 -45.74 -3.32
N LEU A 304 -2.20 -44.67 -2.91
CA LEU A 304 -3.15 -43.94 -3.75
C LEU A 304 -2.38 -43.10 -4.77
N ARG A 305 -2.81 -43.12 -6.03
CA ARG A 305 -2.16 -42.34 -7.10
C ARG A 305 -2.10 -40.83 -6.75
N GLY A 306 -3.09 -40.31 -6.04
CA GLY A 306 -3.08 -38.89 -5.67
C GLY A 306 -2.31 -38.52 -4.41
N TYR A 307 -1.92 -39.52 -3.61
CA TYR A 307 -1.30 -39.24 -2.32
C TYR A 307 -0.03 -40.06 -2.00
N ARG A 308 0.30 -41.10 -2.80
CA ARG A 308 1.48 -41.93 -2.52
C ARG A 308 2.80 -41.13 -2.52
N THR A 309 3.71 -41.50 -1.60
CA THR A 309 5.02 -40.85 -1.51
C THR A 309 6.13 -41.90 -1.68
N GLY A 310 5.75 -43.09 -2.18
CA GLY A 310 6.68 -44.19 -2.41
C GLY A 310 7.11 -44.92 -1.16
N GLY A 311 6.30 -44.79 -0.10
CA GLY A 311 6.58 -45.45 1.17
C GLY A 311 7.22 -44.54 2.21
N THR A 312 6.71 -44.63 3.43
CA THR A 312 7.14 -43.91 4.62
C THR A 312 7.89 -44.85 5.54
N ILE A 313 9.01 -44.37 6.11
CA ILE A 313 9.72 -45.13 7.12
C ILE A 313 9.13 -44.67 8.45
N HIS A 314 8.47 -45.60 9.17
CA HIS A 314 7.89 -45.28 10.46
C HIS A 314 8.78 -45.78 11.57
N ILE A 315 9.05 -44.92 12.56
CA ILE A 315 9.80 -45.31 13.74
C ILE A 315 8.92 -45.01 14.93
N VAL A 316 8.54 -46.05 15.66
CA VAL A 316 7.75 -45.87 16.89
C VAL A 316 8.71 -45.98 18.06
N VAL A 317 8.77 -44.91 18.88
CA VAL A 317 9.56 -44.89 20.10
C VAL A 317 8.64 -45.51 21.15
N ASN A 318 8.67 -46.85 21.20
CA ASN A 318 7.81 -47.63 22.06
C ASN A 318 8.44 -47.79 23.44
N ASN A 319 8.22 -46.79 24.30
CA ASN A 319 8.73 -46.81 25.67
C ASN A 319 7.74 -47.50 26.63
N GLN A 320 6.75 -48.21 26.05
CA GLN A 320 5.76 -49.08 26.71
C GLN A 320 4.98 -48.37 27.81
N ILE A 321 4.75 -47.06 27.60
CA ILE A 321 4.01 -46.20 28.54
C ILE A 321 3.52 -44.97 27.77
N GLY A 322 2.41 -44.42 28.24
CA GLY A 322 1.78 -43.22 27.72
C GLY A 322 1.37 -42.37 28.91
N PHE A 323 2.27 -41.48 29.38
CA PHE A 323 2.13 -40.63 30.58
C PHE A 323 2.05 -41.56 31.83
N THR A 324 0.86 -41.89 32.32
CA THR A 324 0.76 -42.83 33.47
C THR A 324 0.10 -44.16 33.04
N THR A 325 -0.32 -44.23 31.77
CA THR A 325 -1.14 -45.31 31.21
C THR A 325 -0.30 -46.43 30.63
N ALA A 326 -0.67 -47.64 31.03
CA ALA A 326 -0.06 -48.89 30.60
C ALA A 326 -0.59 -49.29 29.21
N PRO A 327 0.24 -49.98 28.38
CA PRO A 327 -0.25 -50.46 27.07
C PRO A 327 -1.61 -51.19 27.07
N THR A 328 -1.92 -51.95 28.13
CA THR A 328 -3.17 -52.71 28.21
C THR A 328 -4.41 -51.82 28.28
N ASP A 329 -4.26 -50.53 28.64
CA ASP A 329 -5.37 -49.55 28.64
C ASP A 329 -5.29 -48.64 27.39
N SER A 330 -4.23 -48.78 26.56
CA SER A 330 -4.03 -47.93 25.39
C SER A 330 -4.38 -48.60 24.04
N ARG A 331 -4.39 -49.94 24.00
CA ARG A 331 -4.66 -50.66 22.74
C ARG A 331 -5.25 -52.04 23.00
N SER A 332 -5.97 -52.56 22.00
CA SER A 332 -6.64 -53.87 22.01
C SER A 332 -5.89 -54.88 21.14
N SER A 333 -4.62 -54.59 20.84
CA SER A 333 -3.76 -55.47 20.03
C SER A 333 -2.44 -55.75 20.72
N GLU A 334 -1.78 -56.85 20.34
CA GLU A 334 -0.49 -57.27 20.87
C GLU A 334 0.55 -56.14 20.73
N TYR A 335 0.60 -55.46 19.56
CA TYR A 335 1.58 -54.40 19.28
C TYR A 335 0.95 -53.06 18.99
N CYS A 336 1.68 -51.96 19.32
CA CYS A 336 1.19 -50.60 19.09
C CYS A 336 1.11 -50.28 17.58
N THR A 337 1.83 -51.06 16.76
CA THR A 337 1.96 -50.91 15.32
C THR A 337 1.02 -51.82 14.50
N ASP A 338 0.09 -52.54 15.17
CA ASP A 338 -0.82 -53.47 14.49
C ASP A 338 -1.77 -52.78 13.45
N VAL A 339 -1.95 -51.45 13.55
CA VAL A 339 -2.73 -50.68 12.59
C VAL A 339 -2.06 -50.74 11.17
N ALA A 340 -0.70 -50.78 11.09
CA ALA A 340 0.06 -50.84 9.83
C ALA A 340 -0.19 -52.11 8.99
N LYS A 341 -0.77 -53.16 9.61
CA LYS A 341 -1.15 -54.40 8.93
C LYS A 341 -2.26 -54.11 7.90
N MET A 342 -3.03 -53.04 8.15
CA MET A 342 -4.08 -52.47 7.32
C MET A 342 -3.63 -52.34 5.86
N ILE A 343 -2.35 -52.00 5.60
CA ILE A 343 -1.84 -51.78 4.24
C ILE A 343 -0.74 -52.80 3.91
N GLY A 344 -0.67 -53.86 4.72
CA GLY A 344 0.30 -54.94 4.55
C GLY A 344 1.73 -54.48 4.60
N ALA A 345 2.03 -53.53 5.50
CA ALA A 345 3.39 -53.05 5.70
C ALA A 345 4.21 -54.05 6.52
N PRO A 346 5.50 -54.33 6.19
CA PRO A 346 6.30 -55.20 7.09
C PRO A 346 6.56 -54.45 8.40
N ILE A 347 6.57 -55.19 9.53
CA ILE A 347 6.79 -54.58 10.86
C ILE A 347 7.96 -55.28 11.53
N PHE A 348 8.87 -54.47 12.07
CA PHE A 348 10.05 -54.97 12.77
C PHE A 348 10.02 -54.45 14.18
N HIS A 349 9.94 -55.38 15.14
CA HIS A 349 9.99 -55.06 16.56
C HIS A 349 11.43 -55.23 16.98
N VAL A 350 12.06 -54.15 17.46
CA VAL A 350 13.49 -54.25 17.75
C VAL A 350 13.82 -53.74 19.16
N ASN A 351 14.74 -54.47 19.81
CA ASN A 351 15.22 -54.20 21.15
C ASN A 351 16.16 -52.96 21.14
N GLY A 352 15.64 -51.86 21.70
CA GLY A 352 16.33 -50.58 21.80
C GLY A 352 17.64 -50.60 22.56
N ASP A 353 17.95 -51.72 23.28
CA ASP A 353 19.24 -51.86 23.98
C ASP A 353 20.27 -52.48 23.04
N ASP A 354 19.88 -52.96 21.82
CA ASP A 354 20.80 -53.52 20.82
C ASP A 354 20.88 -52.52 19.63
N PRO A 355 21.78 -51.51 19.70
CA PRO A 355 21.83 -50.51 18.62
C PRO A 355 22.30 -51.06 17.25
N GLU A 356 22.97 -52.23 17.21
CA GLU A 356 23.39 -52.89 15.97
C GLU A 356 22.18 -53.45 15.23
N ALA A 357 21.29 -54.17 15.95
CA ALA A 357 20.04 -54.70 15.39
C ALA A 357 19.15 -53.53 14.92
N CYS A 358 19.11 -52.42 15.68
CA CYS A 358 18.32 -51.23 15.36
C CYS A 358 18.85 -50.57 14.10
N ALA A 359 20.19 -50.46 13.96
CA ALA A 359 20.82 -49.86 12.77
C ALA A 359 20.59 -50.75 11.55
N TRP A 360 20.71 -52.07 11.69
CA TRP A 360 20.55 -53.07 10.64
C TRP A 360 19.12 -53.05 10.08
N VAL A 361 18.12 -53.03 10.98
CA VAL A 361 16.68 -52.99 10.69
C VAL A 361 16.33 -51.68 9.93
N ALA A 362 16.92 -50.54 10.36
CA ALA A 362 16.72 -49.22 9.72
C ALA A 362 17.16 -49.26 8.24
N ARG A 363 18.32 -49.91 7.96
CA ARG A 363 18.89 -50.03 6.60
C ARG A 363 18.06 -50.97 5.76
N LEU A 364 17.57 -52.09 6.37
CA LEU A 364 16.69 -53.06 5.72
C LEU A 364 15.36 -52.39 5.35
N ALA A 365 14.85 -51.49 6.22
CA ALA A 365 13.60 -50.77 6.03
C ALA A 365 13.69 -49.83 4.82
N VAL A 366 14.83 -49.10 4.67
CA VAL A 366 15.06 -48.20 3.53
C VAL A 366 15.11 -49.02 2.22
N ASP A 367 15.81 -50.17 2.24
CA ASP A 367 15.94 -51.07 1.08
C ASP A 367 14.59 -51.62 0.63
N PHE A 368 13.72 -52.01 1.59
CA PHE A 368 12.37 -52.52 1.29
C PHE A 368 11.52 -51.42 0.63
N ARG A 369 11.56 -50.20 1.20
CA ARG A 369 10.83 -49.06 0.70
C ARG A 369 11.30 -48.74 -0.72
N GLN A 370 12.62 -48.81 -0.99
CA GLN A 370 13.15 -48.57 -2.34
C GLN A 370 12.73 -49.65 -3.33
N ALA A 371 12.66 -50.92 -2.87
CA ALA A 371 12.29 -52.04 -3.73
C ALA A 371 10.79 -52.10 -4.01
N PHE A 372 9.94 -51.76 -3.03
CA PHE A 372 8.50 -51.94 -3.24
C PHE A 372 7.65 -50.67 -3.16
N LYS A 373 8.24 -49.51 -2.83
CA LYS A 373 7.54 -48.20 -2.77
C LYS A 373 6.35 -48.24 -1.81
N LYS A 374 6.55 -48.93 -0.67
CA LYS A 374 5.56 -49.20 0.36
C LYS A 374 6.13 -48.90 1.76
N ASP A 375 5.23 -48.57 2.73
CA ASP A 375 5.56 -48.25 4.12
C ASP A 375 6.24 -49.41 4.84
N VAL A 376 7.17 -49.07 5.74
CA VAL A 376 7.89 -49.97 6.63
C VAL A 376 7.76 -49.40 8.04
N VAL A 377 7.44 -50.26 9.00
CA VAL A 377 7.28 -49.81 10.38
C VAL A 377 8.34 -50.45 11.28
N ILE A 378 9.07 -49.60 12.03
CA ILE A 378 10.05 -50.03 13.01
C ILE A 378 9.50 -49.69 14.39
N ASP A 379 9.28 -50.73 15.19
CA ASP A 379 8.77 -50.62 16.55
C ASP A 379 9.98 -50.78 17.49
N MET A 380 10.55 -49.65 17.95
CA MET A 380 11.73 -49.66 18.83
C MET A 380 11.32 -49.74 20.30
N LEU A 381 11.48 -50.90 20.90
CA LEU A 381 11.14 -51.15 22.30
C LEU A 381 12.22 -50.63 23.19
N CYS A 382 11.83 -49.72 24.05
CA CYS A 382 12.73 -49.00 24.93
C CYS A 382 11.99 -48.68 26.22
N TYR A 383 12.43 -47.64 26.95
CA TYR A 383 11.80 -47.24 28.20
C TYR A 383 11.93 -45.74 28.37
N ARG A 384 11.09 -45.19 29.24
CA ARG A 384 11.14 -43.79 29.58
C ARG A 384 11.80 -43.73 30.93
N ARG A 385 13.08 -43.38 30.98
CA ARG A 385 13.91 -43.39 32.18
C ARG A 385 13.32 -42.55 33.31
N ARG A 386 12.89 -41.33 33.00
CA ARG A 386 12.34 -40.38 33.96
C ARG A 386 10.82 -40.44 34.00
N GLY A 387 10.25 -39.60 34.85
CA GLY A 387 8.82 -39.40 34.91
C GLY A 387 8.39 -38.66 33.66
N HIS A 388 7.08 -38.60 33.40
CA HIS A 388 6.57 -37.93 32.22
C HIS A 388 6.93 -36.43 32.23
N ASN A 389 6.87 -35.77 33.41
CA ASN A 389 7.19 -34.34 33.56
C ASN A 389 7.76 -34.04 34.96
N GLU A 390 8.01 -32.74 35.28
CA GLU A 390 8.59 -32.36 36.58
C GLU A 390 7.61 -32.63 37.73
N GLY A 391 8.16 -33.22 38.79
CA GLY A 391 7.39 -33.57 39.97
C GLY A 391 6.80 -34.97 39.88
N ASP A 392 6.58 -35.50 38.64
CA ASP A 392 6.05 -36.85 38.45
C ASP A 392 7.03 -37.88 39.03
N ASP A 393 6.51 -38.73 39.93
CA ASP A 393 7.19 -39.91 40.45
C ASP A 393 6.44 -41.07 39.77
N PRO A 394 6.95 -41.61 38.64
CA PRO A 394 6.19 -42.64 37.89
C PRO A 394 6.02 -43.99 38.62
N SER A 395 6.63 -44.16 39.82
CA SER A 395 6.41 -45.38 40.61
C SER A 395 5.05 -45.30 41.34
N MET A 396 4.35 -44.12 41.30
CA MET A 396 3.00 -43.96 41.92
C MET A 396 1.96 -44.78 41.16
N THR A 397 2.06 -44.74 39.82
CA THR A 397 1.15 -45.41 38.89
C THR A 397 1.77 -46.65 38.24
N GLN A 398 3.11 -46.71 38.12
CA GLN A 398 3.77 -47.87 37.53
C GLN A 398 4.92 -48.34 38.45
N PRO A 399 4.62 -48.84 39.68
CA PRO A 399 5.72 -49.23 40.58
C PRO A 399 6.64 -50.32 40.03
N TYR A 400 6.08 -51.35 39.38
CA TYR A 400 6.83 -52.49 38.83
C TYR A 400 7.80 -52.09 37.72
N MET A 401 7.29 -51.38 36.69
CA MET A 401 8.07 -50.87 35.56
C MET A 401 9.23 -50.02 36.06
N TYR A 402 8.91 -49.07 36.98
CA TYR A 402 9.91 -48.16 37.51
C TYR A 402 10.87 -48.81 38.58
N ASP A 403 10.60 -50.01 39.10
CA ASP A 403 11.59 -50.66 39.97
C ASP A 403 12.65 -51.35 39.07
N VAL A 404 12.20 -51.88 37.91
CA VAL A 404 13.04 -52.50 36.88
C VAL A 404 13.92 -51.41 36.20
N ILE A 405 13.34 -50.26 35.84
CA ILE A 405 14.03 -49.14 35.16
C ILE A 405 15.16 -48.59 36.03
N ASP A 406 14.94 -48.50 37.38
CA ASP A 406 15.94 -48.05 38.36
C ASP A 406 17.20 -48.92 38.37
N THR A 407 17.11 -50.19 37.93
CA THR A 407 18.25 -51.13 37.87
C THR A 407 18.91 -51.09 36.47
N LYS A 408 18.38 -50.28 35.53
CA LYS A 408 18.89 -50.21 34.16
C LYS A 408 20.00 -49.20 33.97
N ARG A 409 21.09 -49.62 33.33
CA ARG A 409 22.17 -48.73 32.93
C ARG A 409 21.79 -48.22 31.55
N GLY A 410 22.33 -47.08 31.12
CA GLY A 410 22.00 -46.52 29.81
C GLY A 410 22.38 -47.40 28.63
N SER A 411 21.80 -47.13 27.45
CA SER A 411 22.07 -47.86 26.20
C SER A 411 23.55 -47.76 25.80
N ARG A 412 24.17 -46.59 26.05
CA ARG A 412 25.57 -46.28 25.73
C ARG A 412 26.51 -47.15 26.58
N LYS A 413 26.26 -47.23 27.92
CA LYS A 413 27.06 -48.04 28.85
C LYS A 413 26.87 -49.54 28.57
N ALA A 414 25.62 -49.96 28.31
CA ALA A 414 25.29 -51.35 27.97
C ALA A 414 26.06 -51.80 26.73
N TYR A 415 26.02 -50.95 25.66
CA TYR A 415 26.67 -51.24 24.38
C TYR A 415 28.21 -51.24 24.53
N THR A 416 28.77 -50.30 25.34
CA THR A 416 30.21 -50.22 25.60
C THR A 416 30.68 -51.51 26.28
N GLU A 417 29.91 -51.97 27.29
CA GLU A 417 30.19 -53.19 28.07
C GLU A 417 29.97 -54.46 27.25
N ALA A 418 28.91 -54.51 26.40
CA ALA A 418 28.63 -55.67 25.53
C ALA A 418 29.82 -55.92 24.57
N LEU A 419 30.35 -54.83 23.95
CA LEU A 419 31.49 -54.81 23.04
C LEU A 419 32.80 -55.31 23.72
N ILE A 420 32.95 -55.09 25.04
CA ILE A 420 34.10 -55.57 25.82
C ILE A 420 33.94 -57.08 26.03
N GLY A 421 32.75 -57.50 26.48
CA GLY A 421 32.40 -58.90 26.68
C GLY A 421 32.52 -59.73 25.41
N ARG A 422 32.12 -59.15 24.26
CA ARG A 422 32.21 -59.78 22.94
C ARG A 422 33.68 -59.81 22.41
N GLY A 423 34.57 -59.06 23.05
CA GLY A 423 35.96 -58.94 22.65
C GLY A 423 36.16 -58.11 21.40
N ASP A 424 35.12 -57.33 21.01
CA ASP A 424 35.12 -56.47 19.84
C ASP A 424 35.96 -55.20 20.08
N ILE A 425 36.05 -54.70 21.33
CA ILE A 425 36.88 -53.54 21.66
C ILE A 425 37.74 -53.83 22.93
N SER A 426 38.89 -53.14 23.09
CA SER A 426 39.75 -53.28 24.27
C SER A 426 39.35 -52.28 25.37
N MET A 427 40.06 -52.29 26.52
CA MET A 427 39.78 -51.37 27.64
C MET A 427 40.15 -49.92 27.24
N LYS A 428 41.25 -49.73 26.48
CA LYS A 428 41.67 -48.41 25.97
C LYS A 428 40.67 -47.85 24.96
N GLU A 429 40.04 -48.72 24.14
CA GLU A 429 39.04 -48.33 23.14
C GLU A 429 37.75 -47.90 23.85
N ALA A 430 37.37 -48.60 24.95
CA ALA A 430 36.20 -48.26 25.75
C ALA A 430 36.48 -46.97 26.55
N GLU A 431 37.74 -46.81 27.07
CA GLU A 431 38.19 -45.59 27.79
C GLU A 431 38.17 -44.39 26.84
N ASP A 432 38.56 -44.58 25.57
CA ASP A 432 38.53 -43.56 24.53
C ASP A 432 37.11 -43.12 24.21
N ALA A 433 36.13 -44.07 24.27
CA ALA A 433 34.71 -43.85 24.03
C ALA A 433 34.08 -43.03 25.16
N LEU A 434 34.55 -43.24 26.40
CA LEU A 434 34.15 -42.50 27.59
C LEU A 434 34.72 -41.08 27.52
N ARG A 435 35.93 -40.93 26.92
CA ARG A 435 36.58 -39.64 26.66
C ARG A 435 35.81 -38.93 25.53
N ASP A 436 35.30 -39.71 24.54
CA ASP A 436 34.50 -39.19 23.43
C ASP A 436 33.17 -38.66 23.98
N TYR A 437 32.54 -39.40 24.94
CA TYR A 437 31.30 -39.00 25.62
C TYR A 437 31.52 -37.70 26.37
N GLN A 438 32.61 -37.65 27.20
CA GLN A 438 33.00 -36.49 28.00
C GLN A 438 33.29 -35.26 27.13
N GLY A 439 34.06 -35.43 26.05
CA GLY A 439 34.36 -34.37 25.09
C GLY A 439 33.09 -33.83 24.45
N GLN A 440 32.15 -34.70 24.09
CA GLN A 440 30.86 -34.29 23.51
C GLN A 440 30.02 -33.54 24.55
N LEU A 441 30.01 -34.02 25.81
CA LEU A 441 29.31 -33.37 26.92
C LEU A 441 29.94 -31.97 27.21
N GLU A 442 31.28 -31.87 27.16
CA GLU A 442 31.98 -30.61 27.38
C GLU A 442 31.67 -29.60 26.27
N ARG A 443 31.76 -30.04 25.00
CA ARG A 443 31.52 -29.22 23.82
C ARG A 443 30.15 -28.50 23.85
N VAL A 444 29.05 -29.21 24.17
CA VAL A 444 27.71 -28.59 24.19
C VAL A 444 27.66 -27.54 25.32
N PHE A 445 28.13 -27.90 26.53
CA PHE A 445 28.22 -26.98 27.68
C PHE A 445 29.05 -25.74 27.34
N ASN A 446 30.18 -25.90 26.60
CA ASN A 446 31.10 -24.83 26.20
C ASN A 446 30.54 -23.93 25.11
N GLU A 447 30.03 -24.53 24.02
CA GLU A 447 29.48 -23.80 22.88
C GLU A 447 28.28 -22.95 23.29
N VAL A 448 27.43 -23.48 24.20
CA VAL A 448 26.24 -22.78 24.72
C VAL A 448 26.72 -21.65 25.68
N ARG A 449 27.81 -21.90 26.45
CA ARG A 449 28.42 -20.91 27.35
C ARG A 449 28.87 -19.68 26.56
N GLU A 450 29.48 -19.88 25.38
CA GLU A 450 29.94 -18.82 24.49
C GLU A 450 28.76 -18.08 23.85
N LEU A 451 27.65 -18.82 23.56
CA LEU A 451 26.41 -18.31 22.98
C LEU A 451 25.71 -17.35 23.97
N GLU A 452 25.67 -17.73 25.27
CA GLU A 452 25.07 -16.94 26.36
C GLU A 452 25.85 -15.63 26.61
N LYS A 453 27.19 -15.65 26.40
CA LYS A 453 28.08 -14.49 26.57
C LYS A 453 27.77 -13.41 25.53
N HIS A 454 27.46 -13.83 24.27
CA HIS A 454 27.14 -12.94 23.15
C HIS A 454 25.65 -12.58 23.11
N LEU A 472 -1.67 -6.63 -8.43
CA LEU A 472 -1.62 -7.31 -9.72
C LEU A 472 -2.99 -7.50 -10.36
N ALA A 473 -3.06 -7.42 -11.70
CA ALA A 473 -4.30 -7.56 -12.47
C ALA A 473 -4.68 -9.04 -12.67
N THR A 474 -5.95 -9.37 -12.46
CA THR A 474 -6.46 -10.74 -12.58
C THR A 474 -7.24 -10.96 -13.90
N ALA A 475 -7.46 -9.90 -14.71
CA ALA A 475 -8.21 -10.00 -15.98
C ALA A 475 -7.40 -10.71 -17.07
N VAL A 476 -8.08 -11.54 -17.87
CA VAL A 476 -7.44 -12.29 -18.97
C VAL A 476 -8.00 -11.79 -20.31
N ASP A 477 -7.38 -12.18 -21.44
CA ASP A 477 -7.91 -11.80 -22.75
C ASP A 477 -9.02 -12.77 -23.15
N LYS A 478 -9.98 -12.32 -24.00
CA LYS A 478 -11.09 -13.15 -24.45
C LYS A 478 -10.58 -14.42 -25.13
N ALA A 479 -9.42 -14.32 -25.86
CA ALA A 479 -8.77 -15.45 -26.51
C ALA A 479 -8.39 -16.53 -25.48
N MET A 480 -8.03 -16.13 -24.23
CA MET A 480 -7.73 -17.08 -23.14
C MET A 480 -8.98 -17.88 -22.77
N LEU A 481 -10.15 -17.19 -22.65
CA LEU A 481 -11.43 -17.84 -22.36
C LEU A 481 -11.80 -18.78 -23.50
N GLN A 482 -11.56 -18.34 -24.75
CA GLN A 482 -11.87 -19.14 -25.94
C GLN A 482 -11.03 -20.44 -25.97
N ARG A 483 -9.74 -20.33 -25.63
CA ARG A 483 -8.80 -21.45 -25.59
C ARG A 483 -9.25 -22.53 -24.57
N ILE A 484 -9.70 -22.11 -23.37
CA ILE A 484 -10.16 -23.00 -22.31
C ILE A 484 -11.49 -23.64 -22.78
N GLY A 485 -12.32 -22.86 -23.46
CA GLY A 485 -13.57 -23.31 -24.06
C GLY A 485 -13.34 -24.39 -25.11
N ASP A 486 -12.45 -24.10 -26.08
CA ASP A 486 -12.08 -25.01 -27.17
C ASP A 486 -11.41 -26.32 -26.66
N ALA A 487 -10.67 -26.24 -25.54
CA ALA A 487 -9.99 -27.39 -24.91
C ALA A 487 -10.98 -28.49 -24.53
N HIS A 488 -12.21 -28.12 -24.12
CA HIS A 488 -13.27 -29.05 -23.73
C HIS A 488 -13.79 -29.89 -24.93
N LEU A 489 -13.45 -29.49 -26.17
CA LEU A 489 -13.83 -30.20 -27.37
C LEU A 489 -12.61 -30.80 -28.09
N ALA A 490 -11.38 -30.46 -27.66
CA ALA A 490 -10.14 -30.98 -28.27
C ALA A 490 -9.86 -32.39 -27.73
N LEU A 491 -10.76 -33.32 -28.05
CA LEU A 491 -10.74 -34.71 -27.60
C LEU A 491 -9.66 -35.56 -28.27
N PRO A 492 -9.04 -36.51 -27.53
CA PRO A 492 -8.03 -37.39 -28.13
C PRO A 492 -8.62 -38.27 -29.22
N GLU A 493 -7.78 -38.73 -30.16
CA GLU A 493 -8.18 -39.59 -31.27
C GLU A 493 -8.90 -40.85 -30.75
N GLY A 494 -10.11 -41.07 -31.28
CA GLY A 494 -10.96 -42.21 -30.93
C GLY A 494 -11.70 -42.15 -29.60
N PHE A 495 -11.62 -41.01 -28.87
CA PHE A 495 -12.27 -40.86 -27.57
C PHE A 495 -13.81 -40.83 -27.71
N THR A 496 -14.52 -41.59 -26.84
CA THR A 496 -15.99 -41.63 -26.81
C THR A 496 -16.49 -40.87 -25.59
N VAL A 497 -17.20 -39.77 -25.81
CA VAL A 497 -17.76 -39.01 -24.69
C VAL A 497 -19.11 -39.62 -24.32
N HIS A 498 -19.38 -39.69 -22.99
CA HIS A 498 -20.67 -40.12 -22.46
C HIS A 498 -21.72 -39.11 -22.97
N PRO A 499 -22.86 -39.59 -23.55
CA PRO A 499 -23.86 -38.68 -24.12
C PRO A 499 -24.32 -37.52 -23.21
N ARG A 500 -24.23 -37.69 -21.88
CA ARG A 500 -24.64 -36.66 -20.92
C ARG A 500 -23.52 -35.67 -20.60
N VAL A 501 -22.26 -35.97 -20.99
CA VAL A 501 -21.15 -35.05 -20.72
C VAL A 501 -20.90 -34.14 -21.97
N ARG A 502 -21.14 -34.69 -23.20
CA ARG A 502 -21.07 -33.96 -24.47
C ARG A 502 -21.72 -32.54 -24.39
N PRO A 503 -22.99 -32.36 -23.91
CA PRO A 503 -23.59 -31.02 -23.87
C PRO A 503 -22.84 -30.03 -22.98
N VAL A 504 -22.23 -30.52 -21.86
CA VAL A 504 -21.47 -29.70 -20.91
C VAL A 504 -20.24 -29.14 -21.63
N LEU A 505 -19.54 -29.98 -22.43
CA LEU A 505 -18.37 -29.61 -23.21
C LEU A 505 -18.72 -28.53 -24.24
N GLU A 506 -19.79 -28.77 -25.04
CA GLU A 506 -20.26 -27.85 -26.08
C GLU A 506 -20.75 -26.53 -25.50
N LYS A 507 -21.43 -26.57 -24.32
CA LYS A 507 -21.91 -25.34 -23.64
C LYS A 507 -20.73 -24.50 -23.16
N ARG A 508 -19.61 -25.15 -22.82
CA ARG A 508 -18.42 -24.44 -22.35
C ARG A 508 -17.76 -23.68 -23.49
N ARG A 509 -17.74 -24.28 -24.71
CA ARG A 509 -17.24 -23.59 -25.89
C ARG A 509 -18.16 -22.39 -26.20
N GLU A 510 -19.48 -22.55 -26.02
CA GLU A 510 -20.50 -21.53 -26.21
C GLU A 510 -20.31 -20.39 -25.21
N MET A 511 -20.20 -20.71 -23.90
CA MET A 511 -20.02 -19.73 -22.81
C MET A 511 -18.75 -18.91 -23.02
N ALA A 512 -17.64 -19.59 -23.45
CA ALA A 512 -16.35 -18.96 -23.71
C ALA A 512 -16.42 -17.89 -24.81
N TYR A 513 -17.30 -18.07 -25.81
CA TYR A 513 -17.41 -17.14 -26.94
C TYR A 513 -18.58 -16.17 -26.82
N GLU A 514 -19.68 -16.58 -26.16
CA GLU A 514 -20.91 -15.78 -26.11
C GLU A 514 -21.34 -15.26 -24.72
N GLY A 515 -20.64 -15.66 -23.66
CA GLY A 515 -20.98 -15.20 -22.32
C GLY A 515 -21.95 -16.10 -21.58
N ARG A 516 -22.60 -15.53 -20.53
CA ARG A 516 -23.52 -16.21 -19.61
C ARG A 516 -22.76 -17.39 -18.94
N ILE A 517 -21.48 -17.13 -18.58
CA ILE A 517 -20.58 -18.10 -17.97
C ILE A 517 -21.07 -18.45 -16.55
N ASP A 518 -21.28 -19.75 -16.29
CA ASP A 518 -21.75 -20.26 -15.01
C ASP A 518 -20.57 -20.45 -14.06
N TRP A 519 -20.86 -20.68 -12.77
CA TRP A 519 -19.88 -20.85 -11.69
C TRP A 519 -18.85 -21.94 -12.01
N ALA A 520 -19.32 -23.12 -12.38
CA ALA A 520 -18.45 -24.28 -12.63
C ALA A 520 -17.42 -24.02 -13.71
N PHE A 521 -17.81 -23.35 -14.81
CA PHE A 521 -16.89 -23.04 -15.89
C PHE A 521 -15.91 -21.93 -15.46
N ALA A 522 -16.40 -20.90 -14.74
CA ALA A 522 -15.59 -19.78 -14.20
C ALA A 522 -14.39 -20.30 -13.35
N GLU A 523 -14.63 -21.32 -12.51
CA GLU A 523 -13.62 -21.99 -11.71
C GLU A 523 -12.55 -22.58 -12.63
N LEU A 524 -12.97 -23.31 -13.69
CA LEU A 524 -12.05 -23.94 -14.64
C LEU A 524 -11.35 -22.88 -15.51
N LEU A 525 -11.98 -21.72 -15.74
CA LEU A 525 -11.36 -20.60 -16.46
C LEU A 525 -10.24 -20.03 -15.62
N ALA A 526 -10.46 -19.90 -14.28
CA ALA A 526 -9.47 -19.40 -13.33
C ALA A 526 -8.29 -20.36 -13.21
N LEU A 527 -8.56 -21.66 -13.08
CA LEU A 527 -7.54 -22.70 -12.94
C LEU A 527 -6.79 -22.90 -14.27
N GLY A 528 -7.52 -22.95 -15.38
CA GLY A 528 -6.95 -23.11 -16.72
C GLY A 528 -6.00 -22.00 -17.13
N SER A 529 -6.40 -20.74 -16.85
CA SER A 529 -5.58 -19.56 -17.16
C SER A 529 -4.31 -19.52 -16.31
N LEU A 530 -4.36 -20.02 -15.06
CA LEU A 530 -3.17 -20.12 -14.19
C LEU A 530 -2.18 -21.15 -14.74
N ILE A 531 -2.67 -22.32 -15.22
CA ILE A 531 -1.87 -23.40 -15.85
C ILE A 531 -1.21 -22.85 -17.14
N ALA A 532 -1.96 -22.02 -17.92
CA ALA A 532 -1.49 -21.38 -19.16
C ALA A 532 -0.35 -20.40 -18.86
N GLU A 533 -0.40 -19.75 -17.68
CA GLU A 533 0.62 -18.82 -17.20
C GLU A 533 1.82 -19.54 -16.52
N GLY A 534 1.75 -20.87 -16.42
CA GLY A 534 2.85 -21.68 -15.87
C GLY A 534 2.70 -22.20 -14.46
N LYS A 535 1.52 -22.02 -13.83
CA LYS A 535 1.31 -22.46 -12.46
C LYS A 535 0.90 -23.92 -12.35
N LEU A 536 1.41 -24.61 -11.31
CA LEU A 536 1.00 -25.96 -10.97
C LEU A 536 -0.29 -25.80 -10.16
N VAL A 537 -1.35 -26.52 -10.59
CA VAL A 537 -2.65 -26.50 -9.92
C VAL A 537 -2.98 -27.90 -9.43
N ARG A 538 -3.11 -28.06 -8.10
CA ARG A 538 -3.53 -29.31 -7.47
C ARG A 538 -4.92 -29.12 -6.89
N LEU A 539 -5.90 -29.89 -7.40
CA LEU A 539 -7.29 -29.85 -6.97
C LEU A 539 -7.75 -31.26 -6.59
N SER A 540 -8.32 -31.42 -5.39
CA SER A 540 -8.74 -32.73 -4.90
C SER A 540 -9.85 -32.60 -3.85
N GLY A 541 -10.45 -33.71 -3.54
CA GLY A 541 -11.57 -33.81 -2.60
C GLY A 541 -12.48 -34.93 -3.03
N GLN A 542 -13.54 -35.18 -2.23
CA GLN A 542 -14.45 -36.27 -2.52
C GLN A 542 -15.23 -36.02 -3.82
N ASP A 543 -15.00 -36.91 -4.81
CA ASP A 543 -15.64 -36.90 -6.15
C ASP A 543 -15.40 -35.57 -6.90
N THR A 544 -14.25 -34.93 -6.65
CA THR A 544 -13.87 -33.63 -7.20
C THR A 544 -13.66 -33.67 -8.73
N GLN A 545 -13.28 -34.82 -9.31
CA GLN A 545 -13.08 -34.92 -10.76
C GLN A 545 -14.37 -34.58 -11.52
N ARG A 546 -15.48 -35.20 -11.13
CA ARG A 546 -16.77 -34.96 -11.75
C ARG A 546 -17.48 -33.78 -11.09
N GLY A 547 -17.39 -33.72 -9.77
CA GLY A 547 -18.07 -32.73 -8.95
C GLY A 547 -19.25 -33.41 -8.27
N THR A 548 -19.43 -33.12 -6.98
CA THR A 548 -20.52 -33.63 -6.15
C THR A 548 -21.88 -33.30 -6.79
N PHE A 549 -21.98 -32.09 -7.41
CA PHE A 549 -23.22 -31.61 -8.00
C PHE A 549 -23.21 -31.75 -9.50
N THR A 550 -22.36 -32.68 -10.02
CA THR A 550 -22.22 -33.07 -11.45
C THR A 550 -21.94 -31.85 -12.31
N GLN A 551 -21.21 -30.87 -11.75
CA GLN A 551 -20.97 -29.61 -12.43
C GLN A 551 -19.55 -29.44 -12.99
N ARG A 552 -18.55 -30.11 -12.41
CA ARG A 552 -17.15 -29.84 -12.77
C ARG A 552 -16.70 -30.51 -14.07
N HIS A 553 -16.62 -31.84 -14.12
CA HIS A 553 -16.12 -32.61 -15.27
C HIS A 553 -14.70 -32.11 -15.64
N ALA A 554 -13.79 -32.05 -14.60
CA ALA A 554 -12.38 -31.69 -14.75
C ALA A 554 -11.66 -32.85 -15.44
N VAL A 555 -12.20 -34.07 -15.22
CA VAL A 555 -11.76 -35.31 -15.85
C VAL A 555 -13.01 -35.94 -16.51
N ILE A 556 -12.90 -36.36 -17.76
CA ILE A 556 -14.03 -37.01 -18.44
C ILE A 556 -13.58 -38.44 -18.76
N VAL A 557 -14.53 -39.38 -18.72
CA VAL A 557 -14.24 -40.80 -18.82
C VAL A 557 -14.83 -41.37 -20.12
N ASP A 558 -13.96 -42.05 -20.91
CA ASP A 558 -14.31 -42.71 -22.17
C ASP A 558 -15.39 -43.76 -21.89
N ARG A 559 -16.56 -43.58 -22.53
CA ARG A 559 -17.74 -44.41 -22.41
C ARG A 559 -17.47 -45.90 -22.68
N LYS A 560 -16.49 -46.23 -23.54
CA LYS A 560 -16.14 -47.61 -23.91
C LYS A 560 -14.88 -48.15 -23.18
N THR A 561 -13.84 -47.32 -22.97
CA THR A 561 -12.58 -47.83 -22.42
C THR A 561 -12.31 -47.46 -20.95
N GLY A 562 -12.92 -46.37 -20.49
CA GLY A 562 -12.69 -45.90 -19.13
C GLY A 562 -11.47 -44.99 -19.05
N GLU A 563 -10.84 -44.69 -20.20
CA GLU A 563 -9.66 -43.82 -20.26
C GLU A 563 -10.05 -42.41 -19.87
N GLU A 564 -9.30 -41.82 -18.94
CA GLU A 564 -9.54 -40.47 -18.44
C GLU A 564 -8.91 -39.43 -19.39
N PHE A 565 -9.62 -38.31 -19.59
CA PHE A 565 -9.17 -37.16 -20.38
C PHE A 565 -9.37 -35.92 -19.53
N THR A 566 -8.31 -35.08 -19.42
CA THR A 566 -8.32 -33.86 -18.62
C THR A 566 -8.20 -32.66 -19.56
N PRO A 567 -9.33 -32.02 -19.94
CA PRO A 567 -9.26 -30.86 -20.85
C PRO A 567 -8.29 -29.74 -20.42
N LEU A 568 -8.25 -29.34 -19.12
CA LEU A 568 -7.38 -28.25 -18.67
C LEU A 568 -5.87 -28.55 -18.84
N GLN A 569 -5.48 -29.84 -18.92
CA GLN A 569 -4.09 -30.23 -19.10
C GLN A 569 -3.55 -29.80 -20.49
N LEU A 570 -4.43 -29.50 -21.46
CA LEU A 570 -4.03 -29.02 -22.79
C LEU A 570 -3.43 -27.61 -22.69
N LEU A 571 -3.75 -26.88 -21.61
CA LEU A 571 -3.28 -25.51 -21.40
C LEU A 571 -1.86 -25.46 -20.84
N ALA A 572 -1.29 -26.64 -20.48
CA ALA A 572 0.10 -26.77 -20.01
C ALA A 572 1.08 -26.68 -21.20
N THR A 573 0.54 -26.65 -22.43
CA THR A 573 1.29 -26.51 -23.69
C THR A 573 0.82 -25.24 -24.40
N ASN A 574 1.79 -24.39 -24.81
CA ASN A 574 1.55 -23.14 -25.52
C ASN A 574 1.09 -23.42 -26.98
N PRO A 575 0.37 -22.47 -27.64
CA PRO A 575 -0.06 -22.72 -29.04
C PRO A 575 1.05 -23.12 -30.01
N ASP A 576 2.30 -22.68 -29.75
CA ASP A 576 3.49 -23.02 -30.55
C ASP A 576 4.00 -24.46 -30.29
N GLY A 577 3.57 -25.07 -29.18
CA GLY A 577 3.94 -26.42 -28.80
C GLY A 577 4.88 -26.55 -27.62
N THR A 578 5.39 -25.43 -27.10
CA THR A 578 6.32 -25.45 -25.97
C THR A 578 5.56 -25.58 -24.65
N PRO A 579 6.13 -26.19 -23.60
CA PRO A 579 5.41 -26.25 -22.31
C PRO A 579 5.33 -24.87 -21.65
N THR A 580 4.25 -24.62 -20.90
CA THR A 580 4.08 -23.37 -20.16
C THR A 580 4.81 -23.46 -18.82
N GLY A 581 5.06 -24.69 -18.37
CA GLY A 581 5.64 -24.99 -17.07
C GLY A 581 4.57 -25.38 -16.07
N GLY A 582 3.30 -25.14 -16.44
CA GLY A 582 2.13 -25.45 -15.62
C GLY A 582 1.67 -26.87 -15.74
N LYS A 583 0.75 -27.28 -14.86
CA LYS A 583 0.23 -28.64 -14.79
C LYS A 583 -1.07 -28.66 -14.01
N PHE A 584 -1.97 -29.61 -14.35
CA PHE A 584 -3.24 -29.78 -13.65
C PHE A 584 -3.26 -31.16 -13.04
N LEU A 585 -3.26 -31.20 -11.69
CA LEU A 585 -3.30 -32.41 -10.91
C LEU A 585 -4.63 -32.46 -10.21
N VAL A 586 -5.54 -33.30 -10.70
CA VAL A 586 -6.87 -33.38 -10.14
C VAL A 586 -7.18 -34.84 -9.74
N TYR A 587 -7.59 -35.01 -8.47
CA TYR A 587 -7.85 -36.33 -7.92
C TYR A 587 -9.13 -36.39 -7.14
N ASN A 588 -9.70 -37.60 -7.09
CA ASN A 588 -10.76 -37.97 -6.19
C ASN A 588 -10.04 -38.39 -4.90
N SER A 589 -10.44 -37.86 -3.76
CA SER A 589 -9.80 -38.22 -2.49
C SER A 589 -10.45 -39.49 -1.90
N ALA A 590 -9.79 -40.05 -0.87
CA ALA A 590 -10.32 -41.14 -0.08
C ALA A 590 -11.46 -40.52 0.75
N LEU A 591 -12.28 -41.33 1.42
CA LEU A 591 -13.34 -40.76 2.25
C LEU A 591 -12.73 -40.35 3.62
N SER A 592 -11.88 -39.31 3.57
CA SER A 592 -11.18 -38.72 4.71
C SER A 592 -11.25 -37.23 4.65
N GLU A 593 -11.31 -36.57 5.81
CA GLU A 593 -11.28 -35.13 5.90
C GLU A 593 -9.99 -34.74 6.56
N PHE A 594 -9.72 -35.30 7.75
CA PHE A 594 -8.54 -35.02 8.58
C PHE A 594 -7.24 -35.24 7.76
N ALA A 595 -7.03 -36.44 7.18
CA ALA A 595 -5.82 -36.73 6.40
C ALA A 595 -5.78 -35.97 5.08
N ALA A 596 -6.91 -35.88 4.33
CA ALA A 596 -6.95 -35.15 3.06
C ALA A 596 -6.64 -33.64 3.23
N VAL A 597 -7.27 -32.96 4.21
CA VAL A 597 -7.02 -31.52 4.49
C VAL A 597 -5.57 -31.35 4.98
N GLY A 598 -5.13 -32.26 5.86
CA GLY A 598 -3.76 -32.29 6.36
C GLY A 598 -2.76 -32.36 5.21
N PHE A 599 -3.04 -33.26 4.24
CA PHE A 599 -2.22 -33.50 3.05
C PHE A 599 -2.10 -32.25 2.18
N GLU A 600 -3.24 -31.63 1.86
CA GLU A 600 -3.34 -30.44 1.03
C GLU A 600 -2.64 -29.26 1.68
N TYR A 601 -2.81 -29.08 3.01
CA TYR A 601 -2.09 -28.04 3.74
C TYR A 601 -0.57 -28.29 3.58
N GLY A 602 -0.15 -29.53 3.82
CA GLY A 602 1.24 -29.95 3.70
C GLY A 602 1.80 -29.73 2.30
N TYR A 603 0.99 -30.04 1.26
CA TYR A 603 1.35 -29.86 -0.15
C TYR A 603 1.65 -28.36 -0.46
N SER A 604 0.81 -27.42 0.04
CA SER A 604 1.04 -25.99 -0.16
C SER A 604 2.34 -25.51 0.57
N VAL A 605 2.71 -26.14 1.70
CA VAL A 605 3.95 -25.83 2.43
C VAL A 605 5.16 -26.34 1.60
N GLY A 606 5.03 -27.57 1.07
CA GLY A 606 6.07 -28.20 0.26
C GLY A 606 6.38 -27.48 -1.03
N ASN A 607 5.34 -26.87 -1.66
CA ASN A 607 5.45 -26.10 -2.90
C ASN A 607 4.63 -24.80 -2.76
N PRO A 608 5.30 -23.72 -2.31
CA PRO A 608 4.59 -22.44 -2.13
C PRO A 608 4.10 -21.81 -3.43
N ASP A 609 4.63 -22.27 -4.59
CA ASP A 609 4.30 -21.74 -5.92
C ASP A 609 3.13 -22.48 -6.56
N ALA A 610 2.66 -23.55 -5.90
CA ALA A 610 1.53 -24.32 -6.40
C ALA A 610 0.21 -23.73 -5.92
N MET A 611 -0.83 -23.87 -6.75
CA MET A 611 -2.22 -23.50 -6.44
C MET A 611 -2.83 -24.79 -5.91
N VAL A 612 -3.09 -24.87 -4.60
CA VAL A 612 -3.59 -26.09 -3.93
C VAL A 612 -4.99 -25.87 -3.40
N LEU A 613 -5.95 -26.67 -3.91
CA LEU A 613 -7.34 -26.56 -3.50
C LEU A 613 -7.88 -27.89 -3.00
N TRP A 614 -8.52 -27.87 -1.84
CA TRP A 614 -9.20 -29.02 -1.27
C TRP A 614 -10.65 -28.69 -1.23
N GLU A 615 -11.48 -29.62 -1.73
CA GLU A 615 -12.90 -29.39 -1.77
C GLU A 615 -13.65 -30.36 -0.88
N ALA A 616 -14.46 -29.83 0.06
CA ALA A 616 -15.34 -30.63 0.91
C ALA A 616 -16.51 -31.10 0.07
N GLN A 617 -17.06 -32.29 0.35
CA GLN A 617 -18.24 -32.80 -0.38
C GLN A 617 -19.37 -31.78 -0.16
N PHE A 618 -19.55 -31.41 1.11
CA PHE A 618 -20.42 -30.38 1.66
C PHE A 618 -19.59 -29.75 2.73
N GLY A 619 -19.69 -28.42 2.94
CA GLY A 619 -18.89 -27.78 3.98
C GLY A 619 -19.04 -28.40 5.37
N ASP A 620 -20.22 -28.99 5.63
CA ASP A 620 -20.62 -29.60 6.89
C ASP A 620 -19.66 -30.71 7.42
N PHE A 621 -18.89 -31.34 6.51
CA PHE A 621 -18.00 -32.45 6.89
C PHE A 621 -16.58 -32.00 7.16
N VAL A 622 -16.28 -30.69 6.99
CA VAL A 622 -14.93 -30.16 7.25
C VAL A 622 -14.60 -30.21 8.77
N ASN A 623 -15.61 -30.28 9.66
CA ASN A 623 -15.37 -30.41 11.12
C ASN A 623 -14.61 -31.73 11.45
N GLY A 624 -14.61 -32.70 10.52
CA GLY A 624 -13.81 -33.92 10.64
C GLY A 624 -12.32 -33.63 10.55
N ALA A 625 -11.96 -32.44 10.03
CA ALA A 625 -10.57 -31.98 9.88
C ALA A 625 -10.30 -30.77 10.78
N GLN A 626 -11.08 -30.61 11.86
CA GLN A 626 -10.96 -29.47 12.79
C GLN A 626 -9.55 -29.30 13.36
N SER A 627 -8.86 -30.39 13.74
CA SER A 627 -7.50 -30.31 14.27
C SER A 627 -6.57 -29.64 13.25
N ILE A 628 -6.71 -29.92 11.95
CA ILE A 628 -5.85 -29.34 10.91
C ILE A 628 -6.17 -27.85 10.79
N ILE A 629 -7.48 -27.50 10.75
CA ILE A 629 -7.92 -26.11 10.66
C ILE A 629 -7.37 -25.30 11.86
N ASP A 630 -7.61 -25.79 13.08
CA ASP A 630 -7.18 -25.12 14.32
C ASP A 630 -5.66 -25.07 14.50
N GLU A 631 -4.95 -26.21 14.26
CA GLU A 631 -3.54 -26.31 14.56
C GLU A 631 -2.59 -25.96 13.43
N PHE A 632 -3.02 -26.01 12.17
CA PHE A 632 -2.10 -25.72 11.09
C PHE A 632 -2.54 -24.56 10.23
N ILE A 633 -3.70 -24.67 9.60
CA ILE A 633 -4.21 -23.68 8.63
C ILE A 633 -4.36 -22.27 9.22
N SER A 634 -5.19 -22.14 10.26
CA SER A 634 -5.49 -20.85 10.85
C SER A 634 -4.36 -20.22 11.66
N SER A 635 -3.43 -21.02 12.15
CA SER A 635 -2.44 -20.53 13.14
C SER A 635 -0.96 -20.86 12.92
N GLY A 636 -0.62 -21.65 11.90
CA GLY A 636 0.77 -22.04 11.66
C GLY A 636 1.73 -20.87 11.43
N GLU A 637 1.25 -19.82 10.75
CA GLU A 637 2.05 -18.64 10.44
C GLU A 637 2.48 -17.89 11.71
N ALA A 638 1.53 -17.53 12.59
CA ALA A 638 1.81 -16.84 13.83
C ALA A 638 2.61 -17.68 14.79
N LYS A 639 2.39 -18.99 14.82
CA LYS A 639 3.08 -19.84 15.79
C LYS A 639 4.48 -20.26 15.35
N TRP A 640 4.67 -20.58 14.05
CA TRP A 640 5.93 -21.13 13.60
C TRP A 640 6.62 -20.38 12.45
N GLY A 641 5.98 -19.36 11.91
CA GLY A 641 6.50 -18.68 10.74
C GLY A 641 6.29 -19.51 9.48
N GLN A 642 5.52 -20.63 9.61
CA GLN A 642 5.21 -21.55 8.51
C GLN A 642 4.03 -21.02 7.72
N LEU A 643 4.21 -20.87 6.41
CA LEU A 643 3.21 -20.27 5.54
C LEU A 643 2.51 -21.28 4.62
N SER A 644 1.21 -21.08 4.41
CA SER A 644 0.41 -21.92 3.53
C SER A 644 -0.54 -21.08 2.71
N ASP A 645 -0.64 -21.38 1.40
CA ASP A 645 -1.57 -20.76 0.46
C ASP A 645 -2.67 -21.76 0.12
N VAL A 646 -2.97 -22.69 1.03
CA VAL A 646 -4.01 -23.71 0.79
C VAL A 646 -5.39 -23.07 0.66
N VAL A 647 -6.21 -23.59 -0.27
CA VAL A 647 -7.58 -23.16 -0.49
C VAL A 647 -8.51 -24.25 -0.02
N LEU A 648 -9.52 -23.90 0.80
CA LEU A 648 -10.58 -24.81 1.20
C LEU A 648 -11.89 -24.36 0.54
N LEU A 649 -12.48 -25.22 -0.29
CA LEU A 649 -13.76 -24.96 -0.97
C LEU A 649 -14.85 -25.69 -0.20
N LEU A 650 -15.77 -24.93 0.42
CA LEU A 650 -16.78 -25.51 1.28
C LEU A 650 -18.22 -25.26 0.77
N PRO A 651 -18.85 -26.26 0.09
CA PRO A 651 -20.23 -26.04 -0.40
C PRO A 651 -21.13 -25.73 0.79
N HIS A 652 -21.80 -24.55 0.69
CA HIS A 652 -22.57 -23.96 1.76
C HIS A 652 -23.85 -23.34 1.21
N GLY A 653 -24.94 -23.41 2.00
CA GLY A 653 -26.23 -22.84 1.63
C GLY A 653 -27.45 -23.55 2.16
N HIS A 654 -28.42 -22.78 2.69
CA HIS A 654 -29.69 -23.32 3.20
C HIS A 654 -30.60 -23.65 2.04
N GLU A 655 -30.87 -24.95 1.81
CA GLU A 655 -31.72 -25.42 0.70
C GLU A 655 -32.70 -26.50 1.14
N GLY A 656 -32.79 -26.75 2.46
CA GLY A 656 -33.69 -27.76 3.01
C GLY A 656 -33.17 -29.19 3.02
N GLN A 657 -31.86 -29.37 2.89
CA GLN A 657 -31.26 -30.70 2.87
C GLN A 657 -30.74 -31.16 4.24
N GLY A 658 -31.11 -30.45 5.30
CA GLY A 658 -30.76 -30.87 6.66
C GLY A 658 -29.52 -30.26 7.28
N PRO A 659 -29.29 -30.52 8.60
CA PRO A 659 -28.17 -29.87 9.30
C PRO A 659 -26.76 -30.37 8.93
N ASP A 660 -26.65 -31.39 8.07
CA ASP A 660 -25.35 -31.92 7.62
C ASP A 660 -25.13 -31.71 6.13
N HIS A 661 -26.01 -30.95 5.48
CA HIS A 661 -25.93 -30.59 4.05
C HIS A 661 -26.36 -29.13 3.88
N THR A 662 -25.98 -28.27 4.82
CA THR A 662 -26.36 -26.88 4.80
C THR A 662 -25.20 -25.91 5.11
N SER A 663 -24.36 -26.20 6.14
CA SER A 663 -23.39 -25.22 6.58
C SER A 663 -21.94 -25.68 6.65
N GLY A 664 -21.03 -24.80 6.20
CA GLY A 664 -19.59 -25.01 6.31
C GLY A 664 -19.06 -24.26 7.54
N ARG A 665 -19.98 -23.80 8.40
CA ARG A 665 -19.82 -23.07 9.65
C ARG A 665 -18.94 -21.82 9.47
N ILE A 666 -19.47 -20.80 8.77
CA ILE A 666 -18.81 -19.49 8.53
C ILE A 666 -18.31 -18.88 9.85
N GLU A 667 -19.22 -18.84 10.85
CA GLU A 667 -19.03 -18.30 12.21
C GLU A 667 -17.75 -18.85 12.89
N ARG A 668 -17.42 -20.12 12.68
CA ARG A 668 -16.24 -20.75 13.28
C ARG A 668 -14.96 -20.28 12.59
N PHE A 669 -14.98 -20.17 11.24
CA PHE A 669 -13.81 -19.67 10.51
C PHE A 669 -13.58 -18.19 10.83
N LEU A 670 -14.69 -17.41 10.99
CA LEU A 670 -14.61 -15.98 11.34
C LEU A 670 -14.07 -15.80 12.76
N GLN A 671 -14.38 -16.74 13.66
CA GLN A 671 -13.93 -16.74 15.04
C GLN A 671 -12.43 -17.05 15.10
N LEU A 672 -11.95 -17.93 14.20
CA LEU A 672 -10.52 -18.32 14.14
C LEU A 672 -9.63 -17.23 13.56
N TRP A 673 -10.21 -16.40 12.67
CA TRP A 673 -9.53 -15.32 11.98
C TRP A 673 -8.97 -14.25 12.93
N ALA A 674 -7.76 -13.79 12.59
CA ALA A 674 -7.02 -12.68 13.16
C ALA A 674 -6.23 -12.03 12.05
N GLU A 675 -6.09 -10.69 12.07
CA GLU A 675 -5.46 -9.87 11.02
C GLU A 675 -4.29 -10.60 10.34
N GLY A 676 -4.47 -10.82 9.03
CA GLY A 676 -3.53 -11.44 8.11
C GLY A 676 -3.30 -12.93 8.28
N SER A 677 -4.27 -13.67 8.83
CA SER A 677 -4.02 -15.11 8.99
C SER A 677 -4.65 -15.87 7.85
N MET A 678 -5.89 -15.50 7.47
CA MET A 678 -6.65 -16.16 6.39
C MET A 678 -7.49 -15.16 5.61
N THR A 679 -7.93 -15.53 4.40
CA THR A 679 -8.89 -14.78 3.60
C THR A 679 -10.16 -15.63 3.61
N ILE A 680 -11.31 -15.04 3.94
CA ILE A 680 -12.59 -15.76 4.00
C ILE A 680 -13.56 -15.07 3.05
N ALA A 681 -14.09 -15.83 2.07
CA ALA A 681 -14.99 -15.25 1.08
C ALA A 681 -16.21 -16.13 0.79
N MET A 682 -17.30 -15.48 0.35
CA MET A 682 -18.53 -16.13 -0.07
C MET A 682 -19.01 -15.41 -1.35
N PRO A 683 -18.39 -15.71 -2.52
CA PRO A 683 -18.76 -15.00 -3.74
C PRO A 683 -20.18 -15.34 -4.19
N SER A 684 -20.84 -14.38 -4.87
CA SER A 684 -22.21 -14.51 -5.36
C SER A 684 -22.25 -14.62 -6.88
N THR A 685 -21.14 -14.31 -7.57
CA THR A 685 -21.13 -14.38 -9.02
C THR A 685 -19.96 -15.25 -9.53
N PRO A 686 -20.08 -15.92 -10.70
CA PRO A 686 -18.95 -16.69 -11.26
C PRO A 686 -17.67 -15.87 -11.51
N ALA A 687 -17.82 -14.66 -12.09
CA ALA A 687 -16.67 -13.78 -12.39
C ALA A 687 -15.92 -13.36 -11.12
N ASN A 688 -16.66 -13.05 -10.03
CA ASN A 688 -16.02 -12.65 -8.79
C ASN A 688 -15.24 -13.82 -8.17
N TYR A 689 -15.75 -15.08 -8.33
CA TYR A 689 -15.05 -16.29 -7.87
C TYR A 689 -13.76 -16.49 -8.69
N PHE A 690 -13.86 -16.32 -10.03
CA PHE A 690 -12.75 -16.41 -10.98
C PHE A 690 -11.61 -15.45 -10.56
N HIS A 691 -11.95 -14.19 -10.28
CA HIS A 691 -10.98 -13.16 -9.89
C HIS A 691 -10.42 -13.42 -8.49
N LEU A 692 -11.22 -14.01 -7.58
CA LEU A 692 -10.79 -14.39 -6.23
C LEU A 692 -9.67 -15.47 -6.31
N LEU A 693 -9.86 -16.51 -7.16
CA LEU A 693 -8.89 -17.60 -7.34
C LEU A 693 -7.63 -17.09 -8.03
N ARG A 694 -7.78 -16.24 -9.06
CA ARG A 694 -6.63 -15.67 -9.77
C ARG A 694 -5.84 -14.74 -8.86
N ARG A 695 -6.51 -13.88 -8.04
CA ARG A 695 -5.81 -12.99 -7.10
C ARG A 695 -5.02 -13.84 -6.11
N HIS A 696 -5.64 -14.91 -5.57
CA HIS A 696 -5.03 -15.81 -4.60
C HIS A 696 -3.78 -16.50 -5.17
N GLY A 697 -3.82 -16.91 -6.43
CA GLY A 697 -2.70 -17.57 -7.07
C GLY A 697 -1.59 -16.66 -7.54
N LYS A 698 -1.89 -15.37 -7.74
CA LYS A 698 -0.92 -14.44 -8.29
C LYS A 698 -0.44 -13.32 -7.33
N ASP A 699 -1.01 -13.20 -6.10
CA ASP A 699 -0.71 -12.11 -5.17
C ASP A 699 0.69 -12.18 -4.47
N GLY A 700 1.43 -13.27 -4.69
CA GLY A 700 2.76 -13.48 -4.09
C GLY A 700 2.78 -13.55 -2.58
N ILE A 701 1.61 -13.81 -1.97
CA ILE A 701 1.36 -13.88 -0.53
C ILE A 701 0.87 -15.28 -0.18
N GLN A 702 1.43 -15.88 0.89
CA GLN A 702 1.06 -17.22 1.31
C GLN A 702 0.08 -17.13 2.47
N ARG A 703 -1.22 -17.15 2.13
CA ARG A 703 -2.29 -17.07 3.11
C ARG A 703 -3.43 -18.04 2.75
N PRO A 704 -3.91 -18.85 3.70
CA PRO A 704 -5.03 -19.74 3.37
C PRO A 704 -6.27 -18.97 2.96
N LEU A 705 -7.00 -19.50 1.97
CA LEU A 705 -8.23 -18.94 1.45
C LEU A 705 -9.36 -19.91 1.76
N ILE A 706 -10.41 -19.42 2.45
CA ILE A 706 -11.59 -20.21 2.81
C ILE A 706 -12.74 -19.68 1.95
N VAL A 707 -13.28 -20.53 1.05
CA VAL A 707 -14.36 -20.14 0.15
C VAL A 707 -15.62 -20.94 0.45
N PHE A 708 -16.73 -20.25 0.74
CA PHE A 708 -18.05 -20.85 0.92
C PHE A 708 -18.65 -20.84 -0.49
N THR A 709 -18.78 -22.04 -1.08
CA THR A 709 -19.15 -22.24 -2.46
C THR A 709 -20.62 -22.70 -2.62
N PRO A 710 -21.22 -22.53 -3.82
CA PRO A 710 -22.65 -22.84 -3.97
C PRO A 710 -22.96 -24.29 -4.28
N LYS A 711 -24.27 -24.61 -4.24
CA LYS A 711 -24.85 -25.91 -4.56
C LYS A 711 -25.95 -25.69 -5.61
N SER A 712 -27.15 -25.24 -5.25
CA SER A 712 -28.20 -24.96 -6.27
C SER A 712 -27.85 -23.69 -7.11
N MET A 713 -27.16 -22.71 -6.51
CA MET A 713 -26.73 -21.48 -7.20
C MET A 713 -25.79 -21.76 -8.40
N LEU A 714 -25.22 -22.98 -8.50
CA LEU A 714 -24.42 -23.42 -9.65
C LEU A 714 -25.27 -23.39 -10.92
N ARG A 715 -26.59 -23.63 -10.77
CA ARG A 715 -27.54 -23.71 -11.87
C ARG A 715 -28.58 -22.57 -11.91
N ASN A 716 -28.46 -21.59 -11.01
CA ASN A 716 -29.32 -20.40 -11.02
C ASN A 716 -28.93 -19.59 -12.25
N LYS A 717 -29.89 -19.37 -13.16
CA LYS A 717 -29.69 -18.68 -14.43
C LYS A 717 -29.40 -17.18 -14.24
N ALA A 718 -29.72 -16.61 -13.07
CA ALA A 718 -29.41 -15.21 -12.74
C ALA A 718 -27.94 -15.11 -12.29
N ALA A 719 -27.36 -16.21 -11.75
CA ALA A 719 -25.97 -16.28 -11.27
C ALA A 719 -25.00 -16.70 -12.40
N VAL A 720 -24.97 -15.89 -13.47
CA VAL A 720 -24.09 -16.04 -14.64
C VAL A 720 -23.37 -14.71 -14.89
N SER A 721 -22.20 -14.77 -15.54
CA SER A 721 -21.37 -13.60 -15.79
C SER A 721 -21.05 -13.38 -17.27
N ASP A 722 -20.87 -12.10 -17.65
CA ASP A 722 -20.51 -11.67 -19.01
C ASP A 722 -19.00 -11.78 -19.24
N ILE A 723 -18.57 -11.89 -20.51
CA ILE A 723 -17.16 -11.97 -20.93
C ILE A 723 -16.37 -10.79 -20.30
N ARG A 724 -16.93 -9.54 -20.38
CA ARG A 724 -16.33 -8.31 -19.86
C ARG A 724 -16.02 -8.40 -18.35
N ASP A 725 -16.77 -9.23 -17.59
CA ASP A 725 -16.54 -9.38 -16.16
C ASP A 725 -15.21 -10.13 -15.89
N PHE A 726 -14.76 -10.94 -16.86
CA PHE A 726 -13.52 -11.73 -16.83
C PHE A 726 -12.35 -11.00 -17.50
N THR A 727 -12.65 -10.25 -18.56
CA THR A 727 -11.64 -9.59 -19.38
C THR A 727 -11.37 -8.13 -19.00
N GLU A 728 -12.34 -7.45 -18.39
CA GLU A 728 -12.13 -6.03 -18.09
C GLU A 728 -12.49 -5.66 -16.65
N SER A 729 -12.39 -6.62 -15.74
CA SER A 729 -12.71 -6.35 -14.33
C SER A 729 -11.66 -6.97 -13.40
N LYS A 730 -11.90 -6.86 -12.09
CA LYS A 730 -11.02 -7.35 -11.03
C LYS A 730 -11.89 -7.90 -9.89
N PHE A 731 -11.28 -8.51 -8.86
CA PHE A 731 -12.05 -9.02 -7.72
C PHE A 731 -12.73 -7.82 -7.04
N ARG A 732 -14.00 -7.99 -6.69
CA ARG A 732 -14.79 -6.96 -6.03
C ARG A 732 -15.21 -7.49 -4.69
N SER A 733 -14.65 -6.91 -3.62
CA SER A 733 -14.93 -7.30 -2.24
C SER A 733 -16.34 -6.88 -1.80
N VAL A 734 -16.85 -5.77 -2.35
CA VAL A 734 -18.19 -5.26 -2.07
C VAL A 734 -18.90 -5.09 -3.41
N LEU A 735 -20.10 -5.68 -3.57
CA LEU A 735 -20.85 -5.59 -4.83
C LEU A 735 -22.20 -4.91 -4.64
N GLU A 736 -22.50 -3.93 -5.52
CA GLU A 736 -23.79 -3.27 -5.57
C GLU A 736 -24.65 -3.96 -6.60
N GLU A 737 -25.95 -3.63 -6.61
CA GLU A 737 -26.89 -4.15 -7.61
C GLU A 737 -26.55 -3.57 -8.97
N PRO A 738 -26.57 -4.41 -10.04
CA PRO A 738 -26.27 -3.89 -11.40
C PRO A 738 -27.15 -2.71 -11.86
N MET A 739 -28.38 -2.55 -11.33
CA MET A 739 -29.26 -1.42 -11.70
C MET A 739 -28.67 -0.04 -11.31
N TYR A 740 -27.74 -0.02 -10.36
CA TYR A 740 -27.11 1.21 -9.89
C TYR A 740 -25.78 1.46 -10.61
N THR A 741 -25.00 0.39 -10.86
CA THR A 741 -23.69 0.50 -11.51
C THR A 741 -23.79 0.51 -13.05
N ASP A 742 -24.81 -0.16 -13.63
CA ASP A 742 -24.98 -0.26 -15.08
C ASP A 742 -26.35 0.20 -15.57
N GLY A 743 -27.37 0.05 -14.74
CA GLY A 743 -28.74 0.41 -15.07
C GLY A 743 -29.13 1.86 -14.82
N GLU A 744 -30.45 2.10 -14.76
CA GLU A 744 -31.05 3.42 -14.56
C GLU A 744 -31.68 3.55 -13.13
N GLY A 745 -31.19 2.75 -12.19
CA GLY A 745 -31.63 2.82 -10.80
C GLY A 745 -31.13 4.07 -10.09
N ASP A 746 -31.96 4.60 -9.16
CA ASP A 746 -31.64 5.82 -8.40
C ASP A 746 -31.29 5.45 -6.94
N ARG A 747 -30.02 5.65 -6.54
CA ARG A 747 -29.53 5.37 -5.19
C ARG A 747 -30.14 6.29 -4.14
N ASN A 748 -30.57 7.50 -4.54
CA ASN A 748 -31.14 8.51 -3.66
C ASN A 748 -32.53 8.15 -3.12
N LYS A 749 -33.25 7.23 -3.78
CA LYS A 749 -34.58 6.78 -3.36
C LYS A 749 -34.49 5.78 -2.22
N VAL A 750 -33.30 5.19 -1.99
CA VAL A 750 -33.06 4.12 -1.00
C VAL A 750 -33.06 4.68 0.43
N THR A 751 -33.96 4.12 1.27
CA THR A 751 -34.13 4.45 2.69
C THR A 751 -33.75 3.26 3.59
N ARG A 752 -33.83 2.03 3.05
CA ARG A 752 -33.49 0.81 3.75
C ARG A 752 -32.38 0.08 3.01
N LEU A 753 -31.30 -0.20 3.71
CA LEU A 753 -30.19 -0.92 3.11
C LEU A 753 -30.07 -2.33 3.68
N LEU A 754 -30.06 -3.34 2.80
CA LEU A 754 -29.87 -4.73 3.18
C LEU A 754 -28.46 -5.18 2.81
N LEU A 755 -27.67 -5.54 3.83
CA LEU A 755 -26.33 -6.05 3.64
C LEU A 755 -26.39 -7.57 3.77
N THR A 756 -25.75 -8.25 2.83
CA THR A 756 -25.85 -9.71 2.79
C THR A 756 -24.63 -10.31 2.10
N SER A 757 -24.62 -11.64 2.00
CA SER A 757 -23.59 -12.40 1.32
C SER A 757 -24.17 -13.72 0.81
N GLY A 758 -23.75 -14.12 -0.39
CA GLY A 758 -24.16 -15.38 -0.97
C GLY A 758 -25.45 -15.35 -1.75
N LYS A 759 -25.98 -16.55 -2.04
CA LYS A 759 -27.17 -16.80 -2.86
C LYS A 759 -28.46 -16.10 -2.39
N ILE A 760 -28.59 -15.71 -1.09
CA ILE A 760 -29.84 -15.06 -0.65
C ILE A 760 -30.04 -13.71 -1.38
N TYR A 761 -28.95 -13.12 -1.95
CA TYR A 761 -28.99 -11.89 -2.73
C TYR A 761 -30.00 -12.03 -3.86
N TYR A 762 -29.94 -13.16 -4.61
CA TYR A 762 -30.83 -13.41 -5.76
C TYR A 762 -32.30 -13.43 -5.36
N GLU A 763 -32.62 -14.04 -4.19
CA GLU A 763 -33.99 -14.09 -3.68
C GLU A 763 -34.47 -12.71 -3.25
N LEU A 764 -33.56 -11.93 -2.61
CA LEU A 764 -33.83 -10.56 -2.17
C LEU A 764 -34.04 -9.65 -3.39
N ALA A 765 -33.18 -9.81 -4.44
CA ALA A 765 -33.26 -9.06 -5.70
C ALA A 765 -34.55 -9.38 -6.46
N ALA A 766 -34.95 -10.67 -6.53
CA ALA A 766 -36.19 -11.10 -7.19
C ALA A 766 -37.42 -10.49 -6.51
N ARG A 767 -37.44 -10.47 -5.16
CA ARG A 767 -38.53 -9.87 -4.37
C ARG A 767 -38.62 -8.36 -4.62
N LYS A 768 -37.45 -7.65 -4.63
CA LYS A 768 -37.37 -6.21 -4.87
C LYS A 768 -37.97 -5.88 -6.24
N ALA A 769 -37.59 -6.66 -7.27
CA ALA A 769 -38.07 -6.53 -8.64
C ALA A 769 -39.59 -6.73 -8.72
N LYS A 770 -40.13 -7.76 -8.03
CA LYS A 770 -41.55 -8.12 -7.99
C LYS A 770 -42.43 -6.97 -7.48
N GLU A 771 -42.03 -6.33 -6.38
CA GLU A 771 -42.80 -5.24 -5.76
C GLU A 771 -42.30 -3.85 -6.19
N ASN A 772 -41.29 -3.79 -7.09
CA ASN A 772 -40.65 -2.56 -7.57
C ASN A 772 -40.26 -1.67 -6.36
N ARG A 773 -39.49 -2.24 -5.41
CA ARG A 773 -39.07 -1.56 -4.19
C ARG A 773 -37.80 -0.75 -4.46
N GLU A 774 -37.98 0.51 -4.86
CA GLU A 774 -36.91 1.47 -5.16
C GLU A 774 -36.33 2.04 -3.86
N ASP A 775 -37.08 1.92 -2.76
CA ASP A 775 -36.73 2.35 -1.41
C ASP A 775 -35.74 1.37 -0.71
N VAL A 776 -35.50 0.18 -1.30
CA VAL A 776 -34.61 -0.85 -0.74
C VAL A 776 -33.42 -1.15 -1.69
N ALA A 777 -32.18 -1.22 -1.13
CA ALA A 777 -30.96 -1.58 -1.87
C ALA A 777 -30.30 -2.78 -1.22
N ILE A 778 -29.70 -3.66 -2.04
CA ILE A 778 -29.04 -4.86 -1.54
C ILE A 778 -27.54 -4.76 -1.86
N VAL A 779 -26.71 -4.74 -0.80
CA VAL A 779 -25.26 -4.65 -0.90
C VAL A 779 -24.67 -5.96 -0.40
N ARG A 780 -23.77 -6.55 -1.21
CA ARG A 780 -23.13 -7.82 -0.91
C ARG A 780 -21.72 -7.65 -0.42
N ILE A 781 -21.38 -8.38 0.65
CA ILE A 781 -20.03 -8.44 1.20
C ILE A 781 -19.46 -9.77 0.70
N GLU A 782 -18.64 -9.70 -0.36
CA GLU A 782 -18.05 -10.87 -1.02
C GLU A 782 -16.87 -11.43 -0.22
N GLN A 783 -16.07 -10.53 0.36
CA GLN A 783 -14.91 -10.86 1.20
C GLN A 783 -15.32 -10.63 2.63
N LEU A 784 -15.49 -11.71 3.40
CA LEU A 784 -15.96 -11.63 4.79
C LEU A 784 -14.83 -11.28 5.74
N ALA A 785 -13.61 -11.73 5.44
CA ALA A 785 -12.42 -11.49 6.24
C ALA A 785 -11.17 -11.45 5.35
N PRO A 786 -10.30 -10.42 5.47
CA PRO A 786 -10.46 -9.22 6.31
C PRO A 786 -11.63 -8.38 5.81
N LEU A 787 -12.34 -7.71 6.73
CA LEU A 787 -13.48 -6.87 6.35
C LEU A 787 -13.01 -5.76 5.41
N PRO A 788 -13.64 -5.61 4.23
CA PRO A 788 -13.21 -4.54 3.31
C PRO A 788 -13.76 -3.20 3.78
N ARG A 789 -13.16 -2.65 4.87
CA ARG A 789 -13.57 -1.41 5.55
C ARG A 789 -13.76 -0.22 4.57
N ARG A 790 -12.76 0.08 3.72
CA ARG A 790 -12.79 1.23 2.80
C ARG A 790 -13.86 1.06 1.73
N ARG A 791 -13.91 -0.09 1.02
CA ARG A 791 -14.92 -0.29 -0.01
C ARG A 791 -16.32 -0.33 0.58
N LEU A 792 -16.46 -0.84 1.84
CA LEU A 792 -17.75 -0.88 2.52
C LEU A 792 -18.24 0.55 2.77
N ALA A 793 -17.38 1.41 3.34
CA ALA A 793 -17.63 2.82 3.63
C ALA A 793 -18.00 3.63 2.38
N GLU A 794 -17.19 3.49 1.29
CA GLU A 794 -17.38 4.21 0.03
C GLU A 794 -18.68 3.82 -0.66
N THR A 795 -19.07 2.53 -0.59
CA THR A 795 -20.30 2.00 -1.16
C THR A 795 -21.50 2.61 -0.43
N LEU A 796 -21.53 2.53 0.92
CA LEU A 796 -22.65 3.03 1.73
C LEU A 796 -22.82 4.53 1.62
N ASP A 797 -21.71 5.29 1.42
CA ASP A 797 -21.71 6.76 1.26
C ASP A 797 -22.48 7.21 0.01
N ARG A 798 -22.70 6.29 -0.96
CA ARG A 798 -23.43 6.52 -2.21
C ARG A 798 -24.95 6.41 -2.02
N TYR A 799 -25.41 6.04 -0.81
CA TYR A 799 -26.83 5.92 -0.43
C TYR A 799 -27.11 6.92 0.72
N PRO A 800 -27.26 8.23 0.44
CA PRO A 800 -27.36 9.22 1.52
C PRO A 800 -28.65 9.23 2.35
N ASN A 801 -29.76 8.74 1.78
CA ASN A 801 -31.07 8.80 2.45
C ASN A 801 -31.43 7.52 3.22
N VAL A 802 -30.45 6.64 3.45
CA VAL A 802 -30.66 5.40 4.21
C VAL A 802 -30.95 5.76 5.69
N LYS A 803 -32.08 5.26 6.22
CA LYS A 803 -32.52 5.50 7.60
C LYS A 803 -32.39 4.23 8.44
N GLU A 804 -32.32 3.05 7.79
CA GLU A 804 -32.17 1.75 8.49
C GLU A 804 -31.31 0.79 7.68
N LYS A 805 -30.45 0.02 8.37
CA LYS A 805 -29.53 -0.96 7.79
C LYS A 805 -29.71 -2.32 8.45
N PHE A 806 -29.75 -3.38 7.63
CA PHE A 806 -29.92 -4.72 8.14
C PHE A 806 -28.91 -5.72 7.56
N TRP A 807 -28.34 -6.56 8.44
CA TRP A 807 -27.52 -7.66 8.01
C TRP A 807 -28.49 -8.84 7.80
N VAL A 808 -28.66 -9.30 6.55
CA VAL A 808 -29.57 -10.37 6.18
C VAL A 808 -28.75 -11.64 5.91
N GLN A 809 -29.15 -12.75 6.57
CA GLN A 809 -28.50 -14.04 6.38
C GLN A 809 -29.50 -15.19 6.53
N GLU A 810 -29.17 -16.31 5.90
CA GLU A 810 -29.97 -17.53 5.97
C GLU A 810 -29.72 -18.27 7.28
N GLU A 811 -28.48 -18.21 7.74
CA GLU A 811 -28.00 -18.97 8.92
C GLU A 811 -28.65 -18.51 10.23
N PRO A 812 -28.82 -19.44 11.21
CA PRO A 812 -29.32 -19.06 12.54
C PRO A 812 -28.56 -17.88 13.13
N ALA A 813 -29.21 -17.13 14.05
CA ALA A 813 -28.69 -15.91 14.68
C ALA A 813 -27.29 -16.10 15.34
N ASN A 814 -27.01 -17.28 15.91
CA ASN A 814 -25.74 -17.62 16.56
C ASN A 814 -24.71 -18.18 15.56
N GLN A 815 -25.06 -18.17 14.26
CA GLN A 815 -24.24 -18.70 13.18
C GLN A 815 -24.11 -17.70 12.05
N GLY A 816 -23.44 -18.10 10.97
CA GLY A 816 -23.19 -17.22 9.83
C GLY A 816 -22.24 -16.11 10.19
N ALA A 817 -22.34 -14.94 9.53
CA ALA A 817 -21.44 -13.80 9.77
C ALA A 817 -21.90 -12.85 10.89
N TRP A 818 -23.19 -12.91 11.31
CA TRP A 818 -23.74 -11.99 12.33
C TRP A 818 -22.96 -12.00 13.66
N PRO A 819 -22.63 -13.15 14.32
CA PRO A 819 -21.87 -13.08 15.60
C PRO A 819 -20.62 -12.20 15.55
N SER A 820 -19.86 -12.22 14.44
CA SER A 820 -18.68 -11.34 14.36
C SER A 820 -19.04 -9.96 13.77
N PHE A 821 -19.82 -9.91 12.66
CA PHE A 821 -20.19 -8.63 12.01
C PHE A 821 -21.01 -7.74 12.93
N GLY A 822 -21.93 -8.34 13.68
CA GLY A 822 -22.79 -7.65 14.63
C GLY A 822 -22.05 -6.96 15.75
N LEU A 823 -20.84 -7.43 16.03
CA LEU A 823 -19.97 -6.87 17.04
C LEU A 823 -18.88 -5.95 16.42
N THR A 824 -18.28 -6.35 15.28
CA THR A 824 -17.19 -5.64 14.59
C THR A 824 -17.66 -4.42 13.75
N LEU A 825 -18.69 -4.57 12.87
CA LEU A 825 -19.15 -3.47 11.99
C LEU A 825 -19.49 -2.15 12.76
N PRO A 826 -20.26 -2.13 13.88
CA PRO A 826 -20.49 -0.84 14.56
C PRO A 826 -19.22 -0.25 15.22
N GLU A 827 -18.16 -1.06 15.36
CA GLU A 827 -16.90 -0.62 15.97
C GLU A 827 -15.93 -0.07 14.91
N ILE A 828 -15.76 -0.79 13.77
CA ILE A 828 -14.86 -0.40 12.69
C ILE A 828 -15.44 0.78 11.87
N LEU A 829 -16.77 0.81 11.68
CA LEU A 829 -17.43 1.89 10.93
C LEU A 829 -18.64 2.42 11.75
N PRO A 830 -18.40 3.17 12.86
CA PRO A 830 -19.52 3.63 13.70
C PRO A 830 -20.48 4.63 13.03
N ASP A 831 -19.99 5.46 12.09
CA ASP A 831 -20.87 6.42 11.40
C ASP A 831 -21.76 5.73 10.36
N HIS A 832 -21.49 4.43 10.07
CA HIS A 832 -22.26 3.67 9.09
C HIS A 832 -23.09 2.57 9.72
N PHE A 833 -22.58 1.88 10.75
CA PHE A 833 -23.30 0.71 11.28
C PHE A 833 -23.83 0.81 12.71
N THR A 834 -23.89 2.01 13.31
CA THR A 834 -24.49 2.15 14.65
C THR A 834 -25.99 1.96 14.44
N GLY A 835 -26.55 1.01 15.15
CA GLY A 835 -27.97 0.68 15.01
C GLY A 835 -28.25 -0.42 14.01
N LEU A 836 -27.18 -1.11 13.54
CA LEU A 836 -27.28 -2.24 12.60
C LEU A 836 -28.12 -3.35 13.24
N LYS A 837 -29.11 -3.82 12.50
CA LYS A 837 -30.02 -4.85 12.98
C LYS A 837 -29.85 -6.13 12.15
N ARG A 838 -30.25 -7.27 12.73
CA ARG A 838 -30.12 -8.59 12.11
C ARG A 838 -31.47 -9.17 11.64
N ILE A 839 -31.47 -9.74 10.42
CA ILE A 839 -32.56 -10.53 9.83
C ILE A 839 -31.93 -11.89 9.51
N SER A 840 -32.39 -12.94 10.19
CA SER A 840 -31.85 -14.27 10.05
C SER A 840 -32.81 -15.31 10.61
N ARG A 841 -32.37 -16.57 10.60
CA ARG A 841 -33.10 -17.65 11.24
C ARG A 841 -32.86 -17.50 12.73
N ARG A 842 -33.77 -17.99 13.57
CA ARG A 842 -33.62 -17.97 15.02
C ARG A 842 -32.34 -18.74 15.44
N ALA A 843 -31.77 -18.43 16.59
CA ALA A 843 -30.59 -19.15 17.07
C ALA A 843 -30.95 -20.63 17.22
N MET A 844 -30.06 -21.53 16.75
CA MET A 844 -30.31 -23.00 16.81
C MET A 844 -29.06 -23.75 17.29
N SER A 845 -29.25 -24.92 17.91
CA SER A 845 -28.17 -25.78 18.39
C SER A 845 -27.55 -26.59 17.23
N ALA A 846 -28.21 -26.61 16.07
CA ALA A 846 -27.75 -27.26 14.84
C ALA A 846 -27.72 -26.23 13.67
N PRO A 847 -26.98 -26.48 12.55
CA PRO A 847 -26.93 -25.45 11.47
C PRO A 847 -28.27 -25.14 10.79
N SER A 848 -29.26 -26.02 10.93
CA SER A 848 -30.60 -25.87 10.34
C SER A 848 -31.58 -26.88 10.96
N SER A 849 -32.83 -26.86 10.48
CA SER A 849 -33.89 -27.79 10.84
C SER A 849 -33.71 -29.05 9.98
N GLY A 850 -34.27 -30.18 10.41
CA GLY A 850 -34.21 -31.40 9.63
C GLY A 850 -35.25 -31.42 8.53
N SER A 851 -36.31 -30.59 8.66
CA SER A 851 -37.44 -30.53 7.73
C SER A 851 -37.24 -29.49 6.62
N SER A 852 -37.47 -29.88 5.34
CA SER A 852 -37.39 -28.97 4.19
C SER A 852 -38.64 -28.09 4.16
N LYS A 853 -39.73 -28.53 4.84
CA LYS A 853 -40.99 -27.77 4.98
C LYS A 853 -40.75 -26.58 5.94
N VAL A 854 -40.05 -26.84 7.06
CA VAL A 854 -39.68 -25.83 8.07
C VAL A 854 -38.69 -24.84 7.42
N HIS A 855 -37.67 -25.37 6.69
CA HIS A 855 -36.69 -24.53 5.98
C HIS A 855 -37.36 -23.50 5.05
N ALA A 856 -38.33 -23.97 4.23
CA ALA A 856 -39.07 -23.18 3.25
C ALA A 856 -39.87 -22.06 3.91
N VAL A 857 -40.51 -22.33 5.06
CA VAL A 857 -41.29 -21.32 5.81
C VAL A 857 -40.30 -20.27 6.36
N GLU A 858 -39.15 -20.73 6.89
CA GLU A 858 -38.11 -19.87 7.45
C GLU A 858 -37.47 -18.96 6.38
N GLN A 859 -37.24 -19.50 5.16
CA GLN A 859 -36.65 -18.76 4.05
C GLN A 859 -37.56 -17.62 3.64
N GLN A 860 -38.88 -17.89 3.55
CA GLN A 860 -39.90 -16.92 3.20
C GLN A 860 -40.06 -15.87 4.30
N GLU A 861 -39.96 -16.29 5.58
CA GLU A 861 -40.05 -15.40 6.73
C GLU A 861 -38.94 -14.34 6.69
N ILE A 862 -37.71 -14.71 6.24
CA ILE A 862 -36.52 -13.84 6.13
C ILE A 862 -36.79 -12.77 5.03
N LEU A 863 -37.27 -13.21 3.84
CA LEU A 863 -37.59 -12.34 2.70
C LEU A 863 -38.69 -11.35 3.06
N ASP A 864 -39.76 -11.84 3.74
CA ASP A 864 -40.90 -11.01 4.17
C ASP A 864 -40.47 -9.96 5.22
N THR A 865 -39.58 -10.34 6.17
CA THR A 865 -39.05 -9.44 7.20
C THR A 865 -38.19 -8.35 6.55
N ALA A 866 -37.35 -8.74 5.57
CA ALA A 866 -36.46 -7.83 4.85
C ALA A 866 -37.23 -6.77 4.06
N PHE A 867 -38.47 -7.09 3.62
CA PHE A 867 -39.30 -6.17 2.85
C PHE A 867 -40.62 -5.78 3.55
N GLY A 868 -40.68 -6.00 4.86
CA GLY A 868 -41.83 -5.66 5.70
C GLY A 868 -41.72 -4.30 6.36
N ASP B 6 8.28 -86.95 -1.22
CA ASP B 6 8.17 -85.50 -1.08
C ASP B 6 6.76 -84.98 -1.46
N LYS B 7 5.93 -85.86 -2.08
CA LYS B 7 4.57 -85.58 -2.52
C LYS B 7 3.66 -85.13 -1.35
N ASN B 8 3.93 -85.64 -0.13
CA ASN B 8 3.20 -85.32 1.09
C ASN B 8 3.52 -83.90 1.58
N ALA B 9 4.75 -83.40 1.30
CA ALA B 9 5.19 -82.05 1.68
C ALA B 9 4.46 -81.01 0.82
N ARG B 10 4.17 -81.38 -0.45
CA ARG B 10 3.43 -80.52 -1.38
C ARG B 10 1.97 -80.39 -0.95
N VAL B 11 1.43 -81.43 -0.27
CA VAL B 11 0.07 -81.50 0.26
C VAL B 11 -0.06 -80.52 1.46
N ILE B 12 0.91 -80.60 2.41
CA ILE B 12 0.98 -79.75 3.62
C ILE B 12 1.05 -78.25 3.21
N GLU B 13 1.87 -77.94 2.18
CA GLU B 13 2.04 -76.59 1.61
C GLU B 13 0.79 -76.14 0.91
N LEU B 14 0.08 -77.10 0.25
CA LEU B 14 -1.16 -76.85 -0.48
C LEU B 14 -2.29 -76.49 0.50
N ILE B 15 -2.41 -77.25 1.62
CA ILE B 15 -3.41 -77.00 2.66
C ILE B 15 -3.21 -75.57 3.24
N ALA B 16 -1.95 -75.20 3.59
CA ALA B 16 -1.60 -73.88 4.13
C ALA B 16 -1.88 -72.75 3.13
N ALA B 17 -1.58 -72.98 1.83
CA ALA B 17 -1.82 -72.00 0.75
C ALA B 17 -3.32 -71.64 0.66
N TYR B 18 -4.20 -72.67 0.74
CA TYR B 18 -5.66 -72.48 0.73
C TYR B 18 -6.12 -71.72 1.98
N ARG B 19 -5.61 -72.12 3.17
CA ARG B 19 -5.94 -71.46 4.43
C ARG B 19 -5.46 -70.00 4.50
N ASN B 20 -4.22 -69.73 4.05
CA ASN B 20 -3.65 -68.38 4.08
C ASN B 20 -4.15 -67.46 2.97
N ARG B 21 -4.17 -67.95 1.70
CA ARG B 21 -4.45 -67.10 0.53
C ARG B 21 -5.65 -67.53 -0.34
N GLY B 22 -6.35 -68.63 -0.01
CA GLY B 22 -7.53 -69.10 -0.75
C GLY B 22 -8.54 -68.03 -1.12
N HIS B 23 -8.78 -67.08 -0.16
CA HIS B 23 -9.71 -65.93 -0.25
C HIS B 23 -9.38 -64.97 -1.44
N LEU B 24 -8.16 -65.06 -1.99
CA LEU B 24 -7.74 -64.21 -3.11
C LEU B 24 -8.31 -64.70 -4.43
N MET B 25 -8.66 -65.99 -4.52
CA MET B 25 -9.22 -66.57 -5.73
C MET B 25 -10.69 -67.01 -5.52
N ALA B 26 -11.30 -66.70 -4.35
CA ALA B 26 -12.70 -67.03 -4.04
C ALA B 26 -13.66 -66.19 -4.88
N ASP B 27 -14.78 -66.78 -5.33
CA ASP B 27 -15.79 -66.10 -6.16
C ASP B 27 -16.72 -65.22 -5.29
N ILE B 28 -16.19 -64.07 -4.84
CA ILE B 28 -16.91 -63.19 -3.92
C ILE B 28 -17.62 -62.02 -4.62
N ASP B 29 -17.16 -61.60 -5.82
CA ASP B 29 -17.73 -60.45 -6.50
C ASP B 29 -18.89 -60.88 -7.40
N PRO B 30 -20.15 -60.47 -7.08
CA PRO B 30 -21.28 -60.81 -7.95
C PRO B 30 -21.22 -60.16 -9.35
N LEU B 31 -20.35 -59.14 -9.55
CA LEU B 31 -20.20 -58.47 -10.84
C LEU B 31 -19.06 -59.07 -11.69
N ARG B 32 -18.11 -59.79 -11.06
CA ARG B 32 -16.93 -60.41 -11.69
C ARG B 32 -16.17 -59.38 -12.56
N LEU B 33 -15.93 -58.18 -12.00
CA LEU B 33 -15.28 -57.07 -12.72
C LEU B 33 -13.84 -57.36 -13.04
N ASP B 34 -13.14 -58.06 -12.14
CA ASP B 34 -11.75 -58.41 -12.36
C ASP B 34 -11.67 -59.80 -13.00
N ASN B 35 -11.28 -59.83 -14.30
CA ASN B 35 -11.14 -61.06 -15.09
C ASN B 35 -9.89 -61.83 -14.65
N THR B 36 -8.77 -61.11 -14.40
CA THR B 36 -7.45 -61.62 -14.02
C THR B 36 -7.43 -62.33 -12.65
N ARG B 37 -8.50 -62.15 -11.83
CA ARG B 37 -8.67 -62.69 -10.48
C ARG B 37 -8.44 -64.22 -10.39
N PHE B 38 -9.03 -65.00 -11.31
CA PHE B 38 -8.93 -66.46 -11.28
C PHE B 38 -7.80 -67.01 -12.16
N TRP B 54 -1.49 -86.67 -11.67
CA TRP B 54 -2.84 -86.88 -11.14
C TRP B 54 -2.80 -87.91 -10.00
N ASP B 55 -2.15 -87.53 -8.89
CA ASP B 55 -2.01 -88.32 -7.66
C ASP B 55 -3.15 -87.98 -6.66
N LEU B 56 -4.36 -87.69 -7.21
CA LEU B 56 -5.57 -87.30 -6.48
C LEU B 56 -6.33 -88.48 -5.87
N ASP B 57 -6.14 -89.71 -6.39
CA ASP B 57 -6.83 -90.90 -5.87
C ASP B 57 -6.01 -91.57 -4.76
N ARG B 58 -4.80 -91.03 -4.47
CA ARG B 58 -3.88 -91.51 -3.43
C ARG B 58 -4.27 -90.94 -2.07
N GLU B 59 -4.29 -91.80 -1.04
CA GLU B 59 -4.64 -91.42 0.33
C GLU B 59 -3.46 -90.78 1.04
N PHE B 60 -3.71 -89.65 1.73
CA PHE B 60 -2.72 -88.89 2.49
C PHE B 60 -3.13 -88.72 3.96
N LYS B 61 -2.12 -88.69 4.86
CA LYS B 61 -2.31 -88.52 6.30
C LYS B 61 -2.55 -87.03 6.60
N VAL B 62 -3.67 -86.74 7.27
CA VAL B 62 -4.10 -85.36 7.61
C VAL B 62 -4.64 -85.30 9.04
N ASP B 63 -4.51 -84.11 9.68
CA ASP B 63 -4.97 -83.85 11.04
C ASP B 63 -6.47 -83.54 11.06
N GLN B 69 -6.02 -88.93 10.36
CA GLN B 69 -7.05 -89.31 9.40
C GLN B 69 -6.45 -89.60 8.01
N ARG B 70 -7.02 -90.61 7.32
CA ARG B 70 -6.59 -91.00 5.97
C ARG B 70 -7.69 -90.62 4.97
N LYS B 71 -7.36 -89.70 4.04
CA LYS B 71 -8.30 -89.26 3.02
C LYS B 71 -7.61 -89.09 1.66
N LYS B 72 -8.34 -89.34 0.54
CA LYS B 72 -7.79 -89.19 -0.82
C LYS B 72 -7.57 -87.69 -1.14
N LEU B 73 -6.43 -87.36 -1.81
CA LEU B 73 -6.05 -85.99 -2.19
C LEU B 73 -7.22 -85.22 -2.83
N ARG B 74 -8.04 -85.89 -3.68
CA ARG B 74 -9.19 -85.28 -4.35
C ARG B 74 -10.23 -84.79 -3.32
N ASP B 75 -10.41 -85.52 -2.21
CA ASP B 75 -11.35 -85.20 -1.13
C ASP B 75 -10.82 -84.06 -0.27
N ILE B 76 -9.49 -84.03 -0.02
CA ILE B 76 -8.83 -82.93 0.71
C ILE B 76 -9.00 -81.61 -0.06
N LEU B 77 -8.69 -81.62 -1.37
CA LEU B 77 -8.75 -80.44 -2.26
C LEU B 77 -10.16 -79.91 -2.43
N SER B 78 -11.17 -80.79 -2.49
CA SER B 78 -12.56 -80.39 -2.65
C SER B 78 -13.04 -79.64 -1.41
N VAL B 79 -12.61 -80.11 -0.22
CA VAL B 79 -12.95 -79.47 1.07
C VAL B 79 -12.32 -78.05 1.11
N LEU B 80 -11.06 -77.92 0.67
CA LEU B 80 -10.33 -76.64 0.68
C LEU B 80 -10.92 -75.66 -0.32
N ARG B 81 -11.41 -76.15 -1.47
CA ARG B 81 -12.05 -75.29 -2.48
C ARG B 81 -13.43 -74.82 -2.02
N ASP B 82 -14.22 -75.74 -1.42
CA ASP B 82 -15.54 -75.39 -0.92
C ASP B 82 -15.46 -74.40 0.24
N ALA B 83 -14.49 -74.62 1.14
CA ALA B 83 -14.29 -73.81 2.34
C ALA B 83 -13.70 -72.45 2.07
N TYR B 84 -12.68 -72.37 1.19
CA TYR B 84 -11.94 -71.12 0.98
C TYR B 84 -12.06 -70.49 -0.41
N CYS B 85 -12.60 -71.21 -1.41
CA CYS B 85 -12.62 -70.71 -2.79
C CYS B 85 -13.98 -70.72 -3.47
N ARG B 86 -15.08 -70.78 -2.69
CA ARG B 86 -16.41 -70.74 -3.29
C ARG B 86 -16.94 -69.29 -3.18
N HIS B 87 -18.04 -69.06 -2.45
CA HIS B 87 -18.61 -67.71 -2.33
C HIS B 87 -18.20 -67.00 -1.03
N VAL B 88 -17.35 -67.64 -0.22
CA VAL B 88 -16.86 -67.10 1.05
C VAL B 88 -15.32 -67.11 1.06
N GLY B 89 -14.74 -65.91 1.17
CA GLY B 89 -13.31 -65.71 1.31
C GLY B 89 -13.03 -65.53 2.79
N VAL B 90 -12.27 -66.44 3.38
CA VAL B 90 -11.97 -66.44 4.81
C VAL B 90 -10.55 -65.94 5.09
N GLU B 91 -10.44 -64.92 5.93
CA GLU B 91 -9.16 -64.35 6.39
C GLU B 91 -9.06 -64.57 7.90
N TYR B 92 -8.21 -65.51 8.31
CA TYR B 92 -8.10 -65.83 9.73
C TYR B 92 -6.70 -66.24 10.17
N THR B 93 -5.76 -66.53 9.24
CA THR B 93 -4.42 -66.97 9.65
C THR B 93 -3.56 -65.81 10.22
N HIS B 94 -4.07 -64.57 10.18
CA HIS B 94 -3.42 -63.40 10.80
C HIS B 94 -3.68 -63.36 12.31
N ILE B 95 -4.69 -64.10 12.80
CA ILE B 95 -5.06 -64.18 14.22
C ILE B 95 -3.92 -64.86 15.02
N LEU B 96 -3.43 -64.16 16.07
CA LEU B 96 -2.33 -64.65 16.91
C LEU B 96 -2.74 -65.81 17.85
N GLU B 97 -4.00 -65.87 18.29
CA GLU B 97 -4.50 -66.92 19.19
C GLU B 97 -4.70 -68.22 18.41
N PRO B 98 -3.89 -69.30 18.68
CA PRO B 98 -4.05 -70.55 17.92
C PRO B 98 -5.43 -71.19 18.07
N GLU B 99 -6.03 -71.11 19.27
CA GLU B 99 -7.36 -71.69 19.57
C GLU B 99 -8.46 -71.02 18.70
N GLN B 100 -8.31 -69.72 18.35
CA GLN B 100 -9.27 -69.00 17.50
C GLN B 100 -9.14 -69.46 16.03
N GLN B 101 -7.89 -69.64 15.57
CA GLN B 101 -7.58 -70.16 14.23
C GLN B 101 -8.15 -71.58 14.05
N ARG B 102 -7.96 -72.45 15.07
CA ARG B 102 -8.45 -73.83 15.08
C ARG B 102 -9.97 -73.88 15.08
N TRP B 103 -10.64 -72.99 15.86
CA TRP B 103 -12.11 -72.90 15.95
C TRP B 103 -12.74 -72.63 14.56
N ILE B 104 -12.21 -71.62 13.83
CA ILE B 104 -12.66 -71.24 12.49
C ILE B 104 -12.43 -72.38 11.52
N GLN B 105 -11.20 -72.91 11.48
CA GLN B 105 -10.72 -74.03 10.67
C GLN B 105 -11.66 -75.24 10.76
N GLU B 106 -11.99 -75.68 12.00
CA GLU B 106 -12.87 -76.82 12.28
C GLU B 106 -14.30 -76.60 11.76
N ARG B 107 -14.82 -75.37 11.83
CA ARG B 107 -16.18 -75.07 11.41
C ARG B 107 -16.32 -74.80 9.90
N VAL B 108 -15.23 -74.32 9.26
CA VAL B 108 -15.19 -73.97 7.85
C VAL B 108 -14.76 -75.19 6.98
N GLU B 109 -13.85 -76.05 7.49
CA GLU B 109 -13.33 -77.19 6.74
C GLU B 109 -14.12 -78.50 6.96
N THR B 110 -15.43 -78.42 7.14
CA THR B 110 -16.28 -79.61 7.29
C THR B 110 -17.36 -79.61 6.23
N LYS B 111 -17.85 -80.80 5.84
CA LYS B 111 -18.94 -80.93 4.88
C LYS B 111 -20.22 -80.45 5.58
N HIS B 112 -20.60 -79.19 5.30
CA HIS B 112 -21.75 -78.53 5.93
C HIS B 112 -23.06 -79.12 5.44
N ASP B 113 -24.02 -79.26 6.37
CA ASP B 113 -25.35 -79.74 6.05
C ASP B 113 -26.09 -78.62 5.31
N LYS B 114 -26.56 -78.91 4.08
CA LYS B 114 -27.30 -77.97 3.23
C LYS B 114 -28.56 -77.48 3.98
N PRO B 115 -28.96 -76.20 3.85
CA PRO B 115 -30.14 -75.72 4.61
C PRO B 115 -31.43 -76.47 4.22
N THR B 116 -32.36 -76.57 5.18
CA THR B 116 -33.64 -77.23 4.94
C THR B 116 -34.45 -76.34 4.02
N VAL B 117 -35.40 -76.94 3.25
CA VAL B 117 -36.27 -76.21 2.31
C VAL B 117 -36.99 -75.09 3.08
N ALA B 118 -37.38 -75.35 4.36
CA ALA B 118 -38.04 -74.37 5.23
C ALA B 118 -37.12 -73.15 5.50
N GLU B 119 -35.80 -73.39 5.70
CA GLU B 119 -34.81 -72.34 5.93
C GLU B 119 -34.57 -71.55 4.65
N GLN B 120 -34.53 -72.25 3.49
CA GLN B 120 -34.36 -71.67 2.16
C GLN B 120 -35.55 -70.78 1.80
N LYS B 121 -36.78 -71.26 2.10
CA LYS B 121 -38.02 -70.54 1.84
C LYS B 121 -38.11 -69.31 2.74
N TYR B 122 -37.61 -69.41 3.98
CA TYR B 122 -37.60 -68.30 4.93
C TYR B 122 -36.63 -67.21 4.44
N ILE B 123 -35.44 -67.60 3.94
CA ILE B 123 -34.44 -66.67 3.39
C ILE B 123 -35.06 -65.96 2.18
N LEU B 124 -35.75 -66.73 1.29
CA LEU B 124 -36.43 -66.21 0.11
C LEU B 124 -37.51 -65.18 0.52
N SER B 125 -38.32 -65.47 1.56
CA SER B 125 -39.37 -64.56 2.07
C SER B 125 -38.74 -63.23 2.56
N LYS B 126 -37.51 -63.29 3.13
CA LYS B 126 -36.82 -62.09 3.59
C LYS B 126 -36.35 -61.25 2.40
N LEU B 127 -35.90 -61.91 1.30
CA LEU B 127 -35.50 -61.26 0.05
C LEU B 127 -36.71 -60.64 -0.65
N ASN B 128 -37.87 -61.32 -0.62
CA ASN B 128 -39.13 -60.83 -1.20
C ASN B 128 -39.58 -59.55 -0.49
N ALA B 129 -39.54 -59.55 0.86
CA ALA B 129 -39.93 -58.41 1.70
C ALA B 129 -38.99 -57.22 1.49
N ALA B 130 -37.68 -57.50 1.40
CA ALA B 130 -36.66 -56.47 1.19
C ALA B 130 -36.80 -55.79 -0.19
N GLU B 131 -36.98 -56.60 -1.26
CA GLU B 131 -37.08 -56.10 -2.62
C GLU B 131 -38.42 -55.40 -2.85
N ALA B 132 -39.53 -55.88 -2.25
CA ALA B 132 -40.85 -55.22 -2.35
C ALA B 132 -40.81 -53.84 -1.67
N PHE B 133 -40.11 -53.75 -0.50
CA PHE B 133 -39.96 -52.49 0.22
C PHE B 133 -39.29 -51.47 -0.69
N GLU B 134 -38.19 -51.87 -1.40
CA GLU B 134 -37.37 -51.05 -2.32
C GLU B 134 -38.13 -50.54 -3.52
N THR B 135 -38.86 -51.46 -4.20
CA THR B 135 -39.68 -51.19 -5.38
C THR B 135 -40.74 -50.16 -5.05
N PHE B 136 -41.41 -50.30 -3.88
CA PHE B 136 -42.44 -49.36 -3.43
C PHE B 136 -41.82 -47.99 -3.18
N LEU B 137 -40.67 -47.97 -2.53
CA LEU B 137 -39.96 -46.77 -2.12
C LEU B 137 -39.54 -45.91 -3.32
N GLN B 138 -39.02 -46.53 -4.40
CA GLN B 138 -38.61 -45.81 -5.62
C GLN B 138 -39.82 -45.40 -6.51
N THR B 139 -41.02 -45.96 -6.24
CA THR B 139 -42.20 -45.69 -7.04
C THR B 139 -43.15 -44.68 -6.33
N LYS B 140 -43.36 -44.84 -5.02
CA LYS B 140 -44.26 -43.98 -4.23
C LYS B 140 -43.73 -42.54 -4.07
N TYR B 141 -42.46 -42.41 -3.69
CA TYR B 141 -41.88 -41.08 -3.44
C TYR B 141 -40.76 -40.73 -4.39
N VAL B 142 -40.36 -39.45 -4.31
CA VAL B 142 -39.30 -38.74 -5.04
C VAL B 142 -38.17 -38.44 -4.03
N GLY B 143 -36.92 -38.45 -4.52
CA GLY B 143 -35.72 -38.18 -3.72
C GLY B 143 -35.28 -39.30 -2.82
N GLN B 144 -35.62 -40.54 -3.18
CA GLN B 144 -35.29 -41.68 -2.32
C GLN B 144 -34.27 -42.61 -2.97
N LYS B 145 -33.75 -42.26 -4.18
CA LYS B 145 -32.74 -43.05 -4.92
C LYS B 145 -31.47 -43.28 -4.10
N ARG B 146 -31.04 -42.25 -3.35
CA ARG B 146 -29.83 -42.29 -2.55
C ARG B 146 -29.90 -43.26 -1.34
N PHE B 147 -31.10 -43.70 -0.94
CA PHE B 147 -31.24 -44.63 0.18
C PHE B 147 -31.56 -46.05 -0.31
N SER B 148 -31.49 -46.25 -1.65
CA SER B 148 -31.76 -47.52 -2.30
C SER B 148 -30.74 -48.59 -1.88
N LEU B 149 -31.28 -49.74 -1.48
CA LEU B 149 -30.59 -50.95 -1.07
C LEU B 149 -30.61 -51.98 -2.22
N GLU B 150 -31.04 -51.55 -3.43
CA GLU B 150 -31.07 -52.39 -4.64
C GLU B 150 -29.65 -52.79 -5.05
N GLY B 151 -29.45 -54.09 -5.15
CA GLY B 151 -28.15 -54.70 -5.42
C GLY B 151 -27.50 -55.17 -4.13
N ALA B 152 -28.09 -54.81 -2.97
CA ALA B 152 -27.59 -55.16 -1.64
C ALA B 152 -28.70 -55.67 -0.66
N GLU B 153 -29.83 -56.15 -1.18
CA GLU B 153 -31.00 -56.67 -0.42
C GLU B 153 -30.66 -57.87 0.48
N THR B 154 -29.59 -58.62 0.11
CA THR B 154 -29.13 -59.79 0.87
C THR B 154 -28.66 -59.36 2.29
N VAL B 155 -28.40 -58.06 2.57
CA VAL B 155 -28.04 -57.62 3.92
C VAL B 155 -29.23 -57.85 4.90
N ILE B 156 -30.52 -57.81 4.41
CA ILE B 156 -31.70 -58.02 5.25
C ILE B 156 -31.70 -59.52 5.74
N PRO B 157 -31.71 -60.60 4.90
CA PRO B 157 -31.64 -61.95 5.50
C PRO B 157 -30.34 -62.18 6.29
N MET B 158 -29.24 -61.48 5.97
CA MET B 158 -27.97 -61.57 6.69
C MET B 158 -28.11 -60.99 8.13
N MET B 159 -28.70 -59.78 8.26
CA MET B 159 -28.95 -59.14 9.56
C MET B 159 -29.94 -59.97 10.38
N ASP B 160 -30.91 -60.58 9.70
CA ASP B 160 -31.92 -61.44 10.30
C ASP B 160 -31.25 -62.67 10.93
N ALA B 161 -30.24 -63.25 10.25
CA ALA B 161 -29.52 -64.43 10.74
C ALA B 161 -28.66 -64.06 11.96
N VAL B 162 -28.05 -62.85 11.96
CA VAL B 162 -27.27 -62.34 13.10
C VAL B 162 -28.13 -62.32 14.35
N ILE B 163 -29.29 -61.63 14.27
CA ILE B 163 -30.23 -61.40 15.35
C ILE B 163 -30.87 -62.71 15.82
N ASP B 164 -31.25 -63.58 14.87
CA ASP B 164 -31.79 -64.91 15.19
C ASP B 164 -30.75 -65.77 15.92
N GLN B 165 -29.48 -65.69 15.50
CA GLN B 165 -28.39 -66.45 16.13
C GLN B 165 -28.10 -65.89 17.53
N CYS B 166 -28.24 -64.57 17.73
CA CYS B 166 -28.09 -63.94 19.05
C CYS B 166 -29.24 -64.41 19.97
N ALA B 167 -30.48 -64.55 19.42
CA ALA B 167 -31.65 -65.05 20.14
C ALA B 167 -31.45 -66.52 20.54
N GLU B 168 -30.84 -67.32 19.64
CA GLU B 168 -30.51 -68.75 19.85
C GLU B 168 -29.53 -68.91 21.03
N HIS B 169 -28.63 -67.92 21.23
CA HIS B 169 -27.68 -67.87 22.34
C HIS B 169 -28.34 -67.32 23.62
N GLY B 170 -29.64 -66.97 23.53
CA GLY B 170 -30.45 -66.45 24.64
C GLY B 170 -30.03 -65.08 25.12
N LEU B 171 -29.51 -64.25 24.20
CA LEU B 171 -29.03 -62.90 24.52
C LEU B 171 -30.22 -61.92 24.69
N ASP B 172 -29.97 -60.77 25.33
CA ASP B 172 -31.00 -59.81 25.69
C ASP B 172 -31.33 -58.77 24.61
N GLU B 173 -30.32 -58.22 23.92
CA GLU B 173 -30.57 -57.19 22.94
C GLU B 173 -29.48 -57.10 21.89
N VAL B 174 -29.87 -56.67 20.69
CA VAL B 174 -28.98 -56.35 19.56
C VAL B 174 -29.20 -54.88 19.29
N VAL B 175 -28.13 -54.08 19.36
CA VAL B 175 -28.23 -52.64 19.12
C VAL B 175 -27.49 -52.36 17.83
N ILE B 176 -28.20 -51.72 16.88
CA ILE B 176 -27.69 -51.41 15.54
C ILE B 176 -27.32 -49.93 15.35
N ALA B 177 -26.19 -49.71 14.66
CA ALA B 177 -25.71 -48.43 14.15
C ALA B 177 -25.46 -48.64 12.67
N MET B 178 -25.93 -47.70 11.84
CA MET B 178 -25.76 -47.82 10.40
C MET B 178 -25.81 -46.48 9.68
N PRO B 179 -25.27 -46.39 8.44
CA PRO B 179 -25.54 -45.18 7.60
C PRO B 179 -26.98 -45.21 7.02
N HIS B 180 -27.31 -44.31 6.10
CA HIS B 180 -28.68 -44.14 5.58
C HIS B 180 -29.18 -45.21 4.60
N ARG B 181 -28.30 -45.79 3.79
CA ARG B 181 -28.69 -46.75 2.76
C ARG B 181 -29.40 -47.94 3.38
N GLY B 182 -30.66 -48.11 2.99
CA GLY B 182 -31.51 -49.22 3.41
C GLY B 182 -32.09 -49.13 4.80
N ARG B 183 -31.96 -47.96 5.45
CA ARG B 183 -32.45 -47.73 6.80
C ARG B 183 -33.90 -48.08 7.05
N LEU B 184 -34.81 -47.59 6.22
CA LEU B 184 -36.24 -47.81 6.41
C LEU B 184 -36.58 -49.30 6.12
N ASN B 185 -35.76 -49.95 5.27
CA ASN B 185 -35.95 -51.37 5.00
C ASN B 185 -35.57 -52.17 6.27
N VAL B 186 -34.53 -51.70 6.99
CA VAL B 186 -34.05 -52.28 8.23
C VAL B 186 -35.11 -52.04 9.28
N LEU B 187 -35.73 -50.85 9.29
CA LEU B 187 -36.81 -50.55 10.25
C LEU B 187 -37.99 -51.50 10.09
N ALA B 188 -38.40 -51.76 8.84
CA ALA B 188 -39.55 -52.60 8.54
C ALA B 188 -39.25 -54.07 8.65
N ASN B 189 -38.12 -54.53 8.10
CA ASN B 189 -37.86 -55.97 8.01
C ASN B 189 -36.90 -56.57 9.06
N ILE B 190 -36.30 -55.76 9.93
CA ILE B 190 -35.36 -56.23 10.98
C ILE B 190 -35.90 -55.80 12.36
N VAL B 191 -36.08 -54.48 12.55
CA VAL B 191 -36.57 -53.89 13.79
C VAL B 191 -38.07 -54.24 13.95
N GLY B 192 -38.74 -54.44 12.81
CA GLY B 192 -40.14 -54.84 12.77
C GLY B 192 -41.12 -53.70 12.99
N LYS B 193 -40.71 -52.45 12.68
CA LYS B 193 -41.58 -51.27 12.84
C LYS B 193 -42.72 -51.32 11.83
N PRO B 194 -44.00 -51.03 12.21
CA PRO B 194 -45.09 -51.02 11.20
C PRO B 194 -44.96 -49.86 10.23
N TYR B 195 -45.54 -50.00 9.01
CA TYR B 195 -45.49 -48.98 7.95
C TYR B 195 -46.18 -47.68 8.38
N SER B 196 -47.23 -47.78 9.22
CA SER B 196 -47.96 -46.61 9.74
C SER B 196 -47.02 -45.68 10.51
N GLN B 197 -46.07 -46.27 11.28
CA GLN B 197 -45.10 -45.53 12.08
C GLN B 197 -43.95 -45.02 11.20
N ILE B 198 -43.46 -45.86 10.26
CA ILE B 198 -42.35 -45.53 9.36
C ILE B 198 -42.69 -44.37 8.40
N PHE B 199 -43.86 -44.44 7.72
CA PHE B 199 -44.23 -43.45 6.71
C PHE B 199 -45.18 -42.34 7.23
N SER B 200 -45.24 -42.18 8.57
CA SER B 200 -46.03 -41.14 9.24
C SER B 200 -45.39 -39.77 8.99
N GLU B 201 -46.21 -38.80 8.51
CA GLU B 201 -45.81 -37.43 8.18
C GLU B 201 -44.51 -37.44 7.30
N PHE B 202 -44.56 -38.24 6.20
CA PHE B 202 -43.47 -38.44 5.24
C PHE B 202 -43.46 -37.34 4.18
N ASP B 216 -36.75 -36.62 5.63
CA ASP B 216 -35.35 -37.04 5.63
C ASP B 216 -34.84 -37.32 7.03
N VAL B 217 -35.48 -36.72 8.08
CA VAL B 217 -35.11 -36.90 9.49
C VAL B 217 -35.30 -38.37 9.93
N LYS B 218 -36.30 -39.10 9.35
CA LYS B 218 -36.56 -40.54 9.62
C LYS B 218 -35.32 -41.41 9.43
N TYR B 219 -34.40 -40.98 8.54
CA TYR B 219 -33.13 -41.62 8.24
C TYR B 219 -32.08 -41.38 9.35
N HIS B 220 -32.45 -40.63 10.41
CA HIS B 220 -31.47 -40.36 11.47
C HIS B 220 -31.98 -40.72 12.87
N LEU B 221 -33.25 -41.05 13.07
CA LEU B 221 -33.80 -41.35 14.41
C LEU B 221 -33.54 -42.79 14.90
N GLY B 222 -33.48 -42.93 16.21
CA GLY B 222 -33.35 -44.22 16.88
C GLY B 222 -34.70 -44.90 16.99
N ALA B 223 -34.72 -46.24 17.04
CA ALA B 223 -35.97 -47.01 17.16
C ALA B 223 -35.76 -48.24 18.01
N THR B 224 -36.86 -48.80 18.57
CA THR B 224 -36.82 -50.02 19.40
C THR B 224 -37.92 -50.97 18.97
N GLY B 225 -37.61 -52.26 18.99
CA GLY B 225 -38.53 -53.33 18.63
C GLY B 225 -38.18 -54.65 19.27
N THR B 226 -38.98 -55.67 18.96
CA THR B 226 -38.78 -57.02 19.47
C THR B 226 -38.73 -57.97 18.29
N TYR B 227 -37.63 -58.75 18.22
CA TYR B 227 -37.48 -59.77 17.20
C TYR B 227 -37.97 -61.09 17.78
N ILE B 228 -38.85 -61.77 17.07
CA ILE B 228 -39.39 -63.06 17.49
C ILE B 228 -38.88 -64.11 16.49
N GLN B 229 -38.16 -65.14 16.99
CA GLN B 229 -37.61 -66.25 16.20
C GLN B 229 -38.70 -66.98 15.43
N MET B 230 -38.43 -67.27 14.16
CA MET B 230 -39.35 -67.96 13.25
C MET B 230 -39.45 -69.47 13.60
N PHE B 231 -38.29 -70.17 13.64
CA PHE B 231 -38.20 -71.62 13.90
C PHE B 231 -37.86 -71.94 15.36
N GLY B 232 -37.49 -70.93 16.13
CA GLY B 232 -37.18 -71.06 17.54
C GLY B 232 -38.27 -70.48 18.41
N ASP B 233 -38.06 -70.55 19.72
CA ASP B 233 -39.04 -70.05 20.69
C ASP B 233 -38.48 -68.84 21.47
N ASN B 234 -37.36 -68.29 21.02
CA ASN B 234 -36.75 -67.14 21.69
C ASN B 234 -37.13 -65.80 21.05
N ASP B 235 -37.02 -64.75 21.84
CA ASP B 235 -37.23 -63.38 21.39
C ASP B 235 -36.05 -62.56 21.90
N ILE B 236 -35.79 -61.44 21.23
CA ILE B 236 -34.70 -60.56 21.59
C ILE B 236 -35.08 -59.12 21.23
N GLU B 237 -34.62 -58.16 22.04
CA GLU B 237 -34.86 -56.75 21.77
C GLU B 237 -33.93 -56.31 20.64
N VAL B 238 -34.46 -55.50 19.71
CA VAL B 238 -33.69 -54.96 18.57
C VAL B 238 -33.88 -53.46 18.59
N SER B 239 -32.77 -52.71 18.66
CA SER B 239 -32.84 -51.25 18.63
C SER B 239 -31.86 -50.67 17.61
N LEU B 240 -32.17 -49.47 17.14
CA LEU B 240 -31.42 -48.72 16.15
C LEU B 240 -31.07 -47.38 16.75
N THR B 241 -29.79 -47.01 16.76
CA THR B 241 -29.42 -45.72 17.36
C THR B 241 -29.47 -44.60 16.33
N ALA B 242 -29.71 -43.37 16.82
CA ALA B 242 -29.73 -42.16 16.00
C ALA B 242 -28.34 -41.83 15.50
N ASN B 243 -28.21 -41.16 14.34
CA ASN B 243 -26.86 -40.80 13.84
C ASN B 243 -26.90 -39.58 12.88
N PRO B 244 -25.78 -38.83 12.74
CA PRO B 244 -25.76 -37.74 11.75
C PRO B 244 -25.42 -38.30 10.36
N SER B 245 -25.25 -37.43 9.37
CA SER B 245 -24.89 -37.82 8.02
C SER B 245 -23.41 -38.17 7.95
N HIS B 246 -22.61 -37.76 8.97
CA HIS B 246 -21.18 -38.02 9.11
C HIS B 246 -20.97 -39.52 9.26
N LEU B 247 -20.55 -40.15 8.17
CA LEU B 247 -20.33 -41.58 8.09
C LEU B 247 -19.28 -42.02 9.10
N GLU B 248 -19.61 -43.11 9.82
CA GLU B 248 -18.80 -43.79 10.83
C GLU B 248 -18.72 -43.04 12.17
N ALA B 249 -19.16 -41.77 12.26
CA ALA B 249 -19.10 -40.99 13.53
C ALA B 249 -19.85 -41.66 14.70
N VAL B 250 -20.90 -42.46 14.42
CA VAL B 250 -21.75 -43.13 15.38
C VAL B 250 -21.10 -44.43 15.94
N ASP B 251 -20.04 -44.91 15.27
CA ASP B 251 -19.35 -46.14 15.66
C ASP B 251 -19.01 -46.17 17.17
N PRO B 252 -18.29 -45.16 17.74
CA PRO B 252 -17.97 -45.25 19.19
C PRO B 252 -19.17 -44.98 20.07
N VAL B 253 -20.15 -44.22 19.57
CA VAL B 253 -21.42 -43.89 20.24
C VAL B 253 -22.19 -45.22 20.50
N LEU B 254 -22.24 -46.12 19.49
CA LEU B 254 -22.89 -47.44 19.59
C LEU B 254 -22.23 -48.26 20.68
N GLU B 255 -20.89 -48.27 20.70
CA GLU B 255 -20.09 -48.99 21.69
C GLU B 255 -20.41 -48.52 23.10
N GLY B 256 -20.49 -47.21 23.31
CA GLY B 256 -20.75 -46.63 24.62
C GLY B 256 -22.14 -46.96 25.10
N LEU B 257 -23.11 -46.85 24.20
CA LEU B 257 -24.52 -47.15 24.44
C LEU B 257 -24.68 -48.61 24.86
N VAL B 258 -24.06 -49.56 24.10
CA VAL B 258 -24.11 -50.99 24.40
C VAL B 258 -23.47 -51.29 25.76
N ARG B 259 -22.29 -50.67 26.02
CA ARG B 259 -21.59 -50.85 27.28
C ARG B 259 -22.44 -50.38 28.46
N ALA B 260 -23.16 -49.24 28.32
CA ALA B 260 -24.04 -48.73 29.38
C ALA B 260 -25.16 -49.73 29.68
N LYS B 261 -25.71 -50.36 28.61
CA LYS B 261 -26.79 -51.35 28.70
C LYS B 261 -26.27 -52.64 29.37
N GLN B 262 -25.06 -53.08 28.99
CA GLN B 262 -24.41 -54.25 29.58
C GLN B 262 -24.16 -54.06 31.06
N ASP B 263 -23.66 -52.87 31.46
CA ASP B 263 -23.43 -52.54 32.88
C ASP B 263 -24.75 -52.60 33.67
N LEU B 264 -25.85 -52.06 33.11
CA LEU B 264 -27.18 -52.08 33.73
C LEU B 264 -27.70 -53.52 33.92
N LEU B 265 -27.40 -54.41 32.95
CA LEU B 265 -27.85 -55.80 33.00
C LEU B 265 -26.92 -56.71 33.79
N ASP B 266 -25.81 -56.13 34.33
CA ASP B 266 -24.79 -56.82 35.10
C ASP B 266 -24.21 -57.97 34.25
N THR B 267 -23.98 -57.64 32.97
CA THR B 267 -23.38 -58.55 32.02
C THR B 267 -22.09 -57.91 31.50
N GLY B 268 -21.11 -58.76 31.23
CA GLY B 268 -19.83 -58.32 30.69
C GLY B 268 -18.76 -57.96 31.70
N GLU B 269 -17.87 -57.04 31.30
CA GLU B 269 -16.69 -56.56 32.03
C GLU B 269 -17.00 -56.09 33.47
N GLU B 270 -18.11 -55.37 33.66
CA GLU B 270 -18.50 -54.90 34.99
C GLU B 270 -19.64 -55.77 35.57
N GLY B 271 -19.88 -56.93 34.96
CA GLY B 271 -20.94 -57.84 35.35
C GLY B 271 -20.51 -59.14 36.00
N SER B 272 -21.48 -59.82 36.63
CA SER B 272 -21.34 -61.10 37.33
C SER B 272 -21.20 -62.26 36.35
N ASP B 273 -21.69 -62.08 35.11
CA ASP B 273 -21.60 -63.07 34.05
C ASP B 273 -20.71 -62.54 32.90
N ASN B 274 -20.16 -63.47 32.11
CA ASN B 274 -19.30 -63.17 30.96
C ASN B 274 -20.08 -63.29 29.63
N ARG B 275 -21.39 -63.04 29.65
CA ARG B 275 -22.22 -63.21 28.44
C ARG B 275 -22.20 -62.02 27.50
N PHE B 276 -22.02 -60.75 28.00
CA PHE B 276 -22.07 -59.52 27.18
C PHE B 276 -23.36 -59.60 26.32
N SER B 277 -24.50 -59.83 27.01
CA SER B 277 -25.82 -60.15 26.46
C SER B 277 -26.45 -59.04 25.58
N VAL B 278 -25.74 -57.92 25.37
CA VAL B 278 -26.16 -56.83 24.49
C VAL B 278 -25.12 -56.79 23.37
N VAL B 279 -25.56 -57.03 22.13
CA VAL B 279 -24.65 -57.15 20.99
C VAL B 279 -24.68 -55.91 20.11
N PRO B 280 -23.52 -55.27 19.87
CA PRO B 280 -23.48 -54.20 18.86
C PRO B 280 -23.41 -54.80 17.45
N LEU B 281 -24.30 -54.38 16.57
CA LEU B 281 -24.31 -54.76 15.16
C LEU B 281 -24.07 -53.48 14.39
N MET B 282 -22.87 -53.33 13.84
CA MET B 282 -22.46 -52.09 13.21
C MET B 282 -22.37 -52.23 11.68
N LEU B 283 -23.14 -51.42 10.95
CA LEU B 283 -23.15 -51.48 9.48
C LEU B 283 -22.29 -50.38 8.92
N HIS B 284 -21.69 -50.67 7.77
CA HIS B 284 -20.78 -49.71 7.13
C HIS B 284 -20.87 -49.73 5.61
N GLY B 285 -20.28 -48.72 5.00
CA GLY B 285 -20.07 -48.63 3.57
C GLY B 285 -18.60 -48.89 3.33
N ASP B 286 -18.24 -49.39 2.15
CA ASP B 286 -16.86 -49.76 1.85
C ASP B 286 -15.90 -48.57 1.80
N ALA B 287 -16.33 -47.41 1.25
CA ALA B 287 -15.42 -46.25 1.16
C ALA B 287 -15.18 -45.63 2.53
N ALA B 288 -16.24 -45.54 3.36
CA ALA B 288 -16.22 -44.95 4.69
C ALA B 288 -15.42 -45.80 5.67
N PHE B 289 -15.59 -47.14 5.60
CA PHE B 289 -14.91 -48.09 6.49
C PHE B 289 -13.40 -48.04 6.34
N ALA B 290 -12.91 -47.80 5.12
CA ALA B 290 -11.47 -47.74 4.88
C ALA B 290 -10.86 -46.33 5.08
N GLY B 291 -11.66 -45.28 4.93
CA GLY B 291 -11.12 -43.92 5.00
C GLY B 291 -11.28 -43.15 6.29
N GLN B 292 -12.29 -43.48 7.09
CA GLN B 292 -12.56 -42.75 8.33
C GLN B 292 -11.73 -43.30 9.49
N GLY B 293 -10.94 -42.41 10.11
CA GLY B 293 -10.07 -42.69 11.24
C GLY B 293 -10.75 -43.22 12.47
N VAL B 294 -12.00 -42.81 12.71
CA VAL B 294 -12.81 -43.22 13.86
C VAL B 294 -13.04 -44.74 13.88
N VAL B 295 -12.97 -45.40 12.69
CA VAL B 295 -13.11 -46.84 12.55
C VAL B 295 -11.99 -47.49 13.36
N ALA B 296 -10.71 -47.13 13.05
CA ALA B 296 -9.52 -47.65 13.76
C ALA B 296 -9.59 -47.34 15.25
N GLU B 297 -10.02 -46.12 15.62
CA GLU B 297 -10.10 -45.65 16.99
C GLU B 297 -11.07 -46.46 17.80
N THR B 298 -12.17 -46.92 17.16
CA THR B 298 -13.25 -47.68 17.81
C THR B 298 -12.85 -49.15 17.86
N LEU B 299 -12.15 -49.64 16.84
CA LEU B 299 -11.61 -50.99 16.86
C LEU B 299 -10.60 -51.13 18.01
N ASN B 300 -9.82 -50.08 18.22
CA ASN B 300 -8.84 -50.03 19.28
C ASN B 300 -9.44 -50.16 20.71
N LEU B 301 -10.74 -49.91 20.86
CA LEU B 301 -11.46 -50.00 22.14
C LEU B 301 -12.01 -51.40 22.43
N ALA B 302 -12.04 -52.30 21.42
CA ALA B 302 -12.73 -53.58 21.46
C ALA B 302 -12.37 -54.51 22.61
N LEU B 303 -11.14 -54.46 23.11
CA LEU B 303 -10.72 -55.38 24.18
C LEU B 303 -10.27 -54.65 25.44
N LEU B 304 -10.47 -53.32 25.51
CA LEU B 304 -10.09 -52.51 26.68
C LEU B 304 -11.05 -52.75 27.82
N ARG B 305 -10.55 -52.89 29.06
CA ARG B 305 -11.40 -53.11 30.23
C ARG B 305 -12.45 -51.97 30.42
N GLY B 306 -12.11 -50.74 30.05
CA GLY B 306 -13.06 -49.64 30.19
C GLY B 306 -14.04 -49.46 29.05
N TYR B 307 -13.82 -50.15 27.90
CA TYR B 307 -14.63 -49.91 26.70
C TYR B 307 -15.11 -51.16 26.00
N ARG B 308 -14.64 -52.36 26.35
CA ARG B 308 -15.04 -53.61 25.65
C ARG B 308 -16.55 -53.89 25.77
N THR B 309 -17.13 -54.41 24.69
CA THR B 309 -18.57 -54.75 24.65
C THR B 309 -18.72 -56.25 24.32
N GLY B 310 -17.62 -57.00 24.40
CA GLY B 310 -17.60 -58.44 24.15
C GLY B 310 -17.62 -58.82 22.69
N GLY B 311 -17.24 -57.87 21.85
CA GLY B 311 -17.18 -58.08 20.40
C GLY B 311 -18.37 -57.51 19.68
N THR B 312 -18.09 -56.84 18.57
CA THR B 312 -19.03 -56.20 17.66
C THR B 312 -19.12 -57.02 16.38
N ILE B 313 -20.34 -57.20 15.87
CA ILE B 313 -20.53 -57.83 14.57
C ILE B 313 -20.53 -56.69 13.55
N HIS B 314 -19.55 -56.67 12.65
CA HIS B 314 -19.45 -55.65 11.62
C HIS B 314 -19.96 -56.20 10.30
N ILE B 315 -20.82 -55.42 9.63
CA ILE B 315 -21.31 -55.77 8.30
C ILE B 315 -20.96 -54.61 7.39
N VAL B 316 -20.11 -54.87 6.40
CA VAL B 316 -19.77 -53.85 5.42
C VAL B 316 -20.59 -54.13 4.18
N VAL B 317 -21.41 -53.14 3.75
CA VAL B 317 -22.20 -53.21 2.52
C VAL B 317 -21.22 -52.74 1.44
N ASN B 318 -20.41 -53.66 0.96
CA ASN B 318 -19.35 -53.39 -0.01
C ASN B 318 -19.91 -53.42 -1.42
N ASN B 319 -20.46 -52.29 -1.86
CA ASN B 319 -21.02 -52.18 -3.20
C ASN B 319 -19.95 -51.73 -4.21
N GLN B 320 -18.69 -51.81 -3.80
CA GLN B 320 -17.45 -51.58 -4.58
C GLN B 320 -17.44 -50.21 -5.26
N ILE B 321 -18.05 -49.22 -4.59
CA ILE B 321 -18.16 -47.83 -5.05
C ILE B 321 -18.47 -46.93 -3.85
N GLY B 322 -18.04 -45.68 -3.94
CA GLY B 322 -18.28 -44.63 -2.97
C GLY B 322 -18.65 -43.38 -3.74
N PHE B 323 -19.95 -43.15 -3.98
CA PHE B 323 -20.53 -42.05 -4.77
C PHE B 323 -20.05 -42.23 -6.25
N THR B 324 -18.97 -41.56 -6.70
CA THR B 324 -18.46 -41.76 -8.06
C THR B 324 -17.07 -42.42 -8.03
N THR B 325 -16.54 -42.62 -6.81
CA THR B 325 -15.17 -43.06 -6.54
C THR B 325 -15.02 -44.57 -6.52
N ALA B 326 -14.00 -45.03 -7.27
CA ALA B 326 -13.61 -46.43 -7.36
C ALA B 326 -12.76 -46.83 -6.13
N PRO B 327 -12.85 -48.12 -5.69
CA PRO B 327 -12.01 -48.59 -4.57
C PRO B 327 -10.51 -48.22 -4.65
N THR B 328 -9.92 -48.22 -5.86
CA THR B 328 -8.49 -47.92 -6.04
C THR B 328 -8.13 -46.47 -5.61
N ASP B 329 -9.10 -45.55 -5.55
CA ASP B 329 -8.89 -44.18 -5.08
C ASP B 329 -9.35 -44.01 -3.62
N SER B 330 -9.95 -45.04 -3.01
CA SER B 330 -10.48 -44.96 -1.65
C SER B 330 -9.63 -45.69 -0.60
N ARG B 331 -8.77 -46.65 -1.02
CA ARG B 331 -7.94 -47.41 -0.07
C ARG B 331 -6.66 -47.92 -0.71
N SER B 332 -5.64 -48.17 0.15
CA SER B 332 -4.31 -48.67 -0.24
C SER B 332 -4.15 -50.14 0.13
N SER B 333 -5.25 -50.85 0.33
CA SER B 333 -5.27 -52.27 0.72
C SER B 333 -6.21 -53.05 -0.17
N GLU B 334 -5.98 -54.38 -0.24
CA GLU B 334 -6.80 -55.30 -1.04
C GLU B 334 -8.27 -55.20 -0.68
N TYR B 335 -8.58 -55.14 0.63
CA TYR B 335 -9.97 -55.11 1.13
C TYR B 335 -10.28 -53.86 1.93
N CYS B 336 -11.56 -53.45 1.91
CA CYS B 336 -12.03 -52.27 2.65
C CYS B 336 -12.00 -52.51 4.15
N THR B 337 -11.94 -53.79 4.55
CA THR B 337 -11.97 -54.27 5.94
C THR B 337 -10.60 -54.59 6.51
N ASP B 338 -9.50 -54.29 5.76
CA ASP B 338 -8.13 -54.60 6.20
C ASP B 338 -7.71 -53.88 7.52
N VAL B 339 -8.43 -52.81 7.90
CA VAL B 339 -8.20 -52.09 9.15
C VAL B 339 -8.48 -53.03 10.36
N ALA B 340 -9.48 -53.94 10.26
CA ALA B 340 -9.88 -54.89 11.31
C ALA B 340 -8.77 -55.89 11.71
N LYS B 341 -7.73 -56.04 10.87
CA LYS B 341 -6.57 -56.91 11.13
C LYS B 341 -5.78 -56.34 12.32
N MET B 342 -5.90 -55.04 12.55
CA MET B 342 -5.35 -54.27 13.67
C MET B 342 -5.64 -54.93 15.04
N ILE B 343 -6.81 -55.59 15.20
CA ILE B 343 -7.18 -56.21 16.47
C ILE B 343 -7.32 -57.74 16.29
N GLY B 344 -6.77 -58.25 15.19
CA GLY B 344 -6.81 -59.67 14.85
C GLY B 344 -8.22 -60.24 14.75
N ALA B 345 -9.15 -59.46 14.20
CA ALA B 345 -10.53 -59.90 14.01
C ALA B 345 -10.63 -60.84 12.79
N PRO B 346 -11.42 -61.95 12.84
CA PRO B 346 -11.61 -62.77 11.61
C PRO B 346 -12.46 -61.97 10.61
N ILE B 347 -12.13 -62.11 9.31
CA ILE B 347 -12.84 -61.39 8.26
C ILE B 347 -13.39 -62.37 7.25
N PHE B 348 -14.67 -62.19 6.92
CA PHE B 348 -15.35 -63.04 5.95
C PHE B 348 -15.85 -62.21 4.80
N HIS B 349 -15.32 -62.46 3.60
CA HIS B 349 -15.72 -61.78 2.37
C HIS B 349 -16.77 -62.67 1.74
N VAL B 350 -18.00 -62.16 1.59
CA VAL B 350 -19.07 -63.03 1.10
C VAL B 350 -19.82 -62.40 -0.11
N ASN B 351 -20.12 -63.26 -1.08
CA ASN B 351 -20.86 -62.94 -2.31
C ASN B 351 -22.29 -62.62 -1.97
N GLY B 352 -22.69 -61.37 -2.19
CA GLY B 352 -24.03 -60.88 -1.88
C GLY B 352 -25.13 -61.50 -2.71
N ASP B 353 -24.79 -62.24 -3.78
CA ASP B 353 -25.77 -62.91 -4.62
C ASP B 353 -26.10 -64.31 -4.09
N ASP B 354 -25.38 -64.77 -3.06
CA ASP B 354 -25.62 -66.06 -2.45
C ASP B 354 -26.12 -65.78 -1.01
N PRO B 355 -27.45 -65.65 -0.80
CA PRO B 355 -27.96 -65.33 0.55
C PRO B 355 -27.81 -66.48 1.57
N GLU B 356 -27.58 -67.73 1.12
CA GLU B 356 -27.36 -68.88 2.03
C GLU B 356 -25.97 -68.78 2.66
N ALA B 357 -24.93 -68.47 1.83
CA ALA B 357 -23.56 -68.26 2.33
C ALA B 357 -23.52 -67.04 3.27
N CYS B 358 -24.28 -65.98 2.94
CA CYS B 358 -24.39 -64.75 3.74
C CYS B 358 -25.04 -65.03 5.08
N ALA B 359 -26.11 -65.84 5.10
CA ALA B 359 -26.82 -66.22 6.34
C ALA B 359 -25.94 -67.12 7.21
N TRP B 360 -25.24 -68.08 6.58
CA TRP B 360 -24.35 -69.03 7.26
C TRP B 360 -23.18 -68.30 7.96
N VAL B 361 -22.53 -67.34 7.24
CA VAL B 361 -21.40 -66.52 7.71
C VAL B 361 -21.84 -65.64 8.91
N ALA B 362 -23.07 -65.07 8.82
CA ALA B 362 -23.66 -64.23 9.88
C ALA B 362 -23.79 -65.02 11.19
N ARG B 363 -24.25 -66.29 11.11
CA ARG B 363 -24.44 -67.19 12.25
C ARG B 363 -23.09 -67.62 12.83
N LEU B 364 -22.11 -67.88 11.94
CA LEU B 364 -20.75 -68.25 12.34
C LEU B 364 -20.08 -67.07 13.06
N ALA B 365 -20.37 -65.83 12.62
CA ALA B 365 -19.84 -64.60 13.20
C ALA B 365 -20.34 -64.42 14.64
N VAL B 366 -21.64 -64.66 14.89
CA VAL B 366 -22.25 -64.57 16.22
C VAL B 366 -21.62 -65.61 17.17
N ASP B 367 -21.43 -66.84 16.68
CA ASP B 367 -20.82 -67.95 17.44
C ASP B 367 -19.38 -67.65 17.84
N PHE B 368 -18.60 -67.04 16.93
CA PHE B 368 -17.20 -66.66 17.19
C PHE B 368 -17.15 -65.57 18.28
N ARG B 369 -18.02 -64.57 18.17
CA ARG B 369 -18.12 -63.45 19.11
C ARG B 369 -18.49 -64.01 20.50
N GLN B 370 -19.42 -64.98 20.56
CA GLN B 370 -19.81 -65.61 21.82
C GLN B 370 -18.67 -66.42 22.44
N ALA B 371 -17.89 -67.12 21.58
CA ALA B 371 -16.78 -67.95 22.05
C ALA B 371 -15.55 -67.15 22.46
N PHE B 372 -15.24 -66.03 21.76
CA PHE B 372 -14.01 -65.33 22.09
C PHE B 372 -14.15 -63.88 22.53
N LYS B 373 -15.40 -63.32 22.58
CA LYS B 373 -15.69 -61.94 23.05
C LYS B 373 -14.86 -60.89 22.27
N LYS B 374 -14.73 -61.11 20.96
CA LYS B 374 -13.93 -60.33 20.03
C LYS B 374 -14.74 -60.01 18.76
N ASP B 375 -14.38 -58.91 18.07
CA ASP B 375 -15.02 -58.42 16.83
C ASP B 375 -14.91 -59.43 15.68
N VAL B 376 -15.95 -59.46 14.84
CA VAL B 376 -16.06 -60.25 13.61
C VAL B 376 -16.50 -59.30 12.50
N VAL B 377 -15.84 -59.39 11.35
CA VAL B 377 -16.16 -58.49 10.24
C VAL B 377 -16.68 -59.31 9.05
N ILE B 378 -17.86 -58.91 8.54
CA ILE B 378 -18.48 -59.50 7.36
C ILE B 378 -18.44 -58.45 6.26
N ASP B 379 -17.71 -58.76 5.19
CA ASP B 379 -17.56 -57.92 4.02
C ASP B 379 -18.51 -58.48 2.93
N MET B 380 -19.73 -57.91 2.83
CA MET B 380 -20.73 -58.36 1.84
C MET B 380 -20.55 -57.65 0.50
N LEU B 381 -20.02 -58.37 -0.48
CA LEU B 381 -19.78 -57.84 -1.83
C LEU B 381 -21.07 -57.86 -2.60
N CYS B 382 -21.43 -56.67 -3.06
CA CYS B 382 -22.66 -56.45 -3.76
C CYS B 382 -22.46 -55.33 -4.78
N TYR B 383 -23.54 -54.64 -5.15
CA TYR B 383 -23.47 -53.54 -6.11
C TYR B 383 -24.54 -52.52 -5.79
N ARG B 384 -24.40 -51.34 -6.36
CA ARG B 384 -25.34 -50.22 -6.22
C ARG B 384 -26.01 -50.10 -7.58
N ARG B 385 -27.22 -50.64 -7.68
CA ARG B 385 -28.00 -50.74 -8.92
C ARG B 385 -28.23 -49.36 -9.56
N ARG B 386 -28.62 -48.40 -8.72
CA ARG B 386 -28.95 -47.08 -9.20
C ARG B 386 -27.80 -46.10 -8.92
N GLY B 387 -27.94 -44.91 -9.49
CA GLY B 387 -27.02 -43.80 -9.32
C GLY B 387 -27.09 -43.39 -7.88
N HIS B 388 -26.04 -42.68 -7.41
CA HIS B 388 -25.92 -42.26 -6.01
C HIS B 388 -27.11 -41.45 -5.53
N ASN B 389 -27.66 -40.61 -6.38
CA ASN B 389 -28.80 -39.75 -6.09
C ASN B 389 -29.50 -39.42 -7.40
N GLU B 390 -30.65 -38.72 -7.33
CA GLU B 390 -31.42 -38.32 -8.51
C GLU B 390 -30.58 -37.44 -9.44
N GLY B 391 -30.75 -37.64 -10.73
CA GLY B 391 -29.97 -36.92 -11.73
C GLY B 391 -28.67 -37.62 -12.11
N ASP B 392 -27.96 -38.25 -11.12
CA ASP B 392 -26.69 -38.98 -11.39
C ASP B 392 -26.92 -40.17 -12.33
N ASP B 393 -26.23 -40.15 -13.48
CA ASP B 393 -26.12 -41.23 -14.46
C ASP B 393 -24.76 -41.85 -14.12
N PRO B 394 -24.75 -43.00 -13.40
CA PRO B 394 -23.47 -43.55 -12.91
C PRO B 394 -22.51 -44.04 -13.99
N SER B 395 -22.97 -44.20 -15.23
CA SER B 395 -22.11 -44.63 -16.31
C SER B 395 -21.18 -43.48 -16.79
N MET B 396 -21.39 -42.24 -16.27
CA MET B 396 -20.52 -41.08 -16.61
C MET B 396 -19.09 -41.26 -16.06
N THR B 397 -19.02 -41.74 -14.82
CA THR B 397 -17.77 -41.95 -14.06
C THR B 397 -17.40 -43.44 -13.93
N GLN B 398 -18.41 -44.35 -14.01
CA GLN B 398 -18.13 -45.79 -13.93
C GLN B 398 -18.85 -46.53 -15.10
N PRO B 399 -18.46 -46.29 -16.37
CA PRO B 399 -19.16 -46.94 -17.48
C PRO B 399 -19.12 -48.47 -17.46
N TYR B 400 -17.96 -49.05 -17.13
CA TYR B 400 -17.74 -50.50 -17.13
C TYR B 400 -18.58 -51.20 -16.08
N MET B 401 -18.50 -50.75 -14.82
CA MET B 401 -19.27 -51.28 -13.69
C MET B 401 -20.77 -51.27 -14.02
N TYR B 402 -21.26 -50.15 -14.56
CA TYR B 402 -22.68 -49.96 -14.83
C TYR B 402 -23.14 -50.65 -16.11
N ASP B 403 -22.23 -51.06 -17.01
CA ASP B 403 -22.67 -51.86 -18.16
C ASP B 403 -22.92 -53.32 -17.69
N VAL B 404 -22.10 -53.79 -16.72
CA VAL B 404 -22.22 -55.11 -16.10
C VAL B 404 -23.50 -55.13 -15.22
N ILE B 405 -23.72 -54.05 -14.41
CA ILE B 405 -24.87 -53.91 -13.50
C ILE B 405 -26.18 -53.98 -14.29
N ASP B 406 -26.26 -53.33 -15.45
CA ASP B 406 -27.44 -53.33 -16.33
C ASP B 406 -27.87 -54.74 -16.79
N THR B 407 -26.94 -55.71 -16.79
CA THR B 407 -27.21 -57.10 -17.19
C THR B 407 -27.58 -57.98 -15.97
N LYS B 408 -27.53 -57.40 -14.75
CA LYS B 408 -27.82 -58.14 -13.51
C LYS B 408 -29.29 -58.15 -13.13
N ARG B 409 -29.80 -59.34 -12.80
CA ARG B 409 -31.15 -59.50 -12.26
C ARG B 409 -30.98 -59.39 -10.75
N GLY B 410 -32.04 -59.09 -10.02
CA GLY B 410 -31.93 -58.97 -8.56
C GLY B 410 -31.51 -60.25 -7.82
N SER B 411 -31.09 -60.09 -6.56
CA SER B 411 -30.69 -61.18 -5.67
C SER B 411 -31.86 -62.13 -5.43
N ARG B 412 -33.09 -61.58 -5.38
CA ARG B 412 -34.35 -62.32 -5.17
C ARG B 412 -34.62 -63.27 -6.36
N LYS B 413 -34.58 -62.74 -7.60
CA LYS B 413 -34.80 -63.52 -8.82
C LYS B 413 -33.68 -64.55 -9.00
N ALA B 414 -32.44 -64.16 -8.68
CA ALA B 414 -31.26 -65.01 -8.77
C ALA B 414 -31.35 -66.21 -7.82
N TYR B 415 -31.85 -65.97 -6.59
CA TYR B 415 -32.02 -67.01 -5.58
C TYR B 415 -33.23 -67.90 -5.91
N THR B 416 -34.34 -67.32 -6.43
CA THR B 416 -35.55 -68.07 -6.81
C THR B 416 -35.19 -69.06 -7.92
N GLU B 417 -34.44 -68.61 -8.93
CA GLU B 417 -33.98 -69.41 -10.07
C GLU B 417 -32.93 -70.44 -9.63
N ALA B 418 -32.05 -70.08 -8.66
CA ALA B 418 -31.01 -70.96 -8.13
C ALA B 418 -31.60 -72.14 -7.35
N LEU B 419 -32.80 -71.94 -6.76
CA LEU B 419 -33.53 -72.96 -6.00
C LEU B 419 -34.26 -73.92 -6.94
N ILE B 420 -34.65 -73.43 -8.15
CA ILE B 420 -35.32 -74.26 -9.17
C ILE B 420 -34.25 -75.16 -9.80
N GLY B 421 -33.12 -74.57 -10.18
CA GLY B 421 -31.98 -75.26 -10.77
C GLY B 421 -31.44 -76.36 -9.87
N ARG B 422 -31.39 -76.09 -8.55
CA ARG B 422 -30.93 -77.06 -7.55
C ARG B 422 -32.00 -78.12 -7.22
N GLY B 423 -33.24 -77.88 -7.66
CA GLY B 423 -34.38 -78.76 -7.41
C GLY B 423 -34.85 -78.74 -5.97
N ASP B 424 -34.54 -77.64 -5.24
CA ASP B 424 -34.92 -77.44 -3.83
C ASP B 424 -36.35 -76.92 -3.68
N ILE B 425 -36.87 -76.16 -4.67
CA ILE B 425 -38.25 -75.65 -4.65
C ILE B 425 -38.97 -76.04 -5.96
N SER B 426 -40.27 -76.40 -5.86
CA SER B 426 -41.12 -76.80 -6.99
C SER B 426 -41.52 -75.58 -7.83
N MET B 427 -42.09 -75.82 -9.03
CA MET B 427 -42.57 -74.74 -9.89
C MET B 427 -43.79 -74.07 -9.24
N LYS B 428 -44.64 -74.85 -8.54
CA LYS B 428 -45.80 -74.35 -7.79
C LYS B 428 -45.30 -73.46 -6.64
N GLU B 429 -44.22 -73.91 -5.96
CA GLU B 429 -43.56 -73.23 -4.85
C GLU B 429 -42.90 -71.91 -5.32
N ALA B 430 -42.26 -71.91 -6.53
CA ALA B 430 -41.56 -70.76 -7.13
C ALA B 430 -42.54 -69.67 -7.56
N GLU B 431 -43.75 -70.05 -8.00
CA GLU B 431 -44.84 -69.14 -8.37
C GLU B 431 -45.48 -68.56 -7.12
N ASP B 432 -45.49 -69.33 -6.00
CA ASP B 432 -46.01 -68.91 -4.69
C ASP B 432 -45.06 -67.91 -4.06
N ALA B 433 -43.75 -68.16 -4.26
CA ALA B 433 -42.66 -67.31 -3.82
C ALA B 433 -42.80 -65.93 -4.53
N LEU B 434 -43.15 -65.93 -5.83
CA LEU B 434 -43.42 -64.72 -6.63
C LEU B 434 -44.75 -64.08 -6.20
N ARG B 435 -45.71 -64.90 -5.73
CA ARG B 435 -47.00 -64.38 -5.26
C ARG B 435 -46.82 -63.77 -3.86
N ASP B 436 -45.83 -64.26 -3.09
CA ASP B 436 -45.48 -63.70 -1.78
C ASP B 436 -44.88 -62.31 -2.00
N TYR B 437 -44.08 -62.15 -3.08
CA TYR B 437 -43.45 -60.87 -3.46
C TYR B 437 -44.54 -59.81 -3.70
N GLN B 438 -45.47 -60.11 -4.66
CA GLN B 438 -46.59 -59.27 -5.09
C GLN B 438 -47.51 -58.90 -3.92
N GLY B 439 -47.78 -59.84 -3.03
CA GLY B 439 -48.59 -59.59 -1.84
C GLY B 439 -47.90 -58.61 -0.90
N GLN B 440 -46.56 -58.74 -0.76
CA GLN B 440 -45.75 -57.84 0.08
C GLN B 440 -45.73 -56.46 -0.54
N LEU B 441 -45.62 -56.38 -1.88
CA LEU B 441 -45.62 -55.12 -2.64
C LEU B 441 -46.97 -54.41 -2.52
N GLU B 442 -48.07 -55.16 -2.56
CA GLU B 442 -49.44 -54.66 -2.41
C GLU B 442 -49.69 -54.15 -1.00
N ARG B 443 -49.32 -54.93 0.02
CA ARG B 443 -49.50 -54.61 1.43
C ARG B 443 -48.90 -53.26 1.79
N VAL B 444 -47.65 -53.01 1.40
CA VAL B 444 -46.99 -51.74 1.75
C VAL B 444 -47.69 -50.58 1.01
N PHE B 445 -48.10 -50.77 -0.27
CA PHE B 445 -48.82 -49.70 -1.01
C PHE B 445 -50.16 -49.39 -0.35
N ASN B 446 -50.93 -50.45 0.02
CA ASN B 446 -52.25 -50.38 0.67
C ASN B 446 -52.18 -49.78 2.08
N GLU B 447 -51.25 -50.28 2.95
CA GLU B 447 -51.09 -49.80 4.32
C GLU B 447 -50.73 -48.30 4.36
N VAL B 448 -49.83 -47.87 3.44
CA VAL B 448 -49.41 -46.46 3.33
C VAL B 448 -50.58 -45.60 2.77
N ARG B 449 -51.39 -46.15 1.84
CA ARG B 449 -52.56 -45.47 1.27
C ARG B 449 -53.56 -45.15 2.38
N GLU B 450 -53.87 -46.16 3.22
CA GLU B 450 -54.75 -46.05 4.38
C GLU B 450 -54.20 -44.99 5.36
N LEU B 451 -52.90 -45.03 5.64
CA LEU B 451 -52.22 -44.09 6.54
C LEU B 451 -52.47 -42.63 6.06
N GLU B 452 -52.20 -42.34 4.75
CA GLU B 452 -52.37 -41.02 4.10
C GLU B 452 -53.80 -40.48 4.23
N LYS B 453 -54.82 -41.37 4.16
CA LYS B 453 -56.25 -41.03 4.29
C LYS B 453 -56.56 -40.57 5.72
N HIS B 454 -55.95 -41.21 6.74
CA HIS B 454 -56.12 -40.90 8.17
C HIS B 454 -55.13 -39.83 8.65
N LEU B 472 -34.55 -28.95 43.73
CA LEU B 472 -33.81 -29.87 44.59
C LEU B 472 -32.52 -29.23 45.16
N ALA B 473 -32.20 -29.56 46.42
CA ALA B 473 -31.03 -29.06 47.14
C ALA B 473 -29.84 -29.97 46.93
N THR B 474 -28.66 -29.37 46.76
CA THR B 474 -27.42 -30.10 46.49
C THR B 474 -26.51 -30.22 47.74
N ALA B 475 -26.85 -29.52 48.83
CA ALA B 475 -26.06 -29.52 50.08
C ALA B 475 -26.11 -30.91 50.75
N VAL B 476 -24.98 -31.34 51.34
CA VAL B 476 -24.86 -32.62 52.04
C VAL B 476 -24.60 -32.35 53.53
N ASP B 477 -24.69 -33.38 54.40
CA ASP B 477 -24.40 -33.15 55.81
C ASP B 477 -22.91 -33.39 56.07
N LYS B 478 -22.40 -32.89 57.23
CA LYS B 478 -21.01 -33.03 57.70
C LYS B 478 -20.57 -34.51 57.77
N ALA B 479 -21.50 -35.43 58.11
CA ALA B 479 -21.27 -36.88 58.16
C ALA B 479 -20.90 -37.45 56.78
N MET B 480 -21.52 -36.93 55.70
CA MET B 480 -21.23 -37.37 54.32
C MET B 480 -19.79 -37.00 53.93
N LEU B 481 -19.37 -35.77 54.28
CA LEU B 481 -18.01 -35.27 53.98
C LEU B 481 -17.01 -36.08 54.75
N GLN B 482 -17.28 -36.31 56.06
CA GLN B 482 -16.39 -37.08 56.93
C GLN B 482 -16.23 -38.52 56.42
N ARG B 483 -17.33 -39.12 55.92
CA ARG B 483 -17.35 -40.48 55.38
C ARG B 483 -16.46 -40.59 54.12
N ILE B 484 -16.52 -39.62 53.20
CA ILE B 484 -15.72 -39.60 51.97
C ILE B 484 -14.24 -39.39 52.34
N GLY B 485 -13.97 -38.54 53.35
CA GLY B 485 -12.63 -38.30 53.87
C GLY B 485 -12.04 -39.56 54.51
N ASP B 486 -12.81 -40.21 55.40
CA ASP B 486 -12.41 -41.45 56.07
C ASP B 486 -12.19 -42.61 55.09
N ALA B 487 -12.94 -42.66 53.96
CA ALA B 487 -12.80 -43.68 52.91
C ALA B 487 -11.38 -43.70 52.30
N HIS B 488 -10.71 -42.53 52.22
CA HIS B 488 -9.35 -42.37 51.70
C HIS B 488 -8.29 -43.04 52.61
N LEU B 489 -8.67 -43.39 53.85
CA LEU B 489 -7.80 -44.04 54.81
C LEU B 489 -8.28 -45.48 55.13
N ALA B 490 -9.48 -45.86 54.66
CA ALA B 490 -10.02 -47.22 54.88
C ALA B 490 -9.39 -48.19 53.85
N LEU B 491 -8.08 -48.37 53.95
CA LEU B 491 -7.26 -49.19 53.08
C LEU B 491 -7.44 -50.68 53.30
N PRO B 492 -7.40 -51.51 52.21
CA PRO B 492 -7.54 -52.97 52.39
C PRO B 492 -6.39 -53.54 53.20
N GLU B 493 -6.61 -54.68 53.87
CA GLU B 493 -5.60 -55.33 54.71
C GLU B 493 -4.35 -55.64 53.88
N GLY B 494 -3.21 -55.19 54.39
CA GLY B 494 -1.91 -55.38 53.76
C GLY B 494 -1.56 -54.46 52.61
N PHE B 495 -2.43 -53.46 52.31
CA PHE B 495 -2.18 -52.50 51.22
C PHE B 495 -1.01 -51.55 51.55
N THR B 496 -0.09 -51.36 50.59
CA THR B 496 1.05 -50.44 50.73
C THR B 496 0.79 -49.19 49.84
N VAL B 497 0.58 -48.04 50.49
CA VAL B 497 0.38 -46.76 49.81
C VAL B 497 1.73 -46.21 49.36
N HIS B 498 1.83 -45.70 48.13
CA HIS B 498 3.06 -45.04 47.68
C HIS B 498 3.29 -43.86 48.65
N PRO B 499 4.51 -43.74 49.24
CA PRO B 499 4.78 -42.67 50.22
C PRO B 499 4.35 -41.25 49.80
N ARG B 500 4.33 -40.93 48.51
CA ARG B 500 3.93 -39.60 48.03
C ARG B 500 2.42 -39.46 47.86
N VAL B 501 1.69 -40.59 47.88
CA VAL B 501 0.23 -40.65 47.72
C VAL B 501 -0.43 -40.60 49.11
N ARG B 502 0.24 -41.14 50.14
CA ARG B 502 -0.17 -41.19 51.55
C ARG B 502 -0.55 -39.80 52.10
N PRO B 503 0.26 -38.70 51.98
CA PRO B 503 -0.17 -37.40 52.52
C PRO B 503 -1.47 -36.85 51.90
N VAL B 504 -1.74 -37.17 50.61
CA VAL B 504 -2.97 -36.77 49.89
C VAL B 504 -4.18 -37.39 50.62
N LEU B 505 -4.12 -38.70 50.90
CA LEU B 505 -5.18 -39.43 51.62
C LEU B 505 -5.42 -38.84 53.00
N GLU B 506 -4.35 -38.57 53.76
CA GLU B 506 -4.43 -38.00 55.12
C GLU B 506 -4.97 -36.54 55.11
N LYS B 507 -4.54 -35.71 54.14
CA LYS B 507 -4.98 -34.32 53.96
C LYS B 507 -6.49 -34.27 53.63
N ARG B 508 -7.00 -35.29 52.91
CA ARG B 508 -8.43 -35.37 52.54
C ARG B 508 -9.27 -35.65 53.78
N ARG B 509 -8.79 -36.51 54.70
CA ARG B 509 -9.47 -36.75 55.98
C ARG B 509 -9.50 -35.43 56.77
N GLU B 510 -8.36 -34.69 56.78
CA GLU B 510 -8.22 -33.37 57.43
C GLU B 510 -9.21 -32.36 56.80
N MET B 511 -9.23 -32.25 55.44
CA MET B 511 -10.13 -31.33 54.70
C MET B 511 -11.63 -31.62 55.01
N ALA B 512 -12.01 -32.90 55.09
CA ALA B 512 -13.38 -33.33 55.37
C ALA B 512 -13.86 -32.90 56.75
N TYR B 513 -12.96 -32.83 57.73
CA TYR B 513 -13.30 -32.50 59.11
C TYR B 513 -13.01 -31.05 59.46
N GLU B 514 -11.97 -30.43 58.85
CA GLU B 514 -11.49 -29.10 59.24
C GLU B 514 -11.64 -27.99 58.17
N GLY B 515 -12.10 -28.32 56.97
CA GLY B 515 -12.27 -27.32 55.92
C GLY B 515 -11.04 -27.10 55.05
N ARG B 516 -11.01 -25.94 54.34
CA ARG B 516 -9.98 -25.54 53.38
C ARG B 516 -9.90 -26.61 52.26
N ILE B 517 -11.09 -27.10 51.82
CA ILE B 517 -11.24 -28.16 50.82
C ILE B 517 -10.82 -27.62 49.45
N ASP B 518 -9.87 -28.32 48.81
CA ASP B 518 -9.34 -27.95 47.49
C ASP B 518 -10.24 -28.51 46.39
N TRP B 519 -10.02 -28.06 45.14
CA TRP B 519 -10.79 -28.44 43.96
C TRP B 519 -10.86 -29.96 43.77
N ALA B 520 -9.71 -30.63 43.77
CA ALA B 520 -9.61 -32.07 43.52
C ALA B 520 -10.44 -32.89 44.50
N PHE B 521 -10.43 -32.52 45.80
CA PHE B 521 -11.21 -33.25 46.81
C PHE B 521 -12.72 -32.95 46.65
N ALA B 522 -13.10 -31.67 46.36
CA ALA B 522 -14.48 -31.22 46.13
C ALA B 522 -15.16 -32.03 45.03
N GLU B 523 -14.42 -32.32 43.94
CA GLU B 523 -14.89 -33.16 42.84
C GLU B 523 -15.24 -34.56 43.37
N LEU B 524 -14.35 -35.17 44.19
CA LEU B 524 -14.54 -36.49 44.76
C LEU B 524 -15.66 -36.48 45.81
N LEU B 525 -15.86 -35.35 46.51
CA LEU B 525 -16.97 -35.20 47.46
C LEU B 525 -18.30 -35.22 46.70
N ALA B 526 -18.37 -34.55 45.52
CA ALA B 526 -19.57 -34.53 44.68
C ALA B 526 -19.88 -35.93 44.15
N LEU B 527 -18.86 -36.58 43.56
CA LEU B 527 -18.99 -37.90 42.98
C LEU B 527 -19.28 -38.95 44.04
N GLY B 528 -18.56 -38.91 45.16
CA GLY B 528 -18.74 -39.81 46.29
C GLY B 528 -20.13 -39.77 46.91
N SER B 529 -20.67 -38.54 47.11
CA SER B 529 -22.00 -38.34 47.70
C SER B 529 -23.10 -38.83 46.75
N LEU B 530 -22.88 -38.73 45.41
CA LEU B 530 -23.83 -39.24 44.41
C LEU B 530 -23.89 -40.78 44.44
N ILE B 531 -22.71 -41.44 44.56
CA ILE B 531 -22.56 -42.91 44.69
C ILE B 531 -23.27 -43.37 45.98
N ALA B 532 -23.12 -42.61 47.08
CA ALA B 532 -23.74 -42.87 48.39
C ALA B 532 -25.27 -42.81 48.29
N GLU B 533 -25.79 -41.93 47.41
CA GLU B 533 -27.22 -41.75 47.14
C GLU B 533 -27.76 -42.78 46.11
N GLY B 534 -26.88 -43.62 45.57
CA GLY B 534 -27.26 -44.69 44.65
C GLY B 534 -26.99 -44.48 43.17
N LYS B 535 -26.28 -43.39 42.81
CA LYS B 535 -25.98 -43.11 41.42
C LYS B 535 -24.75 -43.84 40.89
N LEU B 536 -24.84 -44.31 39.64
CA LEU B 536 -23.69 -44.88 38.94
C LEU B 536 -22.89 -43.70 38.41
N VAL B 537 -21.58 -43.68 38.72
CA VAL B 537 -20.68 -42.61 38.26
C VAL B 537 -19.60 -43.24 37.38
N ARG B 538 -19.56 -42.81 36.10
CA ARG B 538 -18.55 -43.25 35.14
C ARG B 538 -17.69 -42.05 34.82
N LEU B 539 -16.38 -42.15 35.16
CA LEU B 539 -15.39 -41.09 34.95
C LEU B 539 -14.21 -41.69 34.16
N SER B 540 -13.83 -41.04 33.06
CA SER B 540 -12.72 -41.54 32.24
C SER B 540 -12.06 -40.40 31.45
N GLY B 541 -10.93 -40.70 30.85
CA GLY B 541 -10.13 -39.77 30.07
C GLY B 541 -8.67 -40.12 30.22
N GLN B 542 -7.80 -39.38 29.54
CA GLN B 542 -6.37 -39.67 29.56
C GLN B 542 -5.77 -39.43 30.95
N ASP B 543 -5.25 -40.52 31.56
CA ASP B 543 -4.62 -40.55 32.90
C ASP B 543 -5.56 -39.99 34.00
N THR B 544 -6.88 -40.19 33.84
CA THR B 544 -7.93 -39.68 34.73
C THR B 544 -7.90 -40.35 36.12
N GLN B 545 -7.39 -41.59 36.25
CA GLN B 545 -7.31 -42.26 37.55
C GLN B 545 -6.43 -41.46 38.53
N ARG B 546 -5.26 -41.05 38.08
CA ARG B 546 -4.35 -40.28 38.93
C ARG B 546 -4.63 -38.79 38.79
N GLY B 547 -4.90 -38.37 37.56
CA GLY B 547 -5.09 -36.98 37.19
C GLY B 547 -3.83 -36.50 36.48
N THR B 548 -4.01 -35.74 35.39
CA THR B 548 -2.94 -35.14 34.58
C THR B 548 -2.05 -34.27 35.47
N PHE B 549 -2.65 -33.56 36.44
CA PHE B 549 -1.92 -32.65 37.32
C PHE B 549 -1.67 -33.27 38.69
N THR B 550 -1.69 -34.65 38.75
CA THR B 550 -1.37 -35.48 39.94
C THR B 550 -2.26 -35.07 41.11
N GLN B 551 -3.49 -34.65 40.82
CA GLN B 551 -4.38 -34.14 41.84
C GLN B 551 -5.50 -35.11 42.26
N ARG B 552 -5.94 -36.02 41.38
CA ARG B 552 -7.14 -36.82 41.64
C ARG B 552 -6.91 -38.02 42.58
N HIS B 553 -6.14 -39.02 42.14
CA HIS B 553 -5.89 -40.25 42.91
C HIS B 553 -7.24 -40.95 43.24
N ALA B 554 -8.10 -41.11 42.19
CA ALA B 554 -9.39 -41.79 42.26
C ALA B 554 -9.12 -43.27 42.43
N VAL B 555 -7.98 -43.72 41.89
CA VAL B 555 -7.45 -45.08 41.99
C VAL B 555 -6.02 -44.97 42.54
N ILE B 556 -5.68 -45.73 43.57
CA ILE B 556 -4.33 -45.70 44.12
C ILE B 556 -3.73 -47.10 43.89
N VAL B 557 -2.43 -47.14 43.66
CA VAL B 557 -1.73 -48.36 43.28
C VAL B 557 -0.78 -48.81 44.40
N ASP B 558 -0.92 -50.08 44.81
CA ASP B 558 -0.09 -50.73 45.82
C ASP B 558 1.39 -50.71 45.34
N ARG B 559 2.27 -50.05 46.14
CA ARG B 559 3.69 -49.86 45.84
CA ARG B 559 3.69 -49.87 45.88
C ARG B 559 4.42 -51.21 45.62
N LYS B 560 3.97 -52.31 46.29
CA LYS B 560 4.59 -53.63 46.16
C LYS B 560 3.87 -54.60 45.19
N THR B 561 2.52 -54.57 45.09
CA THR B 561 1.82 -55.55 44.25
C THR B 561 1.24 -54.98 42.93
N GLY B 562 0.97 -53.68 42.91
CA GLY B 562 0.36 -53.04 41.75
C GLY B 562 -1.16 -53.13 41.79
N GLU B 563 -1.72 -53.69 42.89
CA GLU B 563 -3.17 -53.83 43.08
C GLU B 563 -3.79 -52.46 43.21
N GLU B 564 -4.85 -52.21 42.43
CA GLU B 564 -5.58 -50.94 42.43
C GLU B 564 -6.61 -50.92 43.57
N PHE B 565 -6.75 -49.76 44.23
CA PHE B 565 -7.73 -49.51 45.29
C PHE B 565 -8.47 -48.23 44.94
N THR B 566 -9.81 -48.27 44.99
CA THR B 566 -10.67 -47.14 44.65
C THR B 566 -11.41 -46.68 45.92
N PRO B 567 -10.90 -45.64 46.63
CA PRO B 567 -11.57 -45.20 47.86
C PRO B 567 -13.07 -44.87 47.71
N LEU B 568 -13.50 -44.17 46.62
CA LEU B 568 -14.93 -43.81 46.46
C LEU B 568 -15.86 -45.03 46.32
N GLN B 569 -15.33 -46.20 45.93
CA GLN B 569 -16.14 -47.42 45.77
C GLN B 569 -16.67 -47.93 47.14
N LEU B 570 -16.08 -47.48 48.25
CA LEU B 570 -16.54 -47.83 49.59
C LEU B 570 -17.90 -47.18 49.90
N LEU B 571 -18.24 -46.11 49.16
CA LEU B 571 -19.49 -45.37 49.35
C LEU B 571 -20.67 -46.04 48.64
N ALA B 572 -20.41 -47.10 47.84
CA ALA B 572 -21.44 -47.90 47.19
C ALA B 572 -22.12 -48.86 48.20
N THR B 573 -21.60 -48.89 49.44
CA THR B 573 -22.09 -49.69 50.56
C THR B 573 -22.47 -48.75 51.70
N ASN B 574 -23.70 -48.90 52.23
CA ASN B 574 -24.23 -48.13 53.36
C ASN B 574 -23.53 -48.52 54.67
N PRO B 575 -23.52 -47.64 55.70
CA PRO B 575 -22.89 -48.02 56.98
C PRO B 575 -23.41 -49.34 57.58
N ASP B 576 -24.67 -49.73 57.25
CA ASP B 576 -25.28 -50.98 57.74
C ASP B 576 -24.77 -52.23 56.97
N GLY B 577 -24.06 -52.02 55.86
CA GLY B 577 -23.51 -53.06 55.01
C GLY B 577 -24.27 -53.35 53.73
N THR B 578 -25.43 -52.71 53.55
CA THR B 578 -26.26 -52.93 52.37
C THR B 578 -25.76 -52.09 51.19
N PRO B 579 -25.97 -52.53 49.92
CA PRO B 579 -25.53 -51.68 48.79
C PRO B 579 -26.43 -50.45 48.64
N THR B 580 -25.86 -49.34 48.16
CA THR B 580 -26.62 -48.11 47.92
C THR B 580 -27.28 -48.18 46.53
N GLY B 581 -26.73 -49.03 45.68
CA GLY B 581 -27.15 -49.18 44.30
C GLY B 581 -26.20 -48.42 43.37
N GLY B 582 -25.36 -47.58 43.97
CA GLY B 582 -24.36 -46.77 43.26
C GLY B 582 -23.09 -47.54 42.96
N LYS B 583 -22.21 -46.94 42.14
CA LYS B 583 -20.97 -47.55 41.66
C LYS B 583 -20.04 -46.49 41.14
N PHE B 584 -18.73 -46.71 41.30
CA PHE B 584 -17.73 -45.81 40.75
C PHE B 584 -16.90 -46.56 39.71
N LEU B 585 -17.07 -46.14 38.44
CA LEU B 585 -16.37 -46.71 37.30
C LEU B 585 -15.40 -45.68 36.80
N VAL B 586 -14.11 -45.85 37.09
CA VAL B 586 -13.10 -44.88 36.69
C VAL B 586 -12.00 -45.57 35.87
N TYR B 587 -11.74 -45.02 34.68
CA TYR B 587 -10.78 -45.60 33.76
C TYR B 587 -9.83 -44.60 33.16
N ASN B 588 -8.65 -45.08 32.79
CA ASN B 588 -7.69 -44.39 31.97
C ASN B 588 -8.12 -44.72 30.55
N SER B 589 -8.29 -43.71 29.70
CA SER B 589 -8.71 -43.94 28.32
C SER B 589 -7.51 -44.23 27.41
N ALA B 590 -7.81 -44.65 26.17
CA ALA B 590 -6.80 -44.80 25.13
C ALA B 590 -6.43 -43.39 24.70
N LEU B 591 -5.36 -43.21 23.92
CA LEU B 591 -5.00 -41.87 23.47
C LEU B 591 -5.89 -41.49 22.26
N SER B 592 -7.20 -41.32 22.53
CA SER B 592 -8.23 -40.96 21.58
C SER B 592 -9.12 -39.89 22.14
N GLU B 593 -9.62 -39.01 21.27
CA GLU B 593 -10.56 -37.99 21.68
C GLU B 593 -11.88 -38.30 21.02
N PHE B 594 -11.88 -38.47 19.68
CA PHE B 594 -13.07 -38.75 18.87
C PHE B 594 -13.82 -39.98 19.40
N ALA B 595 -13.15 -41.14 19.52
CA ALA B 595 -13.81 -42.37 20.00
C ALA B 595 -14.16 -42.30 21.50
N ALA B 596 -13.26 -41.78 22.36
CA ALA B 596 -13.52 -41.68 23.80
C ALA B 596 -14.73 -40.75 24.10
N VAL B 597 -14.79 -39.55 23.49
CA VAL B 597 -15.92 -38.60 23.66
C VAL B 597 -17.20 -39.22 23.09
N GLY B 598 -17.09 -39.85 21.91
CA GLY B 598 -18.19 -40.56 21.27
C GLY B 598 -18.76 -41.62 22.18
N PHE B 599 -17.87 -42.41 22.81
CA PHE B 599 -18.19 -43.49 23.74
C PHE B 599 -18.98 -42.97 24.96
N GLU B 600 -18.45 -41.93 25.62
CA GLU B 600 -19.02 -41.32 26.81
C GLU B 600 -20.37 -40.71 26.50
N TYR B 601 -20.52 -40.03 25.34
CA TYR B 601 -21.81 -39.53 24.92
C TYR B 601 -22.81 -40.70 24.80
N GLY B 602 -22.39 -41.75 24.09
CA GLY B 602 -23.18 -42.96 23.89
C GLY B 602 -23.56 -43.64 25.20
N TYR B 603 -22.60 -43.68 26.16
CA TYR B 603 -22.82 -44.27 27.48
C TYR B 603 -23.96 -43.49 28.23
N SER B 604 -23.96 -42.15 28.19
CA SER B 604 -25.03 -41.35 28.84
C SER B 604 -26.42 -41.60 28.17
N VAL B 605 -26.45 -41.91 26.86
CA VAL B 605 -27.68 -42.24 26.13
C VAL B 605 -28.17 -43.63 26.58
N GLY B 606 -27.24 -44.60 26.67
CA GLY B 606 -27.52 -45.97 27.09
C GLY B 606 -28.05 -46.07 28.51
N ASN B 607 -27.55 -45.21 29.43
CA ASN B 607 -27.98 -45.15 30.83
C ASN B 607 -28.20 -43.70 31.21
N PRO B 608 -29.46 -43.21 31.09
CA PRO B 608 -29.74 -41.79 31.41
C PRO B 608 -29.61 -41.48 32.90
N ASP B 609 -29.56 -42.51 33.78
CA ASP B 609 -29.46 -42.38 35.23
C ASP B 609 -28.03 -42.34 35.71
N ALA B 610 -27.08 -42.57 34.80
CA ALA B 610 -25.67 -42.56 35.14
C ALA B 610 -25.10 -41.14 35.05
N MET B 611 -24.11 -40.85 35.90
CA MET B 611 -23.32 -39.61 35.92
C MET B 611 -22.10 -39.96 35.09
N VAL B 612 -22.01 -39.42 33.86
CA VAL B 612 -20.95 -39.76 32.89
C VAL B 612 -20.07 -38.54 32.65
N LEU B 613 -18.77 -38.67 33.00
CA LEU B 613 -17.82 -37.57 32.82
C LEU B 613 -16.65 -38.01 31.98
N TRP B 614 -16.32 -37.20 30.96
CA TRP B 614 -15.13 -37.43 30.14
C TRP B 614 -14.21 -36.26 30.41
N GLU B 615 -12.95 -36.55 30.68
CA GLU B 615 -11.98 -35.51 30.96
C GLU B 615 -10.89 -35.43 29.90
N ALA B 616 -10.73 -34.24 29.31
CA ALA B 616 -9.66 -33.96 28.35
C ALA B 616 -8.35 -33.83 29.12
N GLN B 617 -7.22 -34.23 28.52
CA GLN B 617 -5.93 -34.09 29.17
C GLN B 617 -5.71 -32.61 29.47
N PHE B 618 -5.97 -31.80 28.44
CA PHE B 618 -6.01 -30.34 28.37
C PHE B 618 -7.19 -30.07 27.47
N GLY B 619 -7.96 -29.01 27.73
CA GLY B 619 -9.11 -28.70 26.88
C GLY B 619 -8.77 -28.57 25.41
N ASP B 620 -7.54 -28.16 25.11
CA ASP B 620 -6.98 -27.92 23.76
C ASP B 620 -7.07 -29.13 22.80
N PHE B 621 -7.18 -30.36 23.33
CA PHE B 621 -7.20 -31.57 22.51
C PHE B 621 -8.62 -32.05 22.21
N VAL B 622 -9.65 -31.37 22.78
CA VAL B 622 -11.05 -31.76 22.55
C VAL B 622 -11.46 -31.50 21.05
N ASN B 623 -10.73 -30.62 20.32
CA ASN B 623 -11.01 -30.38 18.89
C ASN B 623 -10.83 -31.67 18.05
N GLY B 624 -10.12 -32.66 18.59
CA GLY B 624 -9.97 -33.98 17.97
C GLY B 624 -11.28 -34.74 17.95
N ALA B 625 -12.24 -34.33 18.80
CA ALA B 625 -13.57 -34.91 18.91
C ALA B 625 -14.65 -33.92 18.43
N GLN B 626 -14.29 -32.94 17.58
CA GLN B 626 -15.21 -31.90 17.10
C GLN B 626 -16.48 -32.46 16.44
N SER B 627 -16.36 -33.54 15.64
CA SER B 627 -17.54 -34.16 14.99
C SER B 627 -18.54 -34.64 16.06
N ILE B 628 -18.07 -35.18 17.20
CA ILE B 628 -18.98 -35.65 18.26
C ILE B 628 -19.67 -34.46 18.91
N ILE B 629 -18.90 -33.41 19.25
CA ILE B 629 -19.41 -32.17 19.85
C ILE B 629 -20.47 -31.56 18.93
N ASP B 630 -20.14 -31.35 17.65
CA ASP B 630 -21.05 -30.73 16.67
C ASP B 630 -22.27 -31.60 16.31
N GLU B 631 -22.05 -32.91 16.08
CA GLU B 631 -23.11 -33.80 15.59
C GLU B 631 -23.92 -34.51 16.64
N PHE B 632 -23.40 -34.69 17.86
CA PHE B 632 -24.16 -35.43 18.84
C PHE B 632 -24.48 -34.63 20.09
N ILE B 633 -23.41 -34.16 20.79
CA ILE B 633 -23.53 -33.51 22.10
C ILE B 633 -24.37 -32.22 22.02
N SER B 634 -23.95 -31.26 21.19
CA SER B 634 -24.59 -29.95 21.11
C SER B 634 -25.96 -29.94 20.43
N SER B 635 -26.25 -30.91 19.57
CA SER B 635 -27.44 -30.88 18.71
C SER B 635 -28.34 -32.12 18.63
N GLY B 636 -27.97 -33.24 19.27
CA GLY B 636 -28.75 -34.48 19.20
C GLY B 636 -30.19 -34.35 19.68
N GLU B 637 -30.41 -33.54 20.72
CA GLU B 637 -31.72 -33.33 21.33
C GLU B 637 -32.68 -32.64 20.34
N ALA B 638 -32.27 -31.49 19.76
CA ALA B 638 -33.13 -30.77 18.82
C ALA B 638 -33.33 -31.56 17.52
N LYS B 639 -32.33 -32.32 17.08
CA LYS B 639 -32.43 -33.04 15.80
C LYS B 639 -33.17 -34.35 15.89
N TRP B 640 -32.96 -35.12 16.97
CA TRP B 640 -33.52 -36.47 17.05
C TRP B 640 -34.37 -36.75 18.27
N GLY B 641 -34.45 -35.81 19.20
CA GLY B 641 -35.16 -36.03 20.46
C GLY B 641 -34.33 -36.92 21.38
N GLN B 642 -33.05 -37.17 20.99
CA GLN B 642 -32.12 -38.00 21.74
C GLN B 642 -31.45 -37.15 22.80
N LEU B 643 -31.51 -37.60 24.06
CA LEU B 643 -31.00 -36.83 25.19
C LEU B 643 -29.71 -37.41 25.79
N SER B 644 -28.82 -36.53 26.19
CA SER B 644 -27.57 -36.89 26.84
C SER B 644 -27.28 -35.97 28.00
N ASP B 645 -26.82 -36.54 29.09
CA ASP B 645 -26.47 -35.82 30.31
C ASP B 645 -24.94 -35.85 30.47
N VAL B 646 -24.20 -36.11 29.36
CA VAL B 646 -22.72 -36.23 29.36
C VAL B 646 -22.05 -34.94 29.86
N VAL B 647 -20.98 -35.11 30.66
CA VAL B 647 -20.16 -34.03 31.19
C VAL B 647 -18.79 -34.06 30.49
N LEU B 648 -18.34 -32.90 29.98
CA LEU B 648 -17.00 -32.75 29.44
C LEU B 648 -16.21 -31.84 30.37
N LEU B 649 -15.10 -32.35 30.92
CA LEU B 649 -14.20 -31.59 31.80
C LEU B 649 -13.00 -31.16 30.97
N LEU B 650 -12.84 -29.86 30.77
CA LEU B 650 -11.80 -29.34 29.89
C LEU B 650 -10.80 -28.43 30.64
N PRO B 651 -9.61 -28.96 31.02
CA PRO B 651 -8.61 -28.11 31.71
C PRO B 651 -8.26 -26.93 30.82
N HIS B 652 -8.47 -25.73 31.38
CA HIS B 652 -8.39 -24.46 30.68
C HIS B 652 -7.73 -23.41 31.56
N GLY B 653 -6.96 -22.52 30.94
CA GLY B 653 -6.29 -21.42 31.64
C GLY B 653 -4.99 -20.96 31.04
N HIS B 654 -4.80 -19.64 30.93
CA HIS B 654 -3.56 -19.02 30.44
C HIS B 654 -2.49 -19.06 31.53
N GLU B 655 -1.44 -19.89 31.34
CA GLU B 655 -0.37 -20.08 32.32
C GLU B 655 1.01 -20.08 31.67
N GLY B 656 1.10 -19.77 30.38
CA GLY B 656 2.37 -19.72 29.67
C GLY B 656 2.86 -21.05 29.12
N GLN B 657 1.98 -22.03 28.97
CA GLN B 657 2.38 -23.34 28.47
C GLN B 657 2.11 -23.54 26.96
N GLY B 658 1.80 -22.46 26.26
CA GLY B 658 1.62 -22.50 24.82
C GLY B 658 0.20 -22.64 24.30
N PRO B 659 0.03 -22.52 22.95
CA PRO B 659 -1.32 -22.54 22.37
C PRO B 659 -2.06 -23.89 22.39
N ASP B 660 -1.39 -24.98 22.82
CA ASP B 660 -2.00 -26.31 22.91
C ASP B 660 -2.12 -26.80 24.33
N HIS B 661 -1.81 -25.94 25.32
CA HIS B 661 -1.92 -26.22 26.76
C HIS B 661 -2.49 -24.98 27.46
N THR B 662 -3.45 -24.31 26.82
CA THR B 662 -4.04 -23.09 27.35
C THR B 662 -5.57 -23.04 27.25
N SER B 663 -6.17 -23.46 26.11
CA SER B 663 -7.58 -23.22 25.90
C SER B 663 -8.40 -24.42 25.47
N GLY B 664 -9.59 -24.52 26.06
CA GLY B 664 -10.60 -25.51 25.71
C GLY B 664 -11.59 -24.91 24.74
N ARG B 665 -11.29 -23.69 24.23
CA ARG B 665 -12.04 -22.86 23.28
C ARG B 665 -13.47 -22.61 23.76
N ILE B 666 -13.62 -21.81 24.84
CA ILE B 666 -14.92 -21.39 25.43
C ILE B 666 -15.87 -20.82 24.34
N GLU B 667 -15.31 -19.90 23.52
CA GLU B 667 -15.97 -19.17 22.41
C GLU B 667 -16.70 -20.12 21.44
N ARG B 668 -16.13 -21.30 21.15
CA ARG B 668 -16.71 -22.29 20.24
C ARG B 668 -17.90 -22.99 20.89
N PHE B 669 -17.80 -23.33 22.19
CA PHE B 669 -18.91 -23.98 22.88
C PHE B 669 -20.06 -22.98 23.05
N LEU B 670 -19.71 -21.70 23.31
CA LEU B 670 -20.72 -20.63 23.48
C LEU B 670 -21.42 -20.34 22.15
N GLN B 671 -20.71 -20.50 21.02
CA GLN B 671 -21.22 -20.30 19.68
C GLN B 671 -22.16 -21.45 19.31
N LEU B 672 -21.86 -22.67 19.77
CA LEU B 672 -22.70 -23.84 19.49
C LEU B 672 -24.01 -23.84 20.30
N TRP B 673 -23.98 -23.19 21.47
CA TRP B 673 -25.11 -23.12 22.39
C TRP B 673 -26.31 -22.41 21.80
N ALA B 674 -27.49 -22.94 22.13
CA ALA B 674 -28.82 -22.39 21.88
C ALA B 674 -29.69 -22.83 23.05
N GLU B 675 -30.65 -21.97 23.45
CA GLU B 675 -31.51 -22.17 24.62
C GLU B 675 -31.87 -23.63 24.87
N GLY B 676 -31.43 -24.12 26.03
CA GLY B 676 -31.68 -25.46 26.51
C GLY B 676 -30.92 -26.59 25.85
N SER B 677 -29.81 -26.31 25.14
CA SER B 677 -29.08 -27.43 24.54
C SER B 677 -27.99 -27.93 25.48
N MET B 678 -27.24 -27.02 26.12
CA MET B 678 -26.14 -27.38 27.03
C MET B 678 -26.05 -26.42 28.20
N THR B 679 -25.30 -26.82 29.24
CA THR B 679 -24.93 -25.95 30.35
C THR B 679 -23.40 -25.76 30.19
N ILE B 680 -22.91 -24.50 30.21
CA ILE B 680 -21.49 -24.20 30.09
C ILE B 680 -21.06 -23.42 31.32
N ALA B 681 -20.06 -23.94 32.05
CA ALA B 681 -19.60 -23.31 33.28
C ALA B 681 -18.07 -23.26 33.41
N MET B 682 -17.60 -22.26 34.16
CA MET B 682 -16.20 -22.08 34.50
C MET B 682 -16.15 -21.71 35.99
N PRO B 683 -16.29 -22.70 36.90
CA PRO B 683 -16.29 -22.36 38.34
C PRO B 683 -14.93 -21.85 38.82
N SER B 684 -14.96 -21.01 39.86
CA SER B 684 -13.75 -20.40 40.45
C SER B 684 -13.46 -20.95 41.83
N THR B 685 -14.44 -21.64 42.45
CA THR B 685 -14.22 -22.20 43.79
C THR B 685 -14.52 -23.72 43.81
N PRO B 686 -13.84 -24.50 44.68
CA PRO B 686 -14.16 -25.95 44.81
C PRO B 686 -15.62 -26.25 45.16
N ALA B 687 -16.22 -25.49 46.12
CA ALA B 687 -17.60 -25.72 46.55
C ALA B 687 -18.59 -25.47 45.41
N ASN B 688 -18.35 -24.43 44.60
CA ASN B 688 -19.23 -24.13 43.48
C ASN B 688 -19.15 -25.23 42.40
N TYR B 689 -17.97 -25.84 42.21
CA TYR B 689 -17.81 -26.97 41.30
C TYR B 689 -18.59 -28.20 41.82
N PHE B 690 -18.45 -28.47 43.16
CA PHE B 690 -19.15 -29.55 43.86
C PHE B 690 -20.67 -29.44 43.65
N HIS B 691 -21.25 -28.24 43.85
CA HIS B 691 -22.68 -28.00 43.70
C HIS B 691 -23.11 -28.06 42.23
N LEU B 692 -22.22 -27.68 41.29
CA LEU B 692 -22.47 -27.76 39.84
C LEU B 692 -22.65 -29.25 39.43
N LEU B 693 -21.76 -30.14 39.90
CA LEU B 693 -21.80 -31.58 39.59
C LEU B 693 -23.00 -32.24 40.25
N ARG B 694 -23.31 -31.89 41.51
CA ARG B 694 -24.46 -32.44 42.22
C ARG B 694 -25.76 -31.98 41.58
N ARG B 695 -25.88 -30.69 41.20
CA ARG B 695 -27.09 -30.19 40.50
C ARG B 695 -27.28 -30.96 39.19
N HIS B 696 -26.19 -31.13 38.42
CA HIS B 696 -26.22 -31.84 37.15
C HIS B 696 -26.69 -33.29 37.30
N GLY B 697 -26.22 -33.98 38.34
CA GLY B 697 -26.60 -35.36 38.59
C GLY B 697 -27.96 -35.56 39.22
N LYS B 698 -28.54 -34.53 39.85
CA LYS B 698 -29.82 -34.63 40.57
C LYS B 698 -30.98 -33.80 40.00
N ASP B 699 -30.72 -32.87 39.05
CA ASP B 699 -31.74 -31.96 38.45
C ASP B 699 -32.90 -32.69 37.77
N GLY B 700 -32.70 -33.94 37.33
CA GLY B 700 -33.72 -34.74 36.66
C GLY B 700 -33.87 -34.37 35.19
N ILE B 701 -32.95 -33.54 34.67
CA ILE B 701 -32.95 -33.07 33.29
C ILE B 701 -31.71 -33.62 32.59
N GLN B 702 -31.89 -34.22 31.39
CA GLN B 702 -30.80 -34.78 30.58
C GLN B 702 -30.29 -33.72 29.62
N ARG B 703 -29.19 -33.06 29.99
CA ARG B 703 -28.60 -31.97 29.21
C ARG B 703 -27.06 -31.95 29.36
N PRO B 704 -26.27 -31.93 28.25
CA PRO B 704 -24.80 -31.93 28.41
C PRO B 704 -24.27 -30.76 29.20
N LEU B 705 -23.23 -31.02 30.02
CA LEU B 705 -22.56 -30.01 30.84
C LEU B 705 -21.11 -29.89 30.36
N ILE B 706 -20.69 -28.66 30.02
CA ILE B 706 -19.33 -28.35 29.58
C ILE B 706 -18.66 -27.54 30.70
N VAL B 707 -17.62 -28.12 31.32
CA VAL B 707 -16.91 -27.45 32.43
C VAL B 707 -15.47 -27.13 32.05
N PHE B 708 -15.08 -25.85 32.16
CA PHE B 708 -13.71 -25.39 31.95
C PHE B 708 -13.09 -25.48 33.34
N THR B 709 -12.17 -26.44 33.51
CA THR B 709 -11.58 -26.80 34.79
C THR B 709 -10.15 -26.23 34.96
N PRO B 710 -9.66 -26.08 36.22
CA PRO B 710 -8.34 -25.48 36.43
C PRO B 710 -7.16 -26.42 36.27
N LYS B 711 -5.97 -25.82 36.30
CA LYS B 711 -4.67 -26.49 36.22
C LYS B 711 -3.83 -25.99 37.41
N SER B 712 -3.22 -24.80 37.37
CA SER B 712 -2.47 -24.27 38.53
C SER B 712 -3.41 -23.87 39.70
N MET B 713 -4.65 -23.43 39.39
CA MET B 713 -5.65 -23.06 40.40
C MET B 713 -6.05 -24.26 41.31
N LEU B 714 -5.72 -25.51 40.91
CA LEU B 714 -5.91 -26.72 41.73
C LEU B 714 -5.09 -26.60 43.03
N ARG B 715 -3.95 -25.86 42.98
CA ARG B 715 -3.01 -25.69 44.10
C ARG B 715 -2.94 -24.25 44.62
N ASN B 716 -3.84 -23.37 44.15
CA ASN B 716 -3.91 -21.99 44.64
C ASN B 716 -4.54 -22.07 46.04
N LYS B 717 -3.83 -21.61 47.07
CA LYS B 717 -4.26 -21.67 48.47
C LYS B 717 -5.44 -20.74 48.77
N ALA B 718 -5.71 -19.78 47.88
CA ALA B 718 -6.87 -18.88 48.01
C ALA B 718 -8.12 -19.57 47.45
N ALA B 719 -7.94 -20.52 46.52
CA ALA B 719 -9.01 -21.28 45.86
C ALA B 719 -9.36 -22.56 46.65
N VAL B 720 -9.77 -22.36 47.92
CA VAL B 720 -10.21 -23.41 48.84
C VAL B 720 -11.58 -23.01 49.42
N SER B 721 -12.37 -24.00 49.85
CA SER B 721 -13.72 -23.76 50.38
C SER B 721 -13.93 -24.29 51.80
N ASP B 722 -14.84 -23.65 52.55
CA ASP B 722 -15.22 -24.02 53.91
C ASP B 722 -16.28 -25.13 53.90
N ILE B 723 -16.39 -25.89 55.01
CA ILE B 723 -17.41 -26.96 55.21
C ILE B 723 -18.83 -26.40 54.89
N ARG B 724 -19.16 -25.21 55.45
CA ARG B 724 -20.46 -24.53 55.29
C ARG B 724 -20.81 -24.27 53.82
N ASP B 725 -19.79 -24.16 52.94
CA ASP B 725 -20.04 -23.93 51.51
C ASP B 725 -20.63 -25.21 50.85
N PHE B 726 -20.35 -26.39 51.44
CA PHE B 726 -20.81 -27.70 50.99
C PHE B 726 -22.11 -28.14 51.71
N THR B 727 -22.25 -27.77 52.98
CA THR B 727 -23.33 -28.19 53.86
C THR B 727 -24.50 -27.21 53.93
N GLU B 728 -24.25 -25.91 53.72
CA GLU B 728 -25.32 -24.93 53.86
C GLU B 728 -25.44 -23.98 52.66
N SER B 729 -25.01 -24.42 51.47
CA SER B 729 -25.10 -23.56 50.30
C SER B 729 -25.62 -24.33 49.08
N LYS B 730 -25.63 -23.66 47.93
CA LYS B 730 -26.11 -24.18 46.65
C LYS B 730 -25.19 -23.69 45.52
N PHE B 731 -25.45 -24.14 44.25
CA PHE B 731 -24.70 -23.66 43.10
C PHE B 731 -25.04 -22.18 42.91
N ARG B 732 -24.01 -21.35 42.76
CA ARG B 732 -24.15 -19.91 42.57
C ARG B 732 -23.62 -19.57 41.18
N SER B 733 -24.55 -19.21 40.27
CA SER B 733 -24.26 -18.86 38.87
C SER B 733 -23.48 -17.55 38.80
N VAL B 734 -23.73 -16.64 39.76
CA VAL B 734 -23.05 -15.35 39.90
C VAL B 734 -22.48 -15.27 41.31
N LEU B 735 -21.18 -14.95 41.44
CA LEU B 735 -20.53 -14.82 42.74
C LEU B 735 -19.94 -13.43 42.96
N GLU B 736 -20.24 -12.85 44.12
CA GLU B 736 -19.68 -11.58 44.56
C GLU B 736 -18.45 -11.87 45.40
N GLU B 737 -17.67 -10.83 45.71
CA GLU B 737 -16.51 -10.95 46.59
C GLU B 737 -17.00 -11.23 48.02
N PRO B 738 -16.35 -12.16 48.75
CA PRO B 738 -16.78 -12.47 50.13
C PRO B 738 -16.82 -11.24 51.09
N MET B 739 -16.01 -10.19 50.83
CA MET B 739 -16.00 -8.95 51.66
C MET B 739 -17.37 -8.24 51.64
N TYR B 740 -18.20 -8.48 50.62
CA TYR B 740 -19.51 -7.84 50.51
C TYR B 740 -20.62 -8.73 51.05
N THR B 741 -20.53 -10.05 50.83
CA THR B 741 -21.54 -11.01 51.28
C THR B 741 -21.33 -11.45 52.74
N ASP B 742 -20.07 -11.50 53.21
CA ASP B 742 -19.76 -11.94 54.56
C ASP B 742 -18.94 -10.93 55.37
N GLY B 743 -18.09 -10.16 54.69
CA GLY B 743 -17.22 -9.17 55.32
C GLY B 743 -17.84 -7.80 55.60
N GLU B 744 -16.96 -6.80 55.82
CA GLU B 744 -17.33 -5.44 56.16
C GLU B 744 -17.14 -4.46 54.98
N GLY B 745 -17.06 -5.00 53.75
CA GLY B 745 -16.92 -4.20 52.53
C GLY B 745 -18.16 -3.39 52.21
N ASP B 746 -17.96 -2.18 51.64
CA ASP B 746 -19.05 -1.27 51.30
C ASP B 746 -19.25 -1.23 49.77
N ARG B 747 -20.40 -1.75 49.30
CA ARG B 747 -20.77 -1.80 47.88
C ARG B 747 -20.99 -0.39 47.28
N ASN B 748 -21.37 0.59 48.13
CA ASN B 748 -21.66 1.96 47.73
C ASN B 748 -20.43 2.76 47.30
N LYS B 749 -19.22 2.31 47.69
CA LYS B 749 -17.97 2.98 47.33
C LYS B 749 -17.52 2.61 45.91
N VAL B 750 -18.09 1.53 45.34
CA VAL B 750 -17.72 0.98 44.04
C VAL B 750 -18.24 1.86 42.88
N THR B 751 -17.29 2.31 42.03
CA THR B 751 -17.53 3.13 40.83
C THR B 751 -17.18 2.36 39.55
N ARG B 752 -16.28 1.36 39.64
CA ARG B 752 -15.85 0.52 38.53
C ARG B 752 -16.16 -0.93 38.85
N LEU B 753 -16.89 -1.61 37.97
CA LEU B 753 -17.22 -2.99 38.18
C LEU B 753 -16.54 -3.88 37.14
N LEU B 754 -15.76 -4.86 37.60
CA LEU B 754 -15.08 -5.82 36.74
C LEU B 754 -15.84 -7.14 36.74
N LEU B 755 -16.34 -7.55 35.58
CA LEU B 755 -17.03 -8.81 35.38
C LEU B 755 -16.04 -9.79 34.81
N THR B 756 -15.98 -11.00 35.36
CA THR B 756 -14.99 -11.97 34.94
C THR B 756 -15.46 -13.40 35.20
N SER B 757 -14.60 -14.38 34.87
CA SER B 757 -14.85 -15.79 35.09
C SER B 757 -13.51 -16.52 35.21
N GLY B 758 -13.44 -17.49 36.13
CA GLY B 758 -12.25 -18.31 36.31
C GLY B 758 -11.18 -17.72 37.22
N LYS B 759 -9.99 -18.34 37.16
CA LYS B 759 -8.81 -18.06 37.99
C LYS B 759 -8.34 -16.59 37.96
N ILE B 760 -8.61 -15.80 36.90
CA ILE B 760 -8.13 -14.41 36.85
C ILE B 760 -8.75 -13.57 38.01
N TYR B 761 -9.90 -14.04 38.60
CA TYR B 761 -10.54 -13.41 39.76
C TYR B 761 -9.54 -13.25 40.90
N TYR B 762 -8.78 -14.32 41.23
CA TYR B 762 -7.80 -14.34 42.32
C TYR B 762 -6.71 -13.31 42.11
N GLU B 763 -6.22 -13.13 40.86
CA GLU B 763 -5.19 -12.15 40.53
C GLU B 763 -5.75 -10.72 40.66
N LEU B 764 -7.01 -10.53 40.21
CA LEU B 764 -7.72 -9.25 40.30
C LEU B 764 -8.00 -8.91 41.78
N ALA B 765 -8.41 -9.91 42.58
CA ALA B 765 -8.70 -9.75 44.01
C ALA B 765 -7.42 -9.42 44.79
N ALA B 766 -6.28 -10.10 44.47
CA ALA B 766 -4.97 -9.85 45.10
C ALA B 766 -4.51 -8.42 44.84
N ARG B 767 -4.68 -7.93 43.57
CA ARG B 767 -4.32 -6.56 43.17
C ARG B 767 -5.19 -5.52 43.91
N LYS B 768 -6.52 -5.77 44.03
CA LYS B 768 -7.47 -4.91 44.75
C LYS B 768 -7.04 -4.75 46.21
N ALA B 769 -6.68 -5.88 46.85
CA ALA B 769 -6.24 -5.96 48.24
C ALA B 769 -4.93 -5.18 48.44
N LYS B 770 -3.98 -5.32 47.50
CA LYS B 770 -2.66 -4.65 47.51
C LYS B 770 -2.79 -3.12 47.52
N GLU B 771 -3.60 -2.56 46.62
CA GLU B 771 -3.81 -1.11 46.51
C GLU B 771 -4.99 -0.59 47.36
N ASN B 772 -5.71 -1.48 48.09
CA ASN B 772 -6.90 -1.18 48.91
C ASN B 772 -7.93 -0.41 48.04
N ARG B 773 -8.27 -0.97 46.86
CA ARG B 773 -9.20 -0.35 45.90
C ARG B 773 -10.66 -0.65 46.25
N GLU B 774 -11.24 0.19 47.12
CA GLU B 774 -12.63 0.10 47.57
C GLU B 774 -13.59 0.55 46.46
N ASP B 775 -13.06 1.30 45.48
CA ASP B 775 -13.76 1.86 44.32
C ASP B 775 -13.99 0.80 43.21
N VAL B 776 -13.35 -0.39 43.32
CA VAL B 776 -13.45 -1.47 42.32
C VAL B 776 -14.07 -2.75 42.95
N ALA B 777 -15.04 -3.38 42.25
CA ALA B 777 -15.66 -4.65 42.66
C ALA B 777 -15.48 -5.68 41.56
N ILE B 778 -15.28 -6.95 41.94
CA ILE B 778 -15.09 -8.05 40.99
C ILE B 778 -16.26 -9.02 41.11
N VAL B 779 -17.03 -9.16 40.02
CA VAL B 779 -18.19 -10.05 39.96
C VAL B 779 -17.87 -11.19 38.99
N ARG B 780 -18.09 -12.44 39.45
CA ARG B 780 -17.82 -13.63 38.66
C ARG B 780 -19.06 -14.23 38.05
N ILE B 781 -18.98 -14.60 36.78
CA ILE B 781 -20.04 -15.30 36.08
C ILE B 781 -19.58 -16.77 36.04
N GLU B 782 -20.15 -17.59 36.93
CA GLU B 782 -19.78 -19.00 37.09
C GLU B 782 -20.42 -19.87 36.01
N GLN B 783 -21.66 -19.56 35.67
CA GLN B 783 -22.45 -20.23 34.63
C GLN B 783 -22.45 -19.33 33.42
N LEU B 784 -21.73 -19.72 32.37
CA LEU B 784 -21.57 -18.92 31.16
C LEU B 784 -22.79 -19.04 30.23
N ALA B 785 -23.40 -20.22 30.22
CA ALA B 785 -24.56 -20.53 29.41
C ALA B 785 -25.46 -21.59 30.10
N PRO B 786 -26.78 -21.37 30.25
CA PRO B 786 -27.52 -20.14 29.89
C PRO B 786 -27.07 -18.99 30.78
N LEU B 787 -27.06 -17.76 30.23
CA LEU B 787 -26.68 -16.58 30.99
C LEU B 787 -27.63 -16.40 32.18
N PRO B 788 -27.08 -16.28 33.41
CA PRO B 788 -27.97 -16.09 34.58
C PRO B 788 -28.47 -14.66 34.66
N ARG B 789 -29.40 -14.30 33.74
CA ARG B 789 -29.96 -12.95 33.56
C ARG B 789 -30.45 -12.33 34.87
N ARG B 790 -31.37 -13.01 35.59
CA ARG B 790 -32.00 -12.56 36.84
C ARG B 790 -30.97 -12.31 37.96
N ARG B 791 -30.08 -13.29 38.23
CA ARG B 791 -29.06 -13.20 39.27
C ARG B 791 -28.03 -12.11 38.96
N LEU B 792 -27.66 -11.95 37.67
CA LEU B 792 -26.73 -10.91 37.19
C LEU B 792 -27.31 -9.51 37.44
N ALA B 793 -28.59 -9.29 37.05
CA ALA B 793 -29.34 -8.05 37.24
C ALA B 793 -29.42 -7.66 38.73
N GLU B 794 -29.82 -8.62 39.60
CA GLU B 794 -29.95 -8.46 41.06
C GLU B 794 -28.61 -8.07 41.69
N THR B 795 -27.53 -8.76 41.26
CA THR B 795 -26.17 -8.55 41.77
C THR B 795 -25.70 -7.13 41.44
N LEU B 796 -25.81 -6.70 40.17
CA LEU B 796 -25.36 -5.37 39.73
C LEU B 796 -26.18 -4.24 40.36
N ASP B 797 -27.48 -4.49 40.66
CA ASP B 797 -28.38 -3.50 41.29
C ASP B 797 -27.92 -3.13 42.70
N ARG B 798 -27.07 -3.97 43.32
CA ARG B 798 -26.51 -3.77 44.66
C ARG B 798 -25.30 -2.82 44.66
N TYR B 799 -24.85 -2.38 43.46
CA TYR B 799 -23.73 -1.45 43.26
C TYR B 799 -24.28 -0.18 42.56
N PRO B 800 -24.96 0.75 43.29
CA PRO B 800 -25.61 1.89 42.63
C PRO B 800 -24.70 2.99 42.05
N ASN B 801 -23.48 3.13 42.56
CA ASN B 801 -22.59 4.20 42.13
C ASN B 801 -21.60 3.80 41.03
N VAL B 802 -21.82 2.64 40.38
CA VAL B 802 -20.97 2.16 39.28
C VAL B 802 -21.15 3.07 38.07
N LYS B 803 -20.03 3.62 37.56
CA LYS B 803 -20.01 4.54 36.41
C LYS B 803 -19.41 3.85 35.17
N GLU B 804 -18.65 2.74 35.37
CA GLU B 804 -18.03 1.98 34.27
C GLU B 804 -18.00 0.49 34.58
N LYS B 805 -18.27 -0.34 33.55
CA LYS B 805 -18.29 -1.81 33.64
C LYS B 805 -17.37 -2.43 32.61
N PHE B 806 -16.58 -3.42 33.03
CA PHE B 806 -15.66 -4.10 32.13
C PHE B 806 -15.74 -5.62 32.21
N TRP B 807 -15.73 -6.28 31.04
CA TRP B 807 -15.62 -7.71 30.96
C TRP B 807 -14.11 -7.99 30.88
N VAL B 808 -13.55 -8.64 31.92
CA VAL B 808 -12.12 -8.93 32.01
C VAL B 808 -11.91 -10.41 31.75
N GLN B 809 -11.02 -10.74 30.79
CA GLN B 809 -10.68 -12.12 30.46
C GLN B 809 -9.22 -12.26 30.08
N GLU B 810 -8.68 -13.45 30.23
CA GLU B 810 -7.30 -13.80 29.86
C GLU B 810 -7.18 -14.03 28.36
N GLU B 811 -8.24 -14.61 27.78
CA GLU B 811 -8.25 -15.07 26.39
C GLU B 811 -8.19 -13.91 25.41
N PRO B 812 -7.58 -14.13 24.21
CA PRO B 812 -7.62 -13.11 23.14
C PRO B 812 -9.03 -12.57 22.87
N ALA B 813 -9.11 -11.33 22.35
CA ALA B 813 -10.37 -10.60 22.10
C ALA B 813 -11.38 -11.40 21.26
N ASN B 814 -10.91 -12.22 20.28
CA ASN B 814 -11.77 -13.05 19.42
C ASN B 814 -12.10 -14.41 20.06
N GLN B 815 -11.66 -14.60 21.31
CA GLN B 815 -11.83 -15.86 22.03
C GLN B 815 -12.41 -15.61 23.42
N GLY B 816 -12.56 -16.67 24.21
CA GLY B 816 -13.16 -16.58 25.53
C GLY B 816 -14.64 -16.28 25.44
N ALA B 817 -15.21 -15.62 26.47
CA ALA B 817 -16.64 -15.29 26.52
C ALA B 817 -17.02 -13.96 25.84
N TRP B 818 -16.05 -13.05 25.58
CA TRP B 818 -16.33 -11.72 24.99
C TRP B 818 -17.09 -11.78 23.65
N PRO B 819 -16.69 -12.58 22.60
CA PRO B 819 -17.48 -12.57 21.35
C PRO B 819 -19.00 -12.78 21.54
N SER B 820 -19.43 -13.63 22.48
CA SER B 820 -20.86 -13.79 22.70
C SER B 820 -21.38 -12.78 23.76
N PHE B 821 -20.69 -12.63 24.91
CA PHE B 821 -21.13 -11.70 25.98
C PHE B 821 -21.16 -10.26 25.51
N GLY B 822 -20.16 -9.85 24.73
CA GLY B 822 -20.06 -8.49 24.18
C GLY B 822 -21.20 -8.12 23.26
N LEU B 823 -21.86 -9.12 22.68
CA LEU B 823 -23.02 -8.96 21.80
C LEU B 823 -24.35 -9.21 22.57
N THR B 824 -24.40 -10.23 23.44
CA THR B 824 -25.61 -10.63 24.16
C THR B 824 -25.92 -9.76 25.40
N LEU B 825 -24.94 -9.52 26.31
CA LEU B 825 -25.18 -8.75 27.56
C LEU B 825 -25.83 -7.37 27.32
N PRO B 826 -25.38 -6.49 26.37
CA PRO B 826 -26.10 -5.21 26.18
C PRO B 826 -27.51 -5.37 25.59
N GLU B 827 -27.84 -6.55 25.06
CA GLU B 827 -29.16 -6.83 24.46
C GLU B 827 -30.12 -7.40 25.50
N ILE B 828 -29.68 -8.41 26.31
CA ILE B 828 -30.50 -9.06 27.34
C ILE B 828 -30.69 -8.15 28.57
N LEU B 829 -29.66 -7.35 28.94
CA LEU B 829 -29.74 -6.43 30.08
C LEU B 829 -29.24 -5.03 29.65
N PRO B 830 -30.04 -4.28 28.82
CA PRO B 830 -29.56 -2.96 28.33
C PRO B 830 -29.38 -1.90 29.40
N ASP B 831 -30.17 -1.93 30.50
CA ASP B 831 -30.03 -0.94 31.57
C ASP B 831 -28.78 -1.21 32.44
N HIS B 832 -28.15 -2.38 32.25
CA HIS B 832 -26.96 -2.76 33.01
C HIS B 832 -25.69 -2.79 32.16
N PHE B 833 -25.76 -3.26 30.91
CA PHE B 833 -24.54 -3.44 30.13
C PHE B 833 -24.37 -2.57 28.90
N THR B 834 -25.14 -1.48 28.75
CA THR B 834 -24.94 -0.56 27.63
C THR B 834 -23.64 0.17 27.95
N GLY B 835 -22.68 0.11 27.03
CA GLY B 835 -21.39 0.73 27.23
C GLY B 835 -20.37 -0.19 27.86
N LEU B 836 -20.68 -1.52 27.91
CA LEU B 836 -19.78 -2.55 28.44
C LEU B 836 -18.52 -2.59 27.59
N LYS B 837 -17.36 -2.52 28.25
CA LYS B 837 -16.07 -2.51 27.57
C LYS B 837 -15.29 -3.79 27.91
N ARG B 838 -14.34 -4.15 27.04
CA ARG B 838 -13.54 -5.36 27.14
C ARG B 838 -12.09 -5.09 27.55
N ILE B 839 -11.58 -5.91 28.50
CA ILE B 839 -10.18 -5.96 28.92
C ILE B 839 -9.76 -7.42 28.69
N SER B 840 -8.85 -7.65 27.74
CA SER B 840 -8.39 -8.97 27.36
C SER B 840 -7.07 -8.93 26.63
N ARG B 841 -6.62 -10.11 26.15
CA ARG B 841 -5.45 -10.19 25.29
C ARG B 841 -5.92 -9.74 23.90
N ARG B 842 -5.02 -9.24 23.07
CA ARG B 842 -5.35 -8.82 21.70
C ARG B 842 -5.88 -10.02 20.91
N ALA B 843 -6.68 -9.79 19.84
CA ALA B 843 -7.16 -10.89 19.00
C ALA B 843 -5.96 -11.67 18.44
N MET B 844 -6.01 -13.01 18.45
CA MET B 844 -4.91 -13.84 17.97
C MET B 844 -5.42 -14.99 17.12
N SER B 845 -4.59 -15.46 16.15
CA SER B 845 -4.91 -16.58 15.27
C SER B 845 -4.76 -17.92 16.00
N ALA B 846 -4.12 -17.92 17.19
CA ALA B 846 -3.90 -19.07 18.07
C ALA B 846 -4.46 -18.78 19.48
N PRO B 847 -4.72 -19.78 20.35
CA PRO B 847 -5.29 -19.47 21.70
C PRO B 847 -4.38 -18.63 22.63
N SER B 848 -3.09 -18.57 22.32
CA SER B 848 -2.09 -17.84 23.09
C SER B 848 -0.78 -17.72 22.31
N SER B 849 0.21 -17.06 22.92
CA SER B 849 1.57 -16.95 22.40
C SER B 849 2.33 -18.25 22.74
N GLY B 850 3.38 -18.54 22.00
CA GLY B 850 4.22 -19.69 22.31
C GLY B 850 5.18 -19.42 23.46
N SER B 851 5.44 -18.14 23.78
CA SER B 851 6.38 -17.71 24.83
C SER B 851 5.71 -17.49 26.19
N SER B 852 6.29 -18.06 27.26
CA SER B 852 5.80 -17.85 28.63
C SER B 852 6.24 -16.45 29.13
N LYS B 853 7.28 -15.85 28.48
CA LYS B 853 7.75 -14.50 28.77
C LYS B 853 6.72 -13.48 28.24
N VAL B 854 6.19 -13.73 27.03
CA VAL B 854 5.14 -12.91 26.39
C VAL B 854 3.85 -13.03 27.19
N HIS B 855 3.48 -14.27 27.58
CA HIS B 855 2.30 -14.55 28.38
C HIS B 855 2.28 -13.71 29.68
N ALA B 856 3.42 -13.71 30.40
CA ALA B 856 3.63 -13.02 31.67
C ALA B 856 3.45 -11.52 31.53
N VAL B 857 3.96 -10.92 30.45
CA VAL B 857 3.84 -9.48 30.17
C VAL B 857 2.36 -9.15 29.90
N GLU B 858 1.70 -10.01 29.08
CA GLU B 858 0.29 -9.87 28.71
C GLU B 858 -0.65 -9.99 29.93
N GLN B 859 -0.35 -10.92 30.86
CA GLN B 859 -1.14 -11.14 32.07
C GLN B 859 -1.10 -9.89 32.95
N GLN B 860 0.08 -9.29 33.11
CA GLN B 860 0.31 -8.08 33.90
C GLN B 860 -0.33 -6.87 33.24
N GLU B 861 -0.29 -6.80 31.90
CA GLU B 861 -0.92 -5.72 31.12
C GLU B 861 -2.46 -5.69 31.34
N ILE B 862 -3.12 -6.87 31.50
CA ILE B 862 -4.56 -7.01 31.74
C ILE B 862 -4.90 -6.48 33.15
N LEU B 863 -4.13 -6.89 34.18
CA LEU B 863 -4.32 -6.47 35.58
C LEU B 863 -4.13 -4.98 35.72
N ASP B 864 -3.09 -4.40 35.07
CA ASP B 864 -2.78 -2.98 35.09
C ASP B 864 -3.89 -2.15 34.41
N THR B 865 -4.44 -2.64 33.28
CA THR B 865 -5.54 -1.98 32.56
C THR B 865 -6.81 -1.97 33.43
N ALA B 866 -7.10 -3.11 34.10
CA ALA B 866 -8.27 -3.27 34.97
C ALA B 866 -8.24 -2.32 36.18
N PHE B 867 -7.03 -1.96 36.68
CA PHE B 867 -6.87 -1.06 37.84
C PHE B 867 -6.21 0.29 37.46
N GLY B 868 -6.17 0.63 36.17
CA GLY B 868 -5.60 1.87 35.67
C GLY B 868 -6.62 3.00 35.57
N ASN C 8 1.44 86.48 2.91
CA ASN C 8 0.52 85.39 3.23
C ASN C 8 0.47 84.34 2.10
N ALA C 9 0.75 84.77 0.85
CA ALA C 9 0.79 83.88 -0.32
C ALA C 9 2.12 83.15 -0.38
N ARG C 10 3.21 83.83 0.07
CA ARG C 10 4.56 83.26 0.14
C ARG C 10 4.64 82.18 1.22
N VAL C 11 3.77 82.28 2.25
CA VAL C 11 3.66 81.33 3.37
C VAL C 11 3.02 80.04 2.87
N ILE C 12 1.91 80.15 2.10
CA ILE C 12 1.16 79.02 1.52
C ILE C 12 2.10 78.19 0.59
N GLU C 13 2.93 78.87 -0.22
CA GLU C 13 3.91 78.24 -1.11
C GLU C 13 5.07 77.64 -0.30
N LEU C 14 5.35 78.19 0.91
CA LEU C 14 6.42 77.69 1.77
C LEU C 14 5.94 76.44 2.50
N ILE C 15 4.69 76.45 3.02
CA ILE C 15 4.06 75.27 3.67
C ILE C 15 4.06 74.06 2.70
N ALA C 16 3.65 74.30 1.45
CA ALA C 16 3.61 73.30 0.39
C ALA C 16 5.02 72.77 0.08
N ALA C 17 6.05 73.65 0.05
CA ALA C 17 7.43 73.27 -0.22
C ALA C 17 7.93 72.26 0.82
N TYR C 18 7.63 72.50 2.13
CA TYR C 18 8.01 71.58 3.21
C TYR C 18 7.26 70.26 3.08
N ARG C 19 5.94 70.33 2.82
CA ARG C 19 5.08 69.14 2.66
C ARG C 19 5.50 68.29 1.45
N ASN C 20 5.79 68.92 0.29
CA ASN C 20 6.15 68.23 -0.94
C ASN C 20 7.60 67.75 -0.99
N ARG C 21 8.57 68.63 -0.65
CA ARG C 21 10.00 68.37 -0.82
C ARG C 21 10.85 68.41 0.45
N GLY C 22 10.24 68.65 1.63
CA GLY C 22 10.95 68.71 2.91
C GLY C 22 11.81 67.50 3.25
N HIS C 23 11.42 66.32 2.77
CA HIS C 23 12.13 65.06 2.94
C HIS C 23 13.54 65.07 2.27
N LEU C 24 13.83 66.01 1.31
CA LEU C 24 15.17 66.10 0.68
C LEU C 24 16.16 66.81 1.63
N MET C 25 15.63 67.46 2.67
CA MET C 25 16.43 68.19 3.66
C MET C 25 16.47 67.42 5.02
N ALA C 26 15.66 66.37 5.14
CA ALA C 26 15.56 65.57 6.36
C ALA C 26 16.91 64.92 6.74
N ASP C 27 17.23 64.89 8.05
CA ASP C 27 18.44 64.28 8.54
C ASP C 27 18.17 62.76 8.77
N ILE C 28 18.13 61.97 7.66
CA ILE C 28 17.76 60.56 7.63
C ILE C 28 18.97 59.61 7.58
N ASP C 29 20.13 60.05 7.06
CA ASP C 29 21.30 59.18 6.94
C ASP C 29 22.15 59.21 8.21
N PRO C 30 22.23 58.08 8.96
CA PRO C 30 23.10 58.06 10.16
C PRO C 30 24.61 58.17 9.85
N LEU C 31 25.03 57.99 8.57
CA LEU C 31 26.43 58.12 8.16
C LEU C 31 26.77 59.53 7.67
N ARG C 32 25.74 60.34 7.27
CA ARG C 32 25.88 61.71 6.74
C ARG C 32 26.92 61.76 5.60
N LEU C 33 26.82 60.80 4.66
CA LEU C 33 27.76 60.68 3.53
C LEU C 33 27.66 61.86 2.57
N ASP C 34 26.46 62.42 2.40
CA ASP C 34 26.24 63.52 1.49
C ASP C 34 26.34 64.82 2.23
N ASN C 35 27.46 65.52 2.00
CA ASN C 35 27.76 66.83 2.59
C ASN C 35 26.84 67.89 2.01
N THR C 36 26.65 67.88 0.67
CA THR C 36 25.87 68.85 -0.11
C THR C 36 24.36 68.81 0.18
N ARG C 37 23.87 67.77 0.87
CA ARG C 37 22.47 67.53 1.22
C ARG C 37 21.79 68.72 1.94
N PHE C 38 22.45 69.30 2.93
CA PHE C 38 21.85 70.38 3.72
C PHE C 38 22.19 71.79 3.16
N ARG C 39 23.15 71.89 2.22
CA ARG C 39 23.60 73.15 1.61
C ARG C 39 22.69 73.60 0.47
N LEU C 53 12.68 86.48 4.72
CA LEU C 53 11.73 87.56 4.97
C LEU C 53 12.01 88.30 6.30
N TRP C 54 12.36 87.55 7.38
CA TRP C 54 12.69 87.99 8.75
C TRP C 54 11.46 88.61 9.52
N ASP C 55 10.22 88.31 9.04
CA ASP C 55 8.96 88.76 9.66
C ASP C 55 8.22 87.50 10.23
N LEU C 56 8.94 86.73 11.06
CA LEU C 56 8.55 85.48 11.71
C LEU C 56 7.55 85.67 12.84
N ASP C 57 7.48 86.89 13.41
CA ASP C 57 6.61 87.20 14.53
C ASP C 57 5.24 87.72 14.07
N ARG C 58 5.02 87.72 12.75
CA ARG C 58 3.76 88.14 12.13
C ARG C 58 2.77 86.97 12.11
N GLU C 59 1.50 87.24 12.44
CA GLU C 59 0.41 86.25 12.48
C GLU C 59 -0.13 85.98 11.06
N PHE C 60 -0.25 84.69 10.67
CA PHE C 60 -0.77 84.29 9.36
C PHE C 60 -1.95 83.33 9.50
N LYS C 61 -2.92 83.44 8.55
CA LYS C 61 -4.13 82.61 8.52
C LYS C 61 -3.83 81.20 7.99
N LYS C 71 -1.86 81.49 13.20
CA LYS C 71 -0.56 81.06 13.72
C LYS C 71 0.60 81.94 13.19
N LYS C 72 1.56 82.26 14.08
CA LYS C 72 2.76 83.03 13.73
C LYS C 72 3.68 82.21 12.83
N LEU C 73 4.31 82.86 11.84
CA LEU C 73 5.24 82.25 10.87
C LEU C 73 6.29 81.35 11.55
N ARG C 74 6.93 81.86 12.64
CA ARG C 74 7.96 81.14 13.43
C ARG C 74 7.41 79.79 13.95
N ASP C 75 6.14 79.77 14.38
CA ASP C 75 5.44 78.58 14.89
C ASP C 75 5.06 77.65 13.74
N ILE C 76 4.81 78.20 12.52
CA ILE C 76 4.47 77.40 11.34
C ILE C 76 5.75 76.66 10.89
N LEU C 77 6.88 77.40 10.77
CA LEU C 77 8.19 76.90 10.35
C LEU C 77 8.75 75.85 11.32
N SER C 78 8.51 76.02 12.63
CA SER C 78 8.97 75.10 13.68
C SER C 78 8.26 73.74 13.52
N VAL C 79 6.92 73.76 13.28
CA VAL C 79 6.09 72.57 13.08
C VAL C 79 6.55 71.87 11.78
N LEU C 80 6.72 72.63 10.66
CA LEU C 80 7.18 72.13 9.35
C LEU C 80 8.57 71.47 9.44
N ARG C 81 9.51 72.07 10.22
CA ARG C 81 10.86 71.52 10.39
C ARG C 81 10.86 70.24 11.26
N ASP C 82 10.11 70.27 12.38
CA ASP C 82 9.98 69.13 13.32
C ASP C 82 9.25 67.94 12.66
N ALA C 83 8.29 68.22 11.76
CA ALA C 83 7.52 67.19 11.08
C ALA C 83 8.22 66.63 9.85
N TYR C 84 8.89 67.50 9.08
CA TYR C 84 9.43 67.08 7.79
C TYR C 84 10.94 67.13 7.61
N CYS C 85 11.71 67.78 8.50
CA CYS C 85 13.17 67.92 8.33
C CYS C 85 14.00 67.46 9.54
N ARG C 86 13.49 66.48 10.30
CA ARG C 86 14.24 65.93 11.43
C ARG C 86 14.72 64.54 11.08
N HIS C 87 14.33 63.50 11.82
CA HIS C 87 14.82 62.16 11.51
C HIS C 87 13.87 61.41 10.61
N VAL C 88 12.72 62.03 10.29
CA VAL C 88 11.73 61.42 9.41
C VAL C 88 11.50 62.27 8.18
N GLY C 89 11.71 61.66 7.01
CA GLY C 89 11.42 62.23 5.71
C GLY C 89 10.08 61.64 5.26
N VAL C 90 9.06 62.48 5.12
CA VAL C 90 7.72 62.04 4.76
C VAL C 90 7.40 62.35 3.30
N GLU C 91 7.01 61.31 2.54
CA GLU C 91 6.57 61.41 1.15
C GLU C 91 5.12 61.01 1.07
N TYR C 92 4.22 61.98 0.86
CA TYR C 92 2.78 61.69 0.84
C TYR C 92 1.97 62.58 -0.11
N THR C 93 2.55 63.69 -0.62
CA THR C 93 1.77 64.59 -1.50
C THR C 93 1.52 63.98 -2.91
N HIS C 94 2.13 62.83 -3.21
CA HIS C 94 1.91 62.07 -4.45
C HIS C 94 0.59 61.31 -4.39
N ILE C 95 0.04 61.08 -3.18
CA ILE C 95 -1.20 60.34 -2.94
C ILE C 95 -2.39 61.11 -3.54
N LEU C 96 -3.17 60.46 -4.43
CA LEU C 96 -4.31 61.09 -5.10
C LEU C 96 -5.53 61.30 -4.19
N GLU C 97 -5.72 60.44 -3.16
CA GLU C 97 -6.85 60.55 -2.23
C GLU C 97 -6.62 61.71 -1.25
N PRO C 98 -7.43 62.81 -1.31
CA PRO C 98 -7.18 63.95 -0.40
C PRO C 98 -7.33 63.61 1.08
N GLU C 99 -8.24 62.68 1.42
CA GLU C 99 -8.49 62.23 2.80
C GLU C 99 -7.25 61.53 3.38
N GLN C 100 -6.48 60.81 2.55
CA GLN C 100 -5.26 60.13 2.99
C GLN C 100 -4.16 61.15 3.27
N GLN C 101 -4.02 62.17 2.39
CA GLN C 101 -3.06 63.26 2.54
C GLN C 101 -3.35 64.04 3.83
N ARG C 102 -4.64 64.37 4.08
CA ARG C 102 -5.09 65.08 5.28
C ARG C 102 -4.83 64.27 6.55
N TRP C 103 -5.07 62.94 6.52
CA TRP C 103 -4.86 62.02 7.65
C TRP C 103 -3.37 62.06 8.12
N ILE C 104 -2.42 61.92 7.17
CA ILE C 104 -0.97 61.95 7.42
C ILE C 104 -0.57 63.31 7.97
N GLN C 105 -0.96 64.39 7.26
CA GLN C 105 -0.75 65.80 7.59
C GLN C 105 -1.13 66.10 9.05
N GLU C 106 -2.36 65.73 9.45
CA GLU C 106 -2.88 65.96 10.80
C GLU C 106 -2.08 65.24 11.88
N ARG C 107 -1.57 64.02 11.60
CA ARG C 107 -0.83 63.23 12.57
C ARG C 107 0.66 63.58 12.66
N VAL C 108 1.23 64.11 11.56
CA VAL C 108 2.64 64.46 11.44
C VAL C 108 2.88 65.95 11.86
N GLU C 109 1.92 66.85 11.57
CA GLU C 109 2.06 68.28 11.86
C GLU C 109 1.49 68.70 13.23
N THR C 110 1.58 67.84 14.25
CA THR C 110 1.12 68.18 15.60
C THR C 110 2.25 68.01 16.58
N LYS C 111 2.19 68.74 17.72
CA LYS C 111 3.17 68.61 18.80
C LYS C 111 2.93 67.25 19.47
N HIS C 112 3.77 66.26 19.09
CA HIS C 112 3.68 64.88 19.57
C HIS C 112 4.10 64.76 21.02
N ASP C 113 3.40 63.90 21.75
CA ASP C 113 3.71 63.62 23.14
C ASP C 113 4.99 62.77 23.18
N LYS C 114 6.04 63.28 23.88
CA LYS C 114 7.32 62.58 24.01
C LYS C 114 7.10 61.23 24.70
N PRO C 115 7.82 60.14 24.32
CA PRO C 115 7.57 58.84 24.97
C PRO C 115 7.89 58.86 26.47
N THR C 116 7.16 58.02 27.23
CA THR C 116 7.38 57.90 28.68
C THR C 116 8.71 57.18 28.88
N VAL C 117 9.36 57.41 30.03
CA VAL C 117 10.64 56.78 30.38
C VAL C 117 10.50 55.24 30.27
N ALA C 118 9.32 54.69 30.65
CA ALA C 118 9.00 53.26 30.56
C ALA C 118 9.04 52.77 29.10
N GLU C 119 8.53 53.59 28.16
CA GLU C 119 8.51 53.29 26.72
C GLU C 119 9.93 53.37 26.15
N GLN C 120 10.71 54.37 26.60
CA GLN C 120 12.11 54.59 26.21
C GLN C 120 13.00 53.44 26.69
N LYS C 121 12.77 52.98 27.95
CA LYS C 121 13.50 51.87 28.56
C LYS C 121 13.16 50.56 27.85
N TYR C 122 11.90 50.41 27.42
CA TYR C 122 11.45 49.23 26.70
C TYR C 122 12.13 49.17 25.31
N ILE C 123 12.22 50.32 24.60
CA ILE C 123 12.88 50.43 23.30
C ILE C 123 14.35 50.06 23.48
N LEU C 124 15.00 50.61 24.54
CA LEU C 124 16.40 50.33 24.87
C LEU C 124 16.62 48.83 25.12
N SER C 125 15.71 48.16 25.89
CA SER C 125 15.78 46.72 26.16
C SER C 125 15.70 45.89 24.84
N LYS C 126 14.95 46.37 23.86
CA LYS C 126 14.84 45.72 22.55
C LYS C 126 16.16 45.84 21.78
N LEU C 127 16.81 47.02 21.83
CA LEU C 127 18.12 47.28 21.23
C LEU C 127 19.20 46.45 21.93
N ASN C 128 19.09 46.33 23.29
CA ASN C 128 19.97 45.53 24.13
C ASN C 128 19.96 44.07 23.69
N ALA C 129 18.76 43.48 23.50
CA ALA C 129 18.52 42.11 23.09
C ALA C 129 19.02 41.85 21.69
N ALA C 130 18.76 42.79 20.77
CA ALA C 130 19.16 42.71 19.36
C ALA C 130 20.67 42.73 19.21
N GLU C 131 21.34 43.65 19.92
CA GLU C 131 22.79 43.77 19.85
C GLU C 131 23.48 42.66 20.63
N ALA C 132 22.83 42.08 21.63
CA ALA C 132 23.44 40.96 22.38
C ALA C 132 23.36 39.67 21.55
N PHE C 133 22.35 39.56 20.70
CA PHE C 133 22.18 38.42 19.80
C PHE C 133 23.26 38.47 18.68
N GLU C 134 23.49 39.68 18.11
CA GLU C 134 24.52 39.92 17.08
C GLU C 134 25.94 39.64 17.62
N THR C 135 26.24 40.04 18.90
CA THR C 135 27.55 39.84 19.53
C THR C 135 27.83 38.32 19.69
N PHE C 136 26.81 37.57 20.16
CA PHE C 136 26.85 36.13 20.31
C PHE C 136 27.09 35.43 18.96
N LEU C 137 26.24 35.71 17.97
CA LEU C 137 26.34 35.13 16.62
C LEU C 137 27.75 35.28 16.01
N GLN C 138 28.30 36.49 16.06
CA GLN C 138 29.61 36.81 15.51
C GLN C 138 30.75 36.29 16.37
N THR C 139 30.48 35.87 17.63
CA THR C 139 31.50 35.36 18.56
C THR C 139 31.47 33.84 18.61
N LYS C 140 30.29 33.23 18.87
CA LYS C 140 30.12 31.79 19.04
C LYS C 140 30.42 31.02 17.77
N TYR C 141 29.80 31.40 16.65
CA TYR C 141 29.97 30.68 15.39
C TYR C 141 30.82 31.46 14.38
N VAL C 142 31.36 30.72 13.41
CA VAL C 142 32.18 31.21 12.30
C VAL C 142 31.26 31.23 11.05
N GLY C 143 31.60 32.06 10.06
CA GLY C 143 30.81 32.19 8.82
C GLY C 143 29.43 32.78 8.97
N GLN C 144 29.22 33.63 10.00
CA GLN C 144 27.93 34.26 10.32
C GLN C 144 27.89 35.75 9.95
N LYS C 145 29.01 36.31 9.44
CA LYS C 145 29.13 37.73 9.07
C LYS C 145 28.13 38.16 7.98
N ARG C 146 27.73 37.27 7.05
CA ARG C 146 26.77 37.63 5.98
C ARG C 146 25.31 37.74 6.50
N PHE C 147 25.08 37.27 7.73
CA PHE C 147 23.76 37.31 8.31
C PHE C 147 23.64 38.44 9.34
N SER C 148 24.76 39.16 9.55
CA SER C 148 24.91 40.23 10.51
C SER C 148 23.90 41.36 10.31
N LEU C 149 23.23 41.77 11.40
CA LEU C 149 22.28 42.87 11.46
C LEU C 149 22.94 44.10 12.13
N GLU C 150 24.27 44.05 12.32
CA GLU C 150 25.09 45.11 12.92
C GLU C 150 25.07 46.38 12.05
N GLY C 151 24.60 47.46 12.66
CA GLY C 151 24.38 48.74 11.99
C GLY C 151 22.90 48.92 11.66
N ALA C 152 22.08 47.86 11.87
CA ALA C 152 20.66 47.87 11.54
C ALA C 152 19.77 47.22 12.64
N GLU C 153 20.24 47.21 13.91
CA GLU C 153 19.53 46.63 15.08
C GLU C 153 18.23 47.36 15.46
N THR C 154 18.07 48.58 14.95
CA THR C 154 16.88 49.37 15.20
C THR C 154 15.66 48.74 14.48
N VAL C 155 15.88 47.82 13.52
CA VAL C 155 14.75 47.14 12.85
C VAL C 155 13.98 46.26 13.87
N ILE C 156 14.65 45.74 14.94
CA ILE C 156 14.01 44.90 15.96
C ILE C 156 13.00 45.77 16.78
N PRO C 157 13.34 46.90 17.45
CA PRO C 157 12.26 47.66 18.13
C PRO C 157 11.22 48.21 17.15
N MET C 158 11.61 48.45 15.87
CA MET C 158 10.68 48.91 14.82
C MET C 158 9.63 47.81 14.49
N MET C 159 10.07 46.55 14.30
CA MET C 159 9.19 45.42 14.03
C MET C 159 8.31 45.13 15.24
N ASP C 160 8.87 45.32 16.44
CA ASP C 160 8.18 45.14 17.72
C ASP C 160 7.01 46.13 17.82
N ALA C 161 7.22 47.40 17.40
CA ALA C 161 6.21 48.44 17.44
C ALA C 161 5.10 48.14 16.43
N VAL C 162 5.46 47.59 15.24
CA VAL C 162 4.47 47.19 14.22
C VAL C 162 3.50 46.17 14.83
N ILE C 163 4.05 45.06 15.37
CA ILE C 163 3.33 43.92 15.93
C ILE C 163 2.52 44.34 17.16
N ASP C 164 3.10 45.17 18.04
CA ASP C 164 2.41 45.69 19.22
C ASP C 164 1.24 46.58 18.81
N GLN C 165 1.41 47.41 17.75
CA GLN C 165 0.35 48.29 17.25
C GLN C 165 -0.74 47.47 16.59
N CYS C 166 -0.39 46.34 15.95
CA CYS C 166 -1.38 45.43 15.34
C CYS C 166 -2.19 44.75 16.47
N ALA C 167 -1.52 44.39 17.60
CA ALA C 167 -2.16 43.80 18.78
C ALA C 167 -3.13 44.80 19.42
N GLU C 168 -2.71 46.10 19.46
CA GLU C 168 -3.51 47.22 20.00
C GLU C 168 -4.83 47.39 19.19
N HIS C 169 -4.79 47.09 17.88
CA HIS C 169 -5.93 47.13 16.97
C HIS C 169 -6.78 45.85 17.09
N GLY C 170 -6.34 44.91 17.94
CA GLY C 170 -7.01 43.64 18.20
C GLY C 170 -6.97 42.66 17.05
N LEU C 171 -5.93 42.73 16.23
CA LEU C 171 -5.77 41.87 15.05
C LEU C 171 -5.34 40.45 15.44
N ASP C 172 -5.51 39.49 14.52
CA ASP C 172 -5.30 38.07 14.78
C ASP C 172 -3.87 37.59 14.54
N GLU C 173 -3.23 38.04 13.45
CA GLU C 173 -1.89 37.55 13.13
C GLU C 173 -1.10 38.52 12.28
N VAL C 174 0.21 38.48 12.43
CA VAL C 174 1.18 39.21 11.63
C VAL C 174 2.04 38.13 10.97
N VAL C 175 2.06 38.12 9.65
CA VAL C 175 2.89 37.15 8.93
C VAL C 175 4.05 37.90 8.29
N ILE C 176 5.26 37.44 8.56
CA ILE C 176 6.50 38.05 8.08
C ILE C 176 7.15 37.25 6.94
N ALA C 177 7.65 38.00 5.95
CA ALA C 177 8.52 37.56 4.87
C ALA C 177 9.74 38.47 4.89
N MET C 178 10.92 37.87 4.80
CA MET C 178 12.15 38.64 4.85
C MET C 178 13.35 37.92 4.17
N PRO C 179 14.42 38.65 3.77
CA PRO C 179 15.65 37.96 3.34
C PRO C 179 16.40 37.39 4.57
N HIS C 180 17.61 36.82 4.37
CA HIS C 180 18.37 36.16 5.46
C HIS C 180 18.95 37.13 6.56
N ARG C 181 19.27 38.41 6.24
CA ARG C 181 19.90 39.35 7.17
C ARG C 181 19.06 39.64 8.45
N GLY C 182 19.59 39.20 9.60
CA GLY C 182 18.98 39.35 10.91
C GLY C 182 17.82 38.42 11.22
N ARG C 183 17.60 37.37 10.36
CA ARG C 183 16.47 36.44 10.49
C ARG C 183 16.44 35.70 11.85
N LEU C 184 17.59 35.19 12.32
CA LEU C 184 17.64 34.48 13.62
C LEU C 184 17.37 35.46 14.81
N ASN C 185 17.75 36.76 14.64
CA ASN C 185 17.49 37.80 15.62
C ASN C 185 15.99 38.07 15.68
N VAL C 186 15.32 38.02 14.51
CA VAL C 186 13.87 38.18 14.34
C VAL C 186 13.21 36.97 15.00
N LEU C 187 13.78 35.76 14.79
CA LEU C 187 13.23 34.55 15.42
C LEU C 187 13.23 34.65 16.95
N ALA C 188 14.35 35.13 17.53
CA ALA C 188 14.49 35.23 18.98
C ALA C 188 13.76 36.42 19.58
N ASN C 189 13.88 37.62 18.96
CA ASN C 189 13.37 38.83 19.58
C ASN C 189 12.03 39.37 19.06
N ILE C 190 11.43 38.74 18.01
CA ILE C 190 10.15 39.17 17.47
C ILE C 190 9.15 37.98 17.53
N VAL C 191 9.51 36.86 16.89
CA VAL C 191 8.69 35.63 16.85
C VAL C 191 8.70 35.00 18.27
N GLY C 192 9.77 35.24 19.02
CA GLY C 192 9.92 34.76 20.39
C GLY C 192 10.31 33.30 20.50
N LYS C 193 11.01 32.76 19.47
CA LYS C 193 11.45 31.36 19.48
C LYS C 193 12.55 31.19 20.51
N PRO C 194 12.51 30.12 21.38
CA PRO C 194 13.59 29.94 22.37
C PRO C 194 14.92 29.59 21.70
N TYR C 195 16.02 29.93 22.37
CA TYR C 195 17.38 29.71 21.88
C TYR C 195 17.65 28.24 21.60
N SER C 196 17.08 27.31 22.44
CA SER C 196 17.18 25.84 22.32
C SER C 196 16.67 25.34 20.96
N GLN C 197 15.60 25.97 20.44
CA GLN C 197 15.00 25.62 19.14
C GLN C 197 15.80 26.22 17.99
N ILE C 198 16.14 27.52 18.06
CA ILE C 198 16.90 28.21 17.01
C ILE C 198 18.27 27.56 16.81
N PHE C 199 19.06 27.39 17.90
CA PHE C 199 20.42 26.89 17.79
C PHE C 199 20.55 25.36 18.07
N SER C 200 19.53 24.61 17.66
CA SER C 200 19.48 23.14 17.75
C SER C 200 20.14 22.55 16.50
N GLU C 201 21.16 21.66 16.71
CA GLU C 201 21.91 20.94 15.68
C GLU C 201 22.33 21.90 14.53
N PHE C 202 23.13 22.90 14.91
CA PHE C 202 23.65 23.97 14.04
C PHE C 202 24.93 23.53 13.33
N ASP C 216 23.09 28.19 6.24
CA ASP C 216 22.33 27.10 6.89
C ASP C 216 20.82 27.15 6.50
N VAL C 217 20.15 25.97 6.56
CA VAL C 217 18.72 25.79 6.26
C VAL C 217 17.85 26.60 7.24
N LYS C 218 18.36 26.86 8.46
CA LYS C 218 17.67 27.62 9.52
C LYS C 218 17.29 29.04 9.07
N TYR C 219 17.99 29.57 8.03
CA TYR C 219 17.81 30.89 7.43
C TYR C 219 16.78 30.92 6.31
N HIS C 220 16.14 29.78 6.05
CA HIS C 220 15.15 29.67 4.99
C HIS C 220 13.86 28.99 5.47
N LEU C 221 13.78 28.57 6.75
CA LEU C 221 12.61 27.85 7.28
C LEU C 221 11.50 28.74 7.85
N GLY C 222 10.27 28.23 7.83
CA GLY C 222 9.13 28.91 8.42
C GLY C 222 9.15 28.82 9.94
N ALA C 223 8.25 29.56 10.62
CA ALA C 223 8.13 29.53 12.09
C ALA C 223 6.83 30.15 12.54
N THR C 224 6.35 29.80 13.75
CA THR C 224 5.14 30.38 14.35
C THR C 224 5.38 30.63 15.84
N GLY C 225 4.82 31.73 16.34
CA GLY C 225 4.90 32.13 17.73
C GLY C 225 3.77 33.03 18.16
N THR C 226 3.80 33.45 19.42
CA THR C 226 2.81 34.34 20.01
C THR C 226 3.49 35.55 20.60
N TYR C 227 3.05 36.74 20.17
CA TYR C 227 3.55 37.99 20.74
C TYR C 227 2.61 38.42 21.85
N ILE C 228 3.16 38.71 23.03
CA ILE C 228 2.38 39.17 24.19
C ILE C 228 2.79 40.61 24.46
N GLN C 229 1.81 41.53 24.47
CA GLN C 229 2.06 42.95 24.73
C GLN C 229 2.70 43.17 26.10
N MET C 230 3.67 44.10 26.14
CA MET C 230 4.40 44.49 27.35
C MET C 230 3.51 45.39 28.25
N PHE C 231 2.99 46.50 27.69
CA PHE C 231 2.17 47.48 28.41
C PHE C 231 0.65 47.29 28.17
N GLY C 232 0.29 46.41 27.24
CA GLY C 232 -1.10 46.10 26.92
C GLY C 232 -1.53 44.72 27.38
N ASP C 233 -2.84 44.40 27.22
CA ASP C 233 -3.41 43.12 27.64
C ASP C 233 -3.75 42.22 26.43
N ASN C 234 -3.25 42.59 25.23
CA ASN C 234 -3.49 41.83 24.02
C ASN C 234 -2.32 40.93 23.64
N ASP C 235 -2.63 39.90 22.86
CA ASP C 235 -1.67 38.98 22.27
C ASP C 235 -2.02 38.84 20.80
N ILE C 236 -1.04 38.44 19.99
CA ILE C 236 -1.22 38.26 18.56
C ILE C 236 -0.28 37.15 18.07
N GLU C 237 -0.72 36.39 17.07
CA GLU C 237 0.11 35.35 16.47
C GLU C 237 1.13 36.02 15.56
N VAL C 238 2.37 35.54 15.59
CA VAL C 238 3.46 36.03 14.74
C VAL C 238 4.06 34.83 14.02
N SER C 239 4.08 34.86 12.69
CA SER C 239 4.67 33.77 11.92
C SER C 239 5.64 34.31 10.86
N LEU C 240 6.56 33.47 10.46
CA LEU C 240 7.62 33.76 9.50
C LEU C 240 7.54 32.72 8.41
N THR C 241 7.40 33.15 7.15
CA THR C 241 7.29 32.17 6.08
C THR C 241 8.68 31.77 5.55
N ALA C 242 8.77 30.55 4.98
CA ALA C 242 9.99 30.00 4.38
C ALA C 242 10.30 30.74 3.09
N ASN C 243 11.59 30.80 2.67
CA ASN C 243 11.96 31.49 1.41
C ASN C 243 13.27 30.98 0.83
N PRO C 244 13.50 31.08 -0.51
CA PRO C 244 14.82 30.72 -1.06
C PRO C 244 15.81 31.89 -0.91
N SER C 245 17.03 31.76 -1.47
CA SER C 245 18.00 32.84 -1.41
C SER C 245 17.63 33.96 -2.40
N HIS C 246 16.77 33.65 -3.41
CA HIS C 246 16.26 34.57 -4.43
C HIS C 246 15.51 35.70 -3.77
N LEU C 247 16.17 36.87 -3.67
CA LEU C 247 15.65 38.05 -3.01
C LEU C 247 14.38 38.53 -3.69
N GLU C 248 13.36 38.84 -2.86
CA GLU C 248 12.04 39.37 -3.18
C GLU C 248 11.10 38.33 -3.77
N ALA C 249 11.59 37.11 -4.16
CA ALA C 249 10.73 36.06 -4.75
C ALA C 249 9.53 35.66 -3.86
N VAL C 250 9.67 35.75 -2.54
CA VAL C 250 8.69 35.38 -1.52
C VAL C 250 7.58 36.45 -1.38
N ASP C 251 7.83 37.67 -1.84
CA ASP C 251 6.89 38.79 -1.74
C ASP C 251 5.44 38.39 -2.15
N PRO C 252 5.16 37.83 -3.35
CA PRO C 252 3.77 37.47 -3.67
C PRO C 252 3.27 36.24 -2.91
N VAL C 253 4.20 35.35 -2.52
CA VAL C 253 3.94 34.13 -1.75
C VAL C 253 3.34 34.55 -0.38
N LEU C 254 3.93 35.58 0.28
CA LEU C 254 3.46 36.17 1.55
C LEU C 254 2.03 36.66 1.39
N GLU C 255 1.78 37.43 0.33
CA GLU C 255 0.46 37.98 0.02
C GLU C 255 -0.59 36.89 -0.13
N GLY C 256 -0.29 35.83 -0.93
CA GLY C 256 -1.22 34.71 -1.10
C GLY C 256 -1.53 33.97 0.19
N LEU C 257 -0.48 33.73 1.00
CA LEU C 257 -0.55 33.05 2.31
C LEU C 257 -1.46 33.84 3.26
N VAL C 258 -1.24 35.16 3.38
CA VAL C 258 -2.03 36.06 4.23
C VAL C 258 -3.49 36.07 3.76
N ARG C 259 -3.71 36.19 2.43
CA ARG C 259 -5.05 36.18 1.86
C ARG C 259 -5.79 34.88 2.18
N ALA C 260 -5.10 33.73 2.13
CA ALA C 260 -5.71 32.43 2.46
C ALA C 260 -6.16 32.41 3.92
N LYS C 261 -5.35 32.99 4.82
CA LYS C 261 -5.62 33.07 6.26
C LYS C 261 -6.80 34.01 6.52
N GLN C 262 -6.83 35.17 5.83
CA GLN C 262 -7.92 36.15 5.93
C GLN C 262 -9.24 35.55 5.47
N ASP C 263 -9.24 34.79 4.36
CA ASP C 263 -10.44 34.12 3.84
C ASP C 263 -10.98 33.12 4.87
N LEU C 264 -10.08 32.33 5.50
CA LEU C 264 -10.43 31.37 6.55
C LEU C 264 -11.07 32.05 7.77
N LEU C 265 -10.58 33.25 8.13
CA LEU C 265 -11.07 34.00 9.29
C LEU C 265 -12.29 34.84 8.97
N ASP C 266 -12.70 34.88 7.69
CA ASP C 266 -13.82 35.68 7.16
C ASP C 266 -13.55 37.19 7.47
N THR C 267 -12.30 37.67 7.15
CA THR C 267 -11.83 39.05 7.39
C THR C 267 -11.41 39.79 6.09
N GLY C 268 -12.15 40.84 5.76
CA GLY C 268 -11.91 41.65 4.58
C GLY C 268 -13.11 41.75 3.67
N ARG C 275 -11.90 44.67 8.09
CA ARG C 275 -11.19 43.87 9.09
C ARG C 275 -9.71 43.64 8.67
N PHE C 276 -9.46 42.65 7.77
CA PHE C 276 -8.15 42.22 7.23
C PHE C 276 -7.20 41.95 8.42
N SER C 277 -7.70 41.18 9.40
CA SER C 277 -7.07 40.89 10.70
C SER C 277 -5.75 40.09 10.65
N VAL C 278 -5.25 39.77 9.45
CA VAL C 278 -3.95 39.11 9.22
C VAL C 278 -3.11 40.13 8.46
N VAL C 279 -1.99 40.57 9.06
CA VAL C 279 -1.17 41.62 8.46
C VAL C 279 0.10 41.09 7.84
N PRO C 280 0.36 41.37 6.54
CA PRO C 280 1.67 41.03 5.97
C PRO C 280 2.71 42.10 6.38
N LEU C 281 3.83 41.64 6.95
CA LEU C 281 4.95 42.49 7.30
C LEU C 281 6.10 42.01 6.42
N MET C 282 6.46 42.79 5.40
CA MET C 282 7.44 42.38 4.40
C MET C 282 8.73 43.18 4.55
N LEU C 283 9.85 42.47 4.78
CA LEU C 283 11.16 43.11 4.93
C LEU C 283 11.94 43.01 3.63
N HIS C 284 12.77 44.01 3.38
CA HIS C 284 13.55 44.08 2.15
C HIS C 284 14.93 44.67 2.36
N GLY C 285 15.76 44.49 1.35
CA GLY C 285 17.07 45.11 1.21
C GLY C 285 16.90 46.23 0.20
N ASP C 286 17.70 47.29 0.31
CA ASP C 286 17.59 48.46 -0.58
C ASP C 286 17.93 48.13 -2.05
N ALA C 287 18.94 47.28 -2.32
CA ALA C 287 19.29 47.02 -3.73
C ALA C 287 18.22 46.16 -4.39
N ALA C 288 17.73 45.13 -3.67
CA ALA C 288 16.73 44.18 -4.15
C ALA C 288 15.35 44.84 -4.35
N PHE C 289 14.94 45.73 -3.44
CA PHE C 289 13.66 46.41 -3.51
C PHE C 289 13.55 47.27 -4.77
N ALA C 290 14.64 47.90 -5.21
CA ALA C 290 14.63 48.75 -6.38
C ALA C 290 14.88 47.98 -7.72
N GLY C 291 15.56 46.84 -7.67
CA GLY C 291 15.92 46.12 -8.89
C GLY C 291 15.08 44.94 -9.28
N GLN C 292 14.39 44.30 -8.33
CA GLN C 292 13.60 43.09 -8.62
C GLN C 292 12.20 43.46 -9.08
N GLY C 293 11.83 43.01 -10.28
CA GLY C 293 10.54 43.30 -10.91
C GLY C 293 9.35 42.79 -10.16
N VAL C 294 9.51 41.69 -9.40
CA VAL C 294 8.44 41.06 -8.62
C VAL C 294 7.87 42.01 -7.55
N VAL C 295 8.67 43.00 -7.12
CA VAL C 295 8.28 44.04 -6.17
C VAL C 295 7.11 44.81 -6.80
N ALA C 296 7.29 45.36 -8.03
CA ALA C 296 6.26 46.10 -8.76
C ALA C 296 5.00 45.23 -9.03
N GLU C 297 5.21 43.97 -9.41
CA GLU C 297 4.15 42.99 -9.66
C GLU C 297 3.33 42.72 -8.39
N THR C 298 3.99 42.67 -7.22
CA THR C 298 3.31 42.41 -5.93
C THR C 298 2.56 43.65 -5.42
N LEU C 299 3.14 44.84 -5.60
CA LEU C 299 2.52 46.13 -5.31
C LEU C 299 1.26 46.31 -6.15
N ASN C 300 1.31 45.90 -7.42
CA ASN C 300 0.19 45.99 -8.32
C ASN C 300 -1.05 45.14 -7.88
N LEU C 301 -0.84 44.14 -6.99
CA LEU C 301 -1.91 43.29 -6.46
C LEU C 301 -2.61 43.89 -5.23
N ALA C 302 -2.01 44.93 -4.60
CA ALA C 302 -2.42 45.49 -3.31
C ALA C 302 -3.90 45.87 -3.18
N LEU C 303 -4.57 46.29 -4.27
CA LEU C 303 -5.95 46.75 -4.16
C LEU C 303 -6.91 45.96 -5.05
N LEU C 304 -6.42 44.85 -5.65
CA LEU C 304 -7.24 44.00 -6.52
C LEU C 304 -8.18 43.15 -5.67
N ARG C 305 -9.46 43.05 -6.09
CA ARG C 305 -10.46 42.25 -5.37
C ARG C 305 -10.01 40.77 -5.17
N GLY C 306 -9.27 40.22 -6.11
CA GLY C 306 -8.80 38.85 -5.99
C GLY C 306 -7.51 38.63 -5.22
N TYR C 307 -6.77 39.72 -4.93
CA TYR C 307 -5.45 39.59 -4.33
C TYR C 307 -5.17 40.53 -3.14
N ARG C 308 -6.04 41.54 -2.86
CA ARG C 308 -5.80 42.48 -1.76
C ARG C 308 -5.73 41.80 -0.39
N THR C 309 -4.83 42.31 0.49
CA THR C 309 -4.68 41.79 1.84
C THR C 309 -4.92 42.91 2.86
N GLY C 310 -5.49 44.01 2.40
CA GLY C 310 -5.80 45.17 3.23
C GLY C 310 -4.59 46.03 3.57
N GLY C 311 -3.54 45.91 2.76
CA GLY C 311 -2.31 46.67 2.95
C GLY C 311 -1.21 45.90 3.66
N THR C 312 0.00 46.04 3.12
CA THR C 312 1.24 45.43 3.58
C THR C 312 2.11 46.49 4.22
N ILE C 313 2.71 46.15 5.38
CA ILE C 313 3.66 47.04 6.01
C ILE C 313 5.03 46.64 5.44
N HIS C 314 5.67 47.55 4.71
CA HIS C 314 6.98 47.29 4.13
C HIS C 314 8.07 47.94 4.95
N ILE C 315 9.11 47.19 5.27
CA ILE C 315 10.28 47.71 5.98
C ILE C 315 11.49 47.44 5.10
N VAL C 316 12.12 48.50 4.63
CA VAL C 316 13.34 48.35 3.84
C VAL C 316 14.52 48.61 4.76
N VAL C 317 15.42 47.61 4.90
CA VAL C 317 16.65 47.73 5.67
C VAL C 317 17.64 48.35 4.70
N ASN C 318 17.58 49.68 4.60
CA ASN C 318 18.36 50.46 3.66
C ASN C 318 19.73 50.77 4.26
N ASN C 319 20.66 49.82 4.10
CA ASN C 319 22.03 49.97 4.60
C ASN C 319 22.92 50.63 3.55
N GLN C 320 22.28 51.22 2.50
CA GLN C 320 22.86 52.06 1.44
C GLN C 320 24.01 51.35 0.71
N ILE C 321 23.89 50.03 0.58
CA ILE C 321 24.86 49.18 -0.11
C ILE C 321 24.16 47.87 -0.50
N GLY C 322 24.66 47.28 -1.57
CA GLY C 322 24.22 45.99 -2.08
C GLY C 322 25.44 45.19 -2.47
N PHE C 323 25.98 44.41 -1.49
CA PHE C 323 27.23 43.63 -1.60
C PHE C 323 28.42 44.64 -1.77
N THR C 324 28.88 44.92 -2.98
CA THR C 324 29.96 45.93 -3.16
C THR C 324 29.42 47.16 -3.94
N THR C 325 28.15 47.10 -4.35
CA THR C 325 27.52 48.06 -5.23
C THR C 325 26.87 49.22 -4.49
N ALA C 326 27.18 50.42 -4.97
CA ALA C 326 26.67 51.69 -4.45
C ALA C 326 25.27 51.94 -4.97
N PRO C 327 24.39 52.62 -4.20
CA PRO C 327 23.03 52.96 -4.69
C PRO C 327 22.97 53.57 -6.10
N THR C 328 23.95 54.40 -6.49
CA THR C 328 23.96 55.06 -7.81
C THR C 328 24.08 54.06 -8.98
N ASP C 329 24.54 52.83 -8.72
CA ASP C 329 24.61 51.77 -9.72
C ASP C 329 23.44 50.77 -9.58
N SER C 330 22.61 50.92 -8.54
CA SER C 330 21.50 50.00 -8.25
C SER C 330 20.11 50.55 -8.63
N ARG C 331 19.96 51.89 -8.74
CA ARG C 331 18.66 52.48 -9.05
C ARG C 331 18.80 53.83 -9.76
N SER C 332 17.75 54.22 -10.49
CA SER C 332 17.63 55.46 -11.28
C SER C 332 16.73 56.48 -10.57
N SER C 333 16.52 56.30 -9.27
CA SER C 333 15.64 57.18 -8.48
C SER C 333 16.31 57.61 -7.20
N GLU C 334 15.83 58.72 -6.62
CA GLU C 334 16.33 59.29 -5.37
C GLU C 334 16.30 58.25 -4.25
N TYR C 335 15.18 57.49 -4.11
CA TYR C 335 15.01 56.50 -3.05
C TYR C 335 14.82 55.08 -3.56
N CYS C 336 15.25 54.07 -2.78
CA CYS C 336 15.11 52.65 -3.14
C CYS C 336 13.63 52.20 -3.15
N THR C 337 12.78 52.98 -2.48
CA THR C 337 11.34 52.77 -2.30
C THR C 337 10.46 53.51 -3.31
N ASP C 338 11.05 54.20 -4.30
CA ASP C 338 10.29 55.00 -5.27
C ASP C 338 9.30 54.16 -6.14
N VAL C 339 9.47 52.85 -6.23
CA VAL C 339 8.57 51.94 -6.92
C VAL C 339 7.16 51.95 -6.21
N ALA C 340 7.09 52.10 -4.86
CA ALA C 340 5.85 52.12 -4.09
C ALA C 340 4.91 53.30 -4.44
N LYS C 341 5.45 54.35 -5.12
CA LYS C 341 4.68 55.51 -5.60
C LYS C 341 3.67 55.05 -6.68
N MET C 342 3.98 53.91 -7.33
CA MET C 342 3.18 53.21 -8.33
C MET C 342 1.74 53.00 -7.84
N ILE C 343 1.52 52.76 -6.53
CA ILE C 343 0.18 52.50 -6.00
C ILE C 343 -0.21 53.61 -4.99
N GLY C 344 0.54 54.71 -5.01
CA GLY C 344 0.31 55.84 -4.13
C GLY C 344 0.40 55.52 -2.66
N ALA C 345 1.36 54.65 -2.30
CA ALA C 345 1.61 54.30 -0.91
C ALA C 345 2.36 55.42 -0.18
N PRO C 346 2.03 55.78 1.09
CA PRO C 346 2.88 56.77 1.80
C PRO C 346 4.24 56.15 2.12
N ILE C 347 5.31 56.97 2.04
CA ILE C 347 6.67 56.48 2.29
C ILE C 347 7.30 57.30 3.39
N PHE C 348 7.91 56.60 4.37
CA PHE C 348 8.57 57.25 5.48
C PHE C 348 10.03 56.84 5.49
N HIS C 349 10.91 57.82 5.29
CA HIS C 349 12.36 57.61 5.35
C HIS C 349 12.78 57.93 6.76
N VAL C 350 13.33 56.94 7.47
CA VAL C 350 13.64 57.19 8.87
C VAL C 350 15.09 56.82 9.20
N ASN C 351 15.71 57.67 10.03
CA ASN C 351 17.05 57.52 10.52
C ASN C 351 17.15 56.33 11.51
N GLY C 352 17.87 55.29 11.10
CA GLY C 352 18.05 54.06 11.86
C GLY C 352 18.80 54.23 13.17
N ASP C 353 19.37 55.42 13.45
CA ASP C 353 20.05 55.71 14.71
C ASP C 353 19.08 56.32 15.69
N ASP C 354 17.82 56.62 15.24
CA ASP C 354 16.79 57.17 16.13
C ASP C 354 15.71 56.11 16.32
N PRO C 355 15.83 55.25 17.35
CA PRO C 355 14.82 54.18 17.50
C PRO C 355 13.44 54.67 17.96
N GLU C 356 13.32 55.89 18.53
CA GLU C 356 12.03 56.48 18.92
C GLU C 356 11.25 56.90 17.67
N ALA C 357 11.92 57.58 16.71
CA ALA C 357 11.31 57.99 15.44
C ALA C 357 10.92 56.72 14.64
N CYS C 358 11.76 55.68 14.67
CA CYS C 358 11.53 54.40 14.00
C CYS C 358 10.31 53.69 14.57
N ALA C 359 10.18 53.68 15.92
CA ALA C 359 9.06 53.05 16.60
C ALA C 359 7.77 53.82 16.34
N TRP C 360 7.83 55.17 16.37
CA TRP C 360 6.69 56.07 16.13
C TRP C 360 6.13 55.90 14.70
N VAL C 361 7.03 55.87 13.69
CA VAL C 361 6.71 55.69 12.26
C VAL C 361 6.04 54.30 12.04
N ALA C 362 6.55 53.25 12.71
CA ALA C 362 6.02 51.88 12.64
C ALA C 362 4.55 51.84 13.08
N ARG C 363 4.22 52.55 14.20
CA ARG C 363 2.87 52.63 14.77
C ARG C 363 1.96 53.44 13.88
N LEU C 364 2.48 54.54 13.29
CA LEU C 364 1.75 55.39 12.34
C LEU C 364 1.42 54.60 11.06
N ALA C 365 2.35 53.72 10.63
CA ALA C 365 2.20 52.89 9.45
C ALA C 365 1.07 51.87 9.64
N VAL C 366 0.97 51.24 10.83
CA VAL C 366 -0.09 50.28 11.15
C VAL C 366 -1.47 51.00 11.14
N ASP C 367 -1.52 52.22 11.75
CA ASP C 367 -2.74 53.03 11.82
C ASP C 367 -3.23 53.45 10.44
N PHE C 368 -2.31 53.80 9.52
CA PHE C 368 -2.66 54.19 8.15
C PHE C 368 -3.23 52.99 7.38
N ARG C 369 -2.59 51.82 7.53
CA ARG C 369 -3.01 50.58 6.90
C ARG C 369 -4.41 50.20 7.41
N GLN C 370 -4.68 50.36 8.72
CA GLN C 370 -6.00 50.07 9.30
C GLN C 370 -7.06 51.05 8.78
N ALA C 371 -6.70 52.32 8.61
CA ALA C 371 -7.63 53.35 8.15
C ALA C 371 -7.92 53.27 6.66
N PHE C 372 -6.92 52.92 5.82
CA PHE C 372 -7.17 52.97 4.38
C PHE C 372 -7.01 51.63 3.64
N LYS C 373 -6.57 50.55 4.34
CA LYS C 373 -6.43 49.19 3.76
C LYS C 373 -5.48 49.21 2.54
N LYS C 374 -4.40 49.98 2.67
CA LYS C 374 -3.41 50.26 1.64
C LYS C 374 -1.98 50.10 2.22
N ASP C 375 -1.00 49.78 1.34
CA ASP C 375 0.41 49.59 1.67
C ASP C 375 1.06 50.84 2.23
N VAL C 376 1.99 50.64 3.17
CA VAL C 376 2.82 51.67 3.82
C VAL C 376 4.26 51.19 3.72
N VAL C 377 5.15 52.08 3.33
CA VAL C 377 6.57 51.73 3.18
C VAL C 377 7.42 52.53 4.17
N ILE C 378 8.24 51.79 4.94
CA ILE C 378 9.20 52.37 5.88
C ILE C 378 10.59 52.08 5.33
N ASP C 379 11.31 53.16 5.00
CA ASP C 379 12.68 53.11 4.49
C ASP C 379 13.61 53.43 5.66
N MET C 380 14.16 52.39 6.33
CA MET C 380 15.05 52.57 7.48
C MET C 380 16.50 52.71 7.03
N LEU C 381 17.02 53.93 7.09
CA LEU C 381 18.40 54.24 6.72
C LEU C 381 19.33 53.86 7.83
N CYS C 382 20.25 52.98 7.50
CA CYS C 382 21.18 52.40 8.42
C CYS C 382 22.49 52.12 7.70
N TYR C 383 23.27 51.17 8.20
CA TYR C 383 24.55 50.81 7.58
C TYR C 383 24.83 49.35 7.84
N ARG C 384 25.81 48.79 7.12
CA ARG C 384 26.25 47.43 7.28
C ARG C 384 27.65 47.52 7.89
N ARG C 385 27.77 47.38 9.26
CA ARG C 385 29.03 47.53 10.02
C ARG C 385 30.19 46.72 9.43
N ARG C 386 29.94 45.44 9.10
CA ARG C 386 30.98 44.57 8.57
C ARG C 386 30.85 44.45 7.03
N GLY C 387 31.70 43.61 6.43
CA GLY C 387 31.67 43.31 5.00
C GLY C 387 30.52 42.37 4.68
N HIS C 388 30.24 42.18 3.38
CA HIS C 388 29.16 41.32 2.90
C HIS C 388 29.34 39.86 3.35
N ASN C 389 30.60 39.35 3.37
CA ASN C 389 30.91 37.98 3.81
C ASN C 389 32.34 37.93 4.41
N GLU C 390 32.84 36.70 4.71
CA GLU C 390 34.12 36.45 5.39
C GLU C 390 35.35 37.03 4.65
N GLY C 391 35.41 36.81 3.32
CA GLY C 391 36.50 37.28 2.48
C GLY C 391 36.35 38.69 1.95
N ASP C 392 35.61 39.56 2.69
CA ASP C 392 35.36 40.94 2.29
C ASP C 392 35.93 41.96 3.28
N ASP C 393 36.78 42.85 2.75
CA ASP C 393 37.26 44.08 3.33
C ASP C 393 36.51 45.15 2.52
N PRO C 394 35.35 45.65 3.04
CA PRO C 394 34.52 46.58 2.25
C PRO C 394 35.16 47.95 1.90
N SER C 395 36.37 48.24 2.39
CA SER C 395 37.03 49.49 1.99
C SER C 395 37.76 49.30 0.63
N MET C 396 37.81 48.05 0.06
CA MET C 396 38.41 47.83 -1.28
C MET C 396 37.54 48.50 -2.33
N THR C 397 36.20 48.40 -2.16
CA THR C 397 35.21 48.91 -3.11
C THR C 397 34.48 50.16 -2.61
N GLN C 398 34.37 50.35 -1.28
CA GLN C 398 33.69 51.50 -0.70
C GLN C 398 34.58 52.14 0.39
N PRO C 399 35.77 52.71 0.02
CA PRO C 399 36.67 53.25 1.06
C PRO C 399 36.05 54.34 1.93
N TYR C 400 35.31 55.27 1.32
CA TYR C 400 34.71 56.43 2.00
C TYR C 400 33.64 56.02 3.02
N MET C 401 32.66 55.21 2.58
CA MET C 401 31.58 54.68 3.43
C MET C 401 32.17 53.96 4.66
N TYR C 402 33.16 53.08 4.43
CA TYR C 402 33.72 52.32 5.53
C TYR C 402 34.73 53.11 6.39
N ASP C 403 35.23 54.28 5.94
CA ASP C 403 36.05 55.07 6.86
C ASP C 403 35.13 55.78 7.87
N VAL C 404 33.93 56.17 7.42
CA VAL C 404 32.88 56.79 8.24
C VAL C 404 32.28 55.73 9.21
N ILE C 405 31.98 54.50 8.69
CA ILE C 405 31.39 53.37 9.42
C ILE C 405 32.33 52.97 10.58
N ASP C 406 33.68 52.98 10.37
CA ASP C 406 34.69 52.67 11.40
C ASP C 406 34.64 53.61 12.61
N THR C 407 34.12 54.84 12.44
CA THR C 407 34.01 55.84 13.52
C THR C 407 32.62 55.75 14.21
N LYS C 408 31.73 54.85 13.76
CA LYS C 408 30.38 54.72 14.31
C LYS C 408 30.28 53.77 15.48
N ARG C 409 29.64 54.23 16.57
CA ARG C 409 29.32 53.38 17.72
C ARG C 409 27.95 52.81 17.43
N GLY C 410 27.57 51.72 18.09
CA GLY C 410 26.26 51.09 17.85
C GLY C 410 25.05 51.95 18.17
N SER C 411 23.88 51.55 17.62
CA SER C 411 22.58 52.20 17.84
C SER C 411 22.20 52.17 19.33
N ARG C 412 22.56 51.09 20.04
CA ARG C 412 22.29 50.86 21.46
C ARG C 412 23.06 51.87 22.32
N LYS C 413 24.38 52.00 22.07
CA LYS C 413 25.25 52.92 22.80
C LYS C 413 24.85 54.37 22.52
N ALA C 414 24.55 54.71 21.26
CA ALA C 414 24.11 56.05 20.87
C ALA C 414 22.83 56.42 21.61
N TYR C 415 21.82 55.51 21.61
CA TYR C 415 20.52 55.72 22.25
C TYR C 415 20.66 55.82 23.79
N THR C 416 21.55 55.01 24.40
CA THR C 416 21.82 55.04 25.85
C THR C 416 22.39 56.41 26.23
N GLU C 417 23.35 56.90 25.42
CA GLU C 417 24.05 58.18 25.61
C GLU C 417 23.10 59.35 25.37
N ALA C 418 22.23 59.26 24.35
CA ALA C 418 21.26 60.32 24.03
C ALA C 418 20.21 60.47 25.16
N LEU C 419 19.87 59.36 25.84
CA LEU C 419 18.92 59.34 26.95
C LEU C 419 19.53 59.98 28.23
N ILE C 420 20.87 59.97 28.34
CA ILE C 420 21.59 60.58 29.49
C ILE C 420 21.68 62.09 29.24
N GLY C 421 22.10 62.46 28.02
CA GLY C 421 22.22 63.84 27.56
C GLY C 421 20.93 64.61 27.66
N ARG C 422 19.81 63.97 27.29
CA ARG C 422 18.46 64.57 27.35
C ARG C 422 17.87 64.53 28.77
N GLY C 423 18.57 63.90 29.72
CA GLY C 423 18.15 63.78 31.11
C GLY C 423 16.95 62.89 31.33
N ASP C 424 16.64 62.03 30.33
CA ASP C 424 15.51 61.11 30.36
C ASP C 424 15.80 59.91 31.27
N ILE C 425 17.08 59.50 31.38
CA ILE C 425 17.48 58.41 32.27
C ILE C 425 18.68 58.86 33.16
N SER C 426 18.71 58.36 34.41
CA SER C 426 19.77 58.61 35.37
C SER C 426 20.95 57.69 35.08
N MET C 427 22.12 57.94 35.72
CA MET C 427 23.34 57.13 35.54
C MET C 427 23.11 55.68 35.95
N LYS C 428 22.34 55.47 37.07
CA LYS C 428 21.96 54.16 37.60
C LYS C 428 21.10 53.40 36.58
N GLU C 429 20.15 54.11 35.94
CA GLU C 429 19.23 53.61 34.92
C GLU C 429 20.00 53.23 33.65
N ALA C 430 21.04 54.03 33.28
CA ALA C 430 21.93 53.75 32.15
C ALA C 430 22.80 52.52 32.46
N GLU C 431 23.32 52.43 33.71
CA GLU C 431 24.12 51.29 34.22
C GLU C 431 23.28 50.00 34.26
N ASP C 432 22.01 50.11 34.68
CA ASP C 432 21.06 48.99 34.73
C ASP C 432 20.78 48.44 33.34
N ALA C 433 20.73 49.33 32.32
CA ALA C 433 20.52 49.00 30.90
C ALA C 433 21.72 48.19 30.36
N LEU C 434 22.93 48.57 30.80
CA LEU C 434 24.20 47.91 30.49
C LEU C 434 24.27 46.52 31.17
N ARG C 435 23.63 46.39 32.36
CA ARG C 435 23.51 45.12 33.09
C ARG C 435 22.57 44.19 32.31
N ASP C 436 21.44 44.76 31.81
CA ASP C 436 20.44 44.10 30.99
C ASP C 436 21.08 43.57 29.70
N TYR C 437 21.96 44.39 29.06
CA TYR C 437 22.68 43.96 27.85
C TYR C 437 23.56 42.74 28.17
N GLN C 438 24.43 42.85 29.22
CA GLN C 438 25.35 41.79 29.64
C GLN C 438 24.60 40.50 30.00
N GLY C 439 23.51 40.64 30.77
CA GLY C 439 22.63 39.54 31.15
C GLY C 439 22.02 38.85 29.94
N GLN C 440 21.61 39.64 28.93
CA GLN C 440 21.05 39.10 27.67
C GLN C 440 22.13 38.35 26.88
N LEU C 441 23.35 38.91 26.86
CA LEU C 441 24.50 38.31 26.18
C LEU C 441 24.90 36.99 26.87
N GLU C 442 24.87 36.97 28.21
CA GLU C 442 25.18 35.79 29.02
C GLU C 442 24.14 34.70 28.82
N ARG C 443 22.84 35.05 28.89
CA ARG C 443 21.70 34.12 28.74
C ARG C 443 21.79 33.30 27.45
N VAL C 444 22.05 33.94 26.29
CA VAL C 444 22.11 33.26 25.00
C VAL C 444 23.32 32.32 25.00
N PHE C 445 24.48 32.75 25.52
CA PHE C 445 25.67 31.91 25.62
C PHE C 445 25.43 30.68 26.53
N ASN C 446 24.77 30.88 27.69
CA ASN C 446 24.46 29.86 28.69
C ASN C 446 23.39 28.86 28.23
N GLU C 447 22.26 29.36 27.67
CA GLU C 447 21.16 28.51 27.19
C GLU C 447 21.63 27.60 26.06
N VAL C 448 22.48 28.13 25.15
CA VAL C 448 23.04 27.41 24.01
C VAL C 448 24.08 26.37 24.53
N ARG C 449 24.84 26.71 25.61
CA ARG C 449 25.80 25.81 26.26
C ARG C 449 25.09 24.58 26.80
N GLU C 450 23.96 24.77 27.52
CA GLU C 450 23.11 23.71 28.08
C GLU C 450 22.49 22.84 26.93
N LEU C 451 22.15 23.48 25.78
CA LEU C 451 21.60 22.82 24.59
C LEU C 451 22.65 21.83 24.05
N GLU C 452 23.90 22.29 23.85
CA GLU C 452 25.04 21.51 23.34
C GLU C 452 25.39 20.31 24.23
N LYS C 453 25.18 20.43 25.56
CA LYS C 453 25.43 19.37 26.55
C LYS C 453 24.46 18.19 26.33
N HIS C 454 23.17 18.51 26.02
CA HIS C 454 22.11 17.53 25.77
C HIS C 454 22.10 17.05 24.30
N LEU C 472 -9.03 6.78 -2.18
CA LEU C 472 -10.42 7.21 -2.01
C LEU C 472 -11.19 7.23 -3.34
N ALA C 473 -12.53 7.09 -3.29
CA ALA C 473 -13.38 7.10 -4.49
C ALA C 473 -13.70 8.54 -4.94
N THR C 474 -13.51 8.82 -6.23
CA THR C 474 -13.75 10.15 -6.79
C THR C 474 -15.07 10.20 -7.59
N ALA C 475 -15.71 9.02 -7.82
CA ALA C 475 -16.98 8.96 -8.57
C ALA C 475 -18.12 9.66 -7.81
N VAL C 476 -18.97 10.38 -8.53
CA VAL C 476 -20.12 11.09 -7.94
C VAL C 476 -21.43 10.44 -8.43
N ASP C 477 -22.58 10.80 -7.83
CA ASP C 477 -23.87 10.26 -8.28
C ASP C 477 -24.36 11.10 -9.46
N LYS C 478 -25.19 10.53 -10.35
CA LYS C 478 -25.72 11.22 -11.51
C LYS C 478 -26.50 12.48 -11.10
N ALA C 479 -27.15 12.44 -9.90
CA ALA C 479 -27.88 13.58 -9.32
C ALA C 479 -26.94 14.77 -9.07
N MET C 480 -25.63 14.50 -8.79
CA MET C 480 -24.60 15.54 -8.60
C MET C 480 -24.30 16.25 -9.94
N LEU C 481 -24.19 15.45 -11.04
CA LEU C 481 -23.97 16.00 -12.38
C LEU C 481 -25.14 16.87 -12.79
N GLN C 482 -26.36 16.39 -12.53
CA GLN C 482 -27.61 17.07 -12.86
C GLN C 482 -27.75 18.39 -12.10
N ARG C 483 -27.38 18.40 -10.80
CA ARG C 483 -27.43 19.57 -9.93
C ARG C 483 -26.51 20.68 -10.46
N ILE C 484 -25.29 20.31 -10.89
CA ILE C 484 -24.29 21.25 -11.44
C ILE C 484 -24.81 21.77 -12.79
N GLY C 485 -25.47 20.86 -13.53
CA GLY C 485 -26.10 21.17 -14.81
C GLY C 485 -27.22 22.19 -14.64
N ASP C 486 -28.15 21.90 -13.74
CA ASP C 486 -29.30 22.75 -13.43
C ASP C 486 -28.88 24.11 -12.88
N ALA C 487 -27.75 24.19 -12.14
CA ALA C 487 -27.22 25.43 -11.56
C ALA C 487 -26.92 26.48 -12.65
N HIS C 488 -26.53 26.04 -13.86
CA HIS C 488 -26.21 26.90 -15.00
C HIS C 488 -27.47 27.61 -15.55
N LEU C 489 -28.67 27.14 -15.15
CA LEU C 489 -29.95 27.72 -15.56
C LEU C 489 -30.71 28.34 -14.37
N ALA C 490 -30.22 28.15 -13.14
CA ALA C 490 -30.84 28.72 -11.94
C ALA C 490 -30.41 30.19 -11.77
N LEU C 491 -30.80 31.01 -12.74
CA LEU C 491 -30.46 32.42 -12.85
C LEU C 491 -31.19 33.31 -11.84
N PRO C 492 -30.51 34.35 -11.30
CA PRO C 492 -31.20 35.26 -10.35
C PRO C 492 -32.36 35.99 -11.02
N GLU C 493 -33.35 36.42 -10.22
CA GLU C 493 -34.54 37.13 -10.71
C GLU C 493 -34.13 38.38 -11.51
N GLY C 494 -34.64 38.48 -12.74
CA GLY C 494 -34.38 39.59 -13.64
C GLY C 494 -33.06 39.58 -14.38
N PHE C 495 -32.23 38.51 -14.22
CA PHE C 495 -30.93 38.41 -14.88
C PHE C 495 -31.07 38.25 -16.39
N THR C 496 -30.28 39.02 -17.18
CA THR C 496 -30.25 38.97 -18.65
C THR C 496 -28.98 38.27 -19.09
N VAL C 497 -29.12 37.08 -19.68
CA VAL C 497 -27.94 36.36 -20.17
C VAL C 497 -27.65 36.84 -21.58
N HIS C 498 -26.34 37.06 -21.88
CA HIS C 498 -25.87 37.42 -23.23
C HIS C 498 -26.34 36.30 -24.20
N PRO C 499 -26.97 36.65 -25.32
CA PRO C 499 -27.50 35.60 -26.23
C PRO C 499 -26.51 34.49 -26.63
N ARG C 500 -25.20 34.77 -26.63
CA ARG C 500 -24.18 33.79 -27.00
C ARG C 500 -23.74 32.92 -25.80
N VAL C 501 -24.14 33.28 -24.57
CA VAL C 501 -23.80 32.51 -23.37
C VAL C 501 -24.92 31.52 -23.08
N ARG C 502 -26.17 31.93 -23.36
CA ARG C 502 -27.41 31.17 -23.19
C ARG C 502 -27.24 29.69 -23.73
N PRO C 503 -26.78 29.43 -24.99
CA PRO C 503 -26.68 28.02 -25.44
C PRO C 503 -25.69 27.18 -24.65
N VAL C 504 -24.62 27.83 -24.11
CA VAL C 504 -23.60 27.17 -23.32
C VAL C 504 -24.22 26.70 -22.00
N LEU C 505 -25.08 27.53 -21.34
CA LEU C 505 -25.80 27.16 -20.11
C LEU C 505 -26.78 26.00 -20.35
N GLU C 506 -27.50 26.04 -21.47
CA GLU C 506 -28.47 25.01 -21.83
C GLU C 506 -27.79 23.68 -22.21
N LYS C 507 -26.64 23.75 -22.92
CA LYS C 507 -25.89 22.56 -23.33
C LYS C 507 -25.34 21.81 -22.11
N ARG C 508 -25.01 22.54 -21.05
CA ARG C 508 -24.47 21.96 -19.83
C ARG C 508 -25.55 21.18 -19.08
N ARG C 509 -26.80 21.70 -19.07
CA ARG C 509 -27.94 20.99 -18.49
C ARG C 509 -28.19 19.71 -19.31
N GLU C 510 -28.06 19.78 -20.66
CA GLU C 510 -28.21 18.65 -21.58
C GLU C 510 -27.13 17.61 -21.33
N MET C 511 -25.86 18.02 -21.25
CA MET C 511 -24.71 17.14 -21.04
C MET C 511 -24.85 16.39 -19.71
N ALA C 512 -25.25 17.10 -18.64
CA ALA C 512 -25.44 16.58 -17.28
C ALA C 512 -26.48 15.45 -17.22
N TYR C 513 -27.51 15.50 -18.09
CA TYR C 513 -28.57 14.51 -18.13
C TYR C 513 -28.40 13.47 -19.23
N GLU C 514 -27.77 13.83 -20.37
CA GLU C 514 -27.69 12.97 -21.55
C GLU C 514 -26.28 12.53 -21.98
N GLY C 515 -25.23 13.01 -21.31
CA GLY C 515 -23.88 12.61 -21.64
C GLY C 515 -23.21 13.47 -22.69
N ARG C 516 -22.14 12.93 -23.32
CA ARG C 516 -21.27 13.59 -24.29
C ARG C 516 -20.68 14.89 -23.64
N ILE C 517 -20.28 14.77 -22.36
CA ILE C 517 -19.73 15.85 -21.54
C ILE C 517 -18.34 16.25 -22.09
N ASP C 518 -18.19 17.55 -22.40
CA ASP C 518 -16.95 18.11 -22.93
C ASP C 518 -16.02 18.46 -21.80
N TRP C 519 -14.74 18.76 -22.13
CA TRP C 519 -13.67 19.08 -21.17
C TRP C 519 -14.05 20.22 -20.24
N ALA C 520 -14.51 21.35 -20.79
CA ALA C 520 -14.84 22.55 -20.04
C ALA C 520 -15.87 22.29 -18.95
N PHE C 521 -16.92 21.53 -19.25
CA PHE C 521 -17.96 21.21 -18.29
C PHE C 521 -17.44 20.22 -17.22
N ALA C 522 -16.64 19.20 -17.65
CA ALA C 522 -16.02 18.20 -16.77
C ALA C 522 -15.21 18.87 -15.64
N GLU C 523 -14.45 19.92 -15.98
CA GLU C 523 -13.68 20.73 -15.03
C GLU C 523 -14.64 21.34 -13.98
N LEU C 524 -15.75 21.94 -14.43
CA LEU C 524 -16.74 22.57 -13.55
C LEU C 524 -17.52 21.51 -12.74
N LEU C 525 -17.67 20.28 -13.29
CA LEU C 525 -18.30 19.17 -12.56
C LEU C 525 -17.41 18.75 -11.42
N ALA C 526 -16.07 18.71 -11.66
CA ALA C 526 -15.07 18.35 -10.63
C ALA C 526 -15.04 19.41 -9.52
N LEU C 527 -14.97 20.69 -9.91
CA LEU C 527 -14.91 21.82 -8.98
C LEU C 527 -16.23 21.99 -8.22
N GLY C 528 -17.36 21.91 -8.93
CA GLY C 528 -18.69 22.02 -8.36
C GLY C 528 -19.01 20.95 -7.32
N SER C 529 -18.63 19.67 -7.61
CA SER C 529 -18.86 18.55 -6.70
C SER C 529 -17.99 18.69 -5.42
N LEU C 530 -16.78 19.28 -5.54
CA LEU C 530 -15.91 19.54 -4.39
C LEU C 530 -16.52 20.60 -3.47
N ILE C 531 -17.08 21.70 -4.05
CA ILE C 531 -17.78 22.78 -3.34
C ILE C 531 -19.02 22.20 -2.61
N ALA C 532 -19.75 21.27 -3.28
CA ALA C 532 -20.94 20.58 -2.73
C ALA C 532 -20.55 19.70 -1.52
N GLU C 533 -19.32 19.16 -1.54
CA GLU C 533 -18.76 18.35 -0.45
C GLU C 533 -18.13 19.21 0.67
N GLY C 534 -18.12 20.54 0.49
CA GLY C 534 -17.63 21.47 1.50
C GLY C 534 -16.26 22.07 1.29
N LYS C 535 -15.62 21.83 0.12
CA LYS C 535 -14.29 22.36 -0.15
C LYS C 535 -14.31 23.79 -0.67
N LEU C 536 -13.31 24.60 -0.25
CA LEU C 536 -13.08 25.93 -0.78
C LEU C 536 -12.28 25.74 -2.07
N VAL C 537 -12.76 26.33 -3.17
CA VAL C 537 -12.10 26.23 -4.47
C VAL C 537 -11.71 27.65 -4.92
N ARG C 538 -10.40 27.89 -5.10
CA ARG C 538 -9.88 29.15 -5.62
C ARG C 538 -9.29 28.88 -7.00
N LEU C 539 -9.87 29.53 -8.02
CA LEU C 539 -9.46 29.42 -9.42
C LEU C 539 -9.18 30.81 -9.98
N SER C 540 -8.01 31.00 -10.60
CA SER C 540 -7.63 32.32 -11.14
C SER C 540 -6.59 32.18 -12.24
N GLY C 541 -6.36 33.28 -12.95
CA GLY C 541 -5.44 33.36 -14.08
C GLY C 541 -5.97 34.37 -15.07
N GLN C 542 -5.21 34.60 -16.16
CA GLN C 542 -5.60 35.58 -17.15
C GLN C 542 -6.88 35.15 -17.88
N ASP C 543 -7.94 35.97 -17.71
CA ASP C 543 -9.27 35.81 -18.32
C ASP C 543 -9.91 34.46 -17.97
N THR C 544 -9.60 33.94 -16.78
CA THR C 544 -10.03 32.62 -16.29
C THR C 544 -11.56 32.55 -16.05
N GLN C 545 -12.22 33.68 -15.75
CA GLN C 545 -13.68 33.67 -15.51
C GLN C 545 -14.44 33.19 -16.76
N ARG C 546 -14.08 33.73 -17.92
CA ARG C 546 -14.72 33.35 -19.17
C ARG C 546 -13.97 32.17 -19.81
N GLY C 547 -12.64 32.23 -19.73
CA GLY C 547 -11.76 31.26 -20.36
C GLY C 547 -11.17 31.90 -21.60
N THR C 548 -9.86 31.70 -21.80
CA THR C 548 -9.08 32.19 -22.96
C THR C 548 -9.71 31.69 -24.27
N PHE C 549 -10.23 30.45 -24.25
CA PHE C 549 -10.81 29.82 -25.45
C PHE C 549 -12.31 29.85 -25.42
N THR C 550 -12.90 30.79 -24.62
CA THR C 550 -14.35 31.08 -24.48
C THR C 550 -15.11 29.81 -24.09
N GLN C 551 -14.46 28.95 -23.31
CA GLN C 551 -15.04 27.67 -22.95
C GLN C 551 -15.56 27.56 -21.52
N ARG C 552 -15.03 28.36 -20.56
CA ARG C 552 -15.35 28.16 -19.14
C ARG C 552 -16.69 28.77 -18.72
N HIS C 553 -16.83 30.10 -18.74
CA HIS C 553 -18.04 30.81 -18.27
C HIS C 553 -18.34 30.42 -16.79
N ALA C 554 -17.31 30.51 -15.92
CA ALA C 554 -17.40 30.26 -14.47
C ALA C 554 -18.17 31.40 -13.84
N VAL C 555 -18.07 32.58 -14.47
CA VAL C 555 -18.79 33.81 -14.13
C VAL C 555 -19.50 34.28 -15.40
N ILE C 556 -20.78 34.63 -15.30
CA ILE C 556 -21.51 35.14 -16.47
C ILE C 556 -21.94 36.57 -16.13
N VAL C 557 -22.00 37.43 -17.16
CA VAL C 557 -22.23 38.86 -16.99
C VAL C 557 -23.57 39.28 -17.58
N ASP C 558 -24.39 39.99 -16.76
CA ASP C 558 -25.70 40.51 -17.13
C ASP C 558 -25.53 41.50 -18.27
N ARG C 559 -26.16 41.19 -19.42
CA ARG C 559 -26.08 41.94 -20.67
C ARG C 559 -26.48 43.42 -20.50
N LYS C 560 -27.37 43.74 -19.54
CA LYS C 560 -27.85 45.11 -19.28
C LYS C 560 -27.16 45.80 -18.07
N THR C 561 -26.88 45.06 -16.97
CA THR C 561 -26.34 45.72 -15.77
C THR C 561 -24.85 45.48 -15.50
N GLY C 562 -24.30 44.39 -16.05
CA GLY C 562 -22.91 44.03 -15.80
C GLY C 562 -22.73 43.23 -14.53
N GLU C 563 -23.84 42.91 -13.84
CA GLU C 563 -23.81 42.12 -12.60
C GLU C 563 -23.33 40.70 -12.89
N GLU C 564 -22.35 40.24 -12.12
CA GLU C 564 -21.75 38.93 -12.27
C GLU C 564 -22.59 37.88 -11.55
N PHE C 565 -22.74 36.70 -12.17
CA PHE C 565 -23.43 35.53 -11.62
C PHE C 565 -22.48 34.34 -11.72
N THR C 566 -22.30 33.60 -10.62
CA THR C 566 -21.40 32.45 -10.55
C THR C 566 -22.24 31.21 -10.32
N PRO C 567 -22.59 30.44 -11.38
CA PRO C 567 -23.40 29.23 -11.20
C PRO C 567 -22.88 28.22 -10.17
N LEU C 568 -21.55 27.94 -10.12
CA LEU C 568 -21.01 26.96 -9.17
C LEU C 568 -21.18 27.36 -7.69
N GLN C 569 -21.35 28.67 -7.39
CA GLN C 569 -21.54 29.17 -6.03
C GLN C 569 -22.89 28.69 -5.43
N LEU C 570 -23.85 28.26 -6.27
CA LEU C 570 -25.13 27.71 -5.81
C LEU C 570 -24.93 26.35 -5.12
N LEU C 571 -23.78 25.68 -5.39
CA LEU C 571 -23.47 24.38 -4.82
C LEU C 571 -22.90 24.49 -3.40
N ALA C 572 -22.62 25.72 -2.94
CA ALA C 572 -22.15 26.00 -1.57
C ALA C 572 -23.34 25.90 -0.56
N THR C 573 -24.57 25.74 -1.09
CA THR C 573 -25.80 25.58 -0.33
C THR C 573 -26.43 24.23 -0.67
N ASN C 574 -26.78 23.45 0.37
CA ASN C 574 -27.41 22.14 0.26
C ASN C 574 -28.88 22.28 -0.21
N PRO C 575 -29.49 21.23 -0.83
CA PRO C 575 -30.88 21.35 -1.27
C PRO C 575 -31.87 21.81 -0.18
N ASP C 576 -31.60 21.47 1.10
CA ASP C 576 -32.40 21.87 2.27
C ASP C 576 -32.22 23.36 2.65
N GLY C 577 -31.17 24.01 2.12
CA GLY C 577 -30.90 25.41 2.39
C GLY C 577 -29.77 25.69 3.37
N THR C 578 -29.10 24.63 3.87
CA THR C 578 -27.96 24.81 4.80
C THR C 578 -26.66 24.95 4.02
N PRO C 579 -25.65 25.69 4.52
CA PRO C 579 -24.38 25.76 3.79
C PRO C 579 -23.62 24.44 3.81
N THR C 580 -22.86 24.15 2.74
CA THR C 580 -22.04 22.94 2.67
C THR C 580 -20.69 23.19 3.36
N GLY C 581 -20.33 24.47 3.49
CA GLY C 581 -19.06 24.92 4.04
C GLY C 581 -18.10 25.28 2.91
N GLY C 582 -18.45 24.90 1.69
CA GLY C 582 -17.67 25.16 0.48
C GLY C 582 -17.89 26.54 -0.10
N LYS C 583 -17.05 26.92 -1.05
CA LYS C 583 -17.08 28.24 -1.68
C LYS C 583 -16.33 28.21 -3.01
N PHE C 584 -16.75 29.05 -3.96
CA PHE C 584 -16.08 29.17 -5.25
C PHE C 584 -15.56 30.58 -5.40
N LEU C 585 -14.22 30.72 -5.41
CA LEU C 585 -13.54 31.99 -5.57
C LEU C 585 -12.85 31.98 -6.91
N VAL C 586 -13.40 32.71 -7.87
CA VAL C 586 -12.86 32.71 -9.22
C VAL C 586 -12.58 34.17 -9.65
N TYR C 587 -11.35 34.40 -10.11
CA TYR C 587 -10.91 35.72 -10.48
C TYR C 587 -10.14 35.76 -11.77
N ASN C 588 -10.20 36.90 -12.43
CA ASN C 588 -9.34 37.27 -13.54
C ASN C 588 -8.08 37.84 -12.87
N SER C 589 -6.90 37.39 -13.27
CA SER C 589 -5.67 37.89 -12.68
C SER C 589 -5.17 39.16 -13.43
N ALA C 590 -4.22 39.83 -12.86
CA ALA C 590 -3.48 40.92 -13.48
C ALA C 590 -2.60 40.28 -14.56
N LEU C 591 -2.01 41.06 -15.46
CA LEU C 591 -1.15 40.48 -16.50
C LEU C 591 0.25 40.21 -15.88
N SER C 592 0.28 39.25 -14.95
CA SER C 592 1.48 38.80 -14.23
C SER C 592 1.52 37.30 -14.20
N GLU C 593 2.75 36.73 -14.23
CA GLU C 593 2.93 35.31 -14.09
C GLU C 593 3.65 35.07 -12.79
N PHE C 594 4.80 35.75 -12.59
CA PHE C 594 5.66 35.63 -11.40
C PHE C 594 4.84 35.88 -10.12
N ALA C 595 4.17 37.05 -10.00
CA ALA C 595 3.40 37.37 -8.79
C ALA C 595 2.12 36.52 -8.66
N ALA C 596 1.37 36.27 -9.78
CA ALA C 596 0.16 35.46 -9.72
C ALA C 596 0.43 34.00 -9.29
N VAL C 597 1.46 33.34 -9.87
CA VAL C 597 1.85 31.96 -9.52
C VAL C 597 2.37 31.95 -8.07
N GLY C 598 3.18 32.95 -7.72
CA GLY C 598 3.69 33.12 -6.35
C GLY C 598 2.55 33.19 -5.35
N PHE C 599 1.52 33.98 -5.68
CA PHE C 599 0.32 34.20 -4.87
C PHE C 599 -0.45 32.90 -4.63
N GLU C 600 -0.72 32.16 -5.70
CA GLU C 600 -1.47 30.92 -5.69
C GLU C 600 -0.73 29.84 -4.90
N TYR C 601 0.61 29.75 -5.08
CA TYR C 601 1.42 28.85 -4.28
C TYR C 601 1.26 29.19 -2.80
N GLY C 602 1.40 30.48 -2.49
CA GLY C 602 1.28 30.99 -1.13
C GLY C 602 -0.09 30.73 -0.53
N TYR C 603 -1.16 30.88 -1.35
CA TYR C 603 -2.54 30.63 -0.95
C TYR C 603 -2.74 29.16 -0.52
N SER C 604 -2.17 28.20 -1.30
CA SER C 604 -2.27 26.77 -0.94
C SER C 604 -1.50 26.45 0.38
N VAL C 605 -0.42 27.19 0.69
CA VAL C 605 0.34 27.03 1.94
C VAL C 605 -0.52 27.59 3.11
N GLY C 606 -1.14 28.76 2.90
CA GLY C 606 -2.00 29.42 3.89
C GLY C 606 -3.24 28.63 4.27
N ASN C 607 -3.83 27.90 3.30
CA ASN C 607 -5.00 27.04 3.50
C ASN C 607 -4.76 25.72 2.78
N PRO C 608 -4.24 24.72 3.51
CA PRO C 608 -3.97 23.40 2.89
C PRO C 608 -5.23 22.63 2.49
N ASP C 609 -6.42 23.04 2.99
CA ASP C 609 -7.70 22.40 2.75
C ASP C 609 -8.42 22.99 1.54
N ALA C 610 -7.85 24.04 0.96
CA ALA C 610 -8.40 24.69 -0.21
C ALA C 610 -7.89 24.02 -1.48
N MET C 611 -8.73 24.02 -2.52
CA MET C 611 -8.40 23.56 -3.88
C MET C 611 -7.98 24.83 -4.59
N VAL C 612 -6.70 24.97 -4.90
CA VAL C 612 -6.11 26.19 -5.49
C VAL C 612 -5.58 25.90 -6.89
N LEU C 613 -6.17 26.56 -7.90
CA LEU C 613 -5.76 26.37 -9.28
C LEU C 613 -5.36 27.70 -9.93
N TRP C 614 -4.20 27.72 -10.59
CA TRP C 614 -3.74 28.87 -11.36
C TRP C 614 -3.69 28.43 -12.79
N GLU C 615 -4.26 29.24 -13.68
CA GLU C 615 -4.30 28.90 -15.08
C GLU C 615 -3.51 29.87 -15.92
N ALA C 616 -2.53 29.35 -16.70
CA ALA C 616 -1.76 30.12 -17.65
C ALA C 616 -2.65 30.44 -18.85
N GLN C 617 -2.47 31.60 -19.50
CA GLN C 617 -3.24 31.95 -20.69
C GLN C 617 -2.97 30.87 -21.74
N PHE C 618 -1.68 30.58 -21.90
CA PHE C 618 -1.06 29.52 -22.70
C PHE C 618 0.07 29.03 -21.85
N GLY C 619 0.37 27.73 -21.85
CA GLY C 619 1.46 27.22 -21.03
C GLY C 619 2.80 27.93 -21.25
N ASP C 620 2.99 28.45 -22.48
CA ASP C 620 4.20 29.13 -22.95
C ASP C 620 4.64 30.35 -22.09
N PHE C 621 3.71 30.96 -21.35
CA PHE C 621 4.00 32.15 -20.57
C PHE C 621 4.34 31.84 -19.11
N VAL C 622 4.28 30.56 -18.71
CA VAL C 622 4.59 30.17 -17.32
C VAL C 622 6.12 30.34 -17.03
N ASN C 623 6.99 30.42 -18.08
CA ASN C 623 8.43 30.67 -17.88
C ASN C 623 8.68 32.05 -17.22
N GLY C 624 7.67 32.95 -17.26
CA GLY C 624 7.72 34.24 -16.58
C GLY C 624 7.68 34.07 -15.07
N ALA C 625 7.24 32.87 -14.60
CA ALA C 625 7.16 32.52 -13.19
C ALA C 625 8.15 31.42 -12.83
N GLN C 626 9.24 31.26 -13.62
CA GLN C 626 10.23 30.21 -13.42
C GLN C 626 10.83 30.19 -12.02
N SER C 627 11.13 31.37 -11.43
CA SER C 627 11.70 31.42 -10.08
C SER C 627 10.75 30.76 -9.06
N ILE C 628 9.41 30.94 -9.22
CA ILE C 628 8.43 30.35 -8.30
C ILE C 628 8.42 28.85 -8.47
N ILE C 629 8.38 28.36 -9.75
CA ILE C 629 8.39 26.95 -10.08
C ILE C 629 9.66 26.28 -9.50
N ASP C 630 10.83 26.83 -9.79
CA ASP C 630 12.12 26.31 -9.34
C ASP C 630 12.33 26.39 -7.81
N GLU C 631 12.02 27.55 -7.21
CA GLU C 631 12.34 27.80 -5.81
C GLU C 631 11.24 27.43 -4.82
N PHE C 632 9.98 27.35 -5.24
CA PHE C 632 8.92 27.07 -4.27
C PHE C 632 8.15 25.81 -4.59
N ILE C 633 7.51 25.77 -5.75
CA ILE C 633 6.59 24.70 -6.15
C ILE C 633 7.30 23.33 -6.21
N SER C 634 8.33 23.20 -7.04
CA SER C 634 9.02 21.95 -7.26
C SER C 634 9.89 21.48 -6.11
N SER C 635 10.32 22.36 -5.22
CA SER C 635 11.32 22.03 -4.23
C SER C 635 11.10 22.46 -2.77
N GLY C 636 10.05 23.21 -2.47
CA GLY C 636 9.79 23.69 -1.12
C GLY C 636 9.65 22.61 -0.06
N GLU C 637 9.05 21.48 -0.44
CA GLU C 637 8.83 20.35 0.47
C GLU C 637 10.17 19.72 0.91
N ALA C 638 11.05 19.38 -0.04
CA ALA C 638 12.35 18.78 0.26
C ALA C 638 13.26 19.74 0.99
N LYS C 639 13.17 21.03 0.67
CA LYS C 639 14.09 22.00 1.28
C LYS C 639 13.64 22.48 2.64
N TRP C 640 12.33 22.71 2.84
CA TRP C 640 11.86 23.34 4.08
C TRP C 640 10.78 22.59 4.82
N GLY C 641 10.30 21.49 4.27
CA GLY C 641 9.19 20.75 4.87
C GLY C 641 7.88 21.49 4.64
N GLN C 642 7.91 22.54 3.79
CA GLN C 642 6.74 23.35 3.42
C GLN C 642 5.98 22.67 2.30
N LEU C 643 4.68 22.44 2.52
CA LEU C 643 3.86 21.70 1.59
C LEU C 643 2.85 22.58 0.83
N SER C 644 2.66 22.25 -0.46
CA SER C 644 1.71 22.96 -1.31
C SER C 644 0.92 21.98 -2.15
N ASP C 645 -0.40 22.20 -2.26
CA ASP C 645 -1.29 21.39 -3.08
C ASP C 645 -1.72 22.21 -4.31
N VAL C 646 -0.93 23.23 -4.69
CA VAL C 646 -1.23 24.13 -5.80
C VAL C 646 -1.33 23.37 -7.13
N VAL C 647 -2.30 23.76 -7.97
CA VAL C 647 -2.51 23.21 -9.30
C VAL C 647 -2.13 24.27 -10.33
N LEU C 648 -1.29 23.89 -11.32
CA LEU C 648 -0.98 24.75 -12.47
C LEU C 648 -1.62 24.14 -13.71
N LEU C 649 -2.51 24.90 -14.37
CA LEU C 649 -3.18 24.48 -15.61
C LEU C 649 -2.48 25.18 -16.76
N LEU C 650 -1.83 24.40 -17.62
CA LEU C 650 -1.01 24.95 -18.69
C LEU C 650 -1.52 24.54 -20.10
N PRO C 651 -2.29 25.43 -20.80
CA PRO C 651 -2.79 25.08 -22.14
C PRO C 651 -1.60 24.78 -23.05
N HIS C 652 -1.62 23.56 -23.60
CA HIS C 652 -0.52 22.99 -24.35
C HIS C 652 -1.04 22.22 -25.58
N GLY C 653 -0.28 22.25 -26.67
CA GLY C 653 -0.62 21.54 -27.90
C GLY C 653 -0.13 22.21 -29.18
N HIS C 654 0.42 21.42 -30.11
CA HIS C 654 0.89 21.88 -31.43
C HIS C 654 -0.31 22.05 -32.35
N GLU C 655 -0.62 23.31 -32.70
CA GLU C 655 -1.77 23.64 -33.55
C GLU C 655 -1.44 24.67 -34.63
N GLY C 656 -0.16 25.00 -34.78
CA GLY C 656 0.30 25.98 -35.78
C GLY C 656 0.21 27.44 -35.37
N GLN C 657 0.07 27.73 -34.06
CA GLN C 657 -0.04 29.12 -33.59
C GLN C 657 1.29 29.72 -33.12
N GLY C 658 2.41 29.06 -33.44
CA GLY C 658 3.74 29.60 -33.16
C GLY C 658 4.41 29.12 -31.90
N PRO C 659 5.71 29.47 -31.73
CA PRO C 659 6.48 28.96 -30.57
C PRO C 659 6.08 29.53 -29.19
N ASP C 660 5.15 30.52 -29.14
CA ASP C 660 4.69 31.11 -27.88
C ASP C 660 3.23 30.80 -27.60
N HIS C 661 2.60 29.94 -28.43
CA HIS C 661 1.21 29.48 -28.28
C HIS C 661 1.14 27.98 -28.60
N THR C 662 2.16 27.22 -28.15
CA THR C 662 2.24 25.81 -28.42
C THR C 662 2.64 24.95 -27.20
N SER C 663 3.63 25.38 -26.40
CA SER C 663 4.17 24.51 -25.36
C SER C 663 4.25 25.10 -23.97
N GLY C 664 3.87 24.28 -22.99
CA GLY C 664 3.99 24.58 -21.56
C GLY C 664 5.26 23.98 -21.00
N ARG C 665 6.15 23.51 -21.90
CA ARG C 665 7.46 22.89 -21.69
C ARG C 665 7.39 21.70 -20.72
N ILE C 666 6.76 20.60 -21.15
CA ILE C 666 6.62 19.32 -20.38
C ILE C 666 7.99 18.85 -19.87
N GLU C 667 9.00 18.83 -20.79
CA GLU C 667 10.38 18.41 -20.58
C GLU C 667 11.04 19.09 -19.37
N ARG C 668 10.74 20.38 -19.12
CA ARG C 668 11.31 21.14 -18.01
C ARG C 668 10.66 20.72 -16.70
N PHE C 669 9.33 20.49 -16.68
CA PHE C 669 8.65 20.05 -15.46
C PHE C 669 9.09 18.63 -15.13
N LEU C 670 9.29 17.78 -16.17
CA LEU C 670 9.73 16.39 -15.98
C LEU C 670 11.18 16.35 -15.47
N GLN C 671 12.01 17.32 -15.88
CA GLN C 671 13.39 17.48 -15.45
C GLN C 671 13.45 17.89 -13.98
N LEU C 672 12.51 18.76 -13.55
CA LEU C 672 12.43 19.25 -12.17
C LEU C 672 11.93 18.18 -11.18
N TRP C 673 11.08 17.27 -11.66
CA TRP C 673 10.45 16.19 -10.91
C TRP C 673 11.47 15.23 -10.28
N ALA C 674 11.21 14.87 -9.03
CA ALA C 674 11.91 13.86 -8.22
C ALA C 674 10.86 13.13 -7.43
N GLU C 675 11.13 11.87 -7.02
CA GLU C 675 10.13 11.03 -6.35
C GLU C 675 9.33 11.78 -5.28
N GLY C 676 8.01 11.73 -5.45
CA GLY C 676 6.99 12.31 -4.59
C GLY C 676 7.04 13.81 -4.40
N SER C 677 7.50 14.59 -5.41
CA SER C 677 7.58 16.04 -5.24
C SER C 677 6.41 16.74 -5.92
N MET C 678 5.98 16.28 -7.12
CA MET C 678 4.88 16.80 -7.95
C MET C 678 4.17 15.69 -8.69
N THR C 679 2.93 15.96 -9.15
CA THR C 679 2.18 15.08 -10.03
C THR C 679 2.12 15.84 -11.36
N ILE C 680 2.48 15.17 -12.48
CA ILE C 680 2.47 15.80 -13.80
C ILE C 680 1.57 14.96 -14.70
N ALA C 681 0.54 15.58 -15.26
CA ALA C 681 -0.44 14.88 -16.09
C ALA C 681 -0.80 15.63 -17.38
N MET C 682 -1.21 14.87 -18.39
CA MET C 682 -1.71 15.38 -19.67
C MET C 682 -2.93 14.52 -20.05
N PRO C 683 -4.11 14.78 -19.44
CA PRO C 683 -5.29 13.95 -19.72
C PRO C 683 -5.78 14.14 -21.16
N SER C 684 -6.39 13.09 -21.73
CA SER C 684 -6.91 13.08 -23.11
C SER C 684 -8.44 13.08 -23.12
N THR C 685 -9.08 12.78 -21.97
CA THR C 685 -10.55 12.74 -21.93
C THR C 685 -11.09 13.66 -20.83
N PRO C 686 -12.31 14.25 -21.00
CA PRO C 686 -12.91 15.08 -19.94
C PRO C 686 -13.09 14.33 -18.59
N ALA C 687 -13.56 13.07 -18.61
CA ALA C 687 -13.79 12.28 -17.39
C ALA C 687 -12.48 12.02 -16.64
N ASN C 688 -11.38 11.78 -17.35
CA ASN C 688 -10.11 11.53 -16.70
C ASN C 688 -9.59 12.80 -16.03
N TYR C 689 -9.84 13.97 -16.66
CA TYR C 689 -9.47 15.25 -16.07
C TYR C 689 -10.28 15.49 -14.79
N PHE C 690 -11.60 15.22 -14.84
CA PHE C 690 -12.54 15.32 -13.72
C PHE C 690 -12.04 14.50 -12.53
N HIS C 691 -11.67 13.23 -12.77
CA HIS C 691 -11.19 12.32 -11.71
C HIS C 691 -9.81 12.72 -11.21
N LEU C 692 -8.95 13.32 -12.08
CA LEU C 692 -7.62 13.84 -11.71
C LEU C 692 -7.78 15.00 -10.69
N LEU C 693 -8.70 15.95 -10.95
CA LEU C 693 -8.95 17.09 -10.05
C LEU C 693 -9.60 16.64 -8.74
N ARG C 694 -10.56 15.71 -8.81
CA ARG C 694 -11.20 15.18 -7.60
C ARG C 694 -10.20 14.39 -6.74
N ARG C 695 -9.35 13.54 -7.37
CA ARG C 695 -8.31 12.79 -6.63
C ARG C 695 -7.37 13.78 -5.93
N HIS C 696 -6.93 14.84 -6.64
CA HIS C 696 -6.06 15.87 -6.10
C HIS C 696 -6.68 16.56 -4.89
N GLY C 697 -7.95 16.90 -4.97
CA GLY C 697 -8.60 17.59 -3.88
C GLY C 697 -8.94 16.72 -2.70
N LYS C 698 -9.07 15.40 -2.89
CA LYS C 698 -9.51 14.48 -1.83
C LYS C 698 -8.46 13.46 -1.34
N ASP C 699 -7.23 13.43 -1.90
CA ASP C 699 -6.24 12.40 -1.52
C ASP C 699 -5.52 12.64 -0.15
N GLY C 700 -5.81 13.76 0.51
CA GLY C 700 -5.22 14.12 1.80
C GLY C 700 -3.72 14.36 1.81
N ILE C 701 -3.11 14.50 0.59
CA ILE C 701 -1.67 14.71 0.37
C ILE C 701 -1.47 16.13 -0.20
N GLN C 702 -0.46 16.87 0.31
CA GLN C 702 -0.15 18.22 -0.18
C GLN C 702 1.01 18.12 -1.19
N ARG C 703 0.66 18.01 -2.48
CA ARG C 703 1.63 17.86 -3.57
C ARG C 703 1.18 18.68 -4.77
N PRO C 704 2.06 19.55 -5.35
CA PRO C 704 1.63 20.30 -6.53
C PRO C 704 1.27 19.40 -7.71
N LEU C 705 0.25 19.81 -8.46
CA LEU C 705 -0.24 19.12 -9.66
C LEU C 705 -0.02 20.02 -10.87
N ILE C 706 0.70 19.51 -11.88
CA ILE C 706 0.98 20.23 -13.13
C ILE C 706 0.15 19.54 -14.23
N VAL C 707 -0.83 20.27 -14.80
CA VAL C 707 -1.71 19.71 -15.84
C VAL C 707 -1.48 20.43 -17.15
N PHE C 708 -1.17 19.68 -18.21
CA PHE C 708 -1.06 20.18 -19.58
C PHE C 708 -2.47 20.03 -20.15
N THR C 709 -3.14 21.18 -20.36
CA THR C 709 -4.55 21.24 -20.72
C THR C 709 -4.76 21.55 -22.22
N PRO C 710 -5.94 21.25 -22.79
CA PRO C 710 -6.14 21.44 -24.22
C PRO C 710 -6.57 22.84 -24.63
N LYS C 711 -6.57 23.05 -25.97
CA LYS C 711 -6.99 24.26 -26.65
C LYS C 711 -8.03 23.88 -27.70
N SER C 712 -7.65 23.36 -28.88
CA SER C 712 -8.65 22.91 -29.89
C SER C 712 -9.37 21.61 -29.42
N MET C 713 -8.71 20.76 -28.66
CA MET C 713 -9.28 19.50 -28.12
C MET C 713 -10.51 19.76 -27.17
N LEU C 714 -10.69 21.01 -26.70
CA LEU C 714 -11.85 21.44 -25.92
C LEU C 714 -13.12 21.26 -26.75
N ARG C 715 -13.01 21.40 -28.08
CA ARG C 715 -14.13 21.32 -29.01
C ARG C 715 -14.08 20.10 -29.95
N ASN C 716 -13.12 19.18 -29.76
CA ASN C 716 -13.06 17.95 -30.53
C ASN C 716 -14.24 17.08 -30.09
N LYS C 717 -15.12 16.72 -31.03
CA LYS C 717 -16.34 15.95 -30.73
C LYS C 717 -16.05 14.48 -30.35
N ALA C 718 -14.83 14.00 -30.63
CA ALA C 718 -14.39 12.66 -30.21
C ALA C 718 -13.93 12.70 -28.74
N ALA C 719 -13.49 13.88 -28.26
CA ALA C 719 -12.98 14.10 -26.90
C ALA C 719 -14.12 14.51 -25.95
N VAL C 720 -15.13 13.61 -25.82
CA VAL C 720 -16.31 13.76 -24.93
C VAL C 720 -16.45 12.48 -24.10
N SER C 721 -17.08 12.58 -22.92
CA SER C 721 -17.24 11.46 -22.01
C SER C 721 -18.69 11.15 -21.64
N ASP C 722 -18.97 9.89 -21.33
CA ASP C 722 -20.30 9.38 -20.91
C ASP C 722 -20.51 9.61 -19.42
N ILE C 723 -21.76 9.76 -18.97
CA ILE C 723 -22.11 9.96 -17.57
C ILE C 723 -21.50 8.83 -16.67
N ARG C 724 -21.46 7.56 -17.16
CA ARG C 724 -20.91 6.41 -16.43
C ARG C 724 -19.40 6.59 -16.17
N ASP C 725 -18.67 7.35 -17.02
CA ASP C 725 -17.23 7.62 -16.82
C ASP C 725 -17.00 8.51 -15.57
N PHE C 726 -18.04 9.27 -15.16
CA PHE C 726 -18.04 10.16 -13.99
C PHE C 726 -18.62 9.48 -12.75
N THR C 727 -19.63 8.63 -12.94
CA THR C 727 -20.38 8.00 -11.87
C THR C 727 -19.88 6.61 -11.49
N GLU C 728 -19.23 5.89 -12.43
CA GLU C 728 -18.82 4.52 -12.11
C GLU C 728 -17.36 4.24 -12.50
N SER C 729 -16.52 5.27 -12.50
CA SER C 729 -15.11 5.08 -12.84
C SER C 729 -14.21 5.84 -11.86
N LYS C 730 -12.90 5.82 -12.15
CA LYS C 730 -11.85 6.45 -11.36
C LYS C 730 -10.78 7.02 -12.29
N PHE C 731 -9.77 7.70 -11.72
CA PHE C 731 -8.68 8.24 -12.52
C PHE C 731 -7.89 7.08 -13.13
N ARG C 732 -7.64 7.13 -14.44
CA ARG C 732 -6.88 6.10 -15.12
C ARG C 732 -5.58 6.71 -15.61
N SER C 733 -4.47 6.24 -15.02
CA SER C 733 -3.11 6.70 -15.27
C SER C 733 -2.64 6.27 -16.67
N VAL C 734 -3.17 5.15 -17.15
CA VAL C 734 -2.89 4.57 -18.46
C VAL C 734 -4.24 4.25 -19.10
N LEU C 735 -4.42 4.62 -20.37
CA LEU C 735 -5.68 4.34 -21.07
C LEU C 735 -5.45 3.59 -22.37
N GLU C 736 -6.25 2.53 -22.58
CA GLU C 736 -6.26 1.75 -23.82
C GLU C 736 -7.36 2.30 -24.71
N GLU C 737 -7.36 1.85 -25.97
CA GLU C 737 -8.41 2.21 -26.93
C GLU C 737 -9.72 1.56 -26.52
N PRO C 738 -10.85 2.31 -26.58
CA PRO C 738 -12.16 1.71 -26.20
C PRO C 738 -12.54 0.44 -26.96
N MET C 739 -12.02 0.23 -28.20
CA MET C 739 -12.33 -0.99 -29.00
C MET C 739 -11.82 -2.28 -28.31
N TYR C 740 -10.86 -2.15 -27.39
CA TYR C 740 -10.29 -3.30 -26.69
C TYR C 740 -10.96 -3.50 -25.32
N THR C 741 -11.27 -2.41 -24.60
CA THR C 741 -11.89 -2.46 -23.27
C THR C 741 -13.44 -2.59 -23.34
N ASP C 742 -14.08 -2.06 -24.40
CA ASP C 742 -15.54 -2.09 -24.53
C ASP C 742 -16.01 -2.68 -25.87
N GLY C 743 -15.20 -2.55 -26.92
CA GLY C 743 -15.54 -3.03 -28.25
C GLY C 743 -15.17 -4.46 -28.55
N GLU C 744 -15.11 -4.79 -29.86
CA GLU C 744 -14.82 -6.14 -30.38
C GLU C 744 -13.42 -6.22 -31.00
N GLY C 745 -12.53 -5.31 -30.62
CA GLY C 745 -11.14 -5.31 -31.07
C GLY C 745 -10.33 -6.45 -30.49
N ASP C 746 -9.36 -6.97 -31.27
CA ASP C 746 -8.51 -8.10 -30.87
C ASP C 746 -7.08 -7.61 -30.59
N ARG C 747 -6.66 -7.67 -29.30
CA ARG C 747 -5.32 -7.23 -28.87
C ARG C 747 -4.21 -8.13 -29.43
N ASN C 748 -4.53 -9.39 -29.75
CA ASN C 748 -3.58 -10.39 -30.26
C ASN C 748 -3.09 -10.12 -31.68
N LYS C 749 -3.82 -9.30 -32.45
CA LYS C 749 -3.46 -8.93 -33.82
C LYS C 749 -2.39 -7.85 -33.85
N VAL C 750 -2.19 -7.15 -32.70
CA VAL C 750 -1.28 -6.00 -32.57
C VAL C 750 0.18 -6.44 -32.56
N THR C 751 0.96 -5.88 -33.52
CA THR C 751 2.40 -6.13 -33.69
C THR C 751 3.21 -4.84 -33.42
N ARG C 752 2.57 -3.67 -33.59
CA ARG C 752 3.19 -2.36 -33.36
C ARG C 752 2.42 -1.60 -32.28
N LEU C 753 3.13 -1.14 -31.25
CA LEU C 753 2.48 -0.41 -30.18
C LEU C 753 2.94 1.04 -30.12
N LEU C 754 1.98 1.97 -30.22
CA LEU C 754 2.26 3.40 -30.16
C LEU C 754 1.87 3.93 -28.80
N LEU C 755 2.85 4.42 -28.05
CA LEU C 755 2.63 5.02 -26.76
C LEU C 755 2.65 6.52 -26.93
N THR C 756 1.68 7.20 -26.34
CA THR C 756 1.52 8.62 -26.54
C THR C 756 0.82 9.27 -25.35
N SER C 757 0.60 10.58 -25.44
CA SER C 757 -0.10 11.37 -24.45
C SER C 757 -0.73 12.61 -25.13
N GLY C 758 -1.95 12.94 -24.71
CA GLY C 758 -2.66 14.11 -25.20
C GLY C 758 -3.43 13.91 -26.49
N LYS C 759 -3.79 15.03 -27.11
CA LYS C 759 -4.65 15.15 -28.29
C LYS C 759 -4.14 14.38 -29.53
N ILE C 760 -2.81 14.08 -29.65
CA ILE C 760 -2.33 13.36 -30.85
C ILE C 760 -2.96 11.95 -30.93
N TYR C 761 -3.48 11.41 -29.78
CA TYR C 761 -4.18 10.14 -29.71
C TYR C 761 -5.32 10.11 -30.72
N TYR C 762 -6.15 11.18 -30.73
CA TYR C 762 -7.33 11.27 -31.61
C TYR C 762 -6.95 11.22 -33.09
N GLU C 763 -5.82 11.88 -33.47
CA GLU C 763 -5.33 11.88 -34.85
C GLU C 763 -4.81 10.49 -35.23
N LEU C 764 -4.11 9.83 -34.28
CA LEU C 764 -3.58 8.47 -34.45
C LEU C 764 -4.73 7.47 -34.55
N ALA C 765 -5.78 7.63 -33.71
CA ALA C 765 -6.97 6.77 -33.69
C ALA C 765 -7.76 6.92 -34.98
N ALA C 766 -7.92 8.18 -35.49
CA ALA C 766 -8.65 8.46 -36.74
C ALA C 766 -7.94 7.80 -37.92
N ARG C 767 -6.59 7.87 -37.96
CA ARG C 767 -5.76 7.25 -39.01
C ARG C 767 -5.89 5.73 -38.99
N LYS C 768 -5.85 5.11 -37.77
CA LYS C 768 -5.99 3.66 -37.56
C LYS C 768 -7.35 3.18 -38.12
N ALA C 769 -8.41 3.92 -37.80
CA ALA C 769 -9.78 3.64 -38.23
C ALA C 769 -9.90 3.72 -39.76
N LYS C 770 -9.29 4.75 -40.38
CA LYS C 770 -9.28 5.00 -41.83
C LYS C 770 -8.68 3.83 -42.61
N GLU C 771 -7.50 3.35 -42.21
CA GLU C 771 -6.81 2.24 -42.88
C GLU C 771 -7.16 0.86 -42.29
N ASN C 772 -8.03 0.79 -41.24
CA ASN C 772 -8.44 -0.44 -40.52
C ASN C 772 -7.15 -1.21 -40.07
N ARG C 773 -6.26 -0.50 -39.37
CA ARG C 773 -4.99 -1.05 -38.90
C ARG C 773 -5.15 -1.79 -37.56
N GLU C 774 -5.52 -3.08 -37.65
CA GLU C 774 -5.72 -3.97 -36.50
C GLU C 774 -4.37 -4.39 -35.90
N ASP C 775 -3.29 -4.23 -36.68
CA ASP C 775 -1.91 -4.55 -36.32
C ASP C 775 -1.26 -3.45 -35.44
N VAL C 776 -1.93 -2.28 -35.28
CA VAL C 776 -1.42 -1.14 -34.49
C VAL C 776 -2.37 -0.82 -33.30
N ALA C 777 -1.81 -0.61 -32.09
CA ALA C 777 -2.55 -0.20 -30.89
C ALA C 777 -1.99 1.08 -30.33
N ILE C 778 -2.86 1.95 -29.79
CA ILE C 778 -2.44 3.24 -29.25
C ILE C 778 -2.73 3.25 -27.75
N VAL C 779 -1.65 3.37 -26.94
CA VAL C 779 -1.74 3.38 -25.48
C VAL C 779 -1.35 4.76 -25.00
N ARG C 780 -2.20 5.36 -24.15
CA ARG C 780 -1.99 6.70 -23.60
C ARG C 780 -1.45 6.66 -22.19
N ILE C 781 -0.44 7.50 -21.93
CA ILE C 781 0.12 7.70 -20.60
C ILE C 781 -0.49 9.03 -20.14
N GLU C 782 -1.51 8.94 -19.27
CA GLU C 782 -2.25 10.11 -18.77
C GLU C 782 -1.48 10.82 -17.64
N GLN C 783 -0.83 10.04 -16.76
CA GLN C 783 -0.01 10.52 -15.66
C GLN C 783 1.44 10.35 -16.09
N LEU C 784 2.12 11.46 -16.36
CA LEU C 784 3.51 11.45 -16.85
C LEU C 784 4.50 11.27 -15.71
N ALA C 785 4.17 11.79 -14.53
CA ALA C 785 5.01 11.72 -13.33
C ALA C 785 4.14 11.71 -12.06
N PRO C 786 4.37 10.78 -11.11
CA PRO C 786 5.29 9.62 -11.20
C PRO C 786 4.81 8.66 -12.30
N LEU C 787 5.76 8.00 -13.00
CA LEU C 787 5.43 7.03 -14.04
C LEU C 787 4.60 5.90 -13.44
N PRO C 788 3.42 5.60 -14.04
CA PRO C 788 2.58 4.51 -13.51
C PRO C 788 3.13 3.16 -13.94
N ARG C 789 4.29 2.76 -13.37
CA ARG C 789 5.05 1.55 -13.69
C ARG C 789 4.17 0.30 -13.77
N ARG C 790 3.39 -0.02 -12.70
CA ARG C 790 2.56 -1.20 -12.61
C ARG C 790 1.45 -1.19 -13.65
N ARG C 791 0.66 -0.09 -13.73
CA ARG C 791 -0.42 0.04 -14.71
C ARG C 791 0.11 -0.05 -16.13
N LEU C 792 1.30 0.52 -16.39
CA LEU C 792 1.96 0.46 -17.68
C LEU C 792 2.34 -0.97 -18.04
N ALA C 793 3.02 -1.69 -17.13
CA ALA C 793 3.42 -3.08 -17.34
C ALA C 793 2.22 -3.98 -17.63
N GLU C 794 1.16 -3.89 -16.81
CA GLU C 794 -0.06 -4.70 -16.93
C GLU C 794 -0.78 -4.46 -18.26
N THR C 795 -0.77 -3.20 -18.75
CA THR C 795 -1.40 -2.83 -20.01
C THR C 795 -0.66 -3.47 -21.18
N LEU C 796 0.69 -3.30 -21.25
CA LEU C 796 1.50 -3.83 -22.34
C LEU C 796 1.50 -5.36 -22.39
N ASP C 797 1.37 -6.03 -21.22
CA ASP C 797 1.32 -7.50 -21.09
C ASP C 797 0.09 -8.09 -21.80
N ARG C 798 -0.93 -7.26 -22.06
CA ARG C 798 -2.17 -7.66 -22.75
C ARG C 798 -2.01 -7.67 -24.29
N TYR C 799 -0.85 -7.23 -24.81
CA TYR C 799 -0.50 -7.20 -26.24
C TYR C 799 0.72 -8.13 -26.46
N PRO C 800 0.53 -9.48 -26.49
CA PRO C 800 1.69 -10.40 -26.53
C PRO C 800 2.48 -10.46 -27.84
N ASN C 801 1.87 -10.10 -28.97
CA ASN C 801 2.52 -10.22 -30.27
C ASN C 801 3.19 -8.94 -30.76
N VAL C 802 3.39 -7.95 -29.86
CA VAL C 802 4.04 -6.69 -30.19
C VAL C 802 5.53 -6.96 -30.48
N LYS C 803 6.00 -6.52 -31.67
CA LYS C 803 7.38 -6.68 -32.13
C LYS C 803 8.13 -5.35 -32.11
N GLU C 804 7.41 -4.21 -32.10
CA GLU C 804 7.99 -2.87 -32.06
C GLU C 804 7.13 -1.90 -31.26
N LYS C 805 7.78 -1.03 -30.47
CA LYS C 805 7.14 -0.02 -29.63
C LYS C 805 7.69 1.36 -29.94
N PHE C 806 6.80 2.35 -30.03
CA PHE C 806 7.19 3.72 -30.32
C PHE C 806 6.56 4.73 -29.38
N TRP C 807 7.38 5.68 -28.89
CA TRP C 807 6.87 6.82 -28.15
C TRP C 807 6.58 7.90 -29.20
N VAL C 808 5.29 8.26 -29.36
CA VAL C 808 4.84 9.23 -30.36
C VAL C 808 4.47 10.52 -29.65
N GLN C 809 5.06 11.64 -30.11
CA GLN C 809 4.78 12.96 -29.56
C GLN C 809 4.82 14.03 -30.65
N GLU C 810 4.07 15.09 -30.41
CA GLU C 810 3.99 16.25 -31.27
C GLU C 810 5.21 17.15 -31.12
N GLU C 811 5.81 17.20 -29.90
CA GLU C 811 6.91 18.09 -29.52
C GLU C 811 8.25 17.69 -30.15
N PRO C 812 9.14 18.67 -30.41
CA PRO C 812 10.50 18.36 -30.91
C PRO C 812 11.21 17.29 -30.06
N ALA C 813 12.17 16.56 -30.67
CA ALA C 813 12.89 15.44 -30.05
C ALA C 813 13.54 15.79 -28.69
N ASN C 814 14.02 17.04 -28.52
CA ASN C 814 14.66 17.52 -27.29
C ASN C 814 13.63 18.08 -26.28
N GLN C 815 12.33 17.94 -26.62
CA GLN C 815 11.22 18.46 -25.82
C GLN C 815 10.17 17.40 -25.60
N GLY C 816 9.07 17.76 -24.94
CA GLY C 816 8.02 16.82 -24.59
C GLY C 816 8.48 15.82 -23.56
N ALA C 817 7.91 14.60 -23.56
CA ALA C 817 8.24 13.55 -22.58
C ALA C 817 9.44 12.66 -22.98
N TRP C 818 9.84 12.66 -24.28
CA TRP C 818 10.92 11.78 -24.77
C TRP C 818 12.26 11.94 -24.02
N PRO C 819 12.83 13.16 -23.79
CA PRO C 819 14.13 13.23 -23.06
C PRO C 819 14.15 12.44 -21.74
N SER C 820 13.05 12.44 -20.96
CA SER C 820 13.04 11.68 -19.72
C SER C 820 12.54 10.23 -19.95
N PHE C 821 11.44 10.04 -20.71
CA PHE C 821 10.88 8.69 -20.98
C PHE C 821 11.86 7.80 -21.74
N GLY C 822 12.56 8.39 -22.70
CA GLY C 822 13.54 7.69 -23.53
C GLY C 822 14.72 7.16 -22.76
N LEU C 823 14.98 7.76 -21.58
CA LEU C 823 16.04 7.34 -20.67
C LEU C 823 15.50 6.48 -19.52
N THR C 824 14.34 6.84 -18.95
CA THR C 824 13.72 6.15 -17.80
C THR C 824 12.97 4.85 -18.17
N LEU C 825 12.07 4.85 -19.17
CA LEU C 825 11.27 3.65 -19.54
C LEU C 825 12.12 2.37 -19.79
N PRO C 826 13.24 2.37 -20.59
CA PRO C 826 14.02 1.12 -20.72
C PRO C 826 14.74 0.69 -19.43
N GLU C 827 14.83 1.58 -18.43
CA GLU C 827 15.48 1.30 -17.14
C GLU C 827 14.46 0.76 -16.12
N ILE C 828 13.28 1.40 -15.98
CA ILE C 828 12.24 1.00 -15.03
C ILE C 828 11.51 -0.27 -15.49
N LEU C 829 11.29 -0.42 -16.82
CA LEU C 829 10.63 -1.60 -17.38
C LEU C 829 11.46 -2.18 -18.55
N PRO C 830 12.64 -2.81 -18.26
CA PRO C 830 13.51 -3.31 -19.35
C PRO C 830 12.91 -4.43 -20.20
N ASP C 831 12.04 -5.29 -19.64
CA ASP C 831 11.42 -6.35 -20.41
C ASP C 831 10.31 -5.83 -21.34
N HIS C 832 9.93 -4.54 -21.19
CA HIS C 832 8.89 -3.92 -22.00
C HIS C 832 9.42 -2.85 -22.94
N PHE C 833 10.40 -2.03 -22.51
CA PHE C 833 10.82 -0.90 -23.32
C PHE C 833 12.26 -0.93 -23.86
N THR C 834 12.93 -2.11 -23.85
CA THR C 834 14.25 -2.22 -24.45
C THR C 834 14.01 -2.16 -25.97
N GLY C 835 14.65 -1.22 -26.63
CA GLY C 835 14.47 -1.01 -28.06
C GLY C 835 13.40 0.00 -28.39
N LEU C 836 12.89 0.75 -27.37
CA LEU C 836 11.87 1.79 -27.56
C LEU C 836 12.40 2.87 -28.49
N LYS C 837 11.62 3.20 -29.51
CA LYS C 837 12.01 4.19 -30.51
C LYS C 837 11.09 5.41 -30.42
N ARG C 838 11.56 6.56 -30.91
CA ARG C 838 10.86 7.83 -30.87
C ARG C 838 10.34 8.26 -32.25
N ILE C 839 9.07 8.75 -32.27
CA ILE C 839 8.42 9.40 -33.41
C ILE C 839 8.00 10.78 -32.89
N SER C 840 8.60 11.84 -33.43
CA SER C 840 8.36 13.20 -33.00
C SER C 840 8.82 14.20 -34.04
N ARG C 841 8.73 15.49 -33.70
CA ARG C 841 9.27 16.56 -34.53
C ARG C 841 10.78 16.54 -34.31
N ARG C 842 11.56 17.04 -35.27
CA ARG C 842 13.02 17.10 -35.13
C ARG C 842 13.39 18.01 -33.94
N ALA C 843 14.58 17.84 -33.34
CA ALA C 843 15.00 18.70 -32.23
C ALA C 843 15.03 20.15 -32.71
N MET C 844 14.50 21.08 -31.91
CA MET C 844 14.44 22.51 -32.26
C MET C 844 14.87 23.41 -31.10
N SER C 845 15.42 24.59 -31.40
CA SER C 845 15.85 25.57 -30.38
C SER C 845 14.63 26.34 -29.81
N ALA C 846 13.46 26.22 -30.48
CA ALA C 846 12.19 26.82 -30.06
C ALA C 846 11.11 25.70 -29.90
N PRO C 847 9.97 25.93 -29.19
CA PRO C 847 8.99 24.84 -29.01
C PRO C 847 8.31 24.35 -30.31
N SER C 848 8.35 25.15 -31.36
CA SER C 848 7.75 24.85 -32.67
C SER C 848 8.27 25.82 -33.73
N SER C 849 7.80 25.65 -34.97
CA SER C 849 8.09 26.53 -36.11
C SER C 849 7.14 27.74 -36.01
N GLY C 850 7.50 28.84 -36.67
CA GLY C 850 6.65 30.02 -36.70
C GLY C 850 5.53 29.87 -37.73
N SER C 851 5.72 28.97 -38.71
CA SER C 851 4.76 28.74 -39.81
C SER C 851 3.72 27.64 -39.50
N SER C 852 2.43 27.93 -39.75
CA SER C 852 1.35 26.95 -39.58
C SER C 852 1.37 25.97 -40.77
N LYS C 853 2.00 26.37 -41.91
CA LYS C 853 2.19 25.53 -43.10
C LYS C 853 3.23 24.45 -42.79
N VAL C 854 4.33 24.84 -42.12
CA VAL C 854 5.41 23.95 -41.69
C VAL C 854 4.86 22.98 -40.63
N HIS C 855 4.09 23.52 -39.65
CA HIS C 855 3.47 22.74 -38.58
C HIS C 855 2.61 21.59 -39.15
N ALA C 856 1.75 21.91 -40.14
CA ALA C 856 0.82 21.00 -40.79
C ALA C 856 1.55 19.87 -41.52
N VAL C 857 2.68 20.17 -42.19
CA VAL C 857 3.48 19.16 -42.91
C VAL C 857 4.11 18.24 -41.85
N GLU C 858 4.63 18.83 -40.76
CA GLU C 858 5.28 18.10 -39.66
C GLU C 858 4.29 17.17 -38.93
N GLN C 859 3.04 17.64 -38.70
CA GLN C 859 1.99 16.86 -38.03
C GLN C 859 1.66 15.62 -38.86
N GLN C 860 1.52 15.78 -40.19
CA GLN C 860 1.23 14.70 -41.11
C GLN C 860 2.40 13.73 -41.22
N GLU C 861 3.65 14.26 -41.16
CA GLU C 861 4.86 13.44 -41.22
C GLU C 861 4.94 12.48 -40.02
N ILE C 862 4.47 12.92 -38.82
CA ILE C 862 4.43 12.13 -37.57
C ILE C 862 3.42 10.97 -37.72
N LEU C 863 2.19 11.27 -38.21
CA LEU C 863 1.12 10.29 -38.42
C LEU C 863 1.53 9.24 -39.46
N ASP C 864 2.16 9.68 -40.57
CA ASP C 864 2.63 8.81 -41.64
C ASP C 864 3.76 7.89 -41.16
N THR C 865 4.67 8.40 -40.31
CA THR C 865 5.79 7.62 -39.74
C THR C 865 5.24 6.55 -38.80
N ALA C 866 4.25 6.93 -37.96
CA ALA C 866 3.60 6.04 -37.00
C ALA C 866 2.89 4.87 -37.68
N PHE C 867 2.40 5.07 -38.92
CA PHE C 867 1.68 4.02 -39.66
C PHE C 867 2.39 3.60 -40.96
N GLY C 868 3.69 3.89 -41.05
CA GLY C 868 4.54 3.53 -42.19
C GLY C 868 5.21 2.18 -42.00
N LYS D 7 -7.38 86.21 0.21
CA LYS D 7 -8.00 86.75 -1.01
C LYS D 7 -7.36 86.14 -2.26
N ASN D 8 -6.02 86.28 -2.37
CA ASN D 8 -5.22 85.75 -3.47
C ASN D 8 -4.69 84.36 -3.08
N ALA D 9 -4.88 83.98 -1.80
CA ALA D 9 -4.49 82.68 -1.23
C ALA D 9 -5.36 81.57 -1.83
N ARG D 10 -6.62 81.89 -2.16
CA ARG D 10 -7.59 80.99 -2.80
C ARG D 10 -7.25 80.80 -4.28
N VAL D 11 -6.48 81.76 -4.84
CA VAL D 11 -6.01 81.80 -6.23
C VAL D 11 -4.72 80.97 -6.33
N ILE D 12 -3.76 81.17 -5.39
CA ILE D 12 -2.49 80.41 -5.34
C ILE D 12 -2.79 78.91 -5.11
N GLU D 13 -3.83 78.62 -4.30
CA GLU D 13 -4.31 77.28 -4.01
C GLU D 13 -5.00 76.68 -5.23
N LEU D 14 -5.66 77.52 -6.05
CA LEU D 14 -6.33 77.07 -7.28
C LEU D 14 -5.32 76.66 -8.32
N ILE D 15 -4.29 77.50 -8.56
CA ILE D 15 -3.21 77.24 -9.52
C ILE D 15 -2.53 75.87 -9.20
N ALA D 16 -2.15 75.66 -7.93
CA ALA D 16 -1.49 74.44 -7.45
C ALA D 16 -2.41 73.23 -7.61
N ALA D 17 -3.72 73.39 -7.32
CA ALA D 17 -4.72 72.32 -7.45
C ALA D 17 -4.83 71.84 -8.92
N TYR D 18 -4.88 72.78 -9.90
CA TYR D 18 -4.92 72.45 -11.34
C TYR D 18 -3.62 71.75 -11.77
N ARG D 19 -2.46 72.26 -11.33
CA ARG D 19 -1.15 71.68 -11.64
C ARG D 19 -0.97 70.26 -11.06
N ASN D 20 -1.42 70.03 -9.81
CA ASN D 20 -1.29 68.73 -9.15
C ASN D 20 -2.37 67.74 -9.54
N ARG D 21 -3.64 68.15 -9.53
CA ARG D 21 -4.76 67.24 -9.69
C ARG D 21 -5.71 67.53 -10.87
N GLY D 22 -5.37 68.48 -11.74
CA GLY D 22 -6.18 68.82 -12.92
C GLY D 22 -6.48 67.65 -13.84
N HIS D 23 -5.47 66.73 -14.00
CA HIS D 23 -5.47 65.50 -14.83
C HIS D 23 -6.58 64.52 -14.42
N LEU D 24 -7.04 64.61 -13.16
CA LEU D 24 -8.12 63.77 -12.64
C LEU D 24 -9.48 64.23 -13.20
N MET D 25 -9.55 65.46 -13.75
CA MET D 25 -10.78 66.05 -14.32
C MET D 25 -10.65 66.28 -15.85
N ALA D 26 -9.46 66.04 -16.43
CA ALA D 26 -9.24 66.18 -17.86
C ALA D 26 -10.09 65.16 -18.68
N ASP D 27 -10.69 65.63 -19.80
CA ASP D 27 -11.51 64.79 -20.70
C ASP D 27 -10.55 63.91 -21.58
N ILE D 28 -9.99 62.86 -20.98
CA ILE D 28 -9.01 61.98 -21.63
C ILE D 28 -9.63 60.71 -22.24
N ASP D 29 -10.79 60.24 -21.72
CA ASP D 29 -11.39 59.01 -22.20
C ASP D 29 -12.33 59.28 -23.37
N PRO D 30 -12.00 58.78 -24.59
CA PRO D 30 -12.91 58.98 -25.73
C PRO D 30 -14.24 58.23 -25.59
N LEU D 31 -14.36 57.26 -24.64
CA LEU D 31 -15.60 56.51 -24.41
C LEU D 31 -16.47 57.15 -23.31
N ARG D 32 -15.87 58.00 -22.44
CA ARG D 32 -16.53 58.67 -21.31
C ARG D 32 -17.32 57.65 -20.45
N LEU D 33 -16.67 56.51 -20.10
CA LEU D 33 -17.29 55.42 -19.34
C LEU D 33 -17.60 55.82 -17.92
N ASP D 34 -16.74 56.64 -17.30
CA ASP D 34 -16.99 57.07 -15.93
C ASP D 34 -17.89 58.30 -15.93
N ASN D 35 -19.12 58.10 -15.40
CA ASN D 35 -20.18 59.10 -15.28
C ASN D 35 -20.03 59.89 -13.96
N THR D 36 -19.14 59.42 -13.05
CA THR D 36 -18.84 60.04 -11.74
C THR D 36 -17.56 60.89 -11.78
N ARG D 37 -16.78 60.76 -12.90
CA ARG D 37 -15.49 61.42 -13.17
C ARG D 37 -15.54 62.95 -13.05
N PHE D 38 -16.50 63.60 -13.76
CA PHE D 38 -16.69 65.04 -13.77
C PHE D 38 -17.74 65.47 -12.68
N ARG D 39 -17.63 64.86 -11.47
CA ARG D 39 -18.49 65.12 -10.29
C ARG D 39 -17.82 64.61 -9.02
N LEU D 56 -13.47 87.39 -10.81
CA LEU D 56 -13.26 86.89 -12.17
C LEU D 56 -12.62 87.97 -13.06
N ASP D 57 -13.17 89.19 -13.03
CA ASP D 57 -12.69 90.34 -13.80
C ASP D 57 -11.65 91.16 -13.00
N ARG D 58 -11.30 90.68 -11.78
CA ARG D 58 -10.30 91.31 -10.90
C ARG D 58 -8.91 90.81 -11.27
N GLU D 59 -7.94 91.72 -11.31
CA GLU D 59 -6.55 91.39 -11.64
C GLU D 59 -5.79 90.88 -10.41
N PHE D 60 -5.05 89.76 -10.59
CA PHE D 60 -4.26 89.09 -9.56
C PHE D 60 -2.79 88.96 -9.97
N LYS D 61 -1.88 88.92 -8.98
CA LYS D 61 -0.44 88.74 -9.22
C LYS D 61 -0.14 87.25 -9.50
N VAL D 62 0.48 86.98 -10.66
CA VAL D 62 0.83 85.62 -11.11
C VAL D 62 2.24 85.60 -11.70
N VAL D 68 6.79 88.66 -12.24
CA VAL D 68 5.51 89.06 -11.67
C VAL D 68 4.67 89.79 -12.73
N GLN D 69 3.49 89.21 -13.03
CA GLN D 69 2.52 89.67 -14.03
C GLN D 69 1.14 89.92 -13.40
N ARG D 70 0.33 90.81 -14.00
CA ARG D 70 -1.03 91.08 -13.52
C ARG D 70 -2.06 90.65 -14.58
N LYS D 71 -2.80 89.58 -14.25
CA LYS D 71 -3.81 88.99 -15.13
C LYS D 71 -5.16 88.87 -14.44
N LYS D 72 -6.26 89.01 -15.22
CA LYS D 72 -7.63 88.84 -14.70
C LYS D 72 -7.82 87.37 -14.32
N LEU D 73 -8.55 87.10 -13.21
CA LEU D 73 -8.79 85.75 -12.71
C LEU D 73 -9.38 84.83 -13.78
N ARG D 74 -10.26 85.36 -14.64
CA ARG D 74 -10.88 84.62 -15.75
C ARG D 74 -9.83 84.12 -16.75
N ASP D 75 -8.77 84.93 -17.01
CA ASP D 75 -7.69 84.60 -17.94
C ASP D 75 -6.75 83.54 -17.35
N ILE D 76 -6.47 83.60 -16.03
CA ILE D 76 -5.63 82.61 -15.34
C ILE D 76 -6.33 81.25 -15.41
N LEU D 77 -7.63 81.21 -15.04
CA LEU D 77 -8.44 79.98 -15.02
C LEU D 77 -8.61 79.35 -16.40
N SER D 78 -8.70 80.15 -17.47
CA SER D 78 -8.84 79.65 -18.83
C SER D 78 -7.53 78.99 -19.30
N VAL D 79 -6.39 79.52 -18.86
CA VAL D 79 -5.05 78.98 -19.15
C VAL D 79 -4.91 77.61 -18.43
N LEU D 80 -5.35 77.53 -17.14
CA LEU D 80 -5.26 76.32 -16.33
C LEU D 80 -6.22 75.23 -16.83
N ARG D 81 -7.42 75.62 -17.32
CA ARG D 81 -8.42 74.69 -17.82
C ARG D 81 -7.97 74.08 -19.16
N ASP D 82 -7.44 74.90 -20.07
CA ASP D 82 -6.92 74.44 -21.36
C ASP D 82 -5.68 73.55 -21.19
N ALA D 83 -4.78 73.93 -20.27
CA ALA D 83 -3.53 73.20 -20.04
C ALA D 83 -3.71 71.87 -19.34
N TYR D 84 -4.54 71.83 -18.27
CA TYR D 84 -4.66 70.65 -17.41
C TYR D 84 -6.00 69.89 -17.45
N CYS D 85 -7.08 70.54 -17.95
CA CYS D 85 -8.41 69.93 -17.89
C CYS D 85 -9.10 69.79 -19.26
N ARG D 86 -8.34 69.72 -20.38
CA ARG D 86 -8.93 69.57 -21.71
C ARG D 86 -8.76 68.11 -22.18
N HIS D 87 -7.98 67.81 -23.25
CA HIS D 87 -7.79 66.43 -23.76
C HIS D 87 -6.46 65.82 -23.38
N VAL D 88 -5.68 66.54 -22.55
CA VAL D 88 -4.37 66.19 -22.06
C VAL D 88 -4.34 66.35 -20.51
N GLY D 89 -4.14 65.23 -19.84
CA GLY D 89 -3.95 65.15 -18.41
C GLY D 89 -2.45 65.11 -18.17
N VAL D 90 -1.92 66.14 -17.51
CA VAL D 90 -0.49 66.25 -17.26
C VAL D 90 -0.15 65.90 -15.80
N GLU D 91 0.77 64.95 -15.62
CA GLU D 91 1.30 64.53 -14.33
C GLU D 91 2.78 64.89 -14.27
N TYR D 92 3.15 65.91 -13.50
CA TYR D 92 4.54 66.35 -13.44
C TYR D 92 4.95 66.89 -12.08
N THR D 93 4.02 67.18 -11.15
CA THR D 93 4.41 67.76 -9.86
C THR D 93 5.10 66.73 -8.93
N HIS D 94 5.14 65.46 -9.34
CA HIS D 94 5.84 64.38 -8.62
C HIS D 94 7.35 64.44 -8.89
N ILE D 95 7.77 65.13 -9.97
CA ILE D 95 9.17 65.29 -10.38
C ILE D 95 9.93 66.11 -9.32
N LEU D 96 11.05 65.54 -8.80
CA LEU D 96 11.85 66.18 -7.75
C LEU D 96 12.71 67.34 -8.27
N GLU D 97 13.12 67.33 -9.56
CA GLU D 97 13.93 68.40 -10.15
C GLU D 97 13.06 69.63 -10.44
N PRO D 98 13.28 70.77 -9.74
CA PRO D 98 12.42 71.97 -9.97
C PRO D 98 12.50 72.50 -11.40
N GLU D 99 13.70 72.42 -12.04
CA GLU D 99 13.92 72.89 -13.42
C GLU D 99 13.07 72.10 -14.43
N GLN D 100 12.85 70.81 -14.18
CA GLN D 100 12.03 69.95 -15.05
C GLN D 100 10.54 70.32 -14.91
N GLN D 101 10.07 70.58 -13.67
CA GLN D 101 8.71 71.01 -13.37
C GLN D 101 8.42 72.36 -14.04
N ARG D 102 9.36 73.32 -13.95
CA ARG D 102 9.27 74.65 -14.54
C ARG D 102 9.23 74.56 -16.08
N TRP D 103 10.07 73.69 -16.69
CA TRP D 103 10.15 73.48 -18.15
C TRP D 103 8.77 73.06 -18.72
N ILE D 104 8.13 72.04 -18.10
CA ILE D 104 6.81 71.52 -18.48
C ILE D 104 5.76 72.61 -18.32
N GLN D 105 5.70 73.23 -17.13
CA GLN D 105 4.82 74.33 -16.72
C GLN D 105 4.80 75.45 -17.77
N GLU D 106 5.99 75.95 -18.15
CA GLU D 106 6.17 77.03 -19.13
C GLU D 106 5.64 76.66 -20.52
N ARG D 107 5.81 75.40 -20.94
CA ARG D 107 5.38 74.96 -22.26
C ARG D 107 3.89 74.58 -22.34
N VAL D 108 3.31 74.14 -21.21
CA VAL D 108 1.93 73.68 -21.11
C VAL D 108 0.98 74.87 -20.75
N GLU D 109 1.43 75.83 -19.92
CA GLU D 109 0.60 76.96 -19.48
C GLU D 109 0.71 78.22 -20.37
N THR D 110 0.88 78.05 -21.68
CA THR D 110 0.92 79.18 -22.60
C THR D 110 -0.16 79.02 -23.65
N LYS D 111 -0.65 80.14 -24.23
CA LYS D 111 -1.64 80.10 -25.29
C LYS D 111 -0.91 79.58 -26.54
N HIS D 112 -1.08 78.28 -26.82
CA HIS D 112 -0.43 77.58 -27.94
C HIS D 112 -0.99 78.02 -29.27
N ASP D 113 -0.10 78.16 -30.27
CA ASP D 113 -0.50 78.51 -31.63
C ASP D 113 -1.15 77.28 -32.23
N LYS D 114 -2.43 77.43 -32.69
CA LYS D 114 -3.21 76.35 -33.31
C LYS D 114 -2.47 75.84 -34.55
N PRO D 115 -2.48 74.52 -34.85
CA PRO D 115 -1.72 74.04 -36.03
C PRO D 115 -2.23 74.64 -37.34
N THR D 116 -1.32 74.76 -38.33
CA THR D 116 -1.68 75.29 -39.65
C THR D 116 -2.56 74.26 -40.36
N VAL D 117 -3.42 74.71 -41.29
CA VAL D 117 -4.32 73.84 -42.05
C VAL D 117 -3.47 72.74 -42.73
N ALA D 118 -2.25 73.08 -43.21
CA ALA D 118 -1.30 72.12 -43.82
C ALA D 118 -0.89 71.01 -42.83
N GLU D 119 -0.65 71.37 -41.55
CA GLU D 119 -0.29 70.43 -40.49
C GLU D 119 -1.48 69.56 -40.12
N GLN D 120 -2.69 70.16 -40.09
CA GLN D 120 -3.96 69.47 -39.80
C GLN D 120 -4.30 68.46 -40.91
N LYS D 121 -4.08 68.86 -42.17
CA LYS D 121 -4.32 68.02 -43.35
C LYS D 121 -3.33 66.88 -43.39
N TYR D 122 -2.08 67.12 -42.92
CA TYR D 122 -1.04 66.09 -42.87
C TYR D 122 -1.41 65.05 -41.79
N ILE D 123 -1.92 65.51 -40.62
CA ILE D 123 -2.35 64.62 -39.53
C ILE D 123 -3.53 63.77 -40.04
N LEU D 124 -4.49 64.39 -40.74
CA LEU D 124 -5.65 63.73 -41.34
C LEU D 124 -5.20 62.67 -42.36
N SER D 125 -4.21 62.99 -43.23
CA SER D 125 -3.66 62.04 -44.21
C SER D 125 -3.04 60.81 -43.52
N LYS D 126 -2.43 61.00 -42.33
CA LYS D 126 -1.84 59.90 -41.55
C LYS D 126 -2.95 59.01 -40.98
N LEU D 127 -4.07 59.61 -40.52
CA LEU D 127 -5.25 58.89 -40.04
C LEU D 127 -5.94 58.14 -41.19
N ASN D 128 -5.95 58.75 -42.39
CA ASN D 128 -6.50 58.18 -43.61
C ASN D 128 -5.79 56.92 -43.98
N ALA D 129 -4.43 56.97 -44.00
CA ALA D 129 -3.52 55.87 -44.34
C ALA D 129 -3.62 54.74 -43.33
N ALA D 130 -3.69 55.09 -42.01
CA ALA D 130 -3.78 54.15 -40.92
C ALA D 130 -5.08 53.37 -40.96
N GLU D 131 -6.21 54.07 -41.10
CA GLU D 131 -7.52 53.44 -41.08
C GLU D 131 -7.74 52.62 -42.36
N ALA D 132 -7.23 53.07 -43.52
CA ALA D 132 -7.33 52.33 -44.79
C ALA D 132 -6.57 51.02 -44.68
N PHE D 133 -5.35 51.04 -44.08
CA PHE D 133 -4.52 49.85 -43.88
C PHE D 133 -5.31 48.82 -43.09
N GLU D 134 -5.99 49.27 -42.02
CA GLU D 134 -6.80 48.48 -41.09
C GLU D 134 -8.00 47.87 -41.72
N THR D 135 -8.73 48.64 -42.57
CA THR D 135 -9.93 48.17 -43.29
C THR D 135 -9.52 47.10 -44.33
N PHE D 136 -8.38 47.29 -45.01
CA PHE D 136 -7.84 46.33 -45.98
C PHE D 136 -7.49 45.02 -45.27
N LEU D 137 -6.81 45.14 -44.11
CA LEU D 137 -6.30 44.02 -43.35
C LEU D 137 -7.41 43.09 -42.87
N GLN D 138 -8.54 43.66 -42.41
CA GLN D 138 -9.66 42.83 -41.98
C GLN D 138 -10.46 42.21 -43.17
N THR D 139 -10.51 42.90 -44.33
CA THR D 139 -11.28 42.47 -45.50
C THR D 139 -10.54 41.44 -46.39
N LYS D 140 -9.23 41.64 -46.64
CA LYS D 140 -8.41 40.79 -47.52
C LYS D 140 -8.13 39.43 -46.91
N TYR D 141 -7.63 39.40 -45.67
CA TYR D 141 -7.27 38.16 -44.99
C TYR D 141 -8.14 37.92 -43.76
N VAL D 142 -8.20 36.63 -43.35
CA VAL D 142 -8.95 36.11 -42.20
C VAL D 142 -7.96 35.81 -41.07
N GLY D 143 -8.41 36.00 -39.84
CA GLY D 143 -7.59 35.74 -38.66
C GLY D 143 -6.63 36.87 -38.33
N GLN D 144 -6.98 38.11 -38.76
CA GLN D 144 -6.14 39.29 -38.52
C GLN D 144 -6.75 40.25 -37.48
N LYS D 145 -7.94 39.89 -36.91
CA LYS D 145 -8.68 40.71 -35.93
C LYS D 145 -7.91 40.97 -34.64
N ARG D 146 -7.04 40.03 -34.22
CA ARG D 146 -6.26 40.15 -32.99
C ARG D 146 -5.15 41.21 -33.10
N PHE D 147 -4.74 41.58 -34.32
CA PHE D 147 -3.71 42.58 -34.54
C PHE D 147 -4.30 43.90 -35.00
N SER D 148 -5.62 44.08 -34.80
CA SER D 148 -6.32 45.29 -35.25
C SER D 148 -5.99 46.49 -34.40
N LEU D 149 -5.81 47.62 -35.07
CA LEU D 149 -5.51 48.92 -34.47
C LEU D 149 -6.74 49.86 -34.52
N GLU D 150 -7.93 49.32 -34.90
CA GLU D 150 -9.17 50.10 -34.96
C GLU D 150 -9.57 50.57 -33.56
N GLY D 151 -9.78 51.87 -33.45
CA GLY D 151 -10.07 52.54 -32.19
C GLY D 151 -8.80 53.16 -31.62
N ALA D 152 -7.62 52.84 -32.22
CA ALA D 152 -6.32 53.30 -31.75
C ALA D 152 -5.39 53.79 -32.91
N GLU D 153 -5.96 54.14 -34.09
CA GLU D 153 -5.23 54.62 -35.28
C GLU D 153 -4.43 55.91 -35.02
N THR D 154 -4.85 56.70 -34.02
CA THR D 154 -4.19 57.95 -33.65
C THR D 154 -2.73 57.68 -33.19
N VAL D 155 -2.36 56.42 -32.86
CA VAL D 155 -0.97 56.13 -32.49
C VAL D 155 -0.03 56.33 -33.74
N ILE D 156 -0.55 56.17 -34.98
CA ILE D 156 0.23 56.37 -36.22
C ILE D 156 0.61 57.88 -36.35
N PRO D 157 -0.30 58.90 -36.40
CA PRO D 157 0.18 60.29 -36.46
C PRO D 157 1.00 60.68 -35.20
N MET D 158 0.75 60.04 -34.04
CA MET D 158 1.51 60.27 -32.80
C MET D 158 2.97 59.79 -32.95
N MET D 159 3.18 58.57 -33.47
CA MET D 159 4.51 58.01 -33.70
C MET D 159 5.25 58.80 -34.78
N ASP D 160 4.50 59.29 -35.76
CA ASP D 160 4.99 60.11 -36.86
C ASP D 160 5.55 61.43 -36.32
N ALA D 161 4.84 62.05 -35.33
CA ALA D 161 5.27 63.31 -34.71
C ALA D 161 6.53 63.09 -33.87
N VAL D 162 6.64 61.93 -33.17
CA VAL D 162 7.83 61.56 -32.37
C VAL D 162 9.06 61.57 -33.27
N ILE D 163 9.00 60.79 -34.36
CA ILE D 163 10.09 60.55 -35.31
C ILE D 163 10.44 61.84 -36.05
N ASP D 164 9.42 62.61 -36.48
CA ASP D 164 9.62 63.91 -37.14
C ASP D 164 10.31 64.90 -36.19
N GLN D 165 9.92 64.90 -34.90
CA GLN D 165 10.52 65.77 -33.90
C GLN D 165 11.97 65.34 -33.61
N CYS D 166 12.26 64.03 -33.65
CA CYS D 166 13.62 63.51 -33.47
C CYS D 166 14.49 63.95 -34.68
N ALA D 167 13.91 63.95 -35.90
CA ALA D 167 14.57 64.41 -37.14
C ALA D 167 14.86 65.91 -37.08
N GLU D 168 13.90 66.69 -36.50
CA GLU D 168 14.01 68.14 -36.30
C GLU D 168 15.20 68.48 -35.37
N HIS D 169 15.50 67.57 -34.40
CA HIS D 169 16.63 67.68 -33.47
C HIS D 169 17.93 67.17 -34.12
N GLY D 170 17.85 66.71 -35.38
CA GLY D 170 18.98 66.20 -36.16
C GLY D 170 19.57 64.91 -35.64
N LEU D 171 18.72 64.06 -35.03
CA LEU D 171 19.16 62.79 -34.44
C LEU D 171 19.38 61.73 -35.54
N ASP D 172 20.09 60.65 -35.19
CA ASP D 172 20.51 59.63 -36.14
C ASP D 172 19.51 58.51 -36.37
N GLU D 173 18.90 57.99 -35.31
CA GLU D 173 17.98 56.86 -35.45
C GLU D 173 16.96 56.80 -34.32
N VAL D 174 15.80 56.24 -34.66
CA VAL D 174 14.72 55.93 -33.72
C VAL D 174 14.55 54.42 -33.81
N VAL D 175 14.71 53.73 -32.67
CA VAL D 175 14.58 52.28 -32.66
C VAL D 175 13.32 51.98 -31.87
N ILE D 176 12.39 51.23 -32.51
CA ILE D 176 11.09 50.87 -31.95
C ILE D 176 11.03 49.42 -31.47
N ALA D 177 10.37 49.25 -30.31
CA ALA D 177 9.97 47.97 -29.72
C ALA D 177 8.47 48.10 -29.46
N MET D 178 7.72 47.07 -29.82
CA MET D 178 6.28 47.09 -29.63
C MET D 178 5.69 45.68 -29.56
N PRO D 179 4.47 45.53 -28.97
CA PRO D 179 3.74 44.24 -29.12
C PRO D 179 3.13 44.10 -30.56
N HIS D 180 2.31 43.07 -30.80
CA HIS D 180 1.77 42.75 -32.14
C HIS D 180 0.67 43.68 -32.67
N ARG D 181 -0.06 44.37 -31.78
CA ARG D 181 -1.19 45.21 -32.21
C ARG D 181 -0.74 46.43 -33.06
N GLY D 182 -1.18 46.45 -34.32
CA GLY D 182 -0.90 47.51 -35.27
C GLY D 182 0.47 47.47 -35.90
N ARG D 183 1.23 46.37 -35.70
CA ARG D 183 2.59 46.15 -36.20
C ARG D 183 2.77 46.35 -37.69
N LEU D 184 1.90 45.77 -38.50
CA LEU D 184 2.04 45.89 -39.95
C LEU D 184 1.70 47.34 -40.41
N ASN D 185 0.81 48.03 -39.64
CA ASN D 185 0.43 49.42 -39.92
C ASN D 185 1.64 50.33 -39.64
N VAL D 186 2.39 50.01 -38.58
CA VAL D 186 3.62 50.69 -38.19
C VAL D 186 4.66 50.44 -39.26
N LEU D 187 4.74 49.19 -39.78
CA LEU D 187 5.69 48.89 -40.84
C LEU D 187 5.44 49.72 -42.11
N ALA D 188 4.17 49.84 -42.51
CA ALA D 188 3.78 50.58 -43.71
C ALA D 188 3.80 52.09 -43.51
N ASN D 189 3.24 52.60 -42.41
CA ASN D 189 3.06 54.04 -42.28
C ASN D 189 4.07 54.78 -41.38
N ILE D 190 5.01 54.08 -40.73
CA ILE D 190 6.04 54.69 -39.87
C ILE D 190 7.44 54.31 -40.40
N VAL D 191 7.74 53.00 -40.47
CA VAL D 191 9.01 52.46 -40.96
C VAL D 191 9.09 52.69 -42.49
N GLY D 192 7.93 52.77 -43.14
CA GLY D 192 7.84 53.06 -44.56
C GLY D 192 8.11 51.87 -45.46
N LYS D 193 7.92 50.62 -44.93
CA LYS D 193 8.14 49.39 -45.72
C LYS D 193 7.09 49.31 -46.84
N PRO D 194 7.47 48.97 -48.09
CA PRO D 194 6.44 48.85 -49.16
C PRO D 194 5.54 47.64 -48.93
N TYR D 195 4.30 47.68 -49.47
CA TYR D 195 3.32 46.59 -49.34
C TYR D 195 3.83 45.27 -49.94
N SER D 196 4.62 45.35 -51.04
CA SER D 196 5.23 44.19 -51.70
C SER D 196 6.10 43.36 -50.73
N GLN D 197 6.82 44.07 -49.82
CA GLN D 197 7.67 43.45 -48.82
C GLN D 197 6.84 42.94 -47.63
N ILE D 198 5.84 43.73 -47.15
CA ILE D 198 4.98 43.40 -46.01
C ILE D 198 4.12 42.12 -46.23
N PHE D 199 3.46 42.00 -47.39
CA PHE D 199 2.52 40.91 -47.64
C PHE D 199 3.11 39.80 -48.51
N SER D 200 4.45 39.81 -48.69
CA SER D 200 5.21 38.78 -49.42
C SER D 200 5.13 37.45 -48.67
N GLU D 201 4.73 36.37 -49.37
CA GLU D 201 4.57 35.01 -48.83
C GLU D 201 3.74 35.05 -47.51
N PHE D 202 2.55 35.70 -47.59
CA PHE D 202 1.63 35.92 -46.47
C PHE D 202 0.75 34.71 -46.20
N ASP D 216 1.48 34.67 -37.57
CA ASP D 216 2.49 34.90 -38.61
C ASP D 216 3.76 35.50 -38.02
N VAL D 217 4.91 35.06 -38.56
CA VAL D 217 6.26 35.45 -38.15
C VAL D 217 6.52 36.96 -38.43
N LYS D 218 5.87 37.53 -39.49
CA LYS D 218 5.98 38.94 -39.92
C LYS D 218 5.71 39.91 -38.76
N TYR D 219 4.83 39.51 -37.82
CA TYR D 219 4.48 40.25 -36.62
C TYR D 219 5.57 40.16 -35.52
N HIS D 220 6.69 39.48 -35.80
CA HIS D 220 7.76 39.32 -34.81
C HIS D 220 9.13 39.70 -35.36
N LEU D 221 9.26 39.86 -36.70
CA LEU D 221 10.53 40.17 -37.36
C LEU D 221 10.96 41.62 -37.21
N GLY D 222 12.26 41.82 -37.25
CA GLY D 222 12.85 43.16 -37.24
C GLY D 222 12.75 43.82 -38.60
N ALA D 223 12.97 45.14 -38.65
CA ALA D 223 12.89 45.91 -39.89
C ALA D 223 13.69 47.19 -39.80
N THR D 224 14.14 47.73 -40.95
CA THR D 224 14.88 48.99 -41.03
C THR D 224 14.33 49.83 -42.19
N GLY D 225 14.29 51.13 -41.99
CA GLY D 225 13.83 52.09 -42.98
C GLY D 225 14.37 53.47 -42.75
N THR D 226 13.97 54.40 -43.62
CA THR D 226 14.37 55.80 -43.53
C THR D 226 13.13 56.65 -43.52
N TYR D 227 13.01 57.50 -42.49
CA TYR D 227 11.91 58.46 -42.39
C TYR D 227 12.38 59.76 -43.02
N ILE D 228 11.61 60.29 -43.96
CA ILE D 228 11.89 61.55 -44.64
C ILE D 228 10.82 62.55 -44.21
N GLN D 229 11.24 63.71 -43.65
CA GLN D 229 10.33 64.76 -43.21
C GLN D 229 9.47 65.26 -44.35
N MET D 230 8.19 65.51 -44.06
CA MET D 230 7.21 66.00 -45.03
C MET D 230 7.41 67.51 -45.26
N PHE D 231 7.43 68.28 -44.14
CA PHE D 231 7.53 69.74 -44.10
C PHE D 231 8.96 70.25 -43.85
N GLY D 232 9.93 69.34 -43.77
CA GLY D 232 11.32 69.67 -43.51
C GLY D 232 12.30 69.03 -44.47
N ASP D 233 13.61 69.24 -44.20
CA ASP D 233 14.68 68.76 -45.07
C ASP D 233 15.54 67.70 -44.36
N ASN D 234 15.08 67.20 -43.21
CA ASN D 234 15.80 66.18 -42.48
C ASN D 234 15.25 64.76 -42.72
N ASP D 235 16.12 63.78 -42.50
CA ASP D 235 15.80 62.38 -42.58
C ASP D 235 16.39 61.70 -41.35
N ILE D 236 15.83 60.56 -40.97
CA ILE D 236 16.28 59.81 -39.81
C ILE D 236 16.03 58.33 -40.07
N GLU D 237 16.93 57.46 -39.55
CA GLU D 237 16.76 56.02 -39.67
C GLU D 237 15.68 55.57 -38.68
N VAL D 238 14.82 54.65 -39.11
CA VAL D 238 13.75 54.09 -38.27
C VAL D 238 13.88 52.59 -38.35
N SER D 239 14.03 51.94 -37.18
CA SER D 239 14.11 50.48 -37.14
C SER D 239 13.16 49.91 -36.09
N LEU D 240 12.77 48.67 -36.30
CA LEU D 240 11.84 47.92 -35.46
C LEU D 240 12.54 46.65 -35.04
N THR D 241 12.63 46.40 -33.75
CA THR D 241 13.33 45.20 -33.29
C THR D 241 12.35 44.00 -33.19
N ALA D 242 12.91 42.79 -33.36
CA ALA D 242 12.22 41.51 -33.24
C ALA D 242 11.79 41.27 -31.81
N ASN D 243 10.66 40.57 -31.58
CA ASN D 243 10.23 40.24 -30.20
C ASN D 243 9.36 38.96 -30.12
N PRO D 244 9.30 38.25 -28.96
CA PRO D 244 8.39 37.11 -28.83
C PRO D 244 6.96 37.59 -28.51
N SER D 245 6.03 36.66 -28.24
CA SER D 245 4.66 37.02 -27.88
C SER D 245 4.59 37.49 -26.44
N HIS D 246 5.63 37.16 -25.61
CA HIS D 246 5.78 37.56 -24.21
C HIS D 246 5.84 39.07 -24.12
N LEU D 247 4.70 39.67 -23.74
CA LEU D 247 4.52 41.11 -23.63
C LEU D 247 5.52 41.71 -22.64
N GLU D 248 6.14 42.82 -23.06
CA GLU D 248 7.11 43.64 -22.34
C GLU D 248 8.51 43.01 -22.23
N ALA D 249 8.69 41.71 -22.57
CA ALA D 249 10.01 41.03 -22.48
C ALA D 249 11.12 41.73 -23.30
N VAL D 250 10.75 42.40 -24.42
CA VAL D 250 11.65 43.09 -25.35
C VAL D 250 12.12 44.47 -24.80
N ASP D 251 11.42 44.99 -23.79
CA ASP D 251 11.72 46.30 -23.22
C ASP D 251 13.22 46.47 -22.89
N PRO D 252 13.89 45.59 -22.09
CA PRO D 252 15.33 45.82 -21.81
C PRO D 252 16.22 45.51 -23.01
N VAL D 253 15.75 44.61 -23.91
CA VAL D 253 16.43 44.23 -25.16
C VAL D 253 16.58 45.49 -26.05
N LEU D 254 15.50 46.32 -26.16
CA LEU D 254 15.49 47.59 -26.90
C LEU D 254 16.54 48.53 -26.33
N GLU D 255 16.56 48.67 -25.00
CA GLU D 255 17.50 49.53 -24.29
C GLU D 255 18.94 49.13 -24.60
N GLY D 256 19.22 47.81 -24.54
CA GLY D 256 20.56 47.29 -24.80
C GLY D 256 21.03 47.53 -26.22
N LEU D 257 20.13 47.33 -27.17
CA LEU D 257 20.33 47.52 -28.61
C LEU D 257 20.64 49.00 -28.90
N VAL D 258 19.82 49.93 -28.37
CA VAL D 258 20.00 51.36 -28.54
C VAL D 258 21.36 51.81 -27.95
N ARG D 259 21.68 51.32 -26.73
CA ARG D 259 22.93 51.65 -26.07
C ARG D 259 24.13 51.20 -26.92
N ALA D 260 24.06 50.00 -27.53
CA ALA D 260 25.15 49.50 -28.37
C ALA D 260 25.38 50.40 -29.58
N LYS D 261 24.27 50.87 -30.19
CA LYS D 261 24.26 51.77 -31.34
C LYS D 261 24.81 53.18 -30.97
N GLN D 262 24.43 53.69 -29.75
CA GLN D 262 24.92 54.96 -29.22
C GLN D 262 26.42 54.90 -28.98
N ASP D 263 26.93 53.79 -28.39
CA ASP D 263 28.36 53.58 -28.14
C ASP D 263 29.14 53.58 -29.47
N LEU D 264 28.58 52.91 -30.51
CA LEU D 264 29.17 52.86 -31.87
C LEU D 264 29.26 54.26 -32.50
N LEU D 265 28.25 55.12 -32.26
CA LEU D 265 28.19 56.47 -32.81
C LEU D 265 28.96 57.48 -31.96
N ASP D 266 29.54 57.03 -30.84
CA ASP D 266 30.28 57.86 -29.88
C ASP D 266 29.34 59.00 -29.37
N THR D 267 28.08 58.62 -29.07
CA THR D 267 27.07 59.50 -28.52
C THR D 267 26.59 58.93 -27.18
N GLY D 268 26.26 59.84 -26.27
CA GLY D 268 25.77 59.47 -24.96
C GLY D 268 26.81 59.33 -23.87
N GLU D 269 26.53 58.40 -22.93
CA GLU D 269 27.31 58.07 -21.73
C GLU D 269 28.76 57.67 -22.03
N GLU D 270 28.99 56.88 -23.08
CA GLU D 270 30.34 56.45 -23.47
C GLU D 270 30.84 57.25 -24.69
N GLY D 271 30.15 58.34 -25.01
CA GLY D 271 30.47 59.20 -26.14
C GLY D 271 31.03 60.57 -25.81
N SER D 272 31.65 61.21 -26.82
CA SER D 272 32.24 62.54 -26.77
C SER D 272 31.16 63.64 -26.71
N ASP D 273 29.96 63.35 -27.22
CA ASP D 273 28.82 64.24 -27.20
C ASP D 273 27.72 63.72 -26.25
N ASN D 274 26.87 64.62 -25.75
CA ASN D 274 25.77 64.28 -24.85
C ASN D 274 24.43 64.29 -25.62
N ARG D 275 24.43 63.89 -26.91
CA ARG D 275 23.20 63.94 -27.72
C ARG D 275 22.32 62.70 -27.59
N PHE D 276 22.92 61.49 -27.32
CA PHE D 276 22.17 60.21 -27.25
C PHE D 276 21.29 60.13 -28.53
N SER D 277 21.94 60.30 -29.70
CA SER D 277 21.35 60.47 -31.02
C SER D 277 20.55 59.25 -31.54
N VAL D 278 20.44 58.18 -30.74
CA VAL D 278 19.64 57.00 -31.05
C VAL D 278 18.55 56.97 -29.99
N VAL D 279 17.28 57.07 -30.43
CA VAL D 279 16.15 57.18 -29.50
C VAL D 279 15.36 55.89 -29.40
N PRO D 280 15.18 55.34 -28.18
CA PRO D 280 14.26 54.21 -28.02
C PRO D 280 12.80 54.72 -27.98
N LEU D 281 11.94 54.14 -28.81
CA LEU D 281 10.50 54.44 -28.84
C LEU D 281 9.84 53.11 -28.48
N MET D 282 9.30 53.02 -27.29
CA MET D 282 8.77 51.77 -26.75
C MET D 282 7.26 51.83 -26.63
N LEU D 283 6.57 50.92 -27.33
CA LEU D 283 5.11 50.87 -27.30
C LEU D 283 4.65 49.79 -26.34
N HIS D 284 3.49 50.00 -25.73
CA HIS D 284 2.96 49.08 -24.73
C HIS D 284 1.44 48.98 -24.79
N GLY D 285 0.92 47.98 -24.10
CA GLY D 285 -0.49 47.79 -23.84
C GLY D 285 -0.74 48.16 -22.39
N ASP D 286 -1.94 48.60 -22.07
CA ASP D 286 -2.26 49.04 -20.72
C ASP D 286 -2.20 47.94 -19.67
N ALA D 287 -2.69 46.72 -19.97
CA ALA D 287 -2.67 45.64 -18.97
C ALA D 287 -1.24 45.15 -18.72
N ALA D 288 -0.42 45.03 -19.79
CA ALA D 288 0.95 44.54 -19.74
C ALA D 288 1.88 45.53 -19.03
N PHE D 289 1.71 46.84 -19.32
CA PHE D 289 2.52 47.90 -18.73
C PHE D 289 2.41 47.96 -17.21
N ALA D 290 1.22 47.67 -16.67
CA ALA D 290 1.00 47.71 -15.23
C ALA D 290 1.31 46.38 -14.51
N GLY D 291 1.22 45.24 -15.23
CA GLY D 291 1.41 43.95 -14.58
C GLY D 291 2.74 43.27 -14.72
N GLN D 292 3.53 43.60 -15.74
CA GLN D 292 4.82 42.94 -15.98
C GLN D 292 5.95 43.63 -15.21
N GLY D 293 6.64 42.85 -14.37
CA GLY D 293 7.74 43.31 -13.54
C GLY D 293 8.94 43.86 -14.28
N VAL D 294 9.18 43.35 -15.52
CA VAL D 294 10.30 43.77 -16.38
C VAL D 294 10.19 45.29 -16.75
N VAL D 295 8.97 45.87 -16.69
CA VAL D 295 8.71 47.26 -16.95
C VAL D 295 9.48 48.05 -15.90
N ALA D 296 9.23 47.78 -14.60
CA ALA D 296 9.90 48.42 -13.46
C ALA D 296 11.43 48.24 -13.51
N GLU D 297 11.89 47.01 -13.82
CA GLU D 297 13.31 46.66 -13.95
C GLU D 297 13.99 47.47 -15.05
N THR D 298 13.29 47.74 -16.16
CA THR D 298 13.85 48.46 -17.32
C THR D 298 13.84 49.98 -17.04
N LEU D 299 12.79 50.47 -16.37
CA LEU D 299 12.68 51.87 -15.92
C LEU D 299 13.84 52.19 -14.91
N ASN D 300 14.15 51.24 -14.06
CA ASN D 300 15.23 51.35 -13.10
C ASN D 300 16.63 51.53 -13.74
N LEU D 301 16.78 51.16 -15.02
CA LEU D 301 18.04 51.27 -15.78
C LEU D 301 18.21 52.64 -16.46
N ALA D 302 17.13 53.45 -16.52
CA ALA D 302 17.05 54.68 -17.32
C ALA D 302 18.14 55.71 -17.08
N LEU D 303 18.67 55.81 -15.85
CA LEU D 303 19.67 56.83 -15.54
C LEU D 303 20.99 56.24 -15.05
N LEU D 304 21.16 54.92 -15.14
CA LEU D 304 22.39 54.23 -14.71
C LEU D 304 23.50 54.45 -15.71
N ARG D 305 24.71 54.73 -15.25
CA ARG D 305 25.87 54.96 -16.14
C ARG D 305 26.11 53.75 -17.08
N GLY D 306 25.85 52.53 -16.63
CA GLY D 306 26.06 51.39 -17.50
C GLY D 306 24.93 51.04 -18.45
N TYR D 307 23.74 51.65 -18.26
CA TYR D 307 22.56 51.25 -19.01
C TYR D 307 21.73 52.40 -19.59
N ARG D 308 22.00 53.66 -19.23
CA ARG D 308 21.19 54.80 -19.72
C ARG D 308 21.27 54.97 -21.25
N THR D 309 20.15 55.37 -21.85
CA THR D 309 20.07 55.59 -23.31
C THR D 309 19.64 57.05 -23.59
N GLY D 310 19.70 57.89 -22.56
CA GLY D 310 19.32 59.30 -22.64
C GLY D 310 17.83 59.54 -22.66
N GLY D 311 17.07 58.57 -22.17
CA GLY D 311 15.61 58.68 -22.11
C GLY D 311 14.91 57.95 -23.22
N THR D 312 13.86 57.23 -22.85
CA THR D 312 12.97 56.46 -23.72
C THR D 312 11.63 57.17 -23.85
N ILE D 313 11.09 57.21 -25.07
CA ILE D 313 9.75 57.74 -25.29
C ILE D 313 8.83 56.53 -25.19
N HIS D 314 7.93 56.54 -24.20
CA HIS D 314 6.98 55.45 -24.00
C HIS D 314 5.63 55.84 -24.50
N ILE D 315 5.00 54.96 -25.27
CA ILE D 315 3.64 55.16 -25.77
C ILE D 315 2.83 53.96 -25.31
N VAL D 316 1.84 54.21 -24.44
CA VAL D 316 0.95 53.15 -24.01
C VAL D 316 -0.32 53.27 -24.81
N VAL D 317 -0.68 52.19 -25.53
CA VAL D 317 -1.93 52.11 -26.30
C VAL D 317 -2.96 51.63 -25.27
N ASN D 318 -3.51 52.60 -24.55
CA ASN D 318 -4.43 52.31 -23.44
C ASN D 318 -5.84 52.21 -23.95
N ASN D 319 -6.21 51.00 -24.40
CA ASN D 319 -7.53 50.75 -24.95
C ASN D 319 -8.48 50.32 -23.84
N GLN D 320 -8.06 50.52 -22.57
CA GLN D 320 -8.82 50.32 -21.32
C GLN D 320 -9.40 48.92 -21.21
N ILE D 321 -8.67 47.93 -21.76
CA ILE D 321 -9.03 46.51 -21.75
C ILE D 321 -7.77 45.68 -22.00
N GLY D 322 -7.79 44.47 -21.48
CA GLY D 322 -6.72 43.47 -21.64
C GLY D 322 -7.38 42.14 -21.86
N PHE D 323 -7.61 41.79 -23.14
CA PHE D 323 -8.32 40.60 -23.63
C PHE D 323 -9.81 40.70 -23.16
N THR D 324 -10.22 40.10 -22.01
CA THR D 324 -11.60 40.24 -21.49
C THR D 324 -11.59 41.02 -20.17
N THR D 325 -10.38 41.35 -19.67
CA THR D 325 -10.14 41.92 -18.35
C THR D 325 -10.21 43.44 -18.31
N ALA D 326 -10.99 43.94 -17.33
CA ALA D 326 -11.19 45.35 -17.05
C ALA D 326 -9.99 45.92 -16.24
N PRO D 327 -9.64 47.21 -16.43
CA PRO D 327 -8.53 47.83 -15.66
C PRO D 327 -8.58 47.59 -14.16
N THR D 328 -9.79 47.52 -13.54
CA THR D 328 -9.92 47.32 -12.09
C THR D 328 -9.37 45.96 -11.62
N ASP D 329 -9.24 44.98 -12.54
CA ASP D 329 -8.67 43.66 -12.21
C ASP D 329 -7.21 43.56 -12.69
N SER D 330 -6.70 44.58 -13.39
CA SER D 330 -5.34 44.57 -13.94
C SER D 330 -4.33 45.43 -13.16
N ARG D 331 -4.81 46.44 -12.37
CA ARG D 331 -3.92 47.32 -11.61
C ARG D 331 -4.59 47.88 -10.35
N SER D 332 -3.77 48.28 -9.38
CA SER D 332 -4.15 48.87 -8.10
C SER D 332 -3.86 50.38 -8.06
N SER D 333 -3.75 51.01 -9.23
CA SER D 333 -3.44 52.44 -9.35
C SER D 333 -4.39 53.09 -10.33
N GLU D 334 -4.54 54.41 -10.21
CA GLU D 334 -5.42 55.21 -11.06
C GLU D 334 -5.06 55.03 -12.53
N TYR D 335 -3.76 55.02 -12.88
CA TYR D 335 -3.28 54.92 -14.27
C TYR D 335 -2.40 53.71 -14.49
N CYS D 336 -2.41 53.18 -15.74
CA CYS D 336 -1.61 52.01 -16.12
C CYS D 336 -0.11 52.36 -16.14
N THR D 337 0.21 53.66 -16.21
CA THR D 337 1.55 54.24 -16.29
C THR D 337 2.12 54.71 -14.95
N ASP D 338 1.43 54.44 -13.84
CA ASP D 338 1.85 54.90 -12.51
C ASP D 338 3.23 54.33 -12.06
N VAL D 339 3.67 53.21 -12.68
CA VAL D 339 4.99 52.63 -12.43
C VAL D 339 6.12 53.63 -12.83
N ALA D 340 5.92 54.43 -13.89
CA ALA D 340 6.91 55.42 -14.38
C ALA D 340 7.24 56.54 -13.37
N LYS D 341 6.41 56.72 -12.33
CA LYS D 341 6.61 57.69 -11.25
C LYS D 341 7.84 57.29 -10.43
N MET D 342 8.18 55.99 -10.46
CA MET D 342 9.35 55.35 -9.87
C MET D 342 10.65 56.11 -10.23
N ILE D 343 10.76 56.67 -11.46
CA ILE D 343 11.97 57.36 -11.91
C ILE D 343 11.68 58.85 -12.15
N GLY D 344 10.52 59.32 -11.65
CA GLY D 344 10.09 60.70 -11.79
C GLY D 344 9.94 61.15 -13.23
N ALA D 345 9.44 60.26 -14.10
CA ALA D 345 9.20 60.57 -15.50
C ALA D 345 7.92 61.40 -15.65
N PRO D 346 7.87 62.46 -16.52
CA PRO D 346 6.59 63.15 -16.74
C PRO D 346 5.63 62.23 -17.50
N ILE D 347 4.33 62.28 -17.15
CA ILE D 347 3.33 61.42 -17.77
C ILE D 347 2.24 62.29 -18.39
N PHE D 348 1.90 61.99 -19.64
CA PHE D 348 0.86 62.71 -20.36
C PHE D 348 -0.24 61.74 -20.75
N HIS D 349 -1.43 61.94 -20.21
CA HIS D 349 -2.61 61.14 -20.52
C HIS D 349 -3.33 61.89 -21.63
N VAL D 350 -3.47 61.29 -22.80
CA VAL D 350 -4.05 62.02 -23.92
C VAL D 350 -5.20 61.24 -24.58
N ASN D 351 -6.25 61.99 -24.97
CA ASN D 351 -7.44 61.50 -25.64
C ASN D 351 -7.09 61.07 -27.05
N GLY D 352 -7.23 59.77 -27.33
CA GLY D 352 -6.97 59.17 -28.64
C GLY D 352 -7.85 59.68 -29.76
N ASP D 353 -8.99 60.34 -29.43
CA ASP D 353 -9.87 60.89 -30.46
C ASP D 353 -9.42 62.29 -30.89
N ASP D 354 -8.44 62.89 -30.18
CA ASP D 354 -7.88 64.19 -30.55
C ASP D 354 -6.44 63.97 -31.07
N PRO D 355 -6.26 63.79 -32.39
CA PRO D 355 -4.91 63.54 -32.91
C PRO D 355 -3.99 64.78 -32.90
N GLU D 356 -4.55 66.01 -32.74
CA GLU D 356 -3.79 67.26 -32.64
C GLU D 356 -3.04 67.28 -31.30
N ALA D 357 -3.80 67.03 -30.19
CA ALA D 357 -3.27 66.95 -28.84
C ALA D 357 -2.25 65.82 -28.74
N CYS D 358 -2.51 64.68 -29.42
CA CYS D 358 -1.61 63.51 -29.43
C CYS D 358 -0.31 63.83 -30.13
N ALA D 359 -0.38 64.55 -31.27
CA ALA D 359 0.80 64.96 -32.04
C ALA D 359 1.62 65.99 -31.25
N TRP D 360 0.94 66.96 -30.60
CA TRP D 360 1.56 68.02 -29.82
C TRP D 360 2.34 67.44 -28.61
N VAL D 361 1.70 66.50 -27.88
CA VAL D 361 2.26 65.80 -26.70
C VAL D 361 3.52 64.97 -27.12
N ALA D 362 3.45 64.31 -28.29
CA ALA D 362 4.56 63.51 -28.84
C ALA D 362 5.80 64.39 -29.07
N ARG D 363 5.60 65.61 -29.64
CA ARG D 363 6.67 66.57 -29.92
C ARG D 363 7.25 67.15 -28.63
N LEU D 364 6.37 67.43 -27.64
CA LEU D 364 6.76 67.92 -26.32
C LEU D 364 7.59 66.84 -25.59
N ALA D 365 7.23 65.55 -25.77
CA ALA D 365 7.91 64.41 -25.15
C ALA D 365 9.34 64.28 -25.67
N VAL D 366 9.54 64.45 -26.99
CA VAL D 366 10.87 64.40 -27.62
C VAL D 366 11.75 65.56 -27.09
N ASP D 367 11.17 66.77 -26.99
CA ASP D 367 11.85 67.97 -26.50
C ASP D 367 12.30 67.81 -25.04
N PHE D 368 11.45 67.20 -24.19
CA PHE D 368 11.76 66.95 -22.78
C PHE D 368 12.92 65.96 -22.65
N ARG D 369 12.87 64.89 -23.45
CA ARG D 369 13.90 63.85 -23.47
C ARG D 369 15.23 64.46 -23.92
N GLN D 370 15.20 65.35 -24.93
CA GLN D 370 16.41 66.03 -25.41
C GLN D 370 16.97 66.99 -24.35
N ALA D 371 16.10 67.68 -23.61
CA ALA D 371 16.51 68.63 -22.58
C ALA D 371 17.02 67.96 -21.31
N PHE D 372 16.40 66.83 -20.89
CA PHE D 372 16.78 66.26 -19.61
C PHE D 372 17.35 64.85 -19.64
N LYS D 373 17.38 64.19 -20.83
CA LYS D 373 17.95 62.83 -21.02
C LYS D 373 17.28 61.79 -20.07
N LYS D 374 15.97 61.92 -19.93
CA LYS D 374 15.12 61.17 -19.05
C LYS D 374 13.85 60.68 -19.81
N ASP D 375 13.26 59.56 -19.34
CA ASP D 375 12.06 58.94 -19.91
C ASP D 375 10.84 59.86 -19.85
N VAL D 376 9.98 59.76 -20.87
CA VAL D 376 8.68 60.44 -21.01
C VAL D 376 7.65 59.36 -21.33
N VAL D 377 6.51 59.41 -20.66
CA VAL D 377 5.46 58.42 -20.88
C VAL D 377 4.20 59.10 -21.44
N ILE D 378 3.71 58.58 -22.58
CA ILE D 378 2.48 59.03 -23.21
C ILE D 378 1.46 57.89 -23.05
N ASP D 379 0.38 58.18 -22.33
CA ASP D 379 -0.72 57.27 -22.09
C ASP D 379 -1.86 57.67 -23.04
N MET D 380 -1.94 57.00 -24.21
CA MET D 380 -2.97 57.30 -25.21
C MET D 380 -4.25 56.50 -24.95
N LEU D 381 -5.27 57.20 -24.45
CA LEU D 381 -6.56 56.58 -24.14
C LEU D 381 -7.37 56.45 -25.40
N CYS D 382 -7.74 55.22 -25.68
CA CYS D 382 -8.42 54.84 -26.89
C CYS D 382 -9.35 53.67 -26.57
N TYR D 383 -9.69 52.87 -27.58
CA TYR D 383 -10.55 51.71 -27.41
C TYR D 383 -10.18 50.64 -28.41
N ARG D 384 -10.64 49.40 -28.14
CA ARG D 384 -10.43 48.25 -28.99
C ARG D 384 -11.77 47.99 -29.63
N ARG D 385 -11.93 48.42 -30.88
CA ARG D 385 -13.18 48.33 -31.65
C ARG D 385 -13.67 46.88 -31.75
N ARG D 386 -12.78 45.97 -32.17
CA ARG D 386 -13.13 44.56 -32.36
C ARG D 386 -12.88 43.77 -31.08
N GLY D 387 -13.34 42.51 -31.11
CA GLY D 387 -13.13 41.52 -30.07
C GLY D 387 -11.67 41.19 -30.11
N HIS D 388 -11.16 40.55 -29.05
CA HIS D 388 -9.71 40.29 -28.93
C HIS D 388 -9.20 39.41 -30.08
N ASN D 389 -10.02 38.50 -30.54
CA ASN D 389 -9.67 37.60 -31.63
C ASN D 389 -10.95 37.18 -32.29
N GLU D 390 -10.84 36.35 -33.35
CA GLU D 390 -12.01 35.83 -34.06
C GLU D 390 -12.86 34.97 -33.11
N GLY D 391 -14.17 35.08 -33.26
CA GLY D 391 -15.10 34.35 -32.40
C GLY D 391 -15.51 35.11 -31.16
N ASP D 392 -14.57 35.91 -30.58
CA ASP D 392 -14.83 36.72 -29.39
C ASP D 392 -15.86 37.83 -29.65
N ASP D 393 -17.00 37.77 -28.93
CA ASP D 393 -18.04 38.79 -28.88
C ASP D 393 -17.75 39.52 -27.56
N PRO D 394 -17.09 40.70 -27.63
CA PRO D 394 -16.62 41.36 -26.39
C PRO D 394 -17.73 41.84 -25.46
N SER D 395 -18.98 41.89 -25.93
CA SER D 395 -20.10 42.30 -25.08
C SER D 395 -20.49 41.17 -24.07
N MET D 396 -19.89 39.95 -24.19
CA MET D 396 -20.16 38.84 -23.25
C MET D 396 -19.58 39.15 -21.85
N THR D 397 -18.37 39.73 -21.82
CA THR D 397 -17.60 40.06 -20.61
C THR D 397 -17.58 41.57 -20.36
N GLN D 398 -17.75 42.41 -21.43
CA GLN D 398 -17.76 43.86 -21.27
C GLN D 398 -18.97 44.48 -22.00
N PRO D 399 -20.21 44.16 -21.58
CA PRO D 399 -21.39 44.69 -22.30
C PRO D 399 -21.46 46.23 -22.38
N TYR D 400 -21.15 46.92 -21.27
CA TYR D 400 -21.24 48.38 -21.17
C TYR D 400 -20.26 49.07 -22.09
N MET D 401 -18.95 48.71 -21.98
CA MET D 401 -17.88 49.25 -22.82
C MET D 401 -18.23 49.11 -24.31
N TYR D 402 -18.66 47.90 -24.74
CA TYR D 402 -18.94 47.61 -26.13
C TYR D 402 -20.29 48.17 -26.60
N ASP D 403 -21.22 48.56 -25.71
CA ASP D 403 -22.43 49.23 -26.19
C ASP D 403 -22.06 50.68 -26.56
N VAL D 404 -21.14 51.29 -25.79
CA VAL D 404 -20.63 52.65 -26.02
C VAL D 404 -19.76 52.62 -27.32
N ILE D 405 -18.90 51.58 -27.47
CA ILE D 405 -17.99 51.43 -28.63
C ILE D 405 -18.79 51.32 -29.92
N ASP D 406 -19.91 50.59 -29.93
CA ASP D 406 -20.78 50.42 -31.09
C ASP D 406 -21.35 51.75 -31.61
N THR D 407 -21.44 52.79 -30.75
CA THR D 407 -21.99 54.11 -31.13
C THR D 407 -20.86 55.05 -31.61
N LYS D 408 -19.62 54.59 -31.52
CA LYS D 408 -18.45 55.39 -31.88
C LYS D 408 -18.05 55.26 -33.35
N ARG D 409 -17.86 56.42 -34.00
CA ARG D 409 -17.32 56.51 -35.35
C ARG D 409 -15.81 56.54 -35.17
N GLY D 410 -15.05 56.19 -36.20
CA GLY D 410 -13.58 56.19 -36.11
C GLY D 410 -12.94 57.54 -35.80
N SER D 411 -11.69 57.51 -35.31
CA SER D 411 -10.90 58.70 -34.97
C SER D 411 -10.75 59.63 -36.19
N ARG D 412 -10.64 59.02 -37.40
CA ARG D 412 -10.51 59.68 -38.71
C ARG D 412 -11.75 60.50 -39.00
N LYS D 413 -12.95 59.85 -39.01
CA LYS D 413 -14.24 60.50 -39.24
C LYS D 413 -14.48 61.57 -38.17
N ALA D 414 -14.09 61.28 -36.92
CA ALA D 414 -14.21 62.20 -35.78
C ALA D 414 -13.39 63.46 -35.99
N TYR D 415 -12.14 63.31 -36.50
CA TYR D 415 -11.25 64.43 -36.78
C TYR D 415 -11.71 65.20 -38.02
N THR D 416 -12.20 64.50 -39.07
CA THR D 416 -12.71 65.14 -40.30
C THR D 416 -13.91 66.03 -39.93
N GLU D 417 -14.85 65.50 -39.11
CA GLU D 417 -16.05 66.21 -38.64
C GLU D 417 -15.71 67.41 -37.74
N ALA D 418 -14.82 67.21 -36.76
CA ALA D 418 -14.34 68.23 -35.81
C ALA D 418 -13.64 69.41 -36.50
N LEU D 419 -13.03 69.14 -37.69
CA LEU D 419 -12.35 70.16 -38.49
C LEU D 419 -13.39 71.00 -39.22
N ILE D 420 -14.55 70.39 -39.58
CA ILE D 420 -15.66 71.07 -40.25
C ILE D 420 -16.30 72.02 -39.23
N GLY D 421 -16.59 71.50 -38.04
CA GLY D 421 -17.16 72.26 -36.93
C GLY D 421 -16.31 73.44 -36.52
N ARG D 422 -14.97 73.28 -36.53
CA ARG D 422 -14.01 74.34 -36.22
C ARG D 422 -13.83 75.33 -37.38
N GLY D 423 -14.35 74.99 -38.56
CA GLY D 423 -14.23 75.79 -39.77
C GLY D 423 -12.82 75.80 -40.35
N ASP D 424 -11.99 74.80 -39.95
CA ASP D 424 -10.60 74.66 -40.40
C ASP D 424 -10.52 74.09 -41.82
N ILE D 425 -11.54 73.31 -42.24
CA ILE D 425 -11.67 72.74 -43.59
C ILE D 425 -13.11 72.92 -44.12
N SER D 426 -13.27 73.07 -45.44
CA SER D 426 -14.58 73.22 -46.09
C SER D 426 -15.21 71.83 -46.36
N MET D 427 -16.50 71.78 -46.77
CA MET D 427 -17.22 70.54 -47.08
C MET D 427 -16.56 69.80 -48.25
N LYS D 428 -16.04 70.55 -49.25
CA LYS D 428 -15.32 70.00 -50.41
C LYS D 428 -14.02 69.32 -49.95
N GLU D 429 -13.26 69.97 -49.04
CA GLU D 429 -12.01 69.49 -48.47
C GLU D 429 -12.23 68.21 -47.66
N ALA D 430 -13.39 68.11 -46.96
CA ALA D 430 -13.83 66.94 -46.18
C ALA D 430 -14.13 65.78 -47.11
N GLU D 431 -14.73 66.08 -48.30
CA GLU D 431 -15.03 65.11 -49.36
C GLU D 431 -13.75 64.64 -50.03
N ASP D 432 -12.71 65.52 -50.12
CA ASP D 432 -11.40 65.14 -50.71
C ASP D 432 -10.62 64.23 -49.72
N ALA D 433 -10.79 64.46 -48.40
CA ALA D 433 -10.20 63.66 -47.33
C ALA D 433 -10.77 62.24 -47.40
N LEU D 434 -12.06 62.12 -47.74
CA LEU D 434 -12.74 60.84 -47.92
C LEU D 434 -12.25 60.15 -49.21
N ARG D 435 -11.89 60.95 -50.24
CA ARG D 435 -11.38 60.42 -51.51
C ARG D 435 -9.91 59.97 -51.34
N ASP D 436 -9.14 60.68 -50.49
CA ASP D 436 -7.77 60.31 -50.14
C ASP D 436 -7.80 59.01 -49.36
N TYR D 437 -8.88 58.81 -48.56
CA TYR D 437 -9.07 57.58 -47.78
C TYR D 437 -9.34 56.39 -48.72
N GLN D 438 -10.19 56.62 -49.74
CA GLN D 438 -10.57 55.64 -50.75
C GLN D 438 -9.39 55.30 -51.66
N GLY D 439 -8.63 56.31 -52.08
CA GLY D 439 -7.44 56.12 -52.91
C GLY D 439 -6.38 55.31 -52.20
N GLN D 440 -6.22 55.54 -50.86
CA GLN D 440 -5.27 54.81 -50.03
C GLN D 440 -5.75 53.38 -49.88
N LEU D 441 -7.07 53.20 -49.72
CA LEU D 441 -7.73 51.89 -49.60
C LEU D 441 -7.56 51.07 -50.90
N GLU D 442 -7.69 51.72 -52.05
CA GLU D 442 -7.53 51.13 -53.38
C GLU D 442 -6.08 50.75 -53.64
N ARG D 443 -5.13 51.65 -53.35
CA ARG D 443 -3.70 51.44 -53.56
C ARG D 443 -3.20 50.15 -52.86
N VAL D 444 -3.58 49.96 -51.59
CA VAL D 444 -3.11 48.79 -50.85
C VAL D 444 -3.77 47.49 -51.43
N PHE D 445 -5.05 47.57 -51.86
CA PHE D 445 -5.73 46.43 -52.45
C PHE D 445 -5.10 46.06 -53.80
N ASN D 446 -4.73 47.07 -54.60
CA ASN D 446 -4.10 46.93 -55.92
C ASN D 446 -2.65 46.47 -55.83
N GLU D 447 -1.82 47.10 -54.97
CA GLU D 447 -0.39 46.78 -54.82
C GLU D 447 -0.18 45.34 -54.39
N VAL D 448 -1.00 44.85 -53.44
CA VAL D 448 -0.94 43.47 -52.92
C VAL D 448 -1.43 42.51 -54.01
N ARG D 449 -2.46 42.90 -54.79
CA ARG D 449 -3.00 42.09 -55.88
C ARG D 449 -1.92 41.83 -56.95
N GLU D 450 -1.16 42.89 -57.32
CA GLU D 450 -0.05 42.83 -58.28
C GLU D 450 1.08 41.95 -57.73
N LEU D 451 1.30 41.98 -56.40
CA LEU D 451 2.30 41.17 -55.70
C LEU D 451 1.96 39.67 -55.87
N GLU D 452 0.69 39.28 -55.61
CA GLU D 452 0.15 37.91 -55.71
C GLU D 452 0.27 37.35 -57.15
N LYS D 453 0.14 38.22 -58.17
CA LYS D 453 0.27 37.85 -59.59
C LYS D 453 1.71 37.42 -59.94
N HIS D 454 2.70 38.13 -59.35
CA HIS D 454 4.13 37.88 -59.54
C HIS D 454 4.69 36.79 -58.59
N GLU D 455 3.91 36.33 -57.59
CA GLU D 455 4.41 35.29 -56.68
C GLU D 455 3.59 33.99 -56.80
N LEU D 472 41.11 30.29 -37.59
CA LEU D 472 41.90 31.33 -36.93
C LEU D 472 42.50 30.83 -35.60
N ALA D 473 43.74 31.27 -35.32
CA ALA D 473 44.49 30.89 -34.13
C ALA D 473 44.15 31.82 -32.96
N THR D 474 43.99 31.25 -31.74
CA THR D 474 43.65 32.03 -30.54
C THR D 474 44.87 32.27 -29.64
N ALA D 475 46.01 31.64 -29.97
CA ALA D 475 47.25 31.78 -29.21
C ALA D 475 47.79 33.19 -29.36
N VAL D 476 48.38 33.75 -28.27
CA VAL D 476 48.97 35.10 -28.28
C VAL D 476 50.48 34.97 -28.01
N ASP D 477 51.25 36.05 -28.22
CA ASP D 477 52.67 36.03 -27.96
C ASP D 477 52.91 36.31 -26.46
N LYS D 478 54.05 35.84 -25.91
CA LYS D 478 54.43 36.06 -24.51
C LYS D 478 54.41 37.57 -24.18
N ALA D 479 54.78 38.45 -25.14
CA ALA D 479 54.78 39.92 -25.02
C ALA D 479 53.37 40.48 -24.78
N MET D 480 52.34 39.84 -25.37
CA MET D 480 50.95 40.22 -25.14
C MET D 480 50.59 39.92 -23.69
N LEU D 481 50.97 38.72 -23.19
CA LEU D 481 50.69 38.33 -21.81
C LEU D 481 51.35 39.31 -20.85
N GLN D 482 52.63 39.66 -21.11
CA GLN D 482 53.45 40.55 -20.29
C GLN D 482 52.88 41.96 -20.22
N ARG D 483 52.34 42.46 -21.36
CA ARG D 483 51.72 43.78 -21.47
C ARG D 483 50.48 43.90 -20.57
N ILE D 484 49.65 42.83 -20.52
CA ILE D 484 48.42 42.79 -19.71
C ILE D 484 48.84 42.72 -18.23
N GLY D 485 49.89 41.96 -17.92
CA GLY D 485 50.48 41.85 -16.59
C GLY D 485 51.01 43.17 -16.08
N ASP D 486 51.82 43.85 -16.92
CA ASP D 486 52.41 45.17 -16.62
C ASP D 486 51.35 46.27 -16.45
N ALA D 487 50.23 46.20 -17.19
CA ALA D 487 49.11 47.14 -17.11
C ALA D 487 48.51 47.21 -15.69
N HIS D 488 48.53 46.09 -14.93
CA HIS D 488 48.04 46.01 -13.55
C HIS D 488 48.90 46.83 -12.55
N LEU D 489 50.11 47.24 -12.98
CA LEU D 489 51.02 48.04 -12.17
C LEU D 489 51.21 49.45 -12.77
N ALA D 490 50.72 49.70 -14.01
CA ALA D 490 50.82 51.00 -14.66
C ALA D 490 49.73 51.96 -14.10
N LEU D 491 49.83 52.26 -12.81
CA LEU D 491 48.91 53.10 -12.05
C LEU D 491 49.01 54.58 -12.38
N PRO D 492 47.85 55.31 -12.40
CA PRO D 492 47.92 56.77 -12.67
C PRO D 492 48.69 57.49 -11.58
N GLU D 493 49.29 58.66 -11.91
CA GLU D 493 50.08 59.43 -10.96
C GLU D 493 49.23 59.82 -9.75
N GLY D 494 49.74 59.56 -8.56
CA GLY D 494 49.05 59.87 -7.31
C GLY D 494 48.05 58.84 -6.84
N PHE D 495 47.83 57.75 -7.62
CA PHE D 495 46.86 56.70 -7.26
C PHE D 495 47.28 55.89 -6.03
N THR D 496 46.36 55.70 -5.07
CA THR D 496 46.58 54.90 -3.86
C THR D 496 45.82 53.55 -3.98
N VAL D 497 46.56 52.45 -4.04
CA VAL D 497 46.00 51.10 -4.11
C VAL D 497 45.65 50.62 -2.72
N HIS D 498 44.44 50.11 -2.52
CA HIS D 498 44.08 49.50 -1.24
C HIS D 498 45.12 48.42 -0.95
N PRO D 499 45.71 48.40 0.27
CA PRO D 499 46.77 47.43 0.59
C PRO D 499 46.45 45.96 0.25
N ARG D 500 45.19 45.56 0.24
CA ARG D 500 44.78 44.18 -0.06
C ARG D 500 44.63 43.93 -1.56
N VAL D 501 44.54 44.98 -2.39
CA VAL D 501 44.42 44.85 -3.86
C VAL D 501 45.81 44.82 -4.52
N ARG D 502 46.78 45.55 -3.95
CA ARG D 502 48.17 45.66 -4.41
C ARG D 502 48.82 44.27 -4.66
N PRO D 503 48.75 43.25 -3.76
CA PRO D 503 49.37 41.95 -4.08
C PRO D 503 48.77 41.28 -5.33
N VAL D 504 47.46 41.47 -5.59
CA VAL D 504 46.77 40.91 -6.77
C VAL D 504 47.42 41.47 -8.04
N LEU D 505 47.69 42.77 -8.04
CA LEU D 505 48.35 43.45 -9.15
C LEU D 505 49.77 42.91 -9.38
N GLU D 506 50.58 42.80 -8.31
CA GLU D 506 51.96 42.30 -8.36
C GLU D 506 52.03 40.81 -8.76
N LYS D 507 51.08 40.00 -8.27
CA LYS D 507 50.94 38.56 -8.57
C LYS D 507 50.57 38.35 -10.04
N ARG D 508 49.80 39.27 -10.65
CA ARG D 508 49.39 39.21 -12.07
C ARG D 508 50.56 39.52 -12.99
N ARG D 509 51.47 40.42 -12.57
CA ARG D 509 52.68 40.72 -13.31
C ARG D 509 53.59 39.49 -13.28
N GLU D 510 53.73 38.83 -12.09
CA GLU D 510 54.51 37.60 -11.87
C GLU D 510 53.90 36.45 -12.68
N MET D 511 52.57 36.32 -12.70
CA MET D 511 51.89 35.27 -13.49
C MET D 511 52.18 35.40 -15.01
N ALA D 512 52.13 36.63 -15.55
CA ALA D 512 52.37 36.96 -16.96
C ALA D 512 53.79 36.61 -17.42
N TYR D 513 54.76 36.69 -16.50
CA TYR D 513 56.16 36.44 -16.82
C TYR D 513 56.64 35.06 -16.41
N GLU D 514 56.06 34.48 -15.34
CA GLU D 514 56.58 33.22 -14.81
C GLU D 514 55.60 32.03 -14.82
N GLY D 515 54.37 32.23 -15.29
CA GLY D 515 53.40 31.14 -15.33
C GLY D 515 52.56 30.95 -14.08
N ARG D 516 51.96 29.75 -13.95
CA ARG D 516 51.02 29.35 -12.90
C ARG D 516 49.82 30.34 -12.88
N ILE D 517 49.35 30.69 -14.10
CA ILE D 517 48.27 31.66 -14.32
C ILE D 517 46.94 31.06 -13.83
N ASP D 518 46.25 31.80 -12.93
CA ASP D 518 44.98 31.37 -12.36
C ASP D 518 43.83 31.77 -13.27
N TRP D 519 42.62 31.25 -12.99
CA TRP D 519 41.41 31.47 -13.77
C TRP D 519 41.09 32.97 -13.97
N ALA D 520 41.06 33.74 -12.87
CA ALA D 520 40.69 35.14 -12.89
C ALA D 520 41.59 35.96 -13.80
N PHE D 521 42.91 35.70 -13.79
CA PHE D 521 43.86 36.43 -14.65
C PHE D 521 43.69 35.99 -16.11
N ALA D 522 43.51 34.67 -16.37
CA ALA D 522 43.29 34.09 -17.72
C ALA D 522 42.11 34.76 -18.44
N GLU D 523 41.00 35.02 -17.71
CA GLU D 523 39.84 35.75 -18.21
C GLU D 523 40.27 37.15 -18.69
N LEU D 524 41.03 37.89 -17.85
CA LEU D 524 41.50 39.23 -18.16
C LEU D 524 42.54 39.22 -19.30
N LEU D 525 43.32 38.11 -19.42
CA LEU D 525 44.28 37.94 -20.52
C LEU D 525 43.52 37.79 -21.85
N ALA D 526 42.43 37.01 -21.88
CA ALA D 526 41.61 36.86 -23.10
C ALA D 526 40.95 38.20 -23.46
N LEU D 527 40.29 38.85 -22.48
CA LEU D 527 39.60 40.12 -22.70
C LEU D 527 40.57 41.22 -23.09
N GLY D 528 41.70 41.33 -22.37
CA GLY D 528 42.75 42.31 -22.64
C GLY D 528 43.37 42.19 -24.02
N SER D 529 43.66 40.95 -24.46
CA SER D 529 44.25 40.70 -25.79
C SER D 529 43.25 41.03 -26.90
N LEU D 530 41.94 40.84 -26.67
CA LEU D 530 40.89 41.19 -27.64
C LEU D 530 40.80 42.72 -27.81
N ILE D 531 40.89 43.49 -26.70
CA ILE D 531 40.89 44.97 -26.67
C ILE D 531 42.11 45.48 -27.43
N ALA D 532 43.28 44.80 -27.24
CA ALA D 532 44.55 45.13 -27.90
C ALA D 532 44.44 44.92 -29.42
N GLU D 533 43.62 43.94 -29.84
CA GLU D 533 43.36 43.62 -31.25
C GLU D 533 42.25 44.51 -31.86
N GLY D 534 41.65 45.38 -31.04
CA GLY D 534 40.65 46.34 -31.50
C GLY D 534 39.20 46.03 -31.19
N LYS D 535 38.94 44.99 -30.38
CA LYS D 535 37.56 44.63 -30.05
C LYS D 535 37.00 45.42 -28.87
N LEU D 536 35.71 45.77 -28.97
CA LEU D 536 34.97 46.39 -27.86
C LEU D 536 34.55 45.24 -26.97
N VAL D 537 34.87 45.34 -25.66
CA VAL D 537 34.51 44.33 -24.68
C VAL D 537 33.59 44.97 -23.63
N ARG D 538 32.36 44.45 -23.53
CA ARG D 538 31.40 44.90 -22.53
C ARG D 538 31.17 43.76 -21.55
N LEU D 539 31.52 43.98 -20.28
CA LEU D 539 31.40 43.00 -19.20
C LEU D 539 30.58 43.62 -18.05
N SER D 540 29.54 42.93 -17.58
CA SER D 540 28.70 43.46 -16.51
C SER D 540 28.00 42.33 -15.76
N GLY D 541 27.40 42.68 -14.63
CA GLY D 541 26.72 41.75 -13.76
C GLY D 541 26.84 42.23 -12.33
N GLN D 542 26.23 41.51 -11.40
CA GLN D 542 26.25 41.92 -10.00
C GLN D 542 27.66 41.85 -9.41
N ASP D 543 28.20 43.02 -9.00
CA ASP D 543 29.54 43.20 -8.39
C ASP D 543 30.67 42.67 -9.29
N THR D 544 30.47 42.74 -10.61
CA THR D 544 31.39 42.22 -11.64
C THR D 544 32.74 42.99 -11.68
N GLN D 545 32.76 44.27 -11.28
CA GLN D 545 34.01 45.03 -11.29
C GLN D 545 35.07 44.39 -10.34
N ARG D 546 34.66 44.05 -9.13
CA ARG D 546 35.56 43.42 -8.18
C ARG D 546 35.53 41.92 -8.33
N GLY D 547 34.33 41.38 -8.54
CA GLY D 547 34.07 39.96 -8.62
C GLY D 547 33.43 39.53 -7.31
N THR D 548 32.37 38.70 -7.41
CA THR D 548 31.64 38.12 -6.29
C THR D 548 32.59 37.38 -5.35
N PHE D 549 33.60 36.69 -5.93
CA PHE D 549 34.55 35.89 -5.16
C PHE D 549 35.88 36.63 -4.96
N THR D 550 35.85 38.00 -5.09
CA THR D 550 36.98 38.93 -4.86
C THR D 550 38.17 38.54 -5.74
N GLN D 551 37.88 38.00 -6.92
CA GLN D 551 38.92 37.50 -7.80
C GLN D 551 39.24 38.40 -9.00
N ARG D 552 38.29 39.21 -9.47
CA ARG D 552 38.47 39.93 -10.73
C ARG D 552 39.31 41.20 -10.64
N HIS D 553 38.83 42.24 -9.94
CA HIS D 553 39.52 43.54 -9.82
C HIS D 553 39.77 44.13 -11.22
N ALA D 554 38.71 44.15 -12.07
CA ALA D 554 38.71 44.73 -13.42
C ALA D 554 38.76 46.25 -13.28
N VAL D 555 38.20 46.74 -12.16
CA VAL D 555 38.22 48.13 -11.74
C VAL D 555 38.80 48.18 -10.31
N ILE D 556 39.78 49.04 -10.06
CA ILE D 556 40.32 49.16 -8.71
C ILE D 556 39.99 50.57 -8.21
N VAL D 557 39.77 50.70 -6.90
CA VAL D 557 39.31 51.95 -6.29
C VAL D 557 40.39 52.57 -5.39
N ASP D 558 40.68 53.87 -5.66
CA ASP D 558 41.66 54.67 -4.92
C ASP D 558 41.22 54.76 -3.45
N ARG D 559 42.08 54.27 -2.56
CA ARG D 559 41.88 54.18 -1.11
C ARG D 559 41.55 55.54 -0.47
N LYS D 560 42.08 56.66 -1.04
CA LYS D 560 41.84 58.01 -0.52
C LYS D 560 40.78 58.82 -1.31
N THR D 561 40.67 58.67 -2.64
CA THR D 561 39.73 59.51 -3.39
C THR D 561 38.44 58.77 -3.86
N GLY D 562 38.53 57.45 -4.04
CA GLY D 562 37.42 56.66 -4.54
C GLY D 562 37.40 56.62 -6.05
N GLU D 563 38.42 57.22 -6.66
CA GLU D 563 38.58 57.26 -8.12
C GLU D 563 38.84 55.83 -8.61
N GLU D 564 38.13 55.47 -9.69
CA GLU D 564 38.23 54.15 -10.33
C GLU D 564 39.34 54.13 -11.38
N PHE D 565 40.08 53.02 -11.45
CA PHE D 565 41.14 52.77 -12.44
C PHE D 565 40.88 51.42 -13.06
N THR D 566 40.91 51.34 -14.40
CA THR D 566 40.64 50.12 -15.16
C THR D 566 41.93 49.69 -15.89
N PRO D 567 42.73 48.76 -15.31
CA PRO D 567 43.99 48.34 -15.96
C PRO D 567 43.85 47.89 -17.43
N LEU D 568 42.81 47.10 -17.79
CA LEU D 568 42.67 46.61 -19.17
C LEU D 568 42.42 47.73 -20.20
N GLN D 569 41.95 48.91 -19.77
CA GLN D 569 41.68 50.04 -20.66
C GLN D 569 42.98 50.59 -21.25
N LEU D 570 44.15 50.30 -20.64
CA LEU D 570 45.46 50.73 -21.16
C LEU D 570 45.79 49.99 -22.47
N LEU D 571 45.15 48.84 -22.71
CA LEU D 571 45.38 48.02 -23.89
C LEU D 571 44.60 48.55 -25.11
N ALA D 572 43.73 49.55 -24.92
CA ALA D 572 42.98 50.21 -26.00
C ALA D 572 43.90 51.18 -26.77
N THR D 573 45.14 51.38 -26.28
CA THR D 573 46.18 52.22 -26.86
C THR D 573 47.38 51.34 -27.19
N ASN D 574 47.86 51.42 -28.44
CA ASN D 574 49.04 50.70 -28.92
C ASN D 574 50.34 51.22 -28.24
N PRO D 575 51.46 50.44 -28.21
CA PRO D 575 52.71 50.94 -27.61
C PRO D 575 53.22 52.27 -28.21
N ASP D 576 52.92 52.54 -29.51
CA ASP D 576 53.30 53.80 -30.16
C ASP D 576 52.52 54.97 -29.55
N GLY D 577 51.23 54.75 -29.29
CA GLY D 577 50.33 55.75 -28.70
C GLY D 577 49.01 55.90 -29.43
N THR D 578 48.84 55.21 -30.58
CA THR D 578 47.61 55.28 -31.37
C THR D 578 46.53 54.37 -30.77
N PRO D 579 45.22 54.68 -30.93
CA PRO D 579 44.20 53.76 -30.41
C PRO D 579 44.14 52.45 -31.21
N THR D 580 43.78 51.36 -30.55
CA THR D 580 43.64 50.05 -31.20
C THR D 580 42.26 49.95 -31.85
N GLY D 581 41.33 50.77 -31.36
CA GLY D 581 39.94 50.76 -31.77
C GLY D 581 39.09 50.04 -30.75
N GLY D 582 39.75 49.31 -29.84
CA GLY D 582 39.13 48.55 -28.77
C GLY D 582 38.79 49.38 -27.56
N LYS D 583 38.02 48.81 -26.64
CA LYS D 583 37.56 49.48 -25.43
C LYS D 583 37.11 48.45 -24.39
N PHE D 584 37.26 48.78 -23.10
CA PHE D 584 36.80 47.93 -22.02
C PHE D 584 35.70 48.66 -21.25
N LEU D 585 34.48 48.14 -21.34
CA LEU D 585 33.30 48.67 -20.67
C LEU D 585 32.89 47.69 -19.62
N VAL D 586 33.20 47.99 -18.35
CA VAL D 586 32.88 47.07 -17.26
C VAL D 586 32.02 47.81 -16.20
N TYR D 587 30.89 47.19 -15.86
CA TYR D 587 29.95 47.78 -14.93
C TYR D 587 29.45 46.81 -13.89
N ASN D 588 29.05 47.35 -12.75
CA ASN D 588 28.28 46.68 -11.73
C ASN D 588 26.85 46.89 -12.15
N SER D 589 26.06 45.82 -12.23
CA SER D 589 24.67 45.90 -12.65
C SER D 589 23.76 46.21 -11.46
N ALA D 590 22.49 46.53 -11.77
CA ALA D 590 21.45 46.70 -10.77
C ALA D 590 21.13 45.28 -10.27
N LEU D 591 20.37 45.15 -9.17
CA LEU D 591 20.03 43.81 -8.69
C LEU D 591 18.85 43.26 -9.52
N SER D 592 19.12 43.00 -10.82
CA SER D 592 18.17 42.48 -11.81
C SER D 592 18.81 41.40 -12.62
N GLU D 593 18.01 40.42 -13.03
CA GLU D 593 18.47 39.35 -13.89
C GLU D 593 17.77 39.50 -15.22
N PHE D 594 16.44 39.58 -15.21
CA PHE D 594 15.59 39.69 -16.41
C PHE D 594 16.00 40.90 -17.27
N ALA D 595 16.04 42.12 -16.68
CA ALA D 595 16.43 43.32 -17.43
C ALA D 595 17.91 43.34 -17.81
N ALA D 596 18.82 42.94 -16.89
CA ALA D 596 20.27 42.94 -17.17
C ALA D 596 20.63 41.95 -18.31
N VAL D 597 20.09 40.70 -18.28
CA VAL D 597 20.32 39.67 -19.33
C VAL D 597 19.69 40.17 -20.64
N GLY D 598 18.48 40.71 -20.54
CA GLY D 598 17.77 41.29 -21.68
C GLY D 598 18.59 42.37 -22.35
N PHE D 599 19.18 43.27 -21.54
CA PHE D 599 20.01 44.38 -21.97
C PHE D 599 21.26 43.89 -22.72
N GLU D 600 22.00 42.95 -22.12
CA GLU D 600 23.23 42.37 -22.68
C GLU D 600 22.95 41.63 -23.97
N TYR D 601 21.85 40.86 -24.04
CA TYR D 601 21.44 40.22 -25.29
C TYR D 601 21.22 41.30 -26.35
N GLY D 602 20.44 42.33 -26.01
CA GLY D 602 20.13 43.46 -26.89
C GLY D 602 21.36 44.19 -27.36
N TYR D 603 22.34 44.39 -26.44
CA TYR D 603 23.62 45.05 -26.73
C TYR D 603 24.41 44.25 -27.81
N SER D 604 24.46 42.90 -27.71
CA SER D 604 25.15 42.07 -28.71
C SER D 604 24.45 42.15 -30.10
N VAL D 605 23.12 42.35 -30.13
CA VAL D 605 22.35 42.52 -31.37
C VAL D 605 22.69 43.90 -31.98
N GLY D 606 22.73 44.94 -31.14
CA GLY D 606 23.05 46.31 -31.56
C GLY D 606 24.45 46.49 -32.11
N ASN D 607 25.44 45.73 -31.56
CA ASN D 607 26.82 45.74 -32.02
C ASN D 607 27.32 44.31 -32.12
N PRO D 608 27.20 43.70 -33.32
CA PRO D 608 27.62 42.29 -33.49
C PRO D 608 29.13 42.08 -33.37
N ASP D 609 29.93 43.18 -33.45
CA ASP D 609 31.40 43.13 -33.38
C ASP D 609 31.90 43.26 -31.94
N ALA D 610 30.99 43.52 -31.00
CA ALA D 610 31.35 43.63 -29.59
C ALA D 610 31.38 42.28 -28.91
N MET D 611 32.26 42.13 -27.91
CA MET D 611 32.37 40.96 -27.02
C MET D 611 31.54 41.36 -25.82
N VAL D 612 30.36 40.75 -25.65
CA VAL D 612 29.38 41.11 -24.60
C VAL D 612 29.24 39.94 -23.62
N LEU D 613 29.59 40.19 -22.35
CA LEU D 613 29.51 39.17 -21.32
C LEU D 613 28.64 39.65 -20.15
N TRP D 614 27.69 38.79 -19.75
CA TRP D 614 26.87 39.04 -18.57
C TRP D 614 27.23 37.98 -17.56
N GLU D 615 27.51 38.39 -16.33
CA GLU D 615 27.88 37.45 -15.29
C GLU D 615 26.84 37.38 -14.17
N ALA D 616 26.33 36.16 -13.92
CA ALA D 616 25.41 35.91 -12.82
C ALA D 616 26.21 35.93 -11.51
N GLN D 617 25.59 36.39 -10.40
CA GLN D 617 26.26 36.41 -9.10
C GLN D 617 26.69 34.97 -8.78
N PHE D 618 25.72 34.05 -8.97
CA PHE D 618 25.77 32.60 -8.90
C PHE D 618 24.87 32.16 -10.02
N GLY D 619 25.20 31.07 -10.72
CA GLY D 619 24.36 30.62 -11.82
C GLY D 619 22.90 30.39 -11.45
N ASP D 620 22.65 30.05 -10.16
CA ASP D 620 21.34 29.76 -9.58
C ASP D 620 20.28 30.88 -9.75
N PHE D 621 20.71 32.14 -9.96
CA PHE D 621 19.81 33.28 -10.06
C PHE D 621 19.46 33.64 -11.49
N VAL D 622 20.06 32.91 -12.48
CA VAL D 622 19.78 33.18 -13.90
C VAL D 622 18.32 32.77 -14.26
N ASN D 623 17.65 31.90 -13.44
CA ASN D 623 16.25 31.53 -13.68
C ASN D 623 15.32 32.75 -13.59
N GLY D 624 15.79 33.85 -12.98
CA GLY D 624 15.07 35.13 -12.91
C GLY D 624 14.98 35.77 -14.29
N ALA D 625 15.86 35.34 -15.22
CA ALA D 625 15.91 35.83 -16.59
C ALA D 625 15.48 34.74 -17.59
N GLN D 626 14.72 33.72 -17.13
CA GLN D 626 14.29 32.59 -17.96
C GLN D 626 13.59 33.00 -19.25
N SER D 627 12.69 34.02 -19.21
CA SER D 627 12.02 34.50 -20.41
C SER D 627 13.04 34.96 -21.48
N ILE D 628 14.14 35.61 -21.08
CA ILE D 628 15.15 36.10 -22.03
C ILE D 628 15.88 34.92 -22.63
N ILE D 629 16.30 33.96 -21.79
CA ILE D 629 16.98 32.73 -22.20
C ILE D 629 16.11 31.95 -23.21
N ASP D 630 14.84 31.68 -22.83
CA ASP D 630 13.90 30.92 -23.67
C ASP D 630 13.48 31.66 -24.95
N GLU D 631 13.14 32.95 -24.84
CA GLU D 631 12.55 33.70 -25.94
C GLU D 631 13.54 34.43 -26.83
N PHE D 632 14.76 34.74 -26.34
CA PHE D 632 15.67 35.49 -27.18
C PHE D 632 16.97 34.76 -27.44
N ILE D 633 17.72 34.44 -26.39
CA ILE D 633 19.07 33.87 -26.48
C ILE D 633 19.08 32.51 -27.21
N SER D 634 18.33 31.53 -26.69
CA SER D 634 18.34 30.18 -27.22
C SER D 634 17.65 30.02 -28.57
N SER D 635 16.72 30.91 -28.92
CA SER D 635 15.85 30.70 -30.07
C SER D 635 15.65 31.85 -31.06
N GLY D 636 16.21 33.04 -30.80
CA GLY D 636 16.03 34.18 -31.69
C GLY D 636 16.50 33.97 -33.12
N GLU D 637 17.60 33.23 -33.30
CA GLU D 637 18.19 32.95 -34.61
C GLU D 637 17.25 32.11 -35.48
N ALA D 638 16.77 30.95 -34.96
CA ALA D 638 15.86 30.10 -35.70
C ALA D 638 14.50 30.76 -35.94
N LYS D 639 14.03 31.58 -34.99
CA LYS D 639 12.71 32.18 -35.15
C LYS D 639 12.70 33.44 -36.01
N TRP D 640 13.72 34.30 -35.89
CA TRP D 640 13.69 35.60 -36.58
C TRP D 640 14.89 35.90 -37.47
N GLY D 641 15.88 35.02 -37.47
CA GLY D 641 17.11 35.29 -38.22
C GLY D 641 17.98 36.30 -37.49
N GLN D 642 17.58 36.64 -36.23
CA GLN D 642 18.27 37.58 -35.36
C GLN D 642 19.42 36.87 -34.66
N LEU D 643 20.64 37.41 -34.78
CA LEU D 643 21.82 36.79 -34.23
C LEU D 643 22.39 37.54 -33.01
N SER D 644 22.88 36.76 -32.06
CA SER D 644 23.50 37.27 -30.85
C SER D 644 24.72 36.47 -30.52
N ASP D 645 25.78 37.14 -30.15
CA ASP D 645 27.02 36.51 -29.77
C ASP D 645 27.19 36.64 -28.26
N VAL D 646 26.11 36.95 -27.51
CA VAL D 646 26.12 37.20 -26.05
C VAL D 646 26.72 36.01 -25.29
N VAL D 647 27.52 36.32 -24.25
CA VAL D 647 28.13 35.34 -23.34
C VAL D 647 27.46 35.43 -21.97
N LEU D 648 27.04 34.27 -21.42
CA LEU D 648 26.51 34.19 -20.06
C LEU D 648 27.52 33.42 -19.22
N LEU D 649 28.03 34.05 -18.15
CA LEU D 649 28.98 33.43 -17.21
C LEU D 649 28.19 33.05 -15.97
N LEU D 650 28.09 31.75 -15.71
CA LEU D 650 27.28 31.25 -14.61
C LEU D 650 28.12 30.48 -13.55
N PRO D 651 28.48 31.14 -12.41
CA PRO D 651 29.24 30.42 -11.36
C PRO D 651 28.44 29.20 -10.90
N HIS D 652 29.10 28.03 -11.05
CA HIS D 652 28.49 26.72 -10.85
C HIS D 652 29.44 25.79 -10.11
N GLY D 653 28.90 24.90 -9.27
CA GLY D 653 29.68 23.93 -8.51
C GLY D 653 29.13 23.56 -7.15
N HIS D 654 29.13 22.25 -6.83
CA HIS D 654 28.68 21.72 -5.53
C HIS D 654 29.78 21.93 -4.48
N GLU D 655 29.53 22.82 -3.52
CA GLU D 655 30.52 23.17 -2.47
C GLU D 655 29.90 23.24 -1.06
N GLY D 656 28.65 22.84 -0.93
CA GLY D 656 27.96 22.85 0.36
C GLY D 656 27.31 24.17 0.74
N GLN D 657 27.09 25.06 -0.23
CA GLN D 657 26.49 26.36 0.06
C GLN D 657 24.97 26.43 -0.20
N GLY D 658 24.34 25.28 -0.40
CA GLY D 658 22.90 25.19 -0.56
C GLY D 658 22.35 25.17 -1.99
N PRO D 659 21.02 24.94 -2.13
CA PRO D 659 20.41 24.80 -3.47
C PRO D 659 20.32 26.08 -4.31
N ASP D 660 20.68 27.25 -3.73
CA ASP D 660 20.66 28.52 -4.45
C ASP D 660 22.06 29.11 -4.64
N HIS D 661 23.10 28.35 -4.29
CA HIS D 661 24.51 28.73 -4.45
C HIS D 661 25.30 27.50 -4.92
N THR D 662 24.71 26.71 -5.81
CA THR D 662 25.31 25.49 -6.31
C THR D 662 25.19 25.30 -7.82
N SER D 663 24.02 25.56 -8.44
CA SER D 663 23.81 25.19 -9.83
C SER D 663 23.29 26.30 -10.74
N GLY D 664 23.86 26.35 -11.94
CA GLY D 664 23.43 27.23 -13.01
C GLY D 664 22.50 26.48 -13.95
N ARG D 665 22.06 25.27 -13.52
CA ARG D 665 21.16 24.32 -14.19
C ARG D 665 21.64 23.98 -15.61
N ILE D 666 22.76 23.25 -15.70
CA ILE D 666 23.37 22.77 -16.98
C ILE D 666 22.31 22.06 -17.85
N GLU D 667 21.54 21.13 -17.21
CA GLU D 667 20.50 20.28 -17.78
C GLU D 667 19.46 21.09 -18.55
N ARG D 668 19.09 22.29 -18.08
CA ARG D 668 18.12 23.16 -18.73
C ARG D 668 18.70 23.81 -19.98
N PHE D 669 19.96 24.24 -19.93
CA PHE D 669 20.60 24.84 -21.10
C PHE D 669 20.82 23.77 -22.15
N LEU D 670 21.20 22.54 -21.72
CA LEU D 670 21.41 21.41 -22.63
C LEU D 670 20.11 20.96 -23.28
N GLN D 671 18.98 21.07 -22.54
CA GLN D 671 17.64 20.74 -23.02
C GLN D 671 17.18 21.77 -24.05
N LEU D 672 17.56 23.05 -23.87
CA LEU D 672 17.19 24.13 -24.81
C LEU D 672 17.96 24.08 -26.11
N TRP D 673 19.20 23.53 -26.04
CA TRP D 673 20.11 23.44 -27.18
C TRP D 673 19.54 22.59 -28.32
N ALA D 674 19.81 23.04 -29.53
CA ALA D 674 19.56 22.40 -30.82
C ALA D 674 20.69 22.83 -31.74
N GLU D 675 21.14 21.93 -32.64
CA GLU D 675 22.27 22.12 -33.54
C GLU D 675 22.42 23.57 -34.01
N GLY D 676 23.55 24.16 -33.62
CA GLY D 676 23.98 25.51 -33.97
C GLY D 676 23.22 26.66 -33.34
N SER D 677 22.60 26.44 -32.17
CA SER D 677 21.89 27.55 -31.57
C SER D 677 22.75 28.21 -30.50
N MET D 678 23.54 27.43 -29.75
CA MET D 678 24.41 27.92 -28.67
C MET D 678 25.63 27.05 -28.49
N THR D 679 26.65 27.59 -27.81
CA THR D 679 27.81 26.83 -27.40
C THR D 679 27.70 26.76 -25.87
N ILE D 680 27.85 25.55 -25.28
CA ILE D 680 27.75 25.35 -23.84
C ILE D 680 29.04 24.70 -23.36
N ALA D 681 29.74 25.37 -22.43
CA ALA D 681 31.02 24.87 -21.95
C ALA D 681 31.17 24.95 -20.43
N MET D 682 32.01 24.04 -19.89
CA MET D 682 32.37 24.00 -18.46
C MET D 682 33.88 23.76 -18.41
N PRO D 683 34.72 24.80 -18.67
CA PRO D 683 36.18 24.57 -18.68
C PRO D 683 36.71 24.22 -17.29
N SER D 684 37.81 23.45 -17.26
CA SER D 684 38.45 23.01 -16.03
C SER D 684 39.79 23.69 -15.81
N THR D 685 40.35 24.32 -16.84
CA THR D 685 41.65 24.98 -16.70
C THR D 685 41.57 26.47 -17.12
N PRO D 686 42.39 27.38 -16.52
CA PRO D 686 42.39 28.78 -16.95
C PRO D 686 42.71 28.99 -18.43
N ALA D 687 43.72 28.26 -18.98
CA ALA D 687 44.11 28.41 -20.40
C ALA D 687 42.99 27.99 -21.34
N ASN D 688 42.24 26.93 -20.97
CA ASN D 688 41.14 26.49 -21.82
C ASN D 688 40.01 27.52 -21.83
N TYR D 689 39.77 28.20 -20.69
CA TYR D 689 38.77 29.26 -20.61
C TYR D 689 39.21 30.46 -21.46
N PHE D 690 40.52 30.81 -21.40
CA PHE D 690 41.14 31.88 -22.20
C PHE D 690 40.91 31.63 -23.69
N HIS D 691 41.19 30.42 -24.17
CA HIS D 691 41.05 30.05 -25.57
C HIS D 691 39.56 29.98 -25.98
N LEU D 692 38.67 29.60 -25.05
CA LEU D 692 37.22 29.56 -25.28
C LEU D 692 36.69 30.99 -25.56
N LEU D 693 37.10 31.98 -24.74
CA LEU D 693 36.69 33.39 -24.89
C LEU D 693 37.28 34.01 -26.17
N ARG D 694 38.56 33.72 -26.46
CA ARG D 694 39.21 34.23 -27.66
C ARG D 694 38.58 33.62 -28.93
N ARG D 695 38.30 32.29 -28.93
CA ARG D 695 37.63 31.64 -30.07
C ARG D 695 36.27 32.30 -30.32
N HIS D 696 35.49 32.50 -29.24
CA HIS D 696 34.18 33.10 -29.30
C HIS D 696 34.21 34.51 -29.89
N GLY D 697 35.20 35.31 -29.52
CA GLY D 697 35.33 36.68 -30.01
C GLY D 697 35.91 36.81 -31.40
N LYS D 698 36.64 35.78 -31.88
CA LYS D 698 37.34 35.81 -33.18
C LYS D 698 36.80 34.84 -34.26
N ASP D 699 35.81 33.97 -33.95
CA ASP D 699 35.30 32.96 -34.90
C ASP D 699 34.51 33.52 -36.12
N GLY D 700 34.11 34.79 -36.06
CA GLY D 700 33.32 35.42 -37.11
C GLY D 700 31.89 34.92 -37.19
N ILE D 701 31.43 34.17 -36.16
CA ILE D 701 30.11 33.56 -36.08
C ILE D 701 29.38 34.13 -34.87
N GLN D 702 28.14 34.59 -35.08
CA GLN D 702 27.30 35.18 -34.04
C GLN D 702 26.46 34.09 -33.38
N ARG D 703 26.92 33.58 -32.24
CA ARG D 703 26.21 32.49 -31.56
C ARG D 703 26.39 32.60 -30.04
N PRO D 704 25.30 32.52 -29.22
CA PRO D 704 25.48 32.68 -27.75
C PRO D 704 26.35 31.61 -27.14
N LEU D 705 27.15 32.00 -26.14
CA LEU D 705 28.05 31.12 -25.39
C LEU D 705 27.61 31.07 -23.94
N ILE D 706 27.34 29.88 -23.41
CA ILE D 706 26.96 29.64 -22.01
C ILE D 706 28.14 28.98 -21.32
N VAL D 707 28.72 29.67 -20.32
CA VAL D 707 29.90 29.15 -19.59
C VAL D 707 29.56 28.92 -18.13
N PHE D 708 29.77 27.68 -17.63
CA PHE D 708 29.61 27.32 -16.23
C PHE D 708 31.00 27.55 -15.65
N THR D 709 31.11 28.59 -14.82
CA THR D 709 32.37 29.11 -14.28
C THR D 709 32.60 28.68 -12.82
N PRO D 710 33.86 28.69 -12.33
CA PRO D 710 34.13 28.20 -10.98
C PRO D 710 33.91 29.21 -9.86
N LYS D 711 34.00 28.71 -8.62
CA LYS D 711 33.89 29.46 -7.37
C LYS D 711 35.12 29.13 -6.52
N SER D 712 35.18 28.00 -5.82
CA SER D 712 36.39 27.62 -5.05
C SER D 712 37.57 27.24 -5.99
N MET D 713 37.28 26.68 -7.18
CA MET D 713 38.29 26.30 -8.18
C MET D 713 39.11 27.54 -8.69
N LEU D 714 38.63 28.78 -8.42
CA LEU D 714 39.36 30.01 -8.73
C LEU D 714 40.67 30.06 -7.94
N ARG D 715 40.68 29.41 -6.74
CA ARG D 715 41.84 29.40 -5.82
C ARG D 715 42.45 28.00 -5.63
N ASN D 716 42.03 27.03 -6.46
CA ASN D 716 42.62 25.68 -6.43
C ASN D 716 44.00 25.80 -7.09
N LYS D 717 45.07 25.48 -6.35
CA LYS D 717 46.45 25.63 -6.83
C LYS D 717 46.80 24.61 -7.94
N ALA D 718 45.97 23.56 -8.11
CA ALA D 718 46.17 22.57 -9.18
C ALA D 718 45.54 23.13 -10.48
N ALA D 719 44.54 24.03 -10.36
CA ALA D 719 43.82 24.64 -11.48
C ALA D 719 44.52 25.94 -11.95
N VAL D 720 45.80 25.80 -12.37
CA VAL D 720 46.65 26.88 -12.90
C VAL D 720 47.26 26.40 -14.23
N SER D 721 47.61 27.36 -15.11
CA SER D 721 48.14 27.06 -16.44
C SER D 721 49.52 27.68 -16.71
N ASP D 722 50.30 27.03 -17.57
CA ASP D 722 51.63 27.48 -18.00
C ASP D 722 51.53 28.50 -19.15
N ILE D 723 52.56 29.34 -19.34
CA ILE D 723 52.64 30.33 -20.43
C ILE D 723 52.38 29.65 -21.80
N ARG D 724 53.03 28.49 -22.04
CA ARG D 724 52.91 27.70 -23.28
C ARG D 724 51.46 27.31 -23.59
N ASP D 725 50.59 27.19 -22.56
CA ASP D 725 49.19 26.84 -22.78
C ASP D 725 48.42 28.00 -23.44
N PHE D 726 48.92 29.25 -23.27
CA PHE D 726 48.37 30.48 -23.83
C PHE D 726 49.03 30.86 -25.16
N THR D 727 50.35 30.58 -25.28
CA THR D 727 51.17 30.99 -26.41
C THR D 727 51.33 29.93 -27.49
N GLU D 728 51.19 28.65 -27.14
CA GLU D 728 51.42 27.59 -28.14
C GLU D 728 50.30 26.55 -28.16
N SER D 729 49.08 26.94 -27.76
CA SER D 729 47.96 25.99 -27.76
C SER D 729 46.69 26.62 -28.33
N LYS D 730 45.59 25.86 -28.26
CA LYS D 730 44.26 26.22 -28.75
C LYS D 730 43.20 25.67 -27.77
N PHE D 731 41.90 25.99 -27.99
CA PHE D 731 40.82 25.48 -27.16
C PHE D 731 40.67 23.98 -27.38
N ARG D 732 40.67 23.21 -26.29
CA ARG D 732 40.52 21.76 -26.39
C ARG D 732 39.16 21.36 -25.77
N SER D 733 38.23 20.94 -26.65
CA SER D 733 36.87 20.49 -26.31
C SER D 733 36.89 19.23 -25.43
N VAL D 734 37.91 18.38 -25.63
CA VAL D 734 38.16 17.15 -24.86
C VAL D 734 39.60 17.24 -24.30
N LEU D 735 39.77 17.04 -22.99
CA LEU D 735 41.09 17.06 -22.34
C LEU D 735 41.42 15.75 -21.66
N GLU D 736 42.63 15.23 -21.92
CA GLU D 736 43.16 14.04 -21.25
C GLU D 736 43.99 14.49 -20.06
N GLU D 737 44.36 13.54 -19.20
CA GLU D 737 45.25 13.81 -18.07
C GLU D 737 46.64 14.15 -18.58
N PRO D 738 47.30 15.20 -18.01
CA PRO D 738 48.66 15.55 -18.47
C PRO D 738 49.69 14.40 -18.41
N MET D 739 49.51 13.39 -17.52
CA MET D 739 50.42 12.24 -17.42
C MET D 739 50.47 11.41 -18.72
N TYR D 740 49.43 11.51 -19.58
CA TYR D 740 49.36 10.76 -20.83
C TYR D 740 49.85 11.61 -22.01
N THR D 741 49.53 12.91 -22.02
CA THR D 741 49.92 13.81 -23.10
C THR D 741 51.35 14.39 -22.92
N ASP D 742 51.80 14.57 -21.66
CA ASP D 742 53.12 15.15 -21.39
C ASP D 742 53.99 14.27 -20.48
N GLY D 743 53.36 13.49 -19.60
CA GLY D 743 54.05 12.62 -18.66
C GLY D 743 54.44 11.25 -19.18
N GLU D 744 54.73 10.32 -18.24
CA GLU D 744 55.17 8.96 -18.52
C GLU D 744 54.06 7.92 -18.22
N GLY D 745 52.80 8.36 -18.23
CA GLY D 745 51.66 7.49 -18.01
C GLY D 745 51.40 6.57 -19.18
N ASP D 746 50.91 5.35 -18.89
CA ASP D 746 50.63 4.33 -19.90
C ASP D 746 49.11 4.16 -20.07
N ARG D 747 48.58 4.57 -21.26
CA ARG D 747 47.15 4.47 -21.60
C ARG D 747 46.67 3.02 -21.71
N ASN D 748 47.57 2.08 -22.02
CA ASN D 748 47.25 0.66 -22.21
C ASN D 748 46.89 -0.06 -20.91
N LYS D 749 47.28 0.50 -19.75
CA LYS D 749 46.99 -0.09 -18.43
C LYS D 749 45.55 0.19 -17.99
N VAL D 750 44.90 1.20 -18.61
CA VAL D 750 43.54 1.68 -18.31
C VAL D 750 42.47 0.68 -18.73
N THR D 751 41.65 0.27 -17.75
CA THR D 751 40.52 -0.66 -17.92
C THR D 751 39.18 0.03 -17.61
N ARG D 752 39.21 1.10 -16.79
CA ARG D 752 38.05 1.89 -16.40
C ARG D 752 38.25 3.33 -16.81
N LEU D 753 37.34 3.87 -17.61
CA LEU D 753 37.48 5.26 -18.01
C LEU D 753 36.36 6.10 -17.42
N LEU D 754 36.73 7.16 -16.70
CA LEU D 754 35.80 8.12 -16.09
C LEU D 754 35.71 9.39 -16.96
N LEU D 755 34.51 9.71 -17.45
CA LEU D 755 34.23 10.88 -18.26
C LEU D 755 33.55 11.87 -17.39
N THR D 756 34.05 13.10 -17.38
CA THR D 756 33.56 14.12 -16.46
C THR D 756 33.71 15.53 -17.06
N SER D 757 33.31 16.53 -16.28
CA SER D 757 33.44 17.94 -16.64
C SER D 757 33.53 18.77 -15.36
N GLY D 758 34.37 19.80 -15.40
CA GLY D 758 34.50 20.72 -14.27
C GLY D 758 35.43 20.30 -13.18
N LYS D 759 35.34 21.01 -12.04
CA LYS D 759 36.19 20.88 -10.86
C LYS D 759 36.29 19.45 -10.26
N ILE D 760 35.29 18.56 -10.45
CA ILE D 760 35.36 17.21 -9.87
C ILE D 760 36.56 16.42 -10.44
N TYR D 761 37.11 16.85 -11.62
CA TYR D 761 38.29 16.26 -12.24
C TYR D 761 39.46 16.27 -11.25
N TYR D 762 39.70 17.42 -10.59
CA TYR D 762 40.81 17.59 -9.64
C TYR D 762 40.70 16.62 -8.46
N GLU D 763 39.48 16.39 -7.95
CA GLU D 763 39.24 15.48 -6.83
C GLU D 763 39.45 14.03 -7.27
N LEU D 764 39.00 13.71 -8.51
CA LEU D 764 39.18 12.38 -9.12
C LEU D 764 40.67 12.12 -9.39
N ALA D 765 41.40 13.15 -9.90
CA ALA D 765 42.83 13.07 -10.19
C ALA D 765 43.65 12.90 -8.90
N ALA D 766 43.29 13.65 -7.82
CA ALA D 766 43.96 13.56 -6.51
C ALA D 766 43.79 12.16 -5.92
N ARG D 767 42.57 11.55 -6.03
CA ARG D 767 42.28 10.20 -5.55
C ARG D 767 43.09 9.15 -6.33
N LYS D 768 43.18 9.31 -7.68
CA LYS D 768 43.94 8.41 -8.56
C LYS D 768 45.42 8.41 -8.15
N ALA D 769 45.97 9.60 -7.90
CA ALA D 769 47.37 9.82 -7.48
C ALA D 769 47.63 9.15 -6.12
N LYS D 770 46.70 9.30 -5.16
CA LYS D 770 46.76 8.75 -3.80
C LYS D 770 46.89 7.22 -3.80
N GLU D 771 46.01 6.53 -4.57
CA GLU D 771 46.01 5.06 -4.64
C GLU D 771 46.88 4.51 -5.80
N ASN D 772 47.54 5.40 -6.59
CA ASN D 772 48.36 5.05 -7.78
C ASN D 772 47.52 4.12 -8.72
N ARG D 773 46.30 4.58 -9.09
CA ARG D 773 45.39 3.82 -9.93
C ARG D 773 45.70 4.02 -11.41
N GLU D 774 46.61 3.21 -11.95
CA GLU D 774 47.05 3.24 -13.35
C GLU D 774 45.98 2.61 -14.24
N ASP D 775 45.06 1.84 -13.65
CA ASP D 775 43.94 1.14 -14.29
C ASP D 775 42.74 2.10 -14.59
N VAL D 776 42.77 3.34 -14.04
CA VAL D 776 41.70 4.33 -14.20
C VAL D 776 42.23 5.60 -14.92
N ALA D 777 41.47 6.10 -15.93
CA ALA D 777 41.78 7.33 -16.66
C ALA D 777 40.61 8.30 -16.54
N ILE D 778 40.91 9.60 -16.46
CA ILE D 778 39.88 10.64 -16.35
C ILE D 778 39.92 11.51 -17.60
N VAL D 779 38.82 11.50 -18.38
CA VAL D 779 38.69 12.29 -19.59
C VAL D 779 37.64 13.39 -19.36
N ARG D 780 37.99 14.64 -19.68
CA ARG D 780 37.12 15.79 -19.48
C ARG D 780 36.47 16.24 -20.76
N ILE D 781 35.17 16.52 -20.69
CA ILE D 781 34.41 17.09 -21.80
C ILE D 781 34.26 18.57 -21.45
N GLU D 782 35.08 19.41 -22.08
CA GLU D 782 35.14 20.85 -21.83
C GLU D 782 33.99 21.59 -22.54
N GLN D 783 33.66 21.14 -23.75
CA GLN D 783 32.58 21.67 -24.57
C GLN D 783 31.43 20.69 -24.48
N LEU D 784 30.36 21.07 -23.77
CA LEU D 784 29.21 20.19 -23.53
C LEU D 784 28.26 20.14 -24.72
N ALA D 785 28.15 21.27 -25.43
CA ALA D 785 27.30 21.42 -26.61
C ALA D 785 27.91 22.45 -27.58
N PRO D 786 28.04 22.12 -28.90
CA PRO D 786 27.76 20.81 -29.51
C PRO D 786 28.75 19.78 -29.01
N LEU D 787 28.31 18.51 -28.87
CA LEU D 787 29.17 17.44 -28.41
C LEU D 787 30.35 17.27 -29.36
N PRO D 788 31.60 17.30 -28.84
CA PRO D 788 32.77 17.12 -29.72
C PRO D 788 32.95 15.66 -30.12
N ARG D 789 32.06 15.18 -30.99
CA ARG D 789 32.00 13.79 -31.46
C ARG D 789 33.36 13.24 -31.92
N ARG D 790 34.04 13.92 -32.87
CA ARG D 790 35.32 13.49 -33.45
C ARG D 790 36.44 13.44 -32.41
N ARG D 791 36.66 14.54 -31.65
CA ARG D 791 37.68 14.65 -30.62
C ARG D 791 37.47 13.57 -29.53
N LEU D 792 36.19 13.32 -29.14
CA LEU D 792 35.80 12.32 -28.14
C LEU D 792 36.12 10.90 -28.63
N ALA D 793 35.81 10.59 -29.91
CA ALA D 793 36.06 9.28 -30.52
C ALA D 793 37.56 9.00 -30.62
N GLU D 794 38.35 9.99 -31.07
CA GLU D 794 39.80 9.89 -31.22
C GLU D 794 40.50 9.71 -29.86
N THR D 795 40.00 10.39 -28.81
CA THR D 795 40.53 10.33 -27.45
C THR D 795 40.32 8.93 -26.88
N LEU D 796 39.07 8.40 -26.92
CA LEU D 796 38.74 7.09 -26.35
C LEU D 796 39.45 5.95 -27.09
N ASP D 797 39.71 6.10 -28.42
CA ASP D 797 40.41 5.11 -29.25
C ASP D 797 41.86 4.87 -28.79
N ARG D 798 42.41 5.82 -28.00
CA ARG D 798 43.77 5.76 -27.45
C ARG D 798 43.85 4.91 -26.16
N TYR D 799 42.69 4.42 -25.66
CA TYR D 799 42.57 3.56 -24.48
C TYR D 799 41.94 2.21 -24.93
N PRO D 800 42.74 1.30 -25.54
CA PRO D 800 42.15 0.06 -26.11
C PRO D 800 41.64 -0.99 -25.12
N ASN D 801 42.17 -1.02 -23.88
CA ASN D 801 41.83 -2.04 -22.91
C ASN D 801 40.71 -1.64 -21.93
N VAL D 802 39.98 -0.55 -22.22
CA VAL D 802 38.87 -0.09 -21.40
C VAL D 802 37.71 -1.10 -21.49
N LYS D 803 37.25 -1.59 -20.33
CA LYS D 803 36.17 -2.58 -20.21
C LYS D 803 34.89 -1.93 -19.65
N GLU D 804 35.01 -0.77 -18.97
CA GLU D 804 33.88 -0.04 -18.41
C GLU D 804 34.09 1.47 -18.49
N LYS D 805 32.99 2.20 -18.81
CA LYS D 805 32.98 3.67 -18.95
C LYS D 805 31.92 4.28 -18.07
N PHE D 806 32.27 5.37 -17.37
CA PHE D 806 31.33 6.04 -16.47
C PHE D 806 31.31 7.55 -16.67
N TRP D 807 30.09 8.11 -16.72
CA TRP D 807 29.91 9.56 -16.71
C TRP D 807 29.81 9.93 -15.22
N VAL D 808 30.81 10.70 -14.73
CA VAL D 808 30.90 11.10 -13.33
C VAL D 808 30.53 12.58 -13.23
N GLN D 809 29.56 12.90 -12.35
CA GLN D 809 29.13 14.28 -12.12
C GLN D 809 28.75 14.51 -10.66
N GLU D 810 28.83 15.76 -10.23
CA GLU D 810 28.45 16.18 -8.89
C GLU D 810 26.95 16.33 -8.75
N GLU D 811 26.28 16.75 -9.83
CA GLU D 811 24.88 17.09 -9.85
C GLU D 811 23.97 15.88 -9.68
N PRO D 812 22.77 16.06 -9.06
CA PRO D 812 21.79 14.97 -9.00
C PRO D 812 21.54 14.29 -10.36
N ALA D 813 21.11 13.01 -10.33
CA ALA D 813 20.89 12.16 -11.51
C ALA D 813 19.96 12.82 -12.57
N ASN D 814 18.95 13.59 -12.14
CA ASN D 814 18.00 14.29 -13.05
C ASN D 814 18.54 15.67 -13.49
N GLN D 815 19.78 16.00 -13.09
CA GLN D 815 20.42 17.29 -13.39
C GLN D 815 21.80 17.08 -13.97
N GLY D 816 22.51 18.19 -14.21
CA GLY D 816 23.83 18.14 -14.83
C GLY D 816 23.74 17.74 -16.29
N ALA D 817 24.81 17.10 -16.81
CA ALA D 817 24.87 16.68 -18.20
C ALA D 817 24.28 15.28 -18.48
N TRP D 818 24.11 14.41 -17.44
CA TRP D 818 23.63 13.03 -17.59
C TRP D 818 22.27 12.92 -18.33
N PRO D 819 21.18 13.66 -17.99
CA PRO D 819 19.92 13.50 -18.75
C PRO D 819 20.07 13.59 -20.28
N SER D 820 20.94 14.48 -20.80
CA SER D 820 21.13 14.54 -22.25
C SER D 820 22.27 13.59 -22.70
N PHE D 821 23.44 13.58 -22.01
CA PHE D 821 24.57 12.70 -22.39
C PHE D 821 24.22 11.24 -22.31
N GLY D 822 23.48 10.85 -21.27
CA GLY D 822 23.04 9.46 -21.05
C GLY D 822 22.15 8.93 -22.15
N LEU D 823 21.48 9.83 -22.88
CA LEU D 823 20.61 9.49 -23.99
C LEU D 823 21.33 9.69 -25.36
N THR D 824 22.14 10.75 -25.52
CA THR D 824 22.79 11.10 -26.79
C THR D 824 24.11 10.32 -27.04
N LEU D 825 25.04 10.26 -26.08
CA LEU D 825 26.34 9.58 -26.23
C LEU D 825 26.23 8.14 -26.76
N PRO D 826 25.35 7.23 -26.24
CA PRO D 826 25.25 5.89 -26.85
C PRO D 826 24.64 5.89 -28.26
N GLU D 827 24.01 7.01 -28.68
CA GLU D 827 23.38 7.14 -29.99
C GLU D 827 24.37 7.74 -31.01
N ILE D 828 25.10 8.81 -30.62
CA ILE D 828 26.08 9.52 -31.45
C ILE D 828 27.37 8.71 -31.67
N LEU D 829 27.81 7.93 -30.64
CA LEU D 829 29.01 7.10 -30.66
C LEU D 829 28.68 5.71 -30.05
N PRO D 830 27.89 4.85 -30.76
CA PRO D 830 27.51 3.54 -30.19
C PRO D 830 28.65 2.56 -29.94
N ASP D 831 29.73 2.62 -30.75
CA ASP D 831 30.88 1.73 -30.57
C ASP D 831 31.74 2.14 -29.36
N HIS D 832 31.47 3.35 -28.80
CA HIS D 832 32.22 3.85 -27.66
C HIS D 832 31.39 3.93 -26.38
N PHE D 833 30.10 4.29 -26.47
CA PHE D 833 29.32 4.52 -25.25
C PHE D 833 28.16 3.57 -24.98
N THR D 834 28.09 2.41 -25.67
CA THR D 834 27.03 1.43 -25.38
C THR D 834 27.43 0.82 -24.04
N GLY D 835 26.52 0.90 -23.08
CA GLY D 835 26.77 0.40 -21.74
C GLY D 835 27.30 1.46 -20.79
N LEU D 836 27.27 2.74 -21.22
CA LEU D 836 27.72 3.88 -20.41
C LEU D 836 26.89 3.96 -19.14
N LYS D 837 27.56 4.05 -17.99
CA LYS D 837 26.90 4.10 -16.69
C LYS D 837 27.15 5.45 -16.03
N ARG D 838 26.26 5.82 -15.08
CA ARG D 838 26.30 7.10 -14.38
C ARG D 838 26.75 6.97 -12.92
N ILE D 839 27.64 7.89 -12.48
CA ILE D 839 28.07 8.08 -11.10
C ILE D 839 27.73 9.55 -10.79
N SER D 840 26.79 9.78 -9.87
CA SER D 840 26.31 11.11 -9.53
C SER D 840 25.61 11.11 -8.19
N ARG D 841 25.05 12.27 -7.83
CA ARG D 841 24.19 12.39 -6.65
C ARG D 841 22.84 11.80 -7.04
N ARG D 842 22.05 11.34 -6.08
CA ARG D 842 20.72 10.80 -6.35
C ARG D 842 19.83 11.89 -6.97
N ALA D 843 18.78 11.52 -7.72
CA ALA D 843 17.85 12.51 -8.28
C ALA D 843 17.24 13.33 -7.12
N MET D 844 17.15 14.66 -7.28
CA MET D 844 16.61 15.54 -6.24
C MET D 844 15.66 16.57 -6.83
N SER D 845 14.66 17.05 -6.03
CA SER D 845 13.71 18.07 -6.44
C SER D 845 14.33 19.46 -6.42
N ALA D 846 15.51 19.61 -5.79
CA ALA D 846 16.31 20.85 -5.69
C ALA D 846 17.75 20.60 -6.24
N PRO D 847 18.54 21.63 -6.60
CA PRO D 847 19.90 21.37 -7.17
C PRO D 847 20.89 20.69 -6.22
N SER D 848 20.61 20.72 -4.92
CA SER D 848 21.45 20.14 -3.90
C SER D 848 20.69 20.07 -2.55
N SER D 849 21.36 19.52 -1.53
CA SER D 849 20.90 19.49 -0.14
C SER D 849 21.18 20.85 0.49
N GLY D 850 20.43 21.18 1.54
CA GLY D 850 20.64 22.42 2.28
C GLY D 850 21.81 22.31 3.25
N SER D 851 22.22 21.07 3.60
CA SER D 851 23.30 20.79 4.56
C SER D 851 24.67 20.62 3.89
N SER D 852 25.71 21.30 4.42
CA SER D 852 27.09 21.16 3.93
C SER D 852 27.68 19.83 4.45
N LYS D 853 27.10 19.26 5.55
CA LYS D 853 27.48 17.97 6.10
C LYS D 853 27.01 16.85 5.15
N VAL D 854 25.78 16.98 4.62
CA VAL D 854 25.19 16.04 3.67
C VAL D 854 25.98 16.11 2.36
N HIS D 855 26.28 17.33 1.89
CA HIS D 855 27.04 17.59 0.67
C HIS D 855 28.40 16.86 0.70
N ALA D 856 29.12 16.99 1.82
CA ALA D 856 30.44 16.41 2.05
C ALA D 856 30.42 14.88 2.01
N VAL D 857 29.37 14.24 2.59
CA VAL D 857 29.22 12.78 2.59
C VAL D 857 28.93 12.33 1.13
N GLU D 858 28.06 13.07 0.42
CA GLU D 858 27.69 12.80 -0.97
C GLU D 858 28.87 12.94 -1.93
N GLN D 859 29.74 13.96 -1.72
CA GLN D 859 30.93 14.20 -2.54
C GLN D 859 31.88 13.03 -2.44
N GLN D 860 32.10 12.53 -1.20
CA GLN D 860 32.98 11.40 -0.91
C GLN D 860 32.40 10.09 -1.45
N GLU D 861 31.07 9.94 -1.38
CA GLU D 861 30.37 8.77 -1.91
C GLU D 861 30.58 8.62 -3.45
N ILE D 862 30.64 9.76 -4.19
CA ILE D 862 30.87 9.82 -5.65
C ILE D 862 32.31 9.35 -5.97
N LEU D 863 33.30 9.90 -5.25
CA LEU D 863 34.72 9.56 -5.42
C LEU D 863 34.99 8.09 -5.12
N ASP D 864 34.38 7.56 -4.03
CA ASP D 864 34.51 6.17 -3.60
C ASP D 864 33.89 5.21 -4.63
N THR D 865 32.71 5.57 -5.20
CA THR D 865 32.03 4.78 -6.23
C THR D 865 32.89 4.74 -7.51
N ALA D 866 33.47 5.87 -7.90
CA ALA D 866 34.31 6.00 -9.09
C ALA D 866 35.59 5.13 -9.00
N PHE D 867 36.09 4.88 -7.77
CA PHE D 867 37.30 4.08 -7.56
C PHE D 867 37.04 2.79 -6.76
N GLY D 868 35.77 2.36 -6.70
CA GLY D 868 35.35 1.13 -6.04
C GLY D 868 35.34 -0.06 -6.97
S1 TDW E . 1.85 -36.67 26.10
C2 TDW E . 0.73 -35.46 25.99
N3 TDW E . -0.64 -35.93 25.78
C4 TDW E . -0.62 -37.34 25.87
C5 TDW E . 0.70 -37.86 26.02
C6 TDW E . 1.04 -39.31 26.20
C7 TDW E . 1.88 -39.71 25.01
O7 TDW E . 2.07 -41.15 24.92
PA TDW E . 2.96 -41.71 23.71
PB TDW E . 5.52 -40.82 25.03
N1' TDW E . -4.08 -36.00 22.61
O1A TDW E . 2.45 -41.54 22.32
O1B TDW E . 6.68 -40.70 24.03
C2' TDW E . -3.34 -35.55 21.59
C27 TDW E . 1.02 -34.00 26.38
O28 TDW E . 0.52 -33.00 25.50
C29 TDW E . 0.57 -33.72 27.79
O2A TDW E . 3.21 -43.15 24.20
O2B TDW E . 5.15 -39.53 25.78
N3' TDW E . -2.16 -34.94 21.69
O3A TDW E . 4.29 -41.06 24.13
O3B TDW E . 5.64 -42.03 26.00
C4' TDW E . -1.65 -34.75 22.93
N4' TDW E . -0.48 -34.11 23.01
C5' TDW E . -2.35 -35.20 24.08
C6' TDW E . -3.56 -35.80 23.83
C7' TDW E . -1.82 -35.10 25.50
CM2 TDW E . -3.88 -35.76 20.21
CM4 TDW E . -1.88 -38.15 25.96
MG MG F . 5.00 -43.87 25.16
CA CA G . -1.42 -16.48 -2.54
S1 TDW H . -22.31 -40.40 0.79
C2 TDW H . -22.14 -38.89 1.47
N3 TDW H . -20.74 -38.54 1.58
C4 TDW H . -19.94 -39.53 1.00
C5 TDW H . -20.70 -40.65 0.52
C6 TDW H . -20.15 -41.92 -0.12
C7 TDW H . -20.16 -43.06 0.87
O7 TDW H . -19.53 -44.27 0.35
PA TDW H . -19.62 -45.64 1.19
PB TDW H . -22.36 -46.14 0.02
N1' TDW H . -17.65 -37.44 4.97
O1A TDW H . -19.15 -45.61 2.58
O1B TDW H . -23.14 -47.06 0.86
C2' TDW H . -18.36 -37.95 5.97
C27 TDW H . -23.31 -37.88 1.70
O28 TDW H . -23.34 -37.08 2.87
C29 TDW H . -23.59 -37.01 0.48
O2A TDW H . -19.00 -46.58 0.15
O2B TDW H . -22.97 -44.71 -0.11
N3' TDW H . -19.65 -38.32 5.92
O3A TDW H . -21.11 -45.93 0.90
O3B TDW H . -21.85 -46.67 -1.29
C4' TDW H . -20.31 -38.10 4.76
N4' TDW H . -21.63 -38.26 4.79
C5' TDW H . -19.64 -37.59 3.61
C6' TDW H . -18.30 -37.29 3.80
C7' TDW H . -20.23 -37.33 2.25
CM2 TDW H . -17.67 -38.07 7.31
CM4 TDW H . -18.46 -39.37 0.80
MG MG I . -20.02 -47.88 -1.10
CA CA J . -28.90 -33.97 34.54
S1 TDW K . 23.17 39.28 -1.59
C2 TDW K . 23.12 38.00 -2.58
N3 TDW K . 22.87 38.39 -3.95
C4 TDW K . 22.85 39.79 -4.05
C5 TDW K . 22.99 40.41 -2.81
C6 TDW K . 23.01 41.94 -2.60
C7 TDW K . 21.87 42.33 -1.68
O7 TDW K . 21.59 43.75 -1.70
PA TDW K . 20.45 44.38 -0.74
PB TDW K . 21.77 43.65 1.95
N1' TDW K . 19.62 37.97 -7.34
O1A TDW K . 19.04 44.19 -1.18
O1B TDW K . 20.76 43.40 3.06
C2' TDW K . 18.65 37.50 -6.55
C27 TDW K . 23.61 36.58 -2.17
O28 TDW K . 22.76 35.46 -2.39
C29 TDW K . 25.00 36.32 -2.70
O2A TDW K . 20.93 45.83 -0.58
O2B TDW K . 22.57 42.38 1.62
N3' TDW K . 18.81 36.98 -5.33
O3A TDW K . 20.92 43.84 0.65
O3B TDW K . 22.58 44.88 2.14
C4' TDW K . 20.06 36.96 -4.82
N4' TDW K . 20.19 36.51 -3.57
C5' TDW K . 21.17 37.45 -5.57
C6' TDW K . 20.86 37.93 -6.82
C7' TDW K . 22.60 37.49 -5.10
CM2 TDW K . 17.25 37.58 -7.07
CM4 TDW K . 22.85 40.50 -5.38
MG MG L . 21.61 46.73 1.13
CA CA M . -4.05 16.99 -2.48
S1 TDW N . -2.77 39.28 -25.47
C2 TDW N . -2.00 37.82 -25.23
N3 TDW N . -1.77 37.57 -23.81
C4 TDW N . -2.36 38.57 -23.04
C5 TDW N . -2.96 39.60 -23.86
C6 TDW N . -3.70 40.81 -23.40
C7 TDW N . -2.93 42.07 -23.68
O7 TDW N . -3.41 43.23 -22.94
PA TDW N . -2.73 44.69 -23.16
PB TDW N . -4.04 45.02 -25.79
N1' TDW N . 1.55 37.00 -20.57
O1A TDW N . -1.33 44.88 -22.73
O1B TDW N . -3.35 46.00 -26.65
C2' TDW N . 2.55 37.52 -21.28
C27 TDW N . -1.85 36.73 -26.33
O28 TDW N . -0.65 35.99 -26.41
C29 TDW N . -3.03 35.77 -26.32
O2A TDW N . -3.76 45.59 -22.50
O2B TDW N . -4.02 43.63 -26.42
N3' TDW N . 2.53 37.74 -22.60
O3A TDW N . -3.12 44.85 -24.60
O3B TDW N . -5.38 45.47 -25.15
C4' TDW N . 1.43 37.38 -23.28
N4' TDW N . 1.50 37.48 -24.61
C5' TDW N . 0.30 36.83 -22.62
C6' TDW N . 0.45 36.66 -21.26
C7' TDW N . -1.00 36.43 -23.27
CM2 TDW N . 3.81 37.87 -20.55
CM4 TDW N . -2.46 38.46 -21.55
MG MG O . -5.11 46.82 -23.70
CA CA P . 31.42 34.70 -32.07
#